data_9MW0
#
_entry.id   9MW0
#
_cell.length_a   1.00
_cell.length_b   1.00
_cell.length_c   1.00
_cell.angle_alpha   90.00
_cell.angle_beta   90.00
_cell.angle_gamma   90.00
#
_symmetry.space_group_name_H-M   'P 1'
#
loop_
_entity.id
_entity.type
_entity.pdbx_description
1 polymer 'MmpL5 protein'
2 polymer 'Meromycolate extension acyl carrier protein'
3 non-polymer "4'-PHOSPHOPANTETHEINE"
#
loop_
_entity_poly.entity_id
_entity_poly.type
_entity_poly.pdbx_seq_one_letter_code
_entity_poly.pdbx_strand_id
1 'polypeptide(L)'
;MSAPTDDTPTDAIAAPRHSAPPRPRLPWFLRTFAVPIILAWVAVVAILNTVVPTLDEVGEMRAVSMAPNDAPSTLAIKRV
GQVFEEYDTSSSVMIVLEGEEPLGIEAHAFYDKMVADLRADTEHVQHVQDFWGDTLTASGAQSVDGKAAYVQVYIAGDQG
ESLANESVEAVRKIATERETPSGVKAYVTGAAATSADQRAEGDASMKLIEGVTFAVITVMLLAVYRSVITTLIVLAMVVL
GLSGARGIVAFLGFYNVFGLTTFATNMVVTLAIAAATDYAIFLIGRYQEARRAGEDRESAYYTMFHGTAHVVLASGLTIA
GATLCLHFTRLPYFQTMGVPLAIGMLIVVAAALTAGPAVISVVSRFGKTLEPKRFSRSPGWHRVGTATVRWPGAILVCAV
VAALIGLLALPGYYTTYDDRRYLPDDVPANVGYDAAFRHFSQAKMNPDLMMVETDRDLRNPADFLVIDKIAKALKNVHGI
AQVQTITRPDGDPIEHSTIPYTIGQSGTTQIMNNDYMQTNLDNLLKQADDLQTSIDSMTEMMNIQTELAAVSQSMADKMA
QTSDDTADVRDHLADFDDFFRPIRNYLYWEPHCYDIPMCWSMRSIFESIDGINTMSDDFQELVPEMRRMADLMPRMVAVM
PAQIQSMKNQKQTLLNQYQVQKAQQDQNMAMQENATAMSQAFDAAKNDDSFYLPPEAFETDDFQRGMKLFMSPDGHAVRF
TIIHQGDPLTEEGTARMDELKVAAADAIKGTPFEGARIYLGGSAATYNDMQIGADYDLIIVAASALILIFIIMMVLTRAV
VAAAVIVGTVVLSLASAFGLSVLLWQHIVGIPLHWMVLPMSVIVLLAVGADYNLLLVSRMKEEIHAGIRTGIIRAMVGTG
AVVTAAGLVFAFTMASMAVSSLITIGQVGTTIGLGLLFDTLVVRSLMTPSIATLLGRWFWWPQRVRERPVPSKWPTPIQR
TPEEALS
;
D,E,F
2 'polypeptide(L)'
;MAATQEEIIAGLAEIIEEVTGIEPSEVTPEKSFVDDLDIDSLSMVEIAVQTEDKYGVKIPDEDLAGLRTVGDVVAYIQKL
EEENPEAAAALREKFAADQ
;
G,H,I
#
loop_
_chem_comp.id
_chem_comp.type
_chem_comp.name
_chem_comp.formula
PNS non-polymer 4'-PHOSPHOPANTETHEINE 'C11 H23 N2 O7 P S'
#
# COMPACT_ATOMS: atom_id res chain seq x y z
N PRO A 22 -27.08 -46.48 36.24
CA PRO A 22 -25.92 -45.59 36.19
C PRO A 22 -26.25 -44.24 35.57
N ARG A 23 -27.47 -43.76 35.83
CA ARG A 23 -27.90 -42.49 35.27
C ARG A 23 -27.09 -41.35 35.87
N PRO A 24 -26.66 -40.37 35.07
CA PRO A 24 -25.95 -39.22 35.64
C PRO A 24 -26.83 -38.43 36.59
N ARG A 25 -26.20 -37.84 37.60
CA ARG A 25 -26.93 -37.21 38.69
C ARG A 25 -27.72 -35.99 38.22
N LEU A 26 -27.08 -35.10 37.45
CA LEU A 26 -27.72 -33.84 37.08
C LEU A 26 -28.95 -34.03 36.19
N PRO A 27 -28.89 -34.77 35.08
CA PRO A 27 -30.11 -34.97 34.30
C PRO A 27 -31.20 -35.71 35.06
N TRP A 28 -30.82 -36.65 35.93
CA TRP A 28 -31.81 -37.34 36.75
C TRP A 28 -32.50 -36.35 37.69
N PHE A 29 -31.72 -35.46 38.31
CA PHE A 29 -32.30 -34.45 39.18
C PHE A 29 -33.24 -33.53 38.41
N LEU A 30 -32.85 -33.16 37.19
CA LEU A 30 -33.73 -32.33 36.37
C LEU A 30 -35.02 -33.07 36.04
N ARG A 31 -34.91 -34.35 35.71
CA ARG A 31 -36.08 -35.12 35.29
C ARG A 31 -37.04 -35.36 36.45
N THR A 32 -36.49 -35.59 37.65
CA THR A 32 -37.34 -35.92 38.79
C THR A 32 -38.15 -34.70 39.25
N PHE A 33 -37.46 -33.64 39.65
CA PHE A 33 -38.11 -32.42 40.15
C PHE A 33 -38.36 -31.41 39.05
N ALA A 34 -39.02 -31.80 37.96
CA ALA A 34 -39.23 -30.89 36.85
C ALA A 34 -40.26 -29.81 37.19
N VAL A 35 -41.38 -30.21 37.77
CA VAL A 35 -42.47 -29.29 38.11
C VAL A 35 -41.99 -28.22 39.08
N PRO A 36 -41.30 -28.56 40.19
CA PRO A 36 -40.80 -27.49 41.07
C PRO A 36 -39.85 -26.53 40.37
N ILE A 37 -39.00 -27.01 39.48
CA ILE A 37 -38.06 -26.14 38.77
C ILE A 37 -38.82 -25.19 37.85
N ILE A 38 -39.78 -25.72 37.10
CA ILE A 38 -40.57 -24.89 36.20
C ILE A 38 -41.32 -23.82 36.99
N LEU A 39 -41.93 -24.20 38.11
CA LEU A 39 -42.67 -23.24 38.92
C LEU A 39 -41.74 -22.19 39.50
N ALA A 40 -40.54 -22.60 39.94
CA ALA A 40 -39.59 -21.64 40.49
C ALA A 40 -39.17 -20.62 39.44
N TRP A 41 -38.87 -21.09 38.22
CA TRP A 41 -38.51 -20.18 37.14
C TRP A 41 -39.64 -19.22 36.84
N VAL A 42 -40.87 -19.75 36.75
CA VAL A 42 -42.02 -18.90 36.45
C VAL A 42 -42.20 -17.84 37.52
N ALA A 43 -42.10 -18.24 38.79
CA ALA A 43 -42.29 -17.29 39.88
C ALA A 43 -41.21 -16.21 39.87
N VAL A 44 -39.95 -16.61 39.66
CA VAL A 44 -38.86 -15.63 39.66
C VAL A 44 -39.04 -14.63 38.52
N VAL A 45 -39.34 -15.14 37.33
CA VAL A 45 -39.49 -14.24 36.17
C VAL A 45 -40.69 -13.32 36.38
N ALA A 46 -41.79 -13.85 36.90
CA ALA A 46 -42.97 -13.02 37.14
C ALA A 46 -42.67 -11.92 38.14
N ILE A 47 -41.95 -12.25 39.22
CA ILE A 47 -41.59 -11.24 40.21
C ILE A 47 -40.72 -10.16 39.57
N LEU A 48 -39.71 -10.58 38.81
CA LEU A 48 -38.80 -9.61 38.19
C LEU A 48 -39.50 -8.72 37.19
N ASN A 49 -40.49 -9.23 36.46
CA ASN A 49 -41.18 -8.45 35.45
C ASN A 49 -42.43 -7.75 35.98
N THR A 50 -42.78 -7.99 37.23
CA THR A 50 -43.90 -7.27 37.81
C THR A 50 -43.47 -6.19 38.78
N VAL A 51 -42.41 -6.40 39.56
CA VAL A 51 -42.04 -5.45 40.61
C VAL A 51 -41.60 -4.13 40.00
N VAL A 52 -40.71 -4.18 39.01
CA VAL A 52 -40.11 -2.96 38.44
C VAL A 52 -40.83 -2.60 37.16
N PRO A 53 -40.72 -1.36 36.67
CA PRO A 53 -41.39 -0.98 35.41
C PRO A 53 -40.85 -1.71 34.20
N THR A 54 -41.41 -1.41 33.03
CA THR A 54 -40.95 -2.06 31.81
C THR A 54 -39.54 -1.61 31.46
N LEU A 55 -38.89 -2.40 30.59
CA LEU A 55 -37.53 -2.08 30.18
C LEU A 55 -37.46 -0.74 29.47
N ASP A 56 -38.51 -0.39 28.71
CA ASP A 56 -38.50 0.85 27.95
C ASP A 56 -38.41 2.07 28.86
N GLU A 57 -39.24 2.11 29.90
CA GLU A 57 -39.24 3.26 30.80
C GLU A 57 -37.93 3.37 31.54
N VAL A 58 -37.40 2.24 32.02
CA VAL A 58 -36.14 2.25 32.77
C VAL A 58 -35.01 2.72 31.87
N GLY A 59 -34.97 2.24 30.63
CA GLY A 59 -33.96 2.72 29.70
C GLY A 59 -34.10 4.20 29.41
N GLU A 60 -35.35 4.68 29.30
CA GLU A 60 -35.56 6.10 29.03
C GLU A 60 -35.09 6.96 30.19
N MET A 61 -35.30 6.51 31.42
CA MET A 61 -34.91 7.30 32.59
C MET A 61 -33.47 7.07 33.03
N ARG A 62 -32.71 6.22 32.32
CA ARG A 62 -31.33 5.94 32.66
C ARG A 62 -30.41 6.10 31.45
N ALA A 63 -30.67 7.11 30.62
CA ALA A 63 -29.87 7.29 29.41
C ALA A 63 -28.44 7.67 29.76
N VAL A 64 -27.55 7.50 28.78
CA VAL A 64 -26.12 7.74 28.95
C VAL A 64 -25.68 8.75 27.91
N SER A 65 -24.89 9.75 28.34
CA SER A 65 -24.41 10.78 27.44
C SER A 65 -23.59 10.18 26.32
N MET A 66 -23.83 10.65 25.09
CA MET A 66 -23.13 10.11 23.94
C MET A 66 -21.65 10.47 23.98
N ALA A 67 -21.30 11.65 24.44
CA ALA A 67 -19.88 11.92 24.34
C ALA A 67 -19.18 11.69 25.68
N PRO A 68 -17.99 11.11 25.67
CA PRO A 68 -17.24 10.96 26.91
C PRO A 68 -16.78 12.30 27.43
N ASN A 69 -16.54 12.36 28.75
CA ASN A 69 -16.10 13.59 29.38
C ASN A 69 -14.72 14.00 28.85
N ASP A 70 -13.85 13.02 28.59
CA ASP A 70 -12.50 13.32 28.15
C ASP A 70 -12.43 13.86 26.74
N ALA A 71 -13.54 13.84 26.00
CA ALA A 71 -13.57 14.30 24.63
C ALA A 71 -13.17 15.78 24.55
N PRO A 72 -12.22 16.14 23.69
CA PRO A 72 -11.80 17.55 23.61
C PRO A 72 -12.92 18.51 23.26
N SER A 73 -13.88 18.12 22.44
CA SER A 73 -14.95 19.03 22.05
C SER A 73 -15.83 19.39 23.25
N THR A 74 -16.22 18.39 24.03
CA THR A 74 -17.04 18.67 25.22
C THR A 74 -16.28 19.53 26.21
N LEU A 75 -14.99 19.25 26.39
CA LEU A 75 -14.17 20.05 27.29
C LEU A 75 -14.09 21.50 26.80
N ALA A 76 -13.94 21.68 25.49
CA ALA A 76 -13.86 23.03 24.94
C ALA A 76 -15.17 23.79 25.15
N ILE A 77 -16.30 23.12 24.91
CA ILE A 77 -17.59 23.80 25.08
C ILE A 77 -17.80 24.17 26.55
N LYS A 78 -17.48 23.25 27.46
CA LYS A 78 -17.63 23.55 28.88
C LYS A 78 -16.69 24.66 29.30
N ARG A 79 -15.47 24.67 28.76
CA ARG A 79 -14.52 25.73 29.05
C ARG A 79 -15.06 27.09 28.61
N VAL A 80 -15.62 27.14 27.41
CA VAL A 80 -16.20 28.39 26.91
C VAL A 80 -17.34 28.82 27.82
N GLY A 81 -18.19 27.86 28.22
CA GLY A 81 -19.31 28.21 29.07
C GLY A 81 -18.88 28.76 30.42
N GLN A 82 -17.87 28.14 31.03
CA GLN A 82 -17.47 28.54 32.38
C GLN A 82 -16.64 29.82 32.34
N VAL A 83 -15.84 30.02 31.28
CA VAL A 83 -15.02 31.22 31.19
C VAL A 83 -15.89 32.46 31.00
N PHE A 84 -16.84 32.39 30.06
CA PHE A 84 -17.73 33.50 29.80
C PHE A 84 -18.84 33.64 30.82
N GLU A 85 -18.95 32.71 31.76
CA GLU A 85 -19.92 32.76 32.85
C GLU A 85 -21.36 32.87 32.32
N GLU A 86 -21.67 31.98 31.38
CA GLU A 86 -23.00 31.96 30.79
C GLU A 86 -23.71 30.64 31.10
N TYR A 87 -23.03 29.52 30.88
CA TYR A 87 -23.60 28.20 31.04
C TYR A 87 -22.53 27.23 31.50
N ASP A 88 -22.95 25.98 31.74
CA ASP A 88 -22.03 24.91 32.06
C ASP A 88 -22.37 23.61 31.36
N THR A 89 -23.26 23.63 30.37
CA THR A 89 -23.59 22.45 29.61
C THR A 89 -22.70 22.33 28.38
N SER A 90 -23.03 21.39 27.51
CA SER A 90 -22.30 21.20 26.26
C SER A 90 -23.22 20.90 25.08
N SER A 91 -24.52 21.02 25.25
CA SER A 91 -25.48 20.72 24.21
C SER A 91 -26.35 21.94 23.94
N SER A 92 -26.62 22.19 22.66
CA SER A 92 -27.40 23.36 22.26
C SER A 92 -28.36 22.98 21.14
N VAL A 93 -29.44 23.74 21.04
CA VAL A 93 -30.42 23.57 19.98
C VAL A 93 -30.67 24.93 19.34
N MET A 94 -31.13 24.91 18.09
CA MET A 94 -31.38 26.12 17.32
C MET A 94 -32.85 26.19 16.97
N ILE A 95 -33.55 27.12 17.61
CA ILE A 95 -34.97 27.35 17.32
C ILE A 95 -35.06 28.15 16.03
N VAL A 96 -35.90 27.70 15.10
CA VAL A 96 -36.03 28.31 13.79
C VAL A 96 -37.44 28.86 13.63
N LEU A 97 -37.55 30.16 13.41
CA LEU A 97 -38.82 30.82 13.17
C LEU A 97 -38.97 30.99 11.66
N GLU A 98 -39.90 30.25 11.07
CA GLU A 98 -40.17 30.36 9.65
C GLU A 98 -41.45 31.16 9.41
N GLY A 99 -41.40 32.06 8.44
CA GLY A 99 -42.54 32.89 8.13
C GLY A 99 -42.87 32.82 6.64
N GLU A 100 -44.13 33.14 6.33
CA GLU A 100 -44.57 33.13 4.94
C GLU A 100 -44.08 34.37 4.22
N GLU A 101 -44.49 35.54 4.69
CA GLU A 101 -44.00 36.82 4.20
C GLU A 101 -42.75 37.22 4.98
N PRO A 102 -41.97 38.17 4.46
CA PRO A 102 -40.77 38.62 5.18
C PRO A 102 -41.11 39.08 6.59
N LEU A 103 -40.27 38.68 7.55
CA LEU A 103 -40.54 38.95 8.95
C LEU A 103 -40.48 40.44 9.24
N GLY A 104 -41.44 40.92 10.02
CA GLY A 104 -41.58 42.32 10.33
C GLY A 104 -41.34 42.64 11.79
N ILE A 105 -41.85 43.80 12.21
CA ILE A 105 -41.65 44.25 13.58
C ILE A 105 -42.43 43.37 14.55
N GLU A 106 -43.64 42.95 14.16
CA GLU A 106 -44.41 42.04 15.00
C GLU A 106 -43.68 40.72 15.21
N ALA A 107 -42.96 40.27 14.18
CA ALA A 107 -42.13 39.07 14.32
C ALA A 107 -41.03 39.32 15.36
N HIS A 108 -40.44 40.51 15.33
CA HIS A 108 -39.42 40.85 16.34
C HIS A 108 -40.02 40.85 17.74
N ALA A 109 -41.23 41.39 17.89
CA ALA A 109 -41.88 41.41 19.20
C ALA A 109 -42.15 39.99 19.70
N PHE A 110 -42.67 39.13 18.81
CA PHE A 110 -42.90 37.74 19.18
C PHE A 110 -41.60 37.05 19.56
N TYR A 111 -40.54 37.31 18.79
CA TYR A 111 -39.23 36.73 19.09
C TYR A 111 -38.73 37.17 20.46
N ASP A 112 -38.88 38.46 20.77
CA ASP A 112 -38.43 38.97 22.06
C ASP A 112 -39.23 38.36 23.20
N LYS A 113 -40.54 38.22 23.03
CA LYS A 113 -41.36 37.60 24.06
C LYS A 113 -40.97 36.15 24.28
N MET A 114 -40.71 35.42 23.18
CA MET A 114 -40.29 34.02 23.31
C MET A 114 -38.93 33.92 23.99
N VAL A 115 -38.02 34.84 23.67
CA VAL A 115 -36.71 34.85 24.32
C VAL A 115 -36.86 35.11 25.81
N ALA A 116 -37.75 36.02 26.17
CA ALA A 116 -38.02 36.27 27.59
C ALA A 116 -38.54 35.03 28.27
N ASP A 117 -39.48 34.33 27.63
CA ASP A 117 -40.02 33.10 28.21
C ASP A 117 -38.93 32.05 28.37
N LEU A 118 -38.07 31.90 27.38
CA LEU A 118 -36.98 30.93 27.46
C LEU A 118 -36.05 31.25 28.61
N ARG A 119 -35.60 32.50 28.69
CA ARG A 119 -34.66 32.88 29.74
C ARG A 119 -35.30 32.81 31.12
N ALA A 120 -36.63 32.93 31.18
CA ALA A 120 -37.32 32.80 32.46
C ALA A 120 -37.16 31.41 33.06
N ASP A 121 -37.27 30.37 32.22
CA ASP A 121 -37.19 28.99 32.68
C ASP A 121 -35.72 28.62 32.91
N THR A 122 -35.28 28.80 34.15
CA THR A 122 -33.88 28.52 34.49
C THR A 122 -33.63 27.02 34.67
N GLU A 123 -34.69 26.21 34.72
CA GLU A 123 -34.51 24.79 34.97
C GLU A 123 -33.78 24.11 33.82
N HIS A 124 -34.25 24.34 32.58
CA HIS A 124 -33.66 23.67 31.43
C HIS A 124 -32.74 24.61 30.66
N VAL A 125 -33.27 25.77 30.27
CA VAL A 125 -32.49 26.70 29.46
C VAL A 125 -31.48 27.42 30.34
N GLN A 126 -30.22 27.41 29.91
CA GLN A 126 -29.14 28.04 30.66
C GLN A 126 -28.69 29.36 30.06
N HIS A 127 -28.64 29.46 28.74
CA HIS A 127 -28.16 30.67 28.11
C HIS A 127 -28.71 30.75 26.70
N VAL A 128 -29.17 31.94 26.32
CA VAL A 128 -29.69 32.21 24.98
C VAL A 128 -28.94 33.40 24.42
N GLN A 129 -28.41 33.26 23.20
CA GLN A 129 -27.75 34.36 22.50
C GLN A 129 -28.70 34.87 21.43
N ASP A 130 -29.17 36.10 21.61
CA ASP A 130 -30.17 36.69 20.72
C ASP A 130 -29.46 37.57 19.70
N PHE A 131 -28.84 36.91 18.71
CA PHE A 131 -28.14 37.65 17.68
C PHE A 131 -29.10 38.43 16.79
N TRP A 132 -30.28 37.87 16.54
CA TRP A 132 -31.28 38.59 15.75
C TRP A 132 -31.76 39.83 16.49
N GLY A 133 -31.78 39.77 17.82
CA GLY A 133 -32.27 40.88 18.62
C GLY A 133 -31.46 42.15 18.45
N ASP A 134 -30.13 42.04 18.47
CA ASP A 134 -29.28 43.21 18.35
C ASP A 134 -29.08 43.56 16.88
N THR A 135 -29.11 44.86 16.57
CA THR A 135 -29.00 45.31 15.19
C THR A 135 -27.62 45.02 14.61
N LEU A 136 -26.59 45.04 15.46
CA LEU A 136 -25.23 44.86 14.97
C LEU A 136 -25.03 43.49 14.32
N THR A 137 -25.56 42.45 14.94
CA THR A 137 -25.44 41.09 14.41
C THR A 137 -26.71 40.58 13.77
N ALA A 138 -27.72 41.43 13.59
CA ALA A 138 -29.01 40.97 13.08
C ALA A 138 -28.90 40.41 11.66
N SER A 139 -27.88 40.82 10.91
CA SER A 139 -27.74 40.36 9.53
C SER A 139 -27.42 38.87 9.48
N GLY A 140 -26.61 38.39 10.41
CA GLY A 140 -26.22 36.99 10.40
C GLY A 140 -27.38 36.06 10.71
N ALA A 141 -28.21 36.43 11.67
CA ALA A 141 -29.29 35.53 12.09
C ALA A 141 -30.36 35.40 11.01
N GLN A 142 -30.82 36.52 10.46
CA GLN A 142 -31.91 36.50 9.51
C GLN A 142 -31.44 35.98 8.15
N SER A 143 -32.33 35.28 7.46
CA SER A 143 -32.01 34.68 6.18
C SER A 143 -31.88 35.75 5.10
N VAL A 144 -31.40 35.32 3.93
CA VAL A 144 -31.20 36.25 2.82
C VAL A 144 -32.53 36.80 2.34
N ASP A 145 -33.53 35.92 2.18
CA ASP A 145 -34.84 36.37 1.75
C ASP A 145 -35.56 37.15 2.83
N GLY A 146 -35.13 37.02 4.09
CA GLY A 146 -35.76 37.71 5.19
C GLY A 146 -36.99 37.03 5.74
N LYS A 147 -37.27 35.80 5.35
CA LYS A 147 -38.47 35.11 5.77
C LYS A 147 -38.22 34.08 6.87
N ALA A 148 -37.02 34.07 7.46
CA ALA A 148 -36.72 33.13 8.54
C ALA A 148 -35.64 33.73 9.43
N ALA A 149 -35.55 33.21 10.65
CA ALA A 149 -34.54 33.64 11.62
C ALA A 149 -34.37 32.55 12.66
N TYR A 150 -33.14 32.39 13.14
CA TYR A 150 -32.82 31.32 14.08
C TYR A 150 -32.04 31.87 15.26
N VAL A 151 -32.22 31.23 16.41
CA VAL A 151 -31.55 31.59 17.65
C VAL A 151 -31.03 30.32 18.32
N GLN A 152 -29.79 30.38 18.80
CA GLN A 152 -29.14 29.23 19.41
C GLN A 152 -29.37 29.26 20.92
N VAL A 153 -29.83 28.14 21.47
CA VAL A 153 -30.20 28.04 22.87
C VAL A 153 -29.45 26.88 23.49
N TYR A 154 -28.88 27.12 24.67
CA TYR A 154 -28.18 26.07 25.41
C TYR A 154 -29.12 25.42 26.42
N ILE A 155 -29.13 24.10 26.44
CA ILE A 155 -30.04 23.34 27.30
C ILE A 155 -29.23 22.60 28.36
N ALA A 156 -29.85 22.39 29.51
CA ALA A 156 -29.19 21.68 30.60
C ALA A 156 -28.98 20.22 30.24
N GLY A 157 -27.83 19.69 30.61
CA GLY A 157 -27.51 18.30 30.37
C GLY A 157 -26.85 18.08 29.02
N ASP A 158 -26.00 17.06 28.97
CA ASP A 158 -25.24 16.73 27.77
C ASP A 158 -26.06 15.87 26.82
N GLN A 159 -25.61 15.81 25.57
CA GLN A 159 -26.36 15.17 24.50
C GLN A 159 -26.61 13.70 24.81
N GLY A 160 -27.82 13.23 24.48
CA GLY A 160 -28.18 11.84 24.69
C GLY A 160 -28.77 11.59 26.06
N GLU A 161 -28.16 12.20 27.08
CA GLU A 161 -28.61 12.04 28.45
C GLU A 161 -30.07 12.47 28.60
N SER A 162 -30.83 11.73 29.40
CA SER A 162 -32.27 11.92 29.54
C SER A 162 -32.61 13.35 29.93
N LEU A 163 -31.73 13.99 30.69
CA LEU A 163 -31.96 15.38 31.08
C LEU A 163 -32.01 16.27 29.83
N ALA A 164 -31.13 16.02 28.87
CA ALA A 164 -31.13 16.80 27.63
C ALA A 164 -32.42 16.56 26.84
N ASN A 165 -32.90 15.32 26.80
CA ASN A 165 -34.15 15.04 26.11
C ASN A 165 -35.32 15.77 26.76
N GLU A 166 -35.36 15.76 28.10
CA GLU A 166 -36.42 16.49 28.80
C GLU A 166 -36.32 17.99 28.52
N SER A 167 -35.10 18.52 28.48
CA SER A 167 -34.91 19.93 28.18
C SER A 167 -35.38 20.27 26.77
N VAL A 168 -35.09 19.39 25.81
CA VAL A 168 -35.54 19.61 24.44
C VAL A 168 -37.06 19.60 24.39
N GLU A 169 -37.69 18.69 25.12
CA GLU A 169 -39.15 18.67 25.16
C GLU A 169 -39.71 19.96 25.75
N ALA A 170 -39.08 20.45 26.83
CA ALA A 170 -39.53 21.71 27.43
C ALA A 170 -39.37 22.88 26.47
N VAL A 171 -38.25 22.90 25.73
CA VAL A 171 -38.01 23.97 24.77
C VAL A 171 -39.06 23.92 23.67
N ARG A 172 -39.37 22.73 23.18
CA ARG A 172 -40.41 22.59 22.16
C ARG A 172 -41.76 23.07 22.68
N LYS A 173 -42.08 22.72 23.93
CA LYS A 173 -43.34 23.18 24.53
C LYS A 173 -43.38 24.70 24.59
N ILE A 174 -42.29 25.32 25.03
CA ILE A 174 -42.25 26.78 25.14
C ILE A 174 -42.40 27.42 23.77
N ALA A 175 -41.71 26.87 22.77
CA ALA A 175 -41.71 27.49 21.44
C ALA A 175 -43.01 27.24 20.70
N THR A 176 -43.79 26.23 21.09
CA THR A 176 -45.00 25.91 20.34
C THR A 176 -46.28 26.38 21.02
N GLU A 177 -46.33 26.36 22.34
CA GLU A 177 -47.60 26.64 23.04
C GLU A 177 -48.00 28.10 22.87
N ARG A 178 -47.03 29.00 22.78
CA ARG A 178 -47.34 30.43 22.71
C ARG A 178 -48.06 30.76 21.41
N GLU A 179 -49.01 31.68 21.48
CA GLU A 179 -49.71 32.13 20.29
C GLU A 179 -48.77 32.91 19.38
N THR A 180 -48.76 32.56 18.12
CA THR A 180 -47.83 33.13 17.16
C THR A 180 -48.56 34.01 16.15
N PRO A 181 -47.86 35.00 15.58
CA PRO A 181 -48.45 35.76 14.48
C PRO A 181 -48.83 34.85 13.33
N SER A 182 -49.96 35.15 12.69
CA SER A 182 -50.44 34.32 11.60
C SER A 182 -49.42 34.27 10.47
N GLY A 183 -48.99 33.07 10.14
CA GLY A 183 -47.96 32.85 9.15
C GLY A 183 -46.59 32.53 9.74
N VAL A 184 -46.44 32.63 11.05
CA VAL A 184 -45.17 32.35 11.71
C VAL A 184 -45.28 31.01 12.43
N LYS A 185 -44.29 30.14 12.21
CA LYS A 185 -44.26 28.83 12.84
C LYS A 185 -42.89 28.62 13.48
N ALA A 186 -42.87 27.90 14.59
CA ALA A 186 -41.64 27.62 15.31
C ALA A 186 -41.24 26.16 15.15
N TYR A 187 -39.94 25.92 14.99
CA TYR A 187 -39.41 24.58 14.84
C TYR A 187 -38.12 24.49 15.65
N VAL A 188 -38.02 23.47 16.49
CA VAL A 188 -36.82 23.24 17.30
C VAL A 188 -36.00 22.16 16.60
N THR A 189 -34.79 22.51 16.17
CA THR A 189 -33.90 21.59 15.48
C THR A 189 -32.51 21.71 16.08
N GLY A 190 -31.61 20.83 15.61
CA GLY A 190 -30.25 20.80 16.11
C GLY A 190 -29.77 19.40 16.40
N ALA A 191 -28.50 19.27 16.79
CA ALA A 191 -27.94 17.94 17.06
C ALA A 191 -28.63 17.28 18.24
N ALA A 192 -28.82 18.03 19.34
CA ALA A 192 -29.43 17.45 20.53
C ALA A 192 -30.86 17.01 20.26
N ALA A 193 -31.62 17.82 19.52
CA ALA A 193 -32.97 17.42 19.14
C ALA A 193 -32.96 16.16 18.31
N THR A 194 -32.00 16.05 17.40
CA THR A 194 -31.88 14.84 16.58
C THR A 194 -31.61 13.62 17.44
N SER A 195 -30.71 13.76 18.42
CA SER A 195 -30.43 12.64 19.32
C SER A 195 -31.67 12.22 20.11
N ALA A 196 -32.41 13.21 20.61
CA ALA A 196 -33.62 12.90 21.38
C ALA A 196 -34.64 12.19 20.51
N ASP A 197 -34.84 12.66 19.27
CA ASP A 197 -35.75 11.99 18.36
C ASP A 197 -35.28 10.58 18.05
N GLN A 198 -33.97 10.40 17.89
CA GLN A 198 -33.43 9.07 17.63
C GLN A 198 -33.81 8.11 18.76
N ARG A 199 -33.56 8.51 20.01
CA ARG A 199 -33.87 7.65 21.14
C ARG A 199 -35.37 7.37 21.21
N ALA A 200 -36.20 8.40 21.02
CA ALA A 200 -37.64 8.24 21.11
C ALA A 200 -38.14 7.26 20.05
N GLU A 201 -37.64 7.38 18.82
CA GLU A 201 -38.10 6.51 17.75
C GLU A 201 -37.65 5.07 17.96
N GLY A 202 -36.42 4.88 18.46
CA GLY A 202 -35.99 3.53 18.77
C GLY A 202 -36.88 2.87 19.81
N ASP A 203 -37.18 3.60 20.90
CA ASP A 203 -38.04 3.06 21.94
C ASP A 203 -39.44 2.79 21.41
N ALA A 204 -39.92 3.63 20.48
CA ALA A 204 -41.23 3.41 19.90
C ALA A 204 -41.26 2.14 19.05
N SER A 205 -40.21 1.91 18.26
CA SER A 205 -40.24 0.85 17.27
C SER A 205 -39.91 -0.51 17.88
N MET A 206 -39.35 -0.52 19.10
CA MET A 206 -39.01 -1.78 19.76
C MET A 206 -40.16 -2.78 19.80
N LYS A 207 -41.36 -2.33 20.18
CA LYS A 207 -42.49 -3.24 20.34
C LYS A 207 -42.87 -3.90 19.02
N LEU A 208 -42.92 -3.12 17.94
CA LEU A 208 -43.23 -3.67 16.64
C LEU A 208 -42.16 -4.66 16.20
N ILE A 209 -40.89 -4.36 16.50
CA ILE A 209 -39.82 -5.30 16.22
C ILE A 209 -40.10 -6.63 16.91
N GLU A 210 -40.48 -6.57 18.19
CA GLU A 210 -40.75 -7.78 18.95
C GLU A 210 -41.87 -8.59 18.31
N GLY A 211 -42.97 -7.92 17.96
CA GLY A 211 -44.09 -8.63 17.35
C GLY A 211 -43.72 -9.30 16.05
N VAL A 212 -43.00 -8.58 15.18
CA VAL A 212 -42.61 -9.15 13.89
C VAL A 212 -41.69 -10.35 14.09
N THR A 213 -40.73 -10.23 15.02
CA THR A 213 -39.82 -11.33 15.27
C THR A 213 -40.59 -12.57 15.75
N PHE A 214 -41.56 -12.37 16.63
CA PHE A 214 -42.33 -13.50 17.13
C PHE A 214 -43.12 -14.17 16.01
N ALA A 215 -43.74 -13.37 15.13
CA ALA A 215 -44.48 -13.94 14.01
C ALA A 215 -43.58 -14.76 13.11
N VAL A 216 -42.40 -14.21 12.78
CA VAL A 216 -41.46 -14.90 11.89
C VAL A 216 -41.01 -16.21 12.52
N ILE A 217 -40.71 -16.17 13.82
CA ILE A 217 -40.25 -17.37 14.52
C ILE A 217 -41.32 -18.45 14.49
N THR A 218 -42.57 -18.06 14.75
CA THR A 218 -43.67 -19.03 14.75
C THR A 218 -43.81 -19.66 13.37
N VAL A 219 -43.75 -18.85 12.32
CA VAL A 219 -43.89 -19.39 10.96
C VAL A 219 -42.76 -20.36 10.65
N MET A 220 -41.52 -20.00 11.01
CA MET A 220 -40.39 -20.85 10.69
C MET A 220 -40.44 -22.16 11.48
N LEU A 221 -40.84 -22.10 12.75
CA LEU A 221 -40.97 -23.31 13.55
C LEU A 221 -42.04 -24.23 12.99
N LEU A 222 -43.17 -23.66 12.57
CA LEU A 222 -44.22 -24.47 11.95
C LEU A 222 -43.70 -25.12 10.68
N ALA A 223 -42.92 -24.37 9.89
CA ALA A 223 -42.37 -24.95 8.66
C ALA A 223 -41.41 -26.09 8.95
N VAL A 224 -40.57 -25.94 9.97
CA VAL A 224 -39.52 -26.93 10.23
C VAL A 224 -40.12 -28.17 10.89
N TYR A 225 -40.71 -28.00 12.08
CA TYR A 225 -41.14 -29.16 12.85
C TYR A 225 -42.41 -29.79 12.32
N ARG A 226 -43.10 -29.13 11.39
CA ARG A 226 -44.30 -29.68 10.74
C ARG A 226 -45.37 -30.05 11.76
N SER A 227 -45.34 -29.41 12.93
CA SER A 227 -46.35 -29.65 13.95
C SER A 227 -46.62 -28.35 14.70
N VAL A 228 -47.76 -28.33 15.38
CA VAL A 228 -48.18 -27.12 16.08
C VAL A 228 -47.79 -27.17 17.56
N ILE A 229 -47.95 -28.33 18.19
CA ILE A 229 -47.73 -28.42 19.63
C ILE A 229 -46.25 -28.25 19.96
N THR A 230 -45.37 -28.84 19.15
CA THR A 230 -43.94 -28.65 19.36
C THR A 230 -43.56 -27.19 19.21
N THR A 231 -44.15 -26.52 18.21
CA THR A 231 -43.91 -25.09 18.03
C THR A 231 -44.37 -24.30 19.25
N LEU A 232 -45.53 -24.67 19.81
CA LEU A 232 -46.02 -23.99 21.01
C LEU A 232 -45.05 -24.16 22.16
N ILE A 233 -44.51 -25.38 22.33
CA ILE A 233 -43.59 -25.62 23.43
C ILE A 233 -42.31 -24.80 23.26
N VAL A 234 -41.78 -24.75 22.04
CA VAL A 234 -40.58 -23.96 21.79
C VAL A 234 -40.86 -22.48 22.03
N LEU A 235 -42.04 -22.02 21.62
CA LEU A 235 -42.41 -20.62 21.86
C LEU A 235 -42.52 -20.33 23.35
N ALA A 236 -43.02 -21.30 24.13
CA ALA A 236 -43.09 -21.11 25.57
C ALA A 236 -41.69 -20.96 26.16
N MET A 237 -40.75 -21.80 25.71
CA MET A 237 -39.36 -21.64 26.16
C MET A 237 -38.82 -20.28 25.78
N VAL A 238 -39.10 -19.83 24.56
CA VAL A 238 -38.61 -18.53 24.10
C VAL A 238 -39.17 -17.41 24.97
N VAL A 239 -40.47 -17.47 25.26
CA VAL A 239 -41.11 -16.45 26.08
C VAL A 239 -40.48 -16.43 27.46
N LEU A 240 -40.27 -17.61 28.05
CA LEU A 240 -39.68 -17.67 29.38
C LEU A 240 -38.30 -17.03 29.40
N GLY A 241 -37.44 -17.40 28.44
CA GLY A 241 -36.11 -16.83 28.38
C GLY A 241 -36.08 -15.34 28.16
N LEU A 242 -36.87 -14.88 27.18
CA LEU A 242 -36.92 -13.45 26.87
C LEU A 242 -37.42 -12.65 28.06
N SER A 243 -38.49 -13.12 28.72
CA SER A 243 -39.03 -12.41 29.86
C SER A 243 -38.03 -12.38 31.00
N GLY A 244 -37.32 -13.48 31.24
CA GLY A 244 -36.31 -13.48 32.27
C GLY A 244 -35.21 -12.46 32.02
N ALA A 245 -34.68 -12.44 30.79
CA ALA A 245 -33.60 -11.51 30.47
C ALA A 245 -34.07 -10.07 30.57
N ARG A 246 -35.23 -9.77 29.99
CA ARG A 246 -35.75 -8.41 30.02
C ARG A 246 -36.00 -7.96 31.47
N GLY A 247 -36.60 -8.84 32.28
CA GLY A 247 -36.87 -8.47 33.66
C GLY A 247 -35.60 -8.19 34.44
N ILE A 248 -34.60 -9.06 34.32
CA ILE A 248 -33.38 -8.86 35.11
C ILE A 248 -32.67 -7.59 34.67
N VAL A 249 -32.61 -7.34 33.36
CA VAL A 249 -31.92 -6.15 32.88
C VAL A 249 -32.64 -4.90 33.37
N ALA A 250 -33.97 -4.87 33.25
CA ALA A 250 -34.72 -3.70 33.69
C ALA A 250 -34.58 -3.49 35.19
N PHE A 251 -34.65 -4.57 35.97
CA PHE A 251 -34.55 -4.47 37.42
C PHE A 251 -33.20 -3.92 37.85
N LEU A 252 -32.12 -4.43 37.25
CA LEU A 252 -30.80 -3.95 37.62
C LEU A 252 -30.60 -2.51 37.18
N GLY A 253 -31.01 -2.17 35.96
CA GLY A 253 -30.85 -0.81 35.49
C GLY A 253 -31.63 0.19 36.30
N PHE A 254 -32.79 -0.22 36.82
CA PHE A 254 -33.64 0.69 37.59
C PHE A 254 -32.92 1.19 38.83
N TYR A 255 -32.19 0.32 39.52
CA TYR A 255 -31.50 0.69 40.74
C TYR A 255 -30.11 1.27 40.49
N ASN A 256 -29.88 1.81 39.29
CA ASN A 256 -28.68 2.57 38.95
C ASN A 256 -27.40 1.73 39.10
N VAL A 257 -27.51 0.43 38.85
CA VAL A 257 -26.30 -0.38 38.76
C VAL A 257 -25.51 0.00 37.52
N PHE A 258 -26.20 0.31 36.43
CA PHE A 258 -25.56 0.70 35.18
C PHE A 258 -26.55 1.50 34.34
N GLY A 259 -26.02 2.19 33.33
CA GLY A 259 -26.85 2.95 32.43
C GLY A 259 -27.31 2.15 31.22
N LEU A 260 -28.36 2.64 30.57
CA LEU A 260 -28.98 1.96 29.45
C LEU A 260 -29.21 2.92 28.30
N THR A 261 -29.15 2.40 27.08
CA THR A 261 -29.49 3.13 25.87
C THR A 261 -30.53 2.35 25.08
N THR A 262 -31.01 2.95 24.01
CA THR A 262 -31.94 2.25 23.12
C THR A 262 -31.27 1.05 22.47
N PHE A 263 -30.02 1.22 22.03
CA PHE A 263 -29.31 0.13 21.37
C PHE A 263 -29.17 -1.07 22.29
N ALA A 264 -28.78 -0.83 23.54
CA ALA A 264 -28.59 -1.93 24.48
C ALA A 264 -29.89 -2.71 24.68
N THR A 265 -31.00 -2.01 24.85
CA THR A 265 -32.27 -2.68 25.10
C THR A 265 -32.72 -3.48 23.88
N ASN A 266 -32.62 -2.88 22.69
CA ASN A 266 -33.03 -3.59 21.49
C ASN A 266 -32.19 -4.84 21.28
N MET A 267 -30.87 -4.71 21.44
CA MET A 267 -29.99 -5.87 21.30
C MET A 267 -30.32 -6.93 22.33
N VAL A 268 -30.61 -6.51 23.56
CA VAL A 268 -30.96 -7.46 24.61
C VAL A 268 -32.17 -8.28 24.19
N VAL A 269 -33.23 -7.60 23.75
CA VAL A 269 -34.46 -8.30 23.42
C VAL A 269 -34.24 -9.27 22.27
N THR A 270 -33.64 -8.77 21.17
CA THR A 270 -33.51 -9.60 19.98
C THR A 270 -32.57 -10.79 20.23
N LEU A 271 -31.42 -10.53 20.86
CA LEU A 271 -30.46 -11.59 21.11
C LEU A 271 -31.01 -12.62 22.07
N ALA A 272 -31.72 -12.19 23.11
CA ALA A 272 -32.31 -13.13 24.05
C ALA A 272 -33.29 -14.05 23.34
N ILE A 273 -34.16 -13.47 22.50
CA ILE A 273 -35.14 -14.30 21.78
C ILE A 273 -34.43 -15.30 20.89
N ALA A 274 -33.43 -14.82 20.13
CA ALA A 274 -32.74 -15.69 19.18
C ALA A 274 -32.00 -16.81 19.90
N ALA A 275 -31.31 -16.49 20.99
CA ALA A 275 -30.55 -17.50 21.72
C ALA A 275 -31.48 -18.55 22.32
N ALA A 276 -32.61 -18.11 22.90
CA ALA A 276 -33.55 -19.07 23.46
C ALA A 276 -34.08 -20.01 22.40
N THR A 277 -34.45 -19.46 21.24
CA THR A 277 -34.95 -20.30 20.16
C THR A 277 -33.89 -21.30 19.70
N ASP A 278 -32.65 -20.83 19.56
CA ASP A 278 -31.59 -21.72 19.09
C ASP A 278 -31.33 -22.85 20.08
N TYR A 279 -31.31 -22.53 21.38
CA TYR A 279 -31.07 -23.58 22.37
C TYR A 279 -32.20 -24.60 22.37
N ALA A 280 -33.45 -24.13 22.28
CA ALA A 280 -34.57 -25.05 22.22
C ALA A 280 -34.47 -25.94 20.99
N ILE A 281 -34.09 -25.36 19.85
CA ILE A 281 -33.95 -26.15 18.63
C ILE A 281 -32.88 -27.21 18.80
N PHE A 282 -31.74 -26.85 19.38
CA PHE A 282 -30.66 -27.81 19.57
C PHE A 282 -31.13 -28.98 20.43
N LEU A 283 -31.74 -28.68 21.57
CA LEU A 283 -32.15 -29.73 22.49
C LEU A 283 -33.18 -30.66 21.82
N ILE A 284 -34.20 -30.06 21.21
CA ILE A 284 -35.27 -30.87 20.63
C ILE A 284 -34.76 -31.67 19.44
N GLY A 285 -33.85 -31.09 18.66
CA GLY A 285 -33.28 -31.79 17.53
C GLY A 285 -32.48 -33.00 17.94
N ARG A 286 -31.62 -32.86 18.94
CA ARG A 286 -30.86 -34.02 19.40
C ARG A 286 -31.78 -35.07 20.01
N TYR A 287 -32.78 -34.63 20.79
CA TYR A 287 -33.72 -35.57 21.38
C TYR A 287 -34.47 -36.35 20.31
N GLN A 288 -34.90 -35.66 19.25
CA GLN A 288 -35.63 -36.34 18.18
C GLN A 288 -34.70 -37.26 17.39
N GLU A 289 -33.45 -36.87 17.20
CA GLU A 289 -32.50 -37.78 16.55
C GLU A 289 -32.37 -39.08 17.33
N ALA A 290 -32.17 -38.97 18.65
CA ALA A 290 -32.07 -40.16 19.48
C ALA A 290 -33.35 -40.97 19.45
N ARG A 291 -34.50 -40.29 19.51
CA ARG A 291 -35.79 -40.98 19.51
C ARG A 291 -36.03 -41.74 18.22
N ARG A 292 -35.72 -41.11 17.08
CA ARG A 292 -35.92 -41.76 15.79
C ARG A 292 -34.93 -42.90 15.58
N ALA A 293 -33.73 -42.77 16.16
CA ALA A 293 -32.74 -43.84 16.03
C ALA A 293 -33.28 -45.16 16.57
N GLY A 294 -34.15 -45.11 17.57
CA GLY A 294 -34.77 -46.30 18.08
C GLY A 294 -34.90 -46.33 19.59
N GLU A 295 -34.20 -45.42 20.27
CA GLU A 295 -34.21 -45.40 21.72
C GLU A 295 -35.58 -45.02 22.25
N ASP A 296 -35.92 -45.54 23.44
CA ASP A 296 -37.13 -45.11 24.13
C ASP A 296 -36.94 -43.70 24.69
N ARG A 297 -38.03 -43.15 25.22
CA ARG A 297 -38.04 -41.75 25.62
C ARG A 297 -37.01 -41.46 26.72
N GLU A 298 -36.91 -42.35 27.70
CA GLU A 298 -35.97 -42.14 28.80
C GLU A 298 -34.53 -42.11 28.29
N SER A 299 -34.13 -43.15 27.55
CA SER A 299 -32.77 -43.22 27.05
C SER A 299 -32.50 -42.11 26.03
N ALA A 300 -33.50 -41.79 25.20
CA ALA A 300 -33.32 -40.70 24.25
C ALA A 300 -33.10 -39.37 24.96
N TYR A 301 -33.85 -39.12 26.02
CA TYR A 301 -33.68 -37.89 26.79
C TYR A 301 -32.29 -37.82 27.41
N TYR A 302 -31.85 -38.92 28.03
CA TYR A 302 -30.52 -38.90 28.65
C TYR A 302 -29.43 -38.74 27.61
N THR A 303 -29.58 -39.38 26.45
CA THR A 303 -28.61 -39.21 25.36
C THR A 303 -28.58 -37.76 24.89
N MET A 304 -29.76 -37.16 24.74
CA MET A 304 -29.83 -35.75 24.35
C MET A 304 -29.06 -34.87 25.32
N PHE A 305 -29.31 -35.04 26.62
CA PHE A 305 -28.61 -34.22 27.59
C PHE A 305 -27.12 -34.47 27.54
N HIS A 306 -26.70 -35.73 27.44
CA HIS A 306 -25.28 -36.05 27.43
C HIS A 306 -24.58 -35.42 26.23
N GLY A 307 -25.23 -35.45 25.07
CA GLY A 307 -24.62 -34.96 23.86
C GLY A 307 -24.78 -33.48 23.57
N THR A 308 -25.65 -32.77 24.30
CA THR A 308 -25.85 -31.36 24.00
C THR A 308 -25.67 -30.44 25.20
N ALA A 309 -25.52 -30.98 26.42
CA ALA A 309 -25.40 -30.12 27.59
C ALA A 309 -24.16 -29.24 27.48
N HIS A 310 -23.02 -29.84 27.12
CA HIS A 310 -21.78 -29.07 27.06
C HIS A 310 -21.77 -28.09 25.91
N VAL A 311 -22.36 -28.47 24.77
CA VAL A 311 -22.35 -27.61 23.59
C VAL A 311 -23.14 -26.34 23.87
N VAL A 312 -24.33 -26.48 24.44
CA VAL A 312 -25.17 -25.31 24.71
C VAL A 312 -24.51 -24.40 25.71
N LEU A 313 -23.96 -24.97 26.78
CA LEU A 313 -23.30 -24.16 27.80
C LEU A 313 -22.11 -23.42 27.22
N ALA A 314 -21.31 -24.10 26.39
CA ALA A 314 -20.15 -23.46 25.79
C ALA A 314 -20.57 -22.34 24.85
N SER A 315 -21.61 -22.57 24.05
CA SER A 315 -22.09 -21.53 23.14
C SER A 315 -22.57 -20.32 23.93
N GLY A 316 -23.31 -20.56 25.01
CA GLY A 316 -23.80 -19.47 25.82
C GLY A 316 -22.68 -18.69 26.49
N LEU A 317 -21.66 -19.40 26.99
CA LEU A 317 -20.53 -18.73 27.59
C LEU A 317 -19.76 -17.90 26.57
N THR A 318 -19.60 -18.43 25.35
CA THR A 318 -18.95 -17.65 24.30
C THR A 318 -19.72 -16.38 23.99
N ILE A 319 -21.04 -16.49 23.86
CA ILE A 319 -21.85 -15.32 23.55
C ILE A 319 -21.78 -14.30 24.68
N ALA A 320 -21.87 -14.76 25.92
CA ALA A 320 -21.82 -13.85 27.07
C ALA A 320 -20.46 -13.16 27.18
N GLY A 321 -19.38 -13.93 27.07
CA GLY A 321 -18.05 -13.34 27.18
C GLY A 321 -17.73 -12.41 26.04
N ALA A 322 -18.27 -12.70 24.85
CA ALA A 322 -18.00 -11.84 23.69
C ALA A 322 -18.52 -10.43 23.93
N THR A 323 -19.74 -10.30 24.44
CA THR A 323 -20.31 -8.98 24.69
C THR A 323 -19.59 -8.28 25.84
N LEU A 324 -18.97 -9.05 26.74
CA LEU A 324 -18.28 -8.45 27.87
C LEU A 324 -17.02 -7.71 27.42
N CYS A 325 -16.55 -7.96 26.20
CA CYS A 325 -15.41 -7.22 25.67
C CYS A 325 -15.77 -5.76 25.40
N LEU A 326 -17.07 -5.45 25.31
CA LEU A 326 -17.49 -4.07 25.12
C LEU A 326 -17.21 -3.21 26.34
N HIS A 327 -17.12 -3.83 27.52
CA HIS A 327 -16.93 -3.09 28.76
C HIS A 327 -15.54 -2.47 28.82
N PHE A 328 -14.66 -2.89 27.92
CA PHE A 328 -13.30 -2.36 27.85
C PHE A 328 -13.13 -1.35 26.73
N THR A 329 -14.21 -0.77 26.25
CA THR A 329 -14.16 0.23 25.18
C THR A 329 -14.05 1.63 25.78
N ARG A 330 -14.17 2.63 24.90
CA ARG A 330 -14.07 4.03 25.31
C ARG A 330 -15.38 4.79 25.13
N LEU A 331 -16.02 4.67 23.98
CA LEU A 331 -17.24 5.42 23.71
C LEU A 331 -18.34 4.95 24.67
N PRO A 332 -19.13 5.87 25.23
CA PRO A 332 -20.10 5.47 26.27
C PRO A 332 -21.12 4.44 25.81
N TYR A 333 -21.56 4.50 24.56
CA TYR A 333 -22.54 3.53 24.07
C TYR A 333 -21.98 2.11 24.14
N PHE A 334 -20.78 1.92 23.60
CA PHE A 334 -20.16 0.60 23.60
C PHE A 334 -19.91 0.13 25.03
N GLN A 335 -19.39 1.03 25.88
CA GLN A 335 -19.08 0.65 27.25
C GLN A 335 -20.33 0.27 28.04
N THR A 336 -21.45 0.96 27.81
CA THR A 336 -22.70 0.65 28.49
C THR A 336 -23.38 -0.60 27.93
N MET A 337 -23.14 -0.94 26.67
CA MET A 337 -23.73 -2.13 26.08
C MET A 337 -23.13 -3.43 26.60
N GLY A 338 -22.02 -3.38 27.33
CA GLY A 338 -21.33 -4.61 27.69
C GLY A 338 -22.09 -5.44 28.71
N VAL A 339 -22.21 -4.93 29.93
CA VAL A 339 -22.72 -5.71 31.06
C VAL A 339 -24.16 -6.20 30.87
N PRO A 340 -25.11 -5.35 30.46
CA PRO A 340 -26.50 -5.84 30.36
C PRO A 340 -26.65 -7.00 29.39
N LEU A 341 -25.95 -6.96 28.25
CA LEU A 341 -26.03 -8.05 27.30
C LEU A 341 -25.50 -9.34 27.91
N ALA A 342 -24.38 -9.26 28.62
CA ALA A 342 -23.81 -10.45 29.25
C ALA A 342 -24.76 -11.04 30.28
N ILE A 343 -25.37 -10.17 31.11
CA ILE A 343 -26.29 -10.66 32.12
C ILE A 343 -27.52 -11.31 31.48
N GLY A 344 -28.06 -10.68 30.44
CA GLY A 344 -29.20 -11.25 29.75
C GLY A 344 -28.88 -12.60 29.12
N MET A 345 -27.70 -12.70 28.50
CA MET A 345 -27.30 -13.97 27.89
C MET A 345 -27.13 -15.04 28.95
N LEU A 346 -26.54 -14.71 30.10
CA LEU A 346 -26.39 -15.68 31.17
C LEU A 346 -27.74 -16.16 31.67
N ILE A 347 -28.69 -15.24 31.84
CA ILE A 347 -30.03 -15.64 32.27
C ILE A 347 -30.67 -16.56 31.25
N VAL A 348 -30.52 -16.22 29.96
CA VAL A 348 -31.09 -17.06 28.91
C VAL A 348 -30.49 -18.45 28.94
N VAL A 349 -29.17 -18.53 29.12
CA VAL A 349 -28.49 -19.83 29.14
C VAL A 349 -28.96 -20.67 30.31
N ALA A 350 -29.05 -20.05 31.49
CA ALA A 350 -29.54 -20.77 32.66
C ALA A 350 -30.95 -21.30 32.43
N ALA A 351 -31.82 -20.45 31.89
CA ALA A 351 -33.20 -20.86 31.63
C ALA A 351 -33.26 -21.99 30.63
N ALA A 352 -32.46 -21.91 29.56
CA ALA A 352 -32.48 -22.97 28.55
C ALA A 352 -31.95 -24.28 29.09
N LEU A 353 -30.88 -24.23 29.89
CA LEU A 353 -30.26 -25.45 30.39
C LEU A 353 -31.01 -26.08 31.55
N THR A 354 -31.86 -25.33 32.27
CA THR A 354 -32.66 -25.93 33.34
C THR A 354 -34.08 -26.20 32.88
N ALA A 355 -34.82 -25.19 32.42
CA ALA A 355 -36.21 -25.40 32.03
C ALA A 355 -36.31 -26.33 30.84
N GLY A 356 -35.43 -26.18 29.86
CA GLY A 356 -35.44 -26.97 28.65
C GLY A 356 -35.54 -28.46 28.92
N PRO A 357 -34.53 -29.01 29.61
CA PRO A 357 -34.62 -30.42 30.01
C PRO A 357 -35.83 -30.74 30.87
N ALA A 358 -36.23 -29.83 31.76
CA ALA A 358 -37.39 -30.09 32.61
C ALA A 358 -38.67 -30.17 31.79
N VAL A 359 -38.88 -29.19 30.91
CA VAL A 359 -40.08 -29.20 30.06
C VAL A 359 -40.08 -30.42 29.16
N ILE A 360 -38.92 -30.75 28.58
CA ILE A 360 -38.83 -31.94 27.75
C ILE A 360 -39.19 -33.18 28.55
N SER A 361 -38.76 -33.24 29.81
CA SER A 361 -39.09 -34.36 30.67
C SER A 361 -40.59 -34.46 30.89
N VAL A 362 -41.24 -33.34 31.21
CA VAL A 362 -42.67 -33.37 31.52
C VAL A 362 -43.49 -33.64 30.26
N VAL A 363 -43.16 -32.94 29.18
CA VAL A 363 -43.99 -32.99 27.98
C VAL A 363 -43.97 -34.37 27.35
N SER A 364 -42.78 -34.97 27.22
CA SER A 364 -42.66 -36.24 26.53
C SER A 364 -43.43 -37.34 27.26
N ARG A 365 -43.60 -37.20 28.57
CA ARG A 365 -44.36 -38.19 29.33
C ARG A 365 -45.81 -38.25 28.86
N PHE A 366 -46.38 -37.11 28.49
CA PHE A 366 -47.81 -37.03 28.16
C PHE A 366 -47.99 -37.14 26.66
N GLY A 367 -48.61 -38.23 26.21
CA GLY A 367 -48.97 -38.39 24.82
C GLY A 367 -47.78 -38.52 23.89
N LYS A 368 -48.09 -38.46 22.59
CA LYS A 368 -47.07 -38.46 21.54
C LYS A 368 -46.84 -37.02 21.10
N THR A 369 -46.13 -36.27 21.95
CA THR A 369 -45.96 -34.83 21.74
C THR A 369 -44.67 -34.50 21.01
N LEU A 370 -43.53 -34.91 21.55
CA LEU A 370 -42.24 -34.55 20.98
C LEU A 370 -41.68 -35.61 20.04
N GLU A 371 -42.45 -36.64 19.73
CA GLU A 371 -41.97 -37.67 18.82
C GLU A 371 -41.76 -37.07 17.41
N PRO A 372 -40.81 -37.59 16.65
CA PRO A 372 -40.56 -37.05 15.31
C PRO A 372 -41.78 -37.22 14.42
N LYS A 373 -41.97 -36.26 13.50
CA LYS A 373 -43.10 -36.30 12.59
C LYS A 373 -42.68 -36.71 11.18
N ARG A 374 -41.55 -36.18 10.71
CA ARG A 374 -41.05 -36.45 9.36
C ARG A 374 -39.90 -37.46 9.47
N PHE A 375 -40.26 -38.75 9.47
CA PHE A 375 -39.27 -39.82 9.52
C PHE A 375 -38.61 -39.92 8.16
N SER A 376 -37.48 -39.23 7.98
CA SER A 376 -36.79 -39.21 6.70
C SER A 376 -35.31 -39.09 6.92
N ARG A 377 -34.54 -39.52 5.93
CA ARG A 377 -33.10 -39.37 5.93
C ARG A 377 -32.74 -37.97 5.46
N SER A 378 -31.45 -37.75 5.18
CA SER A 378 -30.95 -36.48 4.67
C SER A 378 -30.11 -36.75 3.43
N PRO A 379 -30.74 -37.17 2.33
CA PRO A 379 -29.96 -37.51 1.12
C PRO A 379 -29.09 -36.38 0.62
N GLY A 380 -29.59 -35.15 0.68
CA GLY A 380 -28.79 -34.00 0.30
C GLY A 380 -27.56 -33.87 1.16
N TRP A 381 -27.74 -34.06 2.47
CA TRP A 381 -26.60 -33.98 3.37
C TRP A 381 -25.61 -35.12 3.13
N HIS A 382 -26.12 -36.31 2.81
CA HIS A 382 -25.23 -37.41 2.44
C HIS A 382 -24.39 -37.03 1.23
N ARG A 383 -25.03 -36.48 0.20
CA ARG A 383 -24.30 -36.11 -1.02
C ARG A 383 -23.26 -35.03 -0.73
N VAL A 384 -23.64 -34.03 0.06
CA VAL A 384 -22.72 -32.94 0.38
C VAL A 384 -21.53 -33.46 1.18
N GLY A 385 -21.80 -34.32 2.16
CA GLY A 385 -20.71 -34.89 2.94
C GLY A 385 -19.76 -35.72 2.09
N THR A 386 -20.32 -36.52 1.17
CA THR A 386 -19.48 -37.31 0.28
C THR A 386 -18.62 -36.42 -0.60
N ALA A 387 -19.21 -35.35 -1.15
CA ALA A 387 -18.46 -34.43 -1.98
C ALA A 387 -17.33 -33.78 -1.19
N THR A 388 -17.62 -33.38 0.05
CA THR A 388 -16.60 -32.76 0.88
C THR A 388 -15.47 -33.73 1.21
N VAL A 389 -15.81 -34.98 1.51
CA VAL A 389 -14.80 -35.96 1.91
C VAL A 389 -13.94 -36.38 0.73
N ARG A 390 -14.54 -36.64 -0.43
CA ARG A 390 -13.77 -37.15 -1.56
C ARG A 390 -12.82 -36.09 -2.11
N TRP A 391 -13.33 -34.88 -2.34
CA TRP A 391 -12.58 -33.83 -3.03
C TRP A 391 -12.59 -32.56 -2.17
N PRO A 392 -11.84 -32.56 -1.06
CA PRO A 392 -11.81 -31.34 -0.24
C PRO A 392 -11.14 -30.18 -0.93
N GLY A 393 -10.20 -30.43 -1.84
CA GLY A 393 -9.44 -29.34 -2.43
C GLY A 393 -10.29 -28.39 -3.26
N ALA A 394 -11.07 -28.94 -4.18
CA ALA A 394 -11.88 -28.10 -5.06
C ALA A 394 -12.94 -27.34 -4.27
N ILE A 395 -13.58 -28.02 -3.32
CA ILE A 395 -14.62 -27.39 -2.51
C ILE A 395 -14.03 -26.27 -1.67
N LEU A 396 -12.86 -26.52 -1.07
CA LEU A 396 -12.21 -25.48 -0.28
C LEU A 396 -11.83 -24.30 -1.14
N VAL A 397 -11.34 -24.55 -2.36
CA VAL A 397 -11.00 -23.46 -3.27
C VAL A 397 -12.23 -22.64 -3.60
N CYS A 398 -13.34 -23.31 -3.91
CA CYS A 398 -14.57 -22.59 -4.23
C CYS A 398 -15.05 -21.76 -3.05
N ALA A 399 -14.99 -22.32 -1.85
CA ALA A 399 -15.42 -21.60 -0.66
C ALA A 399 -14.56 -20.37 -0.42
N VAL A 400 -13.23 -20.53 -0.54
CA VAL A 400 -12.32 -19.41 -0.32
C VAL A 400 -12.57 -18.32 -1.35
N VAL A 401 -12.76 -18.70 -2.61
CA VAL A 401 -13.04 -17.72 -3.65
C VAL A 401 -14.33 -16.98 -3.36
N ALA A 402 -15.37 -17.72 -2.96
CA ALA A 402 -16.65 -17.09 -2.66
C ALA A 402 -16.53 -16.11 -1.49
N ALA A 403 -15.76 -16.48 -0.47
CA ALA A 403 -15.61 -15.60 0.68
C ALA A 403 -14.84 -14.32 0.32
N LEU A 404 -13.90 -14.43 -0.61
CA LEU A 404 -13.07 -13.27 -0.94
C LEU A 404 -13.84 -12.25 -1.78
N ILE A 405 -15.02 -12.61 -2.25
CA ILE A 405 -15.84 -11.71 -3.06
C ILE A 405 -16.19 -10.47 -2.25
N GLY A 406 -16.41 -10.65 -0.95
CA GLY A 406 -16.83 -9.55 -0.09
C GLY A 406 -15.81 -8.44 0.06
N LEU A 407 -14.58 -8.66 -0.38
CA LEU A 407 -13.53 -7.64 -0.29
C LEU A 407 -13.64 -6.58 -1.37
N LEU A 408 -14.54 -6.76 -2.35
CA LEU A 408 -14.63 -5.80 -3.44
C LEU A 408 -15.28 -4.50 -3.00
N ALA A 409 -16.22 -4.55 -2.07
CA ALA A 409 -16.92 -3.36 -1.61
C ALA A 409 -16.15 -2.58 -0.55
N LEU A 410 -15.00 -3.11 -0.10
CA LEU A 410 -14.23 -2.43 0.94
C LEU A 410 -13.73 -1.06 0.52
N PRO A 411 -13.08 -0.88 -0.65
CA PRO A 411 -12.53 0.45 -0.96
C PRO A 411 -13.56 1.57 -0.98
N GLY A 412 -14.76 1.31 -1.48
CA GLY A 412 -15.78 2.35 -1.58
C GLY A 412 -16.52 2.64 -0.30
N TYR A 413 -16.20 1.94 0.79
CA TYR A 413 -16.92 2.11 2.04
C TYR A 413 -16.66 3.49 2.62
N TYR A 414 -17.73 4.15 3.07
CA TYR A 414 -17.63 5.44 3.74
C TYR A 414 -18.78 5.55 4.73
N THR A 415 -18.64 6.47 5.68
CA THR A 415 -19.62 6.66 6.73
C THR A 415 -19.99 8.12 6.84
N THR A 416 -21.21 8.37 7.30
CA THR A 416 -21.74 9.70 7.53
C THR A 416 -22.21 9.83 8.97
N TYR A 417 -22.25 11.07 9.46
CA TYR A 417 -22.57 11.34 10.86
C TYR A 417 -23.85 12.14 11.04
N ASP A 418 -24.60 12.39 9.97
CA ASP A 418 -25.82 13.17 10.05
C ASP A 418 -26.99 12.22 10.32
N ASP A 419 -27.52 12.28 11.53
CA ASP A 419 -28.56 11.34 11.93
C ASP A 419 -29.93 11.71 11.37
N ARG A 420 -30.07 12.89 10.75
CA ARG A 420 -31.34 13.22 10.12
C ARG A 420 -31.62 12.34 8.91
N ARG A 421 -30.57 11.72 8.37
CA ARG A 421 -30.73 10.78 7.27
C ARG A 421 -31.24 9.42 7.75
N TYR A 422 -31.05 9.09 9.02
CA TYR A 422 -31.44 7.81 9.57
C TYR A 422 -32.74 7.87 10.36
N LEU A 423 -33.62 8.81 10.05
CA LEU A 423 -34.88 8.94 10.75
C LEU A 423 -36.01 9.19 9.76
N PRO A 424 -37.25 8.84 10.13
CA PRO A 424 -38.39 9.20 9.27
C PRO A 424 -38.57 10.71 9.22
N ASP A 425 -39.17 11.18 8.12
CA ASP A 425 -39.28 12.61 7.91
C ASP A 425 -40.29 13.26 8.86
N ASP A 426 -41.23 12.49 9.39
CA ASP A 426 -42.31 13.09 10.18
C ASP A 426 -41.83 13.55 11.55
N VAL A 427 -40.63 13.14 11.96
CA VAL A 427 -40.11 13.53 13.28
C VAL A 427 -39.89 15.04 13.31
N PRO A 428 -40.05 15.69 14.47
CA PRO A 428 -39.91 17.15 14.52
C PRO A 428 -38.54 17.66 14.08
N ALA A 429 -37.47 16.93 14.40
CA ALA A 429 -36.13 17.37 14.02
C ALA A 429 -36.00 17.45 12.51
N ASN A 430 -36.53 16.46 11.79
CA ASN A 430 -36.47 16.48 10.34
C ASN A 430 -37.29 17.64 9.77
N VAL A 431 -38.43 17.94 10.38
CA VAL A 431 -39.25 19.06 9.90
C VAL A 431 -38.49 20.39 10.07
N GLY A 432 -37.90 20.58 11.25
CA GLY A 432 -37.11 21.78 11.47
C GLY A 432 -35.94 21.88 10.51
N TYR A 433 -35.26 20.76 10.27
CA TYR A 433 -34.17 20.73 9.31
C TYR A 433 -34.67 21.11 7.91
N ASP A 434 -35.82 20.58 7.52
CA ASP A 434 -36.36 20.87 6.21
C ASP A 434 -36.64 22.36 6.06
N ALA A 435 -37.26 22.97 7.09
CA ALA A 435 -37.51 24.40 7.04
C ALA A 435 -36.22 25.19 6.92
N ALA A 436 -35.25 24.88 7.80
CA ALA A 436 -33.99 25.62 7.80
C ALA A 436 -33.28 25.48 6.47
N PHE A 437 -33.28 24.28 5.88
CA PHE A 437 -32.60 24.09 4.61
C PHE A 437 -33.36 24.75 3.46
N ARG A 438 -34.68 24.87 3.60
CA ARG A 438 -35.45 25.65 2.64
C ARG A 438 -35.01 27.11 2.64
N HIS A 439 -34.80 27.67 3.83
CA HIS A 439 -34.44 29.09 3.92
C HIS A 439 -32.95 29.31 4.10
N PHE A 440 -32.33 28.72 5.12
CA PHE A 440 -30.90 28.88 5.33
C PHE A 440 -30.13 27.78 4.60
N SER A 441 -28.83 27.71 4.86
CA SER A 441 -27.98 26.64 4.38
C SER A 441 -27.73 25.64 5.50
N GLN A 442 -27.30 24.44 5.11
CA GLN A 442 -27.17 23.35 6.08
C GLN A 442 -26.12 23.66 7.13
N ALA A 443 -24.99 24.25 6.73
CA ALA A 443 -23.88 24.43 7.67
C ALA A 443 -24.27 25.34 8.82
N LYS A 444 -25.23 26.24 8.60
CA LYS A 444 -25.59 27.19 9.65
C LYS A 444 -26.25 26.51 10.84
N MET A 445 -26.97 25.42 10.59
CA MET A 445 -27.63 24.72 11.68
C MET A 445 -26.64 24.00 12.58
N ASN A 446 -25.43 23.75 12.11
CA ASN A 446 -24.39 23.06 12.88
C ASN A 446 -23.09 23.85 12.77
N PRO A 447 -22.99 24.98 13.46
CA PRO A 447 -21.76 25.77 13.39
C PRO A 447 -20.68 25.22 14.29
N ASP A 448 -19.55 25.92 14.37
CA ASP A 448 -18.46 25.58 15.28
C ASP A 448 -18.16 26.76 16.18
N LEU A 449 -17.41 26.49 17.25
CA LEU A 449 -17.04 27.51 18.21
C LEU A 449 -15.57 27.35 18.56
N MET A 450 -14.83 28.46 18.57
CA MET A 450 -13.43 28.47 18.94
C MET A 450 -13.19 29.61 19.92
N MET A 451 -12.43 29.36 20.97
CA MET A 451 -12.13 30.35 21.99
C MET A 451 -10.61 30.48 22.12
N VAL A 452 -10.09 31.68 21.91
CA VAL A 452 -8.68 31.97 22.13
C VAL A 452 -8.57 32.75 23.43
N GLU A 453 -7.91 32.17 24.42
CA GLU A 453 -7.85 32.74 25.76
C GLU A 453 -6.44 33.22 26.06
N THR A 454 -6.34 34.43 26.59
CA THR A 454 -5.08 35.01 27.04
C THR A 454 -5.19 35.39 28.51
N ASP A 455 -4.13 36.01 29.03
CA ASP A 455 -4.08 36.39 30.44
C ASP A 455 -4.27 37.88 30.66
N ARG A 456 -4.46 38.66 29.60
CA ARG A 456 -4.58 40.10 29.69
C ARG A 456 -5.83 40.57 28.95
N ASP A 457 -6.26 41.79 29.28
CA ASP A 457 -7.43 42.37 28.62
C ASP A 457 -7.11 42.65 27.17
N LEU A 458 -8.02 42.26 26.28
CA LEU A 458 -7.85 42.44 24.84
C LEU A 458 -8.72 43.55 24.28
N ARG A 459 -9.33 44.36 25.13
CA ARG A 459 -10.26 45.41 24.69
C ARG A 459 -9.49 46.68 24.34
N ASN A 460 -8.67 46.57 23.30
CA ASN A 460 -7.87 47.67 22.78
C ASN A 460 -7.56 47.39 21.32
N PRO A 461 -7.29 48.44 20.53
CA PRO A 461 -7.04 48.22 19.09
C PRO A 461 -5.88 47.29 18.77
N ALA A 462 -4.81 47.34 19.58
CA ALA A 462 -3.62 46.55 19.29
C ALA A 462 -3.94 45.05 19.27
N ASP A 463 -4.72 44.59 20.25
CA ASP A 463 -5.13 43.20 20.25
C ASP A 463 -6.21 42.94 19.21
N PHE A 464 -6.99 43.97 18.85
CA PHE A 464 -7.99 43.81 17.80
C PHE A 464 -7.34 43.48 16.47
N LEU A 465 -6.16 44.05 16.21
CA LEU A 465 -5.43 43.71 14.99
C LEU A 465 -5.13 42.22 14.93
N VAL A 466 -4.61 41.67 16.02
CA VAL A 466 -4.28 40.24 16.05
C VAL A 466 -5.55 39.40 15.94
N ILE A 467 -6.63 39.85 16.57
CA ILE A 467 -7.89 39.11 16.50
C ILE A 467 -8.39 39.04 15.06
N ASP A 468 -8.32 40.16 14.34
CA ASP A 468 -8.75 40.16 12.95
C ASP A 468 -7.83 39.30 12.09
N LYS A 469 -6.54 39.31 12.40
CA LYS A 469 -5.60 38.43 11.69
C LYS A 469 -6.00 36.96 11.88
N ILE A 470 -6.33 36.59 13.11
CA ILE A 470 -6.75 35.22 13.39
C ILE A 470 -8.02 34.88 12.63
N ALA A 471 -8.97 35.83 12.61
CA ALA A 471 -10.22 35.60 11.89
C ALA A 471 -9.97 35.38 10.39
N LYS A 472 -9.08 36.19 9.81
CA LYS A 472 -8.75 36.01 8.40
C LYS A 472 -8.09 34.67 8.15
N ALA A 473 -7.17 34.27 9.03
CA ALA A 473 -6.50 32.98 8.89
C ALA A 473 -7.50 31.84 8.96
N LEU A 474 -8.47 31.94 9.88
CA LEU A 474 -9.50 30.91 9.98
C LEU A 474 -10.36 30.87 8.72
N LYS A 475 -10.76 32.02 8.21
CA LYS A 475 -11.64 32.05 7.04
C LYS A 475 -10.94 31.51 5.80
N ASN A 476 -9.64 31.78 5.66
CA ASN A 476 -8.94 31.39 4.44
C ASN A 476 -8.80 29.87 4.32
N VAL A 477 -9.10 29.14 5.40
CA VAL A 477 -9.01 27.69 5.36
C VAL A 477 -10.03 27.13 4.38
N HIS A 478 -9.64 26.08 3.66
CA HIS A 478 -10.52 25.47 2.68
C HIS A 478 -11.75 24.87 3.35
N GLY A 479 -12.93 25.12 2.77
CA GLY A 479 -14.16 24.58 3.25
C GLY A 479 -14.89 25.40 4.30
N ILE A 480 -14.33 26.54 4.71
CA ILE A 480 -14.94 27.41 5.70
C ILE A 480 -15.65 28.53 4.96
N ALA A 481 -16.96 28.64 5.17
CA ALA A 481 -17.76 29.63 4.45
C ALA A 481 -17.53 31.03 5.02
N GLN A 482 -17.87 31.24 6.28
CA GLN A 482 -17.73 32.55 6.89
C GLN A 482 -17.44 32.39 8.38
N VAL A 483 -16.71 33.35 8.92
CA VAL A 483 -16.37 33.41 10.34
C VAL A 483 -16.84 34.75 10.87
N GLN A 484 -17.61 34.73 11.94
CA GLN A 484 -18.05 35.96 12.59
C GLN A 484 -17.45 36.04 13.99
N THR A 485 -17.12 37.27 14.40
CA THR A 485 -16.51 37.52 15.69
C THR A 485 -16.68 39.00 16.02
N ILE A 486 -15.97 39.47 17.04
CA ILE A 486 -16.10 40.87 17.44
C ILE A 486 -15.65 41.81 16.34
N THR A 487 -14.71 41.38 15.50
CA THR A 487 -14.28 42.19 14.36
C THR A 487 -15.10 41.93 13.11
N ARG A 488 -16.02 40.97 13.14
CA ARG A 488 -16.91 40.68 12.02
C ARG A 488 -18.26 40.26 12.57
N PRO A 489 -19.04 41.21 13.08
CA PRO A 489 -20.28 40.85 13.79
C PRO A 489 -21.28 40.06 12.95
N ASP A 490 -21.35 40.33 11.65
CA ASP A 490 -22.30 39.66 10.78
C ASP A 490 -21.63 38.79 9.72
N GLY A 491 -20.37 38.41 9.94
CA GLY A 491 -19.63 37.61 8.99
C GLY A 491 -18.90 38.40 7.92
N ASP A 492 -19.20 39.68 7.78
CA ASP A 492 -18.56 40.59 6.85
C ASP A 492 -17.63 41.54 7.60
N PRO A 493 -16.60 42.06 6.94
CA PRO A 493 -15.73 43.03 7.62
C PRO A 493 -16.50 44.27 8.03
N ILE A 494 -16.10 44.86 9.15
CA ILE A 494 -16.75 46.06 9.65
C ILE A 494 -16.52 47.19 8.65
N GLU A 495 -17.59 47.92 8.33
CA GLU A 495 -17.47 49.01 7.39
C GLU A 495 -16.57 50.11 7.94
N HIS A 496 -15.89 50.80 7.03
CA HIS A 496 -15.00 51.92 7.38
C HIS A 496 -13.85 51.46 8.26
N SER A 497 -13.32 50.26 7.99
CA SER A 497 -12.20 49.72 8.75
C SER A 497 -10.93 49.55 7.94
N THR A 498 -11.00 49.60 6.62
CA THR A 498 -9.81 49.44 5.80
C THR A 498 -8.90 50.66 5.93
N ILE A 499 -7.59 50.43 5.82
CA ILE A 499 -6.63 51.52 5.85
C ILE A 499 -6.91 52.57 4.77
N PRO A 500 -7.21 52.21 3.51
CA PRO A 500 -7.50 53.24 2.50
C PRO A 500 -8.64 54.16 2.88
N TYR A 501 -9.60 53.65 3.65
CA TYR A 501 -10.67 54.51 4.14
C TYR A 501 -10.10 55.61 5.02
N THR A 502 -9.16 55.27 5.91
CA THR A 502 -8.52 56.26 6.75
C THR A 502 -7.75 57.27 5.91
N ILE A 503 -7.09 56.79 4.86
CA ILE A 503 -6.33 57.65 3.96
C ILE A 503 -7.23 58.68 3.29
N ASN A 656 -7.81 89.05 -6.68
CA ASN A 656 -6.88 88.23 -7.43
C ASN A 656 -6.35 87.09 -6.57
N GLN A 657 -5.64 87.45 -5.49
CA GLN A 657 -5.12 86.44 -4.58
C GLN A 657 -6.23 85.59 -4.00
N TYR A 658 -7.37 86.21 -3.70
CA TYR A 658 -8.52 85.47 -3.20
C TYR A 658 -8.99 84.44 -4.22
N GLN A 659 -9.00 84.80 -5.50
CA GLN A 659 -9.39 83.87 -6.55
C GLN A 659 -8.44 82.68 -6.62
N VAL A 660 -7.14 82.94 -6.46
CA VAL A 660 -6.16 81.86 -6.44
C VAL A 660 -6.40 80.94 -5.25
N GLN A 661 -6.69 81.53 -4.09
CA GLN A 661 -6.94 80.72 -2.89
C GLN A 661 -8.15 79.81 -3.07
N LYS A 662 -9.22 80.34 -3.68
CA LYS A 662 -10.43 79.55 -3.87
C LYS A 662 -10.18 78.35 -4.78
N ALA A 663 -9.31 78.51 -5.77
CA ALA A 663 -8.97 77.40 -6.65
C ALA A 663 -8.34 76.26 -5.87
N GLN A 664 -7.45 76.58 -4.93
CA GLN A 664 -6.89 75.55 -4.06
C GLN A 664 -7.98 74.90 -3.22
N GLN A 665 -8.95 75.70 -2.77
CA GLN A 665 -10.09 75.13 -2.04
C GLN A 665 -10.88 74.18 -2.92
N ASP A 666 -11.11 74.56 -4.18
CA ASP A 666 -11.81 73.66 -5.10
C ASP A 666 -11.02 72.39 -5.36
N GLN A 667 -9.70 72.52 -5.50
CA GLN A 667 -8.85 71.35 -5.69
C GLN A 667 -8.93 70.42 -4.48
N ASN A 668 -8.97 71.00 -3.27
CA ASN A 668 -9.07 70.19 -2.06
C ASN A 668 -10.37 69.40 -2.03
N MET A 669 -11.47 70.02 -2.43
CA MET A 669 -12.75 69.31 -2.47
C MET A 669 -12.71 68.17 -3.47
N ALA A 670 -12.08 68.40 -4.64
CA ALA A 670 -11.94 67.32 -5.61
C ALA A 670 -11.11 66.17 -5.05
N MET A 671 -10.02 66.49 -4.34
CA MET A 671 -9.25 65.45 -3.68
C MET A 671 -10.08 64.77 -2.60
N GLN A 672 -10.94 65.52 -1.92
CA GLN A 672 -11.85 64.91 -0.96
C GLN A 672 -12.81 63.96 -1.66
N GLU A 673 -13.27 64.32 -2.85
CA GLU A 673 -14.10 63.42 -3.64
C GLU A 673 -13.34 62.15 -4.02
N ASN A 674 -12.06 62.30 -4.39
CA ASN A 674 -11.27 61.15 -4.80
C ASN A 674 -11.15 60.13 -3.67
N ALA A 675 -10.92 60.60 -2.45
CA ALA A 675 -10.80 59.69 -1.32
C ALA A 675 -12.10 58.95 -1.06
N THR A 676 -13.23 59.64 -1.24
CA THR A 676 -14.52 58.99 -1.05
C THR A 676 -14.73 57.87 -2.06
N ALA A 677 -14.31 58.10 -3.30
CA ALA A 677 -14.47 57.07 -4.34
C ALA A 677 -13.70 55.81 -3.99
N MET A 678 -12.46 55.97 -3.50
CA MET A 678 -11.67 54.81 -3.10
C MET A 678 -12.30 54.09 -1.93
N SER A 679 -12.82 54.84 -0.96
CA SER A 679 -13.49 54.23 0.19
C SER A 679 -14.70 53.42 -0.25
N GLN A 680 -15.51 53.99 -1.14
CA GLN A 680 -16.69 53.29 -1.64
C GLN A 680 -16.29 52.04 -2.44
N ALA A 681 -15.23 52.14 -3.23
CA ALA A 681 -14.77 50.98 -3.98
C ALA A 681 -14.32 49.87 -3.06
N PHE A 682 -13.59 50.22 -1.99
CA PHE A 682 -13.11 49.20 -1.06
C PHE A 682 -14.27 48.62 -0.24
N ASP A 683 -15.29 49.42 0.03
CA ASP A 683 -16.43 48.93 0.80
C ASP A 683 -17.29 47.99 -0.06
N ALA A 684 -17.53 48.37 -1.31
CA ALA A 684 -18.42 47.58 -2.16
C ALA A 684 -17.85 46.20 -2.43
N ALA A 685 -16.52 46.11 -2.62
CA ALA A 685 -15.88 44.85 -2.92
C ALA A 685 -15.62 43.99 -1.67
N LYS A 686 -15.98 44.49 -0.49
CA LYS A 686 -15.77 43.77 0.76
C LYS A 686 -14.31 43.39 0.96
N ASN A 687 -13.41 44.30 0.60
CA ASN A 687 -11.99 44.06 0.79
C ASN A 687 -11.66 44.02 2.28
N ASP A 688 -10.74 43.14 2.65
CA ASP A 688 -10.38 42.93 4.06
C ASP A 688 -8.87 42.75 4.23
N ASP A 689 -8.06 43.31 3.33
CA ASP A 689 -6.62 43.10 3.41
C ASP A 689 -6.01 43.86 4.58
N SER A 690 -6.46 45.09 4.82
CA SER A 690 -5.98 45.91 5.92
C SER A 690 -7.12 46.17 6.89
N PHE A 691 -6.76 46.44 8.14
CA PHE A 691 -7.76 46.61 9.19
C PHE A 691 -7.21 47.50 10.30
N TYR A 692 -8.05 48.41 10.78
CA TYR A 692 -7.73 49.22 11.95
C TYR A 692 -9.00 49.81 12.52
N LEU A 693 -9.21 49.61 13.82
CA LEU A 693 -10.37 50.16 14.51
C LEU A 693 -9.92 51.28 15.43
N PRO A 694 -10.30 52.53 15.17
CA PRO A 694 -9.80 53.62 16.00
C PRO A 694 -10.32 53.51 17.41
N PRO A 695 -9.60 54.05 18.39
CA PRO A 695 -10.03 53.94 19.79
C PRO A 695 -11.39 54.56 20.06
N GLU A 696 -11.77 55.59 19.30
CA GLU A 696 -13.05 56.24 19.53
C GLU A 696 -14.22 55.28 19.29
N ALA A 697 -14.12 54.44 18.26
CA ALA A 697 -15.20 53.51 17.96
C ALA A 697 -15.43 52.52 19.09
N PHE A 698 -14.41 52.28 19.90
CA PHE A 698 -14.56 51.40 21.05
C PHE A 698 -15.54 51.97 22.07
N GLU A 699 -15.75 53.28 22.05
CA GLU A 699 -16.61 53.91 23.03
C GLU A 699 -18.08 53.87 22.60
N THR A 700 -18.34 53.66 21.31
CA THR A 700 -19.72 53.61 20.84
C THR A 700 -20.45 52.43 21.44
N ASP A 701 -21.74 52.64 21.74
CA ASP A 701 -22.53 51.59 22.39
C ASP A 701 -22.68 50.37 21.50
N ASP A 702 -22.55 50.54 20.18
CA ASP A 702 -22.66 49.41 19.28
C ASP A 702 -21.56 48.39 19.56
N PHE A 703 -20.34 48.85 19.78
CA PHE A 703 -19.27 47.93 20.12
C PHE A 703 -19.32 47.51 21.58
N GLN A 704 -19.92 48.33 22.45
CA GLN A 704 -20.11 47.92 23.82
C GLN A 704 -21.03 46.70 23.91
N ARG A 705 -22.11 46.72 23.14
CA ARG A 705 -22.98 45.55 23.06
C ARG A 705 -22.26 44.37 22.45
N GLY A 706 -21.49 44.61 21.39
CA GLY A 706 -20.77 43.52 20.75
C GLY A 706 -19.73 42.89 21.65
N MET A 707 -18.93 43.71 22.31
CA MET A 707 -17.85 43.18 23.14
C MET A 707 -18.36 42.42 24.36
N LYS A 708 -19.62 42.62 24.74
CA LYS A 708 -20.21 41.82 25.81
C LYS A 708 -20.71 40.47 25.33
N LEU A 709 -20.83 40.28 24.02
CA LEU A 709 -21.27 39.01 23.46
C LEU A 709 -20.10 38.13 23.02
N PHE A 710 -19.15 38.68 22.28
CA PHE A 710 -18.06 37.88 21.74
C PHE A 710 -16.81 37.90 22.61
N MET A 711 -16.81 38.63 23.72
CA MET A 711 -15.65 38.67 24.60
C MET A 711 -16.09 38.48 26.05
N SER A 712 -15.20 37.88 26.84
CA SER A 712 -15.48 37.58 28.23
C SER A 712 -15.61 38.87 29.04
N PRO A 713 -16.28 38.81 30.18
CA PRO A 713 -16.42 40.04 31.01
C PRO A 713 -15.09 40.67 31.39
N ASP A 714 -14.08 39.86 31.69
CA ASP A 714 -12.76 40.40 31.98
C ASP A 714 -11.98 40.71 30.70
N GLY A 715 -12.48 40.30 29.54
CA GLY A 715 -11.78 40.57 28.30
C GLY A 715 -10.55 39.74 28.08
N HIS A 716 -10.47 38.57 28.70
CA HIS A 716 -9.30 37.70 28.56
C HIS A 716 -9.42 36.70 27.42
N ALA A 717 -10.59 36.58 26.81
CA ALA A 717 -10.81 35.58 25.77
C ALA A 717 -11.86 36.09 24.80
N VAL A 718 -11.84 35.55 23.58
CA VAL A 718 -12.77 35.90 22.52
C VAL A 718 -13.22 34.62 21.82
N ARG A 719 -14.51 34.52 21.53
CA ARG A 719 -15.07 33.36 20.89
C ARG A 719 -15.26 33.62 19.39
N PHE A 720 -15.04 32.58 18.59
CA PHE A 720 -15.23 32.63 17.14
C PHE A 720 -16.32 31.66 16.76
N THR A 721 -17.23 32.09 15.90
CA THR A 721 -18.23 31.20 15.32
C THR A 721 -17.80 30.88 13.89
N ILE A 722 -17.63 29.60 13.60
CA ILE A 722 -17.11 29.14 12.31
C ILE A 722 -18.20 28.34 11.63
N ILE A 723 -18.47 28.66 10.37
CA ILE A 723 -19.52 28.02 9.59
C ILE A 723 -18.90 27.37 8.36
N HIS A 724 -19.21 26.09 8.15
CA HIS A 724 -18.58 25.31 7.09
C HIS A 724 -19.22 25.62 5.74
N GLN A 725 -18.70 24.96 4.71
CA GLN A 725 -19.29 24.97 3.37
C GLN A 725 -19.98 23.63 3.16
N GLY A 726 -21.25 23.67 2.78
CA GLY A 726 -22.01 22.45 2.60
C GLY A 726 -22.30 21.77 3.92
N ASP A 727 -22.59 20.48 3.83
CA ASP A 727 -22.91 19.69 5.00
C ASP A 727 -21.66 19.54 5.87
N PRO A 728 -21.71 19.98 7.14
CA PRO A 728 -20.52 19.89 8.00
C PRO A 728 -20.39 18.58 8.75
N LEU A 729 -21.32 17.63 8.58
CA LEU A 729 -21.28 16.36 9.30
C LEU A 729 -20.85 15.22 8.41
N THR A 730 -19.96 15.47 7.46
CA THR A 730 -19.38 14.44 6.61
C THR A 730 -17.98 14.11 7.11
N GLU A 731 -17.29 13.25 6.36
CA GLU A 731 -15.92 12.92 6.71
C GLU A 731 -15.00 14.13 6.57
N GLU A 732 -15.18 14.91 5.50
CA GLU A 732 -14.40 16.13 5.34
C GLU A 732 -14.75 17.14 6.44
N GLY A 733 -16.02 17.22 6.80
CA GLY A 733 -16.42 18.13 7.86
C GLY A 733 -15.72 17.83 9.17
N THR A 734 -15.54 16.55 9.49
CA THR A 734 -14.76 16.17 10.65
C THR A 734 -13.27 16.32 10.43
N ALA A 735 -12.80 16.26 9.19
CA ALA A 735 -11.37 16.40 8.92
C ALA A 735 -10.89 17.84 8.86
N ARG A 736 -11.82 18.80 8.80
CA ARG A 736 -11.43 20.20 8.74
C ARG A 736 -10.96 20.75 10.08
N MET A 737 -11.13 20.01 11.17
CA MET A 737 -10.80 20.55 12.49
C MET A 737 -9.31 20.80 12.65
N ASP A 738 -8.49 19.82 12.24
CA ASP A 738 -7.05 19.93 12.41
C ASP A 738 -6.49 21.11 11.63
N GLU A 739 -7.03 21.34 10.43
CA GLU A 739 -6.60 22.48 9.63
C GLU A 739 -6.89 23.79 10.35
N LEU A 740 -8.08 23.88 10.97
CA LEU A 740 -8.42 25.10 11.70
C LEU A 740 -7.50 25.33 12.89
N LYS A 741 -7.21 24.26 13.64
CA LYS A 741 -6.33 24.40 14.78
C LYS A 741 -4.92 24.81 14.35
N VAL A 742 -4.42 24.20 13.27
CA VAL A 742 -3.09 24.56 12.76
C VAL A 742 -3.08 26.01 12.29
N ALA A 743 -4.14 26.43 11.60
CA ALA A 743 -4.21 27.80 11.10
C ALA A 743 -4.21 28.80 12.25
N ALA A 744 -4.97 28.51 13.31
CA ALA A 744 -4.98 29.40 14.47
C ALA A 744 -3.60 29.46 15.12
N ALA A 745 -2.95 28.30 15.27
CA ALA A 745 -1.63 28.27 15.90
C ALA A 745 -0.61 29.05 15.07
N ASP A 746 -0.69 28.94 13.74
CA ASP A 746 0.23 29.67 12.89
C ASP A 746 -0.05 31.17 12.92
N ALA A 747 -1.33 31.54 12.99
CA ALA A 747 -1.68 32.96 13.04
C ALA A 747 -1.20 33.61 14.32
N ILE A 748 -1.30 32.89 15.44
CA ILE A 748 -0.85 33.44 16.72
C ILE A 748 0.65 33.68 16.69
N LYS A 749 1.39 32.81 16.01
CA LYS A 749 2.86 32.84 16.04
C LYS A 749 3.39 34.21 15.63
N GLY A 750 4.35 34.71 16.40
CA GLY A 750 5.00 35.97 16.12
C GLY A 750 4.33 37.20 16.71
N THR A 751 3.16 37.04 17.32
CA THR A 751 2.38 38.12 17.89
C THR A 751 2.45 38.11 19.41
N PRO A 752 2.02 39.18 20.08
CA PRO A 752 1.93 39.14 21.54
C PRO A 752 0.98 38.06 22.05
N PHE A 753 0.12 37.51 21.20
CA PHE A 753 -0.79 36.45 21.62
C PHE A 753 -0.06 35.15 21.90
N GLU A 754 1.23 35.05 21.58
CA GLU A 754 1.99 33.83 21.81
C GLU A 754 1.90 33.41 23.28
N GLY A 755 1.65 32.12 23.48
CA GLY A 755 1.39 31.59 24.80
C GLY A 755 -0.07 31.46 25.16
N ALA A 756 -0.97 31.70 24.22
CA ALA A 756 -2.40 31.58 24.48
C ALA A 756 -2.83 30.13 24.39
N ARG A 757 -4.08 29.87 24.79
CA ARG A 757 -4.67 28.55 24.75
C ARG A 757 -5.86 28.56 23.81
N ILE A 758 -5.93 27.55 22.93
CA ILE A 758 -6.95 27.49 21.89
C ILE A 758 -7.85 26.29 22.17
N TYR A 759 -9.16 26.54 22.17
CA TYR A 759 -10.16 25.50 22.34
C TYR A 759 -11.04 25.47 21.08
N LEU A 760 -11.24 24.28 20.54
CA LEU A 760 -12.11 24.09 19.39
C LEU A 760 -13.25 23.14 19.76
N GLY A 761 -14.48 23.55 19.46
CA GLY A 761 -15.64 22.76 19.82
C GLY A 761 -16.71 22.85 18.74
N GLY A 762 -17.79 22.11 18.96
CA GLY A 762 -18.87 22.05 18.00
C GLY A 762 -19.24 20.63 17.62
N SER A 763 -20.21 20.49 16.71
CA SER A 763 -20.65 19.15 16.31
C SER A 763 -19.55 18.40 15.59
N ALA A 764 -18.83 19.08 14.69
CA ALA A 764 -17.83 18.40 13.86
C ALA A 764 -16.71 17.80 14.71
N ALA A 765 -16.21 18.55 15.68
CA ALA A 765 -15.16 18.03 16.55
C ALA A 765 -15.67 16.85 17.36
N THR A 766 -16.91 16.95 17.83
CA THR A 766 -17.52 15.85 18.59
C THR A 766 -17.55 14.58 17.76
N TYR A 767 -17.99 14.69 16.50
CA TYR A 767 -18.09 13.49 15.67
C TYR A 767 -16.72 12.99 15.26
N ASN A 768 -15.73 13.88 15.13
CA ASN A 768 -14.36 13.44 14.90
C ASN A 768 -13.86 12.59 16.06
N ASP A 769 -14.10 13.05 17.28
CA ASP A 769 -13.73 12.27 18.46
C ASP A 769 -14.48 10.95 18.49
N MET A 770 -15.76 10.96 18.13
CA MET A 770 -16.54 9.73 18.08
C MET A 770 -15.93 8.75 17.10
N GLN A 771 -15.52 9.23 15.92
CA GLN A 771 -14.94 8.35 14.92
C GLN A 771 -13.63 7.74 15.40
N ILE A 772 -12.77 8.55 16.02
CA ILE A 772 -11.50 8.03 16.52
C ILE A 772 -11.76 6.96 17.60
N GLY A 773 -12.67 7.26 18.52
CA GLY A 773 -13.02 6.28 19.55
C GLY A 773 -13.60 5.02 18.94
N ALA A 774 -14.39 5.16 17.88
CA ALA A 774 -14.98 4.00 17.24
C ALA A 774 -13.91 3.10 16.63
N ASP A 775 -12.91 3.69 15.98
CA ASP A 775 -11.83 2.88 15.42
C ASP A 775 -11.07 2.15 16.52
N TYR A 776 -10.70 2.88 17.57
CA TYR A 776 -9.96 2.29 18.68
C TYR A 776 -10.74 1.14 19.31
N ASP A 777 -12.02 1.38 19.61
CA ASP A 777 -12.83 0.36 20.25
C ASP A 777 -13.09 -0.83 19.33
N LEU A 778 -13.20 -0.58 18.02
CA LEU A 778 -13.38 -1.68 17.09
C LEU A 778 -12.18 -2.62 17.12
N ILE A 779 -10.97 -2.05 17.07
CA ILE A 779 -9.78 -2.88 17.13
C ILE A 779 -9.72 -3.66 18.43
N ILE A 780 -10.00 -2.97 19.55
CA ILE A 780 -9.93 -3.62 20.86
C ILE A 780 -10.93 -4.77 20.94
N VAL A 781 -12.16 -4.52 20.50
CA VAL A 781 -13.21 -5.54 20.58
C VAL A 781 -12.84 -6.74 19.74
N ALA A 782 -12.36 -6.50 18.52
CA ALA A 782 -11.99 -7.61 17.65
C ALA A 782 -10.91 -8.47 18.30
N ALA A 783 -9.85 -7.83 18.81
CA ALA A 783 -8.75 -8.60 19.40
C ALA A 783 -9.22 -9.40 20.61
N SER A 784 -9.95 -8.74 21.53
CA SER A 784 -10.36 -9.41 22.76
C SER A 784 -11.32 -10.55 22.47
N ALA A 785 -12.26 -10.33 21.55
CA ALA A 785 -13.21 -11.38 21.19
C ALA A 785 -12.48 -12.58 20.59
N LEU A 786 -11.54 -12.32 19.68
CA LEU A 786 -10.79 -13.42 19.08
C LEU A 786 -10.06 -14.23 20.14
N ILE A 787 -9.36 -13.54 21.05
CA ILE A 787 -8.59 -14.24 22.07
C ILE A 787 -9.51 -15.07 22.95
N LEU A 788 -10.60 -14.48 23.44
CA LEU A 788 -11.47 -15.17 24.38
C LEU A 788 -12.13 -16.38 23.72
N ILE A 789 -12.62 -16.21 22.50
CA ILE A 789 -13.28 -17.31 21.80
C ILE A 789 -12.29 -18.43 21.51
N PHE A 790 -11.08 -18.07 21.10
CA PHE A 790 -10.07 -19.08 20.86
C PHE A 790 -9.78 -19.88 22.13
N ILE A 791 -9.67 -19.17 23.25
CA ILE A 791 -9.39 -19.85 24.52
C ILE A 791 -10.51 -20.82 24.87
N ILE A 792 -11.75 -20.37 24.72
CA ILE A 792 -12.90 -21.21 25.08
C ILE A 792 -12.94 -22.45 24.19
N MET A 793 -12.74 -22.26 22.88
CA MET A 793 -12.79 -23.38 21.96
C MET A 793 -11.67 -24.37 22.23
N MET A 794 -10.47 -23.87 22.50
CA MET A 794 -9.35 -24.75 22.80
C MET A 794 -9.61 -25.53 24.08
N VAL A 795 -10.18 -24.88 25.09
CA VAL A 795 -10.49 -25.58 26.34
C VAL A 795 -11.52 -26.68 26.09
N LEU A 796 -12.57 -26.36 25.34
CA LEU A 796 -13.67 -27.32 25.19
C LEU A 796 -13.28 -28.50 24.31
N THR A 797 -12.64 -28.22 23.18
CA THR A 797 -12.28 -29.29 22.26
C THR A 797 -10.92 -29.90 22.56
N ARG A 798 -10.18 -29.35 23.51
CA ARG A 798 -8.90 -29.91 23.94
C ARG A 798 -7.88 -29.97 22.80
N ALA A 799 -8.10 -29.22 21.74
CA ALA A 799 -7.21 -29.22 20.59
C ALA A 799 -6.97 -27.79 20.12
N VAL A 800 -5.69 -27.45 19.90
CA VAL A 800 -5.34 -26.10 19.47
C VAL A 800 -5.76 -25.88 18.01
N VAL A 801 -5.46 -26.84 17.15
CA VAL A 801 -5.64 -26.65 15.71
C VAL A 801 -7.11 -26.47 15.38
N ALA A 802 -7.99 -27.19 16.08
CA ALA A 802 -9.43 -27.05 15.84
C ALA A 802 -9.89 -25.63 16.14
N ALA A 803 -9.45 -25.08 17.26
CA ALA A 803 -9.83 -23.71 17.63
C ALA A 803 -9.30 -22.72 16.61
N ALA A 804 -8.05 -22.90 16.19
CA ALA A 804 -7.46 -22.00 15.19
C ALA A 804 -8.25 -22.04 13.88
N VAL A 805 -8.62 -23.25 13.45
CA VAL A 805 -9.40 -23.38 12.21
C VAL A 805 -10.75 -22.70 12.35
N ILE A 806 -11.42 -22.91 13.48
CA ILE A 806 -12.73 -22.29 13.69
C ILE A 806 -12.62 -20.78 13.61
N VAL A 807 -11.63 -20.22 14.31
CA VAL A 807 -11.47 -18.76 14.34
C VAL A 807 -11.19 -18.23 12.95
N GLY A 808 -10.29 -18.89 12.21
CA GLY A 808 -9.94 -18.43 10.87
C GLY A 808 -11.13 -18.45 9.94
N THR A 809 -11.90 -19.55 9.96
CA THR A 809 -13.07 -19.65 9.10
C THR A 809 -14.09 -18.57 9.45
N VAL A 810 -14.29 -18.32 10.74
CA VAL A 810 -15.26 -17.30 11.15
C VAL A 810 -14.83 -15.92 10.66
N VAL A 811 -13.54 -15.60 10.78
CA VAL A 811 -13.05 -14.29 10.32
C VAL A 811 -13.22 -14.16 8.81
N LEU A 812 -12.88 -15.22 8.08
CA LEU A 812 -13.00 -15.17 6.62
C LEU A 812 -14.46 -14.98 6.20
N SER A 813 -15.39 -15.63 6.91
CA SER A 813 -16.80 -15.39 6.64
C SER A 813 -17.20 -13.97 7.00
N LEU A 814 -16.62 -13.43 8.08
CA LEU A 814 -16.96 -12.08 8.53
C LEU A 814 -16.62 -11.05 7.46
N ALA A 815 -15.50 -11.23 6.79
CA ALA A 815 -15.13 -10.30 5.72
C ALA A 815 -16.19 -10.25 4.63
N SER A 816 -16.66 -11.42 4.18
CA SER A 816 -17.67 -11.47 3.14
C SER A 816 -18.99 -10.91 3.63
N ALA A 817 -19.31 -11.14 4.91
CA ALA A 817 -20.53 -10.58 5.48
C ALA A 817 -20.50 -9.06 5.43
N PHE A 818 -19.36 -8.49 5.81
CA PHE A 818 -19.17 -7.04 5.72
C PHE A 818 -19.37 -6.56 4.30
N GLY A 819 -18.77 -7.26 3.34
CA GLY A 819 -18.92 -6.88 1.94
C GLY A 819 -20.37 -6.89 1.49
N LEU A 820 -21.10 -7.95 1.85
CA LEU A 820 -22.50 -8.08 1.43
C LEU A 820 -23.34 -6.97 2.03
N SER A 821 -23.15 -6.68 3.32
CA SER A 821 -23.93 -5.63 3.96
C SER A 821 -23.62 -4.27 3.32
N VAL A 822 -22.34 -4.01 3.07
CA VAL A 822 -21.94 -2.73 2.46
C VAL A 822 -22.60 -2.57 1.11
N LEU A 823 -22.54 -3.61 0.27
CA LEU A 823 -23.23 -3.53 -1.01
C LEU A 823 -24.72 -3.25 -0.81
N LEU A 824 -25.41 -4.12 -0.09
CA LEU A 824 -26.87 -4.06 0.01
C LEU A 824 -27.34 -2.69 0.49
N TRP A 825 -26.65 -2.11 1.46
CA TRP A 825 -27.09 -0.80 1.92
C TRP A 825 -26.59 0.32 1.01
N GLN A 826 -25.26 0.48 0.93
CA GLN A 826 -24.70 1.67 0.30
C GLN A 826 -25.09 1.79 -1.16
N HIS A 827 -25.04 0.70 -1.91
CA HIS A 827 -25.27 0.83 -3.35
C HIS A 827 -26.74 0.71 -3.69
N ILE A 828 -27.43 -0.26 -3.10
CA ILE A 828 -28.84 -0.48 -3.42
C ILE A 828 -29.71 0.57 -2.73
N VAL A 829 -29.68 0.58 -1.39
CA VAL A 829 -30.55 1.50 -0.66
C VAL A 829 -30.06 2.94 -0.83
N GLY A 830 -28.75 3.15 -0.81
CA GLY A 830 -28.15 4.45 -0.96
C GLY A 830 -27.71 5.09 0.33
N ILE A 831 -28.21 4.63 1.47
CA ILE A 831 -27.83 5.18 2.77
C ILE A 831 -26.57 4.48 3.25
N PRO A 832 -25.47 5.20 3.47
CA PRO A 832 -24.26 4.56 3.97
C PRO A 832 -24.44 4.09 5.41
N LEU A 833 -23.62 3.11 5.77
CA LEU A 833 -23.71 2.51 7.09
C LEU A 833 -23.37 3.52 8.19
N HIS A 834 -24.12 3.47 9.29
CA HIS A 834 -23.82 4.32 10.43
C HIS A 834 -22.52 3.88 11.07
N TRP A 835 -21.81 4.84 11.67
CA TRP A 835 -20.45 4.58 12.12
C TRP A 835 -20.38 3.61 13.29
N MET A 836 -21.50 3.33 13.95
CA MET A 836 -21.51 2.44 15.10
C MET A 836 -21.99 1.04 14.78
N VAL A 837 -22.34 0.76 13.53
CA VAL A 837 -22.86 -0.55 13.17
C VAL A 837 -21.77 -1.61 13.24
N LEU A 838 -20.55 -1.25 12.83
CA LEU A 838 -19.53 -2.26 12.54
C LEU A 838 -19.16 -3.13 13.73
N PRO A 839 -18.76 -2.58 14.89
CA PRO A 839 -18.39 -3.47 16.00
C PRO A 839 -19.54 -4.30 16.53
N MET A 840 -20.74 -3.71 16.57
CA MET A 840 -21.91 -4.44 17.04
C MET A 840 -22.20 -5.64 16.15
N SER A 841 -22.08 -5.47 14.84
CA SER A 841 -22.24 -6.62 13.95
C SER A 841 -21.11 -7.62 14.13
N VAL A 842 -19.88 -7.13 14.25
CA VAL A 842 -18.70 -8.01 14.25
C VAL A 842 -18.75 -8.96 15.43
N ILE A 843 -19.04 -8.42 16.62
CA ILE A 843 -18.97 -9.24 17.83
C ILE A 843 -19.96 -10.40 17.76
N VAL A 844 -21.20 -10.10 17.37
CA VAL A 844 -22.23 -11.11 17.33
C VAL A 844 -21.93 -12.14 16.24
N LEU A 845 -21.47 -11.67 15.08
CA LEU A 845 -21.13 -12.61 14.00
C LEU A 845 -20.05 -13.58 14.45
N LEU A 846 -18.99 -13.05 15.07
CA LEU A 846 -17.93 -13.93 15.55
C LEU A 846 -18.47 -14.96 16.53
N ALA A 847 -19.26 -14.51 17.51
CA ALA A 847 -19.75 -15.41 18.53
C ALA A 847 -20.59 -16.53 17.93
N VAL A 848 -21.54 -16.18 17.07
CA VAL A 848 -22.48 -17.18 16.57
C VAL A 848 -21.77 -18.15 15.61
N GLY A 849 -20.92 -17.63 14.72
CA GLY A 849 -20.19 -18.52 13.84
C GLY A 849 -19.31 -19.49 14.60
N ALA A 850 -18.63 -18.99 15.64
CA ALA A 850 -17.82 -19.87 16.46
C ALA A 850 -18.67 -20.94 17.12
N ASP A 851 -19.86 -20.58 17.61
CA ASP A 851 -20.72 -21.57 18.25
C ASP A 851 -21.15 -22.66 17.28
N TYR A 852 -21.53 -22.28 16.06
CA TYR A 852 -21.95 -23.29 15.08
C TYR A 852 -20.80 -24.22 14.72
N ASN A 853 -19.62 -23.66 14.46
CA ASN A 853 -18.48 -24.50 14.15
C ASN A 853 -18.12 -25.40 15.32
N LEU A 854 -18.29 -24.88 16.55
CA LEU A 854 -18.01 -25.69 17.74
C LEU A 854 -18.94 -26.88 17.81
N LEU A 855 -20.22 -26.67 17.52
CA LEU A 855 -21.17 -27.78 17.53
C LEU A 855 -20.78 -28.84 16.51
N LEU A 856 -20.46 -28.40 15.29
CA LEU A 856 -20.08 -29.36 14.26
C LEU A 856 -18.83 -30.14 14.65
N VAL A 857 -17.82 -29.45 15.20
CA VAL A 857 -16.56 -30.09 15.56
C VAL A 857 -16.77 -31.06 16.71
N SER A 858 -17.63 -30.69 17.67
CA SER A 858 -17.91 -31.59 18.78
C SER A 858 -18.56 -32.88 18.30
N ARG A 859 -19.52 -32.77 17.39
CA ARG A 859 -20.11 -33.99 16.84
C ARG A 859 -19.07 -34.80 16.07
N MET A 860 -18.20 -34.14 15.32
CA MET A 860 -17.14 -34.84 14.60
C MET A 860 -16.25 -35.62 15.56
N LYS A 861 -15.85 -34.98 16.67
CA LYS A 861 -15.02 -35.67 17.64
C LYS A 861 -15.76 -36.85 18.26
N GLU A 862 -17.06 -36.70 18.47
CA GLU A 862 -17.84 -37.81 19.03
C GLU A 862 -17.86 -39.00 18.08
N GLU A 863 -17.96 -38.74 16.77
CA GLU A 863 -18.15 -39.82 15.80
C GLU A 863 -16.87 -40.28 15.13
N ILE A 864 -15.70 -39.83 15.58
CA ILE A 864 -14.48 -40.06 14.83
C ILE A 864 -13.83 -41.41 15.10
N HIS A 865 -14.31 -42.16 16.09
CA HIS A 865 -13.66 -43.43 16.42
C HIS A 865 -13.80 -44.44 15.29
N ALA A 866 -14.73 -44.22 14.37
CA ALA A 866 -14.92 -45.11 13.23
C ALA A 866 -14.21 -44.61 11.97
N GLY A 867 -13.11 -43.90 12.12
CA GLY A 867 -12.42 -43.34 10.97
C GLY A 867 -12.76 -41.87 10.79
N ILE A 868 -11.81 -41.13 10.21
CA ILE A 868 -11.99 -39.69 10.05
C ILE A 868 -13.12 -39.39 9.08
N ARG A 869 -13.10 -40.04 7.91
CA ARG A 869 -14.03 -39.68 6.85
C ARG A 869 -15.45 -40.13 7.16
N THR A 870 -15.61 -41.36 7.64
CA THR A 870 -16.93 -41.83 8.05
C THR A 870 -17.46 -41.01 9.20
N GLY A 871 -16.58 -40.65 10.14
CA GLY A 871 -17.01 -39.80 11.24
C GLY A 871 -17.50 -38.45 10.77
N ILE A 872 -16.78 -37.84 9.83
CA ILE A 872 -17.18 -36.55 9.28
C ILE A 872 -18.54 -36.67 8.60
N ILE A 873 -18.72 -37.71 7.79
CA ILE A 873 -19.96 -37.89 7.05
C ILE A 873 -21.13 -38.06 8.02
N ARG A 874 -20.95 -38.91 9.03
CA ARG A 874 -22.03 -39.14 9.98
C ARG A 874 -22.34 -37.88 10.79
N ALA A 875 -21.30 -37.15 11.21
CA ALA A 875 -21.52 -35.93 11.97
C ALA A 875 -22.30 -34.91 11.14
N MET A 876 -21.95 -34.77 9.85
CA MET A 876 -22.69 -33.86 8.99
C MET A 876 -24.14 -34.32 8.85
N VAL A 877 -24.35 -35.59 8.49
CA VAL A 877 -25.71 -36.08 8.28
C VAL A 877 -26.56 -35.91 9.53
N GLY A 878 -25.93 -35.99 10.71
CA GLY A 878 -26.64 -35.75 11.94
C GLY A 878 -26.97 -34.29 12.20
N THR A 879 -25.93 -33.46 12.29
CA THR A 879 -26.13 -32.09 12.79
C THR A 879 -26.75 -31.18 11.74
N GLY A 880 -26.42 -31.39 10.46
CA GLY A 880 -26.77 -30.47 9.39
C GLY A 880 -28.15 -29.84 9.44
N ALA A 881 -29.20 -30.65 9.56
CA ALA A 881 -30.55 -30.11 9.55
C ALA A 881 -30.79 -29.19 10.74
N VAL A 882 -30.38 -29.63 11.93
CA VAL A 882 -30.61 -28.83 13.13
C VAL A 882 -29.83 -27.53 13.06
N VAL A 883 -28.56 -27.60 12.67
CA VAL A 883 -27.74 -26.39 12.61
C VAL A 883 -28.29 -25.43 11.56
N THR A 884 -28.75 -25.96 10.42
CA THR A 884 -29.32 -25.13 9.38
C THR A 884 -30.57 -24.42 9.87
N ALA A 885 -31.46 -25.17 10.55
CA ALA A 885 -32.68 -24.56 11.06
C ALA A 885 -32.37 -23.46 12.07
N ALA A 886 -31.43 -23.73 12.98
CA ALA A 886 -31.07 -22.73 13.99
C ALA A 886 -30.45 -21.50 13.33
N GLY A 887 -29.58 -21.70 12.35
CA GLY A 887 -28.95 -20.57 11.69
C GLY A 887 -29.95 -19.72 10.93
N LEU A 888 -30.88 -20.37 10.23
CA LEU A 888 -31.90 -19.62 9.50
C LEU A 888 -32.79 -18.84 10.47
N VAL A 889 -33.15 -19.46 11.59
CA VAL A 889 -33.99 -18.78 12.57
C VAL A 889 -33.27 -17.55 13.11
N PHE A 890 -32.00 -17.72 13.47
CA PHE A 890 -31.23 -16.59 14.00
C PHE A 890 -31.11 -15.48 12.96
N ALA A 891 -30.81 -15.86 11.72
CA ALA A 891 -30.61 -14.87 10.66
C ALA A 891 -31.90 -14.09 10.40
N PHE A 892 -33.03 -14.79 10.36
CA PHE A 892 -34.29 -14.10 10.08
C PHE A 892 -34.78 -13.31 11.28
N THR A 893 -34.38 -13.70 12.49
CA THR A 893 -34.67 -12.89 13.67
C THR A 893 -33.88 -11.59 13.62
N MET A 894 -32.59 -11.67 13.27
CA MET A 894 -31.78 -10.45 13.16
C MET A 894 -32.27 -9.56 12.03
N ALA A 895 -32.58 -10.16 10.87
CA ALA A 895 -33.00 -9.36 9.72
C ALA A 895 -34.35 -8.70 9.95
N SER A 896 -35.13 -9.20 10.90
CA SER A 896 -36.44 -8.62 11.18
C SER A 896 -36.36 -7.29 11.93
N MET A 897 -35.19 -6.88 12.38
CA MET A 897 -35.04 -5.58 13.04
C MET A 897 -35.14 -4.42 12.08
N ALA A 898 -35.16 -4.67 10.77
CA ALA A 898 -35.26 -3.59 9.80
C ALA A 898 -36.60 -2.88 9.85
N VAL A 899 -37.59 -3.43 10.55
CA VAL A 899 -38.88 -2.77 10.67
C VAL A 899 -38.81 -1.57 11.62
N SER A 900 -37.68 -1.39 12.30
CA SER A 900 -37.52 -0.25 13.18
C SER A 900 -37.51 1.04 12.38
N SER A 901 -38.14 2.08 12.94
CA SER A 901 -38.10 3.39 12.31
C SER A 901 -36.66 3.90 12.24
N LEU A 902 -35.91 3.72 13.32
CA LEU A 902 -34.49 4.03 13.30
C LEU A 902 -33.77 3.07 12.35
N ILE A 903 -32.87 3.61 11.53
CA ILE A 903 -32.31 2.81 10.46
C ILE A 903 -30.96 2.21 10.85
N THR A 904 -30.29 2.76 11.86
CA THR A 904 -29.05 2.16 12.34
C THR A 904 -29.31 0.76 12.88
N ILE A 905 -30.39 0.60 13.65
CA ILE A 905 -30.74 -0.69 14.20
C ILE A 905 -31.04 -1.68 13.07
N GLY A 906 -31.79 -1.23 12.07
CA GLY A 906 -32.05 -2.09 10.92
C GLY A 906 -30.79 -2.51 10.20
N GLN A 907 -29.84 -1.59 10.06
CA GLN A 907 -28.57 -1.92 9.42
C GLN A 907 -27.83 -2.99 10.21
N VAL A 908 -27.78 -2.82 11.54
CA VAL A 908 -27.10 -3.81 12.39
C VAL A 908 -27.76 -5.18 12.24
N GLY A 909 -29.09 -5.20 12.34
CA GLY A 909 -29.79 -6.46 12.26
C GLY A 909 -29.62 -7.16 10.93
N THR A 910 -29.72 -6.41 9.84
CA THR A 910 -29.57 -7.01 8.52
C THR A 910 -28.14 -7.48 8.28
N THR A 911 -27.15 -6.73 8.78
CA THR A 911 -25.76 -7.16 8.64
C THR A 911 -25.53 -8.48 9.37
N ILE A 912 -26.04 -8.59 10.60
CA ILE A 912 -25.88 -9.83 11.34
C ILE A 912 -26.60 -10.97 10.65
N GLY A 913 -27.79 -10.70 10.11
CA GLY A 913 -28.54 -11.73 9.41
C GLY A 913 -27.81 -12.23 8.18
N LEU A 914 -27.25 -11.31 7.39
CA LEU A 914 -26.49 -11.71 6.21
C LEU A 914 -25.25 -12.52 6.61
N GLY A 915 -24.57 -12.09 7.66
CA GLY A 915 -23.41 -12.83 8.13
C GLY A 915 -23.77 -14.24 8.54
N LEU A 916 -24.86 -14.39 9.28
CA LEU A 916 -25.27 -15.73 9.72
C LEU A 916 -25.69 -16.60 8.54
N LEU A 917 -26.40 -16.01 7.58
CA LEU A 917 -26.80 -16.76 6.40
C LEU A 917 -25.58 -17.29 5.66
N PHE A 918 -24.62 -16.41 5.37
CA PHE A 918 -23.42 -16.82 4.65
C PHE A 918 -22.65 -17.87 5.44
N ASP A 919 -22.50 -17.66 6.75
CA ASP A 919 -21.78 -18.62 7.58
C ASP A 919 -22.43 -19.99 7.52
N THR A 920 -23.73 -20.05 7.78
CA THR A 920 -24.43 -21.33 7.83
C THR A 920 -24.39 -22.02 6.47
N LEU A 921 -24.53 -21.28 5.38
CA LEU A 921 -24.59 -21.89 4.06
C LEU A 921 -23.22 -22.22 3.47
N VAL A 922 -22.13 -21.67 4.00
CA VAL A 922 -20.83 -21.93 3.39
C VAL A 922 -19.85 -22.51 4.38
N VAL A 923 -19.59 -21.81 5.48
CA VAL A 923 -18.48 -22.18 6.36
C VAL A 923 -18.75 -23.53 7.01
N ARG A 924 -19.94 -23.68 7.57
CA ARG A 924 -20.30 -24.95 8.20
C ARG A 924 -20.41 -26.07 7.17
N SER A 925 -21.03 -25.79 6.02
CA SER A 925 -21.31 -26.84 5.06
C SER A 925 -20.04 -27.37 4.42
N LEU A 926 -19.14 -26.48 4.00
CA LEU A 926 -18.01 -26.85 3.18
C LEU A 926 -16.66 -26.61 3.83
N MET A 927 -16.41 -25.40 4.33
CA MET A 927 -15.06 -25.00 4.69
C MET A 927 -14.52 -25.83 5.85
N THR A 928 -15.27 -25.92 6.94
CA THR A 928 -14.79 -26.66 8.11
C THR A 928 -14.59 -28.14 7.82
N PRO A 929 -15.55 -28.87 7.23
CA PRO A 929 -15.28 -30.27 6.92
C PRO A 929 -14.15 -30.47 5.92
N SER A 930 -14.02 -29.58 4.94
CA SER A 930 -12.93 -29.70 3.97
C SER A 930 -11.58 -29.53 4.65
N ILE A 931 -11.47 -28.53 5.52
CA ILE A 931 -10.22 -28.33 6.25
C ILE A 931 -9.93 -29.53 7.15
N ALA A 932 -10.97 -30.07 7.78
CA ALA A 932 -10.79 -31.24 8.62
C ALA A 932 -10.28 -32.43 7.80
N THR A 933 -10.84 -32.63 6.61
CA THR A 933 -10.37 -33.71 5.74
C THR A 933 -8.92 -33.50 5.33
N LEU A 934 -8.57 -32.26 4.99
CA LEU A 934 -7.20 -31.98 4.53
C LEU A 934 -6.19 -32.19 5.66
N LEU A 935 -6.46 -31.63 6.84
CA LEU A 935 -5.51 -31.72 7.94
C LEU A 935 -5.40 -33.14 8.47
N GLY A 936 -6.48 -33.90 8.44
CA GLY A 936 -6.42 -35.26 8.91
C GLY A 936 -6.14 -35.34 10.40
N ARG A 937 -5.11 -36.11 10.76
CA ARG A 937 -4.78 -36.30 12.17
C ARG A 937 -4.32 -34.99 12.81
N TRP A 938 -3.73 -34.09 12.03
CA TRP A 938 -3.26 -32.83 12.59
C TRP A 938 -4.40 -31.96 13.10
N PHE A 939 -5.63 -32.19 12.65
CA PHE A 939 -6.75 -31.35 13.05
C PHE A 939 -7.03 -31.47 14.54
N TRP A 940 -6.65 -32.57 15.16
CA TRP A 940 -6.91 -32.80 16.58
C TRP A 940 -5.66 -32.74 17.43
N TRP A 941 -4.59 -32.13 16.95
CA TRP A 941 -3.37 -32.01 17.73
C TRP A 941 -3.67 -31.23 19.00
N PRO A 942 -3.07 -31.59 20.15
CA PRO A 942 -2.10 -32.65 20.38
C PRO A 942 -2.70 -34.03 20.61
N GLN A 943 -4.03 -34.18 20.56
CA GLN A 943 -4.62 -35.50 20.72
C GLN A 943 -4.21 -36.40 19.57
N ARG A 944 -3.95 -37.67 19.88
CA ARG A 944 -3.55 -38.63 18.86
C ARG A 944 -4.78 -39.30 18.27
N VAL A 945 -4.92 -39.22 16.95
CA VAL A 945 -6.07 -39.74 16.24
C VAL A 945 -5.59 -40.59 15.07
N ARG A 946 -6.18 -41.77 14.92
CA ARG A 946 -5.91 -42.61 13.76
C ARG A 946 -6.67 -42.10 12.54
N GLU A 947 -5.97 -41.99 11.41
CA GLU A 947 -6.63 -41.58 10.18
C GLU A 947 -7.68 -42.59 9.76
N ARG A 948 -7.35 -43.87 9.86
CA ARG A 948 -8.30 -44.96 9.64
C ARG A 948 -8.07 -46.04 10.69
N PRO A 949 -9.12 -46.74 11.10
CA PRO A 949 -8.94 -47.81 12.10
C PRO A 949 -8.22 -49.00 11.51
N VAL A 950 -8.03 -50.00 12.36
CA VAL A 950 -7.42 -51.26 11.94
C VAL A 950 -8.34 -51.93 10.93
N PRO A 951 -7.85 -52.27 9.74
CA PRO A 951 -8.74 -52.86 8.73
C PRO A 951 -9.32 -54.19 9.17
N SER A 952 -10.63 -54.21 9.42
CA SER A 952 -11.29 -55.39 9.92
C SER A 952 -11.48 -56.42 8.80
N LYS A 953 -11.58 -57.68 9.20
CA LYS A 953 -11.92 -58.74 8.27
C LYS A 953 -13.40 -58.66 7.90
N TRP A 954 -13.73 -59.22 6.74
CA TRP A 954 -15.12 -59.18 6.28
C TRP A 954 -16.00 -59.98 7.24
N PRO A 955 -17.20 -59.50 7.53
CA PRO A 955 -18.05 -60.18 8.52
C PRO A 955 -18.46 -61.57 8.05
N THR A 956 -18.60 -62.48 9.01
CA THR A 956 -19.04 -63.83 8.71
C THR A 956 -20.55 -63.91 8.77
N PRO A 957 -21.24 -64.24 7.67
CA PRO A 957 -22.70 -64.35 7.63
C PRO A 957 -23.22 -65.62 8.29
N ALA B 3 -11.17 -63.72 0.43
CA ALA B 3 -12.43 -63.76 1.19
C ALA B 3 -13.55 -64.37 0.34
N THR B 4 -14.46 -65.07 1.01
CA THR B 4 -15.58 -65.68 0.31
C THR B 4 -16.56 -64.61 -0.16
N GLN B 5 -17.36 -64.98 -1.16
CA GLN B 5 -18.33 -64.05 -1.72
C GLN B 5 -19.38 -63.65 -0.68
N GLU B 6 -19.76 -64.60 0.18
CA GLU B 6 -20.83 -64.35 1.16
C GLU B 6 -20.43 -63.24 2.13
N GLU B 7 -19.20 -63.29 2.64
CA GLU B 7 -18.75 -62.28 3.58
C GLU B 7 -18.73 -60.90 2.94
N ILE B 8 -18.19 -60.81 1.72
CA ILE B 8 -18.13 -59.53 1.02
C ILE B 8 -19.52 -58.99 0.78
N ILE B 9 -20.44 -59.86 0.36
CA ILE B 9 -21.81 -59.42 0.10
C ILE B 9 -22.47 -58.95 1.38
N ALA B 10 -22.22 -59.63 2.50
CA ALA B 10 -22.79 -59.21 3.77
C ALA B 10 -22.28 -57.83 4.17
N GLY B 11 -20.97 -57.61 4.05
CA GLY B 11 -20.41 -56.31 4.39
C GLY B 11 -20.96 -55.21 3.50
N LEU B 12 -21.04 -55.48 2.19
CA LEU B 12 -21.59 -54.49 1.26
C LEU B 12 -23.06 -54.23 1.57
N ALA B 13 -23.80 -55.26 1.96
CA ALA B 13 -25.20 -55.08 2.30
C ALA B 13 -25.35 -54.17 3.52
N GLU B 14 -24.52 -54.38 4.54
CA GLU B 14 -24.56 -53.51 5.71
C GLU B 14 -24.23 -52.07 5.33
N ILE B 15 -23.19 -51.89 4.50
CA ILE B 15 -22.78 -50.54 4.11
C ILE B 15 -23.89 -49.86 3.32
N ILE B 16 -24.50 -50.59 2.37
CA ILE B 16 -25.56 -50.03 1.55
C ILE B 16 -26.77 -49.66 2.40
N GLU B 17 -27.12 -50.54 3.34
CA GLU B 17 -28.24 -50.26 4.23
C GLU B 17 -27.99 -48.98 5.03
N GLU B 18 -26.75 -48.80 5.51
CA GLU B 18 -26.42 -47.57 6.21
C GLU B 18 -26.51 -46.37 5.29
N VAL B 19 -26.06 -46.52 4.04
CA VAL B 19 -25.98 -45.37 3.14
C VAL B 19 -27.35 -45.03 2.58
N THR B 20 -28.00 -45.98 1.90
CA THR B 20 -29.23 -45.71 1.19
C THR B 20 -30.47 -46.14 1.96
N GLY B 21 -30.49 -47.36 2.48
CA GLY B 21 -31.65 -47.84 3.21
C GLY B 21 -32.17 -49.15 2.67
N ILE B 22 -31.46 -49.72 1.69
CA ILE B 22 -31.88 -50.99 1.11
C ILE B 22 -31.55 -52.12 2.07
N GLU B 23 -32.56 -52.93 2.37
CA GLU B 23 -32.37 -54.00 3.34
C GLU B 23 -31.39 -55.04 2.79
N PRO B 24 -30.65 -55.73 3.66
CA PRO B 24 -29.65 -56.70 3.16
C PRO B 24 -30.24 -57.81 2.31
N SER B 25 -31.46 -58.26 2.61
CA SER B 25 -32.05 -59.36 1.86
C SER B 25 -32.23 -59.00 0.39
N GLU B 26 -32.61 -57.75 0.10
CA GLU B 26 -32.80 -57.34 -1.28
C GLU B 26 -31.47 -57.30 -2.03
N VAL B 27 -30.36 -57.15 -1.31
CA VAL B 27 -29.06 -57.06 -1.95
C VAL B 27 -28.58 -58.46 -2.30
N THR B 28 -28.52 -58.76 -3.59
CA THR B 28 -28.01 -60.01 -4.12
C THR B 28 -26.98 -59.70 -5.20
N PRO B 29 -26.03 -60.62 -5.43
CA PRO B 29 -24.90 -60.29 -6.32
C PRO B 29 -25.29 -59.91 -7.74
N GLU B 30 -26.45 -60.36 -8.22
CA GLU B 30 -26.85 -60.03 -9.59
C GLU B 30 -27.57 -58.69 -9.68
N LYS B 31 -27.90 -58.07 -8.56
CA LYS B 31 -28.61 -56.79 -8.58
C LYS B 31 -27.73 -55.69 -9.17
N SER B 32 -28.35 -54.78 -9.90
CA SER B 32 -27.67 -53.63 -10.47
C SER B 32 -27.91 -52.41 -9.60
N PHE B 33 -26.86 -51.64 -9.33
CA PHE B 33 -27.00 -50.44 -8.51
C PHE B 33 -27.92 -49.43 -9.17
N VAL B 34 -27.77 -49.23 -10.48
CA VAL B 34 -28.44 -48.13 -11.16
C VAL B 34 -29.94 -48.39 -11.24
N ASP B 35 -30.34 -49.62 -11.52
CA ASP B 35 -31.74 -49.89 -11.82
C ASP B 35 -32.39 -50.74 -10.72
N ASP B 36 -31.81 -51.90 -10.44
CA ASP B 36 -32.37 -52.83 -9.47
C ASP B 36 -32.38 -52.21 -8.07
N LEU B 37 -31.30 -51.51 -7.71
CA LEU B 37 -31.19 -50.87 -6.41
C LEU B 37 -31.35 -49.36 -6.47
N ASP B 38 -31.28 -48.77 -7.67
CA ASP B 38 -31.49 -47.33 -7.86
C ASP B 38 -30.54 -46.51 -7.00
N ILE B 39 -29.25 -46.75 -7.17
CA ILE B 39 -28.21 -46.08 -6.41
C ILE B 39 -27.42 -45.18 -7.35
N ASP B 40 -27.39 -43.89 -7.04
CA ASP B 40 -26.67 -42.91 -7.85
C ASP B 40 -25.17 -43.03 -7.63
N SER B 41 -24.42 -42.24 -8.40
CA SER B 41 -22.97 -42.30 -8.33
C SER B 41 -22.44 -41.80 -6.99
N LEU B 42 -23.06 -40.74 -6.45
CA LEU B 42 -22.60 -40.21 -5.17
C LEU B 42 -22.78 -41.22 -4.05
N SER B 43 -23.91 -41.92 -4.02
CA SER B 43 -24.07 -43.00 -3.05
C SER B 43 -23.01 -44.07 -3.25
N MET B 44 -22.63 -44.30 -4.51
CA MET B 44 -21.61 -45.30 -4.79
C MET B 44 -20.25 -44.89 -4.23
N VAL B 45 -19.90 -43.60 -4.37
CA VAL B 45 -18.63 -43.16 -3.79
C VAL B 45 -18.71 -43.15 -2.27
N GLU B 46 -19.90 -42.92 -1.71
CA GLU B 46 -20.07 -43.07 -0.27
C GLU B 46 -19.79 -44.51 0.16
N ILE B 47 -20.31 -45.48 -0.61
CA ILE B 47 -20.03 -46.89 -0.34
C ILE B 47 -18.54 -47.16 -0.43
N ALA B 48 -17.87 -46.59 -1.43
CA ALA B 48 -16.44 -46.79 -1.58
C ALA B 48 -15.67 -46.22 -0.39
N VAL B 49 -16.07 -45.04 0.09
CA VAL B 49 -15.40 -44.43 1.23
C VAL B 49 -15.58 -45.29 2.47
N GLN B 50 -16.81 -45.77 2.70
CA GLN B 50 -17.06 -46.65 3.84
C GLN B 50 -16.23 -47.92 3.75
N THR B 51 -16.17 -48.52 2.56
CA THR B 51 -15.39 -49.74 2.39
C THR B 51 -13.91 -49.51 2.66
N GLU B 52 -13.38 -48.39 2.16
CA GLU B 52 -11.97 -48.07 2.42
C GLU B 52 -11.72 -47.87 3.90
N ASP B 53 -12.61 -47.15 4.59
CA ASP B 53 -12.37 -46.82 5.99
C ASP B 53 -12.65 -47.98 6.93
N LYS B 54 -13.34 -49.01 6.45
CA LYS B 54 -13.66 -50.12 7.33
C LYS B 54 -12.82 -51.35 7.05
N TYR B 55 -12.60 -51.66 5.78
CA TYR B 55 -11.90 -52.89 5.41
C TYR B 55 -10.60 -52.64 4.65
N GLY B 56 -10.33 -51.40 4.24
CA GLY B 56 -9.11 -51.06 3.56
C GLY B 56 -9.13 -51.25 2.06
N VAL B 57 -10.22 -51.77 1.51
CA VAL B 57 -10.32 -51.93 0.05
C VAL B 57 -10.53 -50.56 -0.57
N LYS B 58 -9.69 -50.22 -1.54
CA LYS B 58 -9.69 -48.90 -2.15
C LYS B 58 -10.22 -48.99 -3.57
N ILE B 59 -11.22 -48.17 -3.89
CA ILE B 59 -11.82 -48.15 -5.22
C ILE B 59 -11.76 -46.73 -5.78
N PRO B 60 -10.98 -46.49 -6.84
CA PRO B 60 -10.97 -45.15 -7.44
C PRO B 60 -12.26 -44.86 -8.18
N ASP B 61 -12.46 -43.56 -8.48
CA ASP B 61 -13.69 -43.13 -9.14
C ASP B 61 -13.84 -43.77 -10.51
N GLU B 62 -12.75 -43.89 -11.26
CA GLU B 62 -12.81 -44.50 -12.58
C GLU B 62 -13.31 -45.94 -12.50
N ASP B 63 -12.82 -46.69 -11.51
CA ASP B 63 -13.34 -48.03 -11.29
C ASP B 63 -14.82 -48.00 -10.90
N LEU B 64 -15.20 -47.05 -10.05
CA LEU B 64 -16.60 -46.93 -9.65
C LEU B 64 -17.50 -46.68 -10.85
N ALA B 65 -16.98 -45.99 -11.87
CA ALA B 65 -17.76 -45.79 -13.08
C ALA B 65 -18.07 -47.12 -13.76
N GLY B 66 -17.08 -48.01 -13.84
CA GLY B 66 -17.27 -49.26 -14.56
C GLY B 66 -18.25 -50.20 -13.87
N LEU B 67 -18.16 -50.30 -12.54
CA LEU B 67 -18.94 -51.29 -11.81
C LEU B 67 -20.43 -51.06 -12.00
N ARG B 68 -21.15 -52.14 -12.31
CA ARG B 68 -22.58 -52.07 -12.61
C ARG B 68 -23.41 -52.90 -11.65
N THR B 69 -23.01 -54.14 -11.38
CA THR B 69 -23.76 -55.02 -10.49
C THR B 69 -22.99 -55.28 -9.21
N VAL B 70 -23.71 -55.81 -8.21
CA VAL B 70 -23.09 -56.12 -6.93
C VAL B 70 -22.02 -57.17 -7.10
N GLY B 71 -22.31 -58.23 -7.86
CA GLY B 71 -21.32 -59.24 -8.11
C GLY B 71 -20.09 -58.69 -8.83
N ASP B 72 -20.30 -57.69 -9.66
CA ASP B 72 -19.18 -57.04 -10.34
C ASP B 72 -18.24 -56.39 -9.33
N VAL B 73 -18.81 -55.76 -8.30
CA VAL B 73 -17.98 -55.15 -7.26
C VAL B 73 -17.21 -56.21 -6.50
N VAL B 74 -17.87 -57.32 -6.17
CA VAL B 74 -17.26 -58.39 -5.40
C VAL B 74 -16.09 -58.97 -6.17
N ALA B 75 -16.28 -59.16 -7.48
CA ALA B 75 -15.20 -59.67 -8.31
C ALA B 75 -14.00 -58.73 -8.28
N TYR B 76 -14.25 -57.42 -8.30
CA TYR B 76 -13.16 -56.45 -8.22
C TYR B 76 -12.39 -56.59 -6.91
N ILE B 77 -13.11 -56.76 -5.80
CA ILE B 77 -12.45 -56.91 -4.52
C ILE B 77 -11.64 -58.21 -4.48
N GLN B 78 -12.20 -59.29 -5.00
CA GLN B 78 -11.47 -60.54 -5.07
C GLN B 78 -10.24 -60.41 -5.96
N LYS B 79 -10.35 -59.62 -7.04
CA LYS B 79 -9.20 -59.39 -7.91
C LYS B 79 -8.06 -58.74 -7.16
N LEU B 80 -8.36 -57.79 -6.27
CA LEU B 80 -7.32 -57.16 -5.47
C LEU B 80 -6.62 -58.18 -4.58
N GLU B 81 -7.39 -59.12 -4.03
CA GLU B 81 -6.82 -60.17 -3.18
C GLU B 81 -5.91 -61.11 -3.97
N PRO C 22 49.63 -41.66 2.92
CA PRO C 22 48.81 -40.82 2.03
C PRO C 22 48.34 -39.55 2.72
N ARG C 23 49.12 -39.07 3.68
CA ARG C 23 48.75 -37.87 4.41
C ARG C 23 48.77 -36.66 3.47
N PRO C 24 47.75 -35.81 3.51
CA PRO C 24 47.75 -34.61 2.67
C PRO C 24 48.92 -33.70 3.02
N ARG C 25 49.44 -33.01 2.00
CA ARG C 25 50.68 -32.25 2.16
C ARG C 25 50.52 -31.09 3.14
N LEU C 26 49.42 -30.33 3.02
CA LEU C 26 49.27 -29.12 3.82
C LEU C 26 49.13 -29.41 5.32
N PRO C 27 48.24 -30.29 5.76
CA PRO C 27 48.20 -30.59 7.21
C PRO C 27 49.48 -31.22 7.72
N TRP C 28 50.15 -32.04 6.90
CA TRP C 28 51.43 -32.60 7.30
C TRP C 28 52.47 -31.51 7.51
N PHE C 29 52.50 -30.54 6.59
CA PHE C 29 53.43 -29.42 6.72
C PHE C 29 53.13 -28.61 7.98
N LEU C 30 51.84 -28.39 8.26
CA LEU C 30 51.47 -27.67 9.47
C LEU C 30 51.89 -28.44 10.71
N ARG C 31 51.72 -29.76 10.70
CA ARG C 31 52.00 -30.57 11.88
C ARG C 31 53.50 -30.68 12.13
N THR C 32 54.30 -30.76 11.06
CA THR C 32 55.73 -30.94 11.22
C THR C 32 56.40 -29.67 11.75
N PHE C 33 56.28 -28.57 11.02
CA PHE C 33 56.90 -27.31 11.40
C PHE C 33 55.98 -26.42 12.21
N ALA C 34 55.42 -26.95 13.31
CA ALA C 34 54.47 -26.17 14.10
C ALA C 34 55.18 -25.05 14.87
N VAL C 35 56.29 -25.39 15.52
CA VAL C 35 57.04 -24.44 16.33
C VAL C 35 57.53 -23.25 15.48
N PRO C 36 58.14 -23.47 14.32
CA PRO C 36 58.53 -22.31 13.50
C PRO C 36 57.36 -21.44 13.10
N ILE C 37 56.20 -22.03 12.79
CA ILE C 37 55.04 -21.25 12.40
C ILE C 37 54.53 -20.40 13.56
N ILE C 38 54.46 -21.01 14.75
CA ILE C 38 54.01 -20.27 15.94
C ILE C 38 54.96 -19.12 16.23
N LEU C 39 56.26 -19.39 16.17
CA LEU C 39 57.24 -18.33 16.44
C LEU C 39 57.16 -17.23 15.41
N ALA C 40 56.95 -17.58 14.14
CA ALA C 40 56.83 -16.57 13.09
C ALA C 40 55.61 -15.69 13.32
N TRP C 41 54.48 -16.30 13.66
CA TRP C 41 53.28 -15.52 13.94
C TRP C 41 53.50 -14.59 15.13
N VAL C 42 54.12 -15.11 16.19
CA VAL C 42 54.37 -14.31 17.39
C VAL C 42 55.26 -13.12 17.05
N ALA C 43 56.33 -13.37 16.29
CA ALA C 43 57.25 -12.29 15.93
C ALA C 43 56.56 -11.23 15.08
N VAL C 44 55.78 -11.67 14.09
CA VAL C 44 55.11 -10.71 13.21
C VAL C 44 54.13 -9.86 14.00
N VAL C 45 53.32 -10.48 14.86
CA VAL C 45 52.33 -9.74 15.63
C VAL C 45 53.01 -8.78 16.60
N ALA C 46 54.10 -9.24 17.23
CA ALA C 46 54.82 -8.39 18.16
C ALA C 46 55.39 -7.17 17.45
N ILE C 47 55.96 -7.37 16.26
CA ILE C 47 56.48 -6.25 15.49
C ILE C 47 55.37 -5.27 15.15
N LEU C 48 54.25 -5.79 14.64
CA LEU C 48 53.16 -4.91 14.23
C LEU C 48 52.55 -4.16 15.39
N ASN C 49 52.55 -4.73 16.60
CA ASN C 49 51.96 -4.07 17.75
C ASN C 49 52.98 -3.32 18.59
N THR C 50 54.25 -3.37 18.22
CA THR C 50 55.25 -2.58 18.92
C THR C 50 55.74 -1.38 18.12
N VAL C 51 55.87 -1.52 16.80
CA VAL C 51 56.46 -0.46 16.00
C VAL C 51 55.56 0.78 16.00
N VAL C 52 54.27 0.58 15.72
CA VAL C 52 53.35 1.71 15.56
C VAL C 52 52.58 1.93 16.86
N PRO C 53 51.98 3.12 17.06
CA PRO C 53 51.21 3.36 18.28
C PRO C 53 49.95 2.49 18.38
N THR C 54 49.22 2.63 19.48
CA THR C 54 48.01 1.85 19.67
C THR C 54 46.95 2.25 18.65
N LEU C 55 45.96 1.37 18.49
CA LEU C 55 44.88 1.62 17.53
C LEU C 55 44.11 2.87 17.89
N ASP C 56 43.94 3.16 19.18
CA ASP C 56 43.16 4.31 19.60
C ASP C 56 43.79 5.61 19.14
N GLU C 57 45.10 5.75 19.32
CA GLU C 57 45.77 6.99 18.92
C GLU C 57 45.71 7.19 17.41
N VAL C 58 45.95 6.11 16.66
CA VAL C 58 45.92 6.20 15.21
C VAL C 58 44.53 6.58 14.72
N GLY C 59 43.51 5.96 15.30
CA GLY C 59 42.15 6.32 14.94
C GLY C 59 41.83 7.76 15.28
N GLU C 60 42.34 8.24 16.42
CA GLU C 60 42.09 9.63 16.82
C GLU C 60 42.76 10.60 15.85
N MET C 61 43.96 10.27 15.38
CA MET C 61 44.69 11.17 14.49
C MET C 61 44.38 10.97 13.02
N ARG C 62 43.45 10.07 12.68
CA ARG C 62 43.08 9.81 11.29
C ARG C 62 41.57 9.84 11.11
N ALA C 63 40.88 10.74 11.81
CA ALA C 63 39.43 10.79 11.75
C ALA C 63 38.97 11.19 10.36
N VAL C 64 37.70 10.91 10.07
CA VAL C 64 37.11 11.17 8.76
C VAL C 64 35.89 12.06 8.94
N SER C 65 35.79 13.08 8.10
CA SER C 65 34.66 14.01 8.18
C SER C 65 33.35 13.28 7.99
N MET C 66 32.37 13.60 8.84
CA MET C 66 31.08 12.93 8.77
C MET C 66 30.34 13.26 7.48
N ALA C 67 30.44 14.51 7.02
CA ALA C 67 29.61 14.75 5.85
C ALA C 67 30.46 14.68 4.57
N PRO C 68 29.91 14.11 3.51
CA PRO C 68 30.62 14.11 2.23
C PRO C 68 30.69 15.50 1.64
N ASN C 69 31.69 15.71 0.79
CA ASN C 69 31.87 17.01 0.15
C ASN C 69 30.68 17.34 -0.75
N ASP C 70 30.14 16.34 -1.43
CA ASP C 70 29.06 16.57 -2.39
C ASP C 70 27.75 16.95 -1.71
N ALA C 71 27.67 16.83 -0.39
CA ALA C 71 26.45 17.13 0.34
C ALA C 71 26.05 18.59 0.11
N PRO C 72 24.79 18.85 -0.26
CA PRO C 72 24.38 20.25 -0.50
C PRO C 72 24.54 21.16 0.70
N SER C 73 24.37 20.66 1.92
CA SER C 73 24.47 21.53 3.09
C SER C 73 25.90 22.03 3.29
N THR C 74 26.87 21.13 3.18
CA THR C 74 28.27 21.53 3.31
C THR C 74 28.66 22.52 2.21
N LEU C 75 28.21 22.25 0.98
CA LEU C 75 28.49 23.16 -0.12
C LEU C 75 27.87 24.52 0.13
N ALA C 76 26.66 24.55 0.66
CA ALA C 76 26.00 25.82 0.94
C ALA C 76 26.76 26.60 2.01
N ILE C 77 27.19 25.92 3.07
CA ILE C 77 27.90 26.62 4.14
C ILE C 77 29.24 27.16 3.62
N LYS C 78 29.95 26.36 2.84
CA LYS C 78 31.22 26.82 2.28
C LYS C 78 31.01 27.97 1.32
N ARG C 79 29.93 27.92 0.54
CA ARG C 79 29.61 29.01 -0.39
C ARG C 79 29.34 30.29 0.37
N VAL C 80 28.57 30.20 1.46
CA VAL C 80 28.30 31.38 2.27
C VAL C 80 29.60 31.93 2.84
N GLY C 81 30.47 31.05 3.33
CA GLY C 81 31.72 31.50 3.90
C GLY C 81 32.62 32.19 2.89
N GLN C 82 32.69 31.63 1.69
CA GLN C 82 33.61 32.20 0.69
C GLN C 82 33.04 33.46 0.05
N VAL C 83 31.72 33.52 -0.12
CA VAL C 83 31.11 34.71 -0.72
C VAL C 83 31.22 35.90 0.22
N PHE C 84 30.86 35.72 1.48
CA PHE C 84 30.96 36.79 2.46
C PHE C 84 32.37 37.06 2.93
N GLU C 85 33.34 36.23 2.52
CA GLU C 85 34.75 36.43 2.81
C GLU C 85 35.01 36.49 4.32
N GLU C 86 34.46 35.51 5.02
CA GLU C 86 34.63 35.44 6.47
C GLU C 86 35.40 34.18 6.86
N TYR C 87 34.96 33.03 6.35
CA TYR C 87 35.52 31.75 6.70
C TYR C 87 35.50 30.83 5.48
N ASP C 88 36.05 29.63 5.65
CA ASP C 88 36.00 28.60 4.62
C ASP C 88 35.71 27.22 5.20
N THR C 89 35.30 27.13 6.45
CA THR C 89 34.94 25.86 7.05
C THR C 89 33.45 25.59 6.87
N SER C 90 32.97 24.54 7.54
CA SER C 90 31.56 24.19 7.51
C SER C 90 31.02 23.77 8.87
N SER C 91 31.80 23.92 9.93
CA SER C 91 31.41 23.49 11.27
C SER C 91 31.49 24.68 12.22
N SER C 92 30.48 24.80 13.08
CA SER C 92 30.40 25.91 14.01
C SER C 92 29.95 25.41 15.37
N VAL C 93 30.33 26.15 16.41
CA VAL C 93 29.93 25.86 17.77
C VAL C 93 29.36 27.14 18.38
N MET C 94 28.55 26.97 19.43
CA MET C 94 27.88 28.08 20.10
C MET C 94 28.31 28.10 21.55
N ILE C 95 29.07 29.13 21.92
CA ILE C 95 29.51 29.32 23.30
C ILE C 95 28.35 29.95 24.07
N VAL C 96 28.03 29.39 25.23
CA VAL C 96 26.90 29.85 26.03
C VAL C 96 27.42 30.36 27.36
N LEU C 97 27.13 31.63 27.65
CA LEU C 97 27.49 32.26 28.92
C LEU C 97 26.24 32.25 29.80
N GLU C 98 26.29 31.50 30.89
CA GLU C 98 25.19 31.46 31.83
C GLU C 98 25.53 32.23 33.09
N GLY C 99 24.57 33.01 33.57
CA GLY C 99 24.76 33.80 34.77
C GLY C 99 23.65 33.57 35.77
N GLU C 100 23.95 33.88 37.02
CA GLU C 100 22.95 33.73 38.08
C GLU C 100 21.95 34.87 38.06
N GLU C 101 22.43 36.09 38.26
CA GLU C 101 21.65 37.31 38.12
C GLU C 101 21.65 37.77 36.68
N PRO C 102 20.72 38.62 36.28
CA PRO C 102 20.72 39.12 34.90
C PRO C 102 22.05 39.75 34.52
N LEU C 103 22.51 39.43 33.32
CA LEU C 103 23.83 39.86 32.88
C LEU C 103 23.89 41.37 32.73
N GLY C 104 24.98 41.96 33.23
CA GLY C 104 25.15 43.39 33.25
C GLY C 104 26.24 43.87 32.32
N ILE C 105 26.71 45.09 32.56
CA ILE C 105 27.74 45.69 31.72
C ILE C 105 29.06 44.95 31.87
N GLU C 106 29.36 44.51 33.10
CA GLU C 106 30.58 43.72 33.31
C GLU C 106 30.54 42.44 32.50
N ALA C 107 29.35 41.83 32.37
CA ALA C 107 29.21 40.66 31.53
C ALA C 107 29.51 41.00 30.08
N HIS C 108 29.05 42.18 29.62
CA HIS C 108 29.37 42.62 28.27
C HIS C 108 30.87 42.79 28.08
N ALA C 109 31.54 43.37 29.07
CA ALA C 109 32.98 43.57 28.98
C ALA C 109 33.71 42.23 28.91
N PHE C 110 33.32 41.29 29.76
CA PHE C 110 33.92 39.96 29.72
C PHE C 110 33.68 39.28 28.39
N TYR C 111 32.47 39.41 27.86
CA TYR C 111 32.14 38.84 26.56
C TYR C 111 32.99 39.44 25.46
N ASP C 112 33.18 40.76 25.49
CA ASP C 112 33.99 41.42 24.48
C ASP C 112 35.45 40.97 24.57
N LYS C 113 35.97 40.83 25.79
CA LYS C 113 37.33 40.36 25.96
C LYS C 113 37.49 38.93 25.43
N MET C 114 36.52 38.07 25.72
CA MET C 114 36.57 36.70 25.23
C MET C 114 36.50 36.66 23.71
N VAL C 115 35.65 37.50 23.12
CA VAL C 115 35.56 37.57 21.66
C VAL C 115 36.88 38.03 21.07
N ALA C 116 37.53 38.99 21.72
CA ALA C 116 38.85 39.44 21.26
C ALA C 116 39.86 38.30 21.31
N ASP C 117 39.84 37.53 22.40
CA ASP C 117 40.76 36.41 22.52
C ASP C 117 40.50 35.36 21.44
N LEU C 118 39.22 35.07 21.17
CA LEU C 118 38.88 34.10 20.14
C LEU C 118 39.35 34.57 18.78
N ARG C 119 39.04 35.81 18.41
CA ARG C 119 39.42 36.32 17.10
C ARG C 119 40.93 36.41 16.97
N ALA C 120 41.63 36.58 18.08
CA ALA C 120 43.09 36.64 18.03
C ALA C 120 43.68 35.32 17.53
N ASP C 121 43.16 34.20 18.00
CA ASP C 121 43.66 32.87 17.63
C ASP C 121 43.14 32.51 16.24
N THR C 122 43.95 32.85 15.23
CA THR C 122 43.54 32.59 13.85
C THR C 122 43.75 31.13 13.46
N GLU C 123 44.42 30.34 14.29
CA GLU C 123 44.71 28.96 13.93
C GLU C 123 43.43 28.13 13.85
N HIS C 124 42.60 28.19 14.89
CA HIS C 124 41.39 27.38 14.92
C HIS C 124 40.17 28.21 14.56
N VAL C 125 39.95 29.32 15.29
CA VAL C 125 38.77 30.14 15.06
C VAL C 125 38.94 30.92 13.77
N GLN C 126 37.93 30.88 12.92
CA GLN C 126 37.96 31.57 11.64
C GLN C 126 37.08 32.81 11.61
N HIS C 127 35.91 32.75 12.23
CA HIS C 127 34.99 33.88 12.19
C HIS C 127 34.06 33.81 13.39
N VAL C 128 33.85 34.94 14.04
CA VAL C 128 32.95 35.07 15.18
C VAL C 128 31.95 36.16 14.86
N GLN C 129 30.65 35.85 14.99
CA GLN C 129 29.60 36.84 14.81
C GLN C 129 29.08 37.23 16.19
N ASP C 130 29.37 38.46 16.60
CA ASP C 130 29.02 38.94 17.94
C ASP C 130 27.70 39.70 17.87
N PHE C 131 26.62 38.93 17.73
CA PHE C 131 25.30 39.55 17.67
C PHE C 131 24.93 40.21 18.99
N TRP C 132 25.39 39.65 20.12
CA TRP C 132 25.16 40.29 21.40
C TRP C 132 25.93 41.60 21.51
N GLY C 133 27.07 41.69 20.83
CA GLY C 133 27.90 42.87 20.88
C GLY C 133 27.22 44.13 20.37
N ASP C 134 26.54 44.02 19.24
CA ASP C 134 25.89 45.18 18.65
C ASP C 134 24.49 45.36 19.23
N THR C 135 24.10 46.60 19.48
CA THR C 135 22.82 46.88 20.10
C THR C 135 21.65 46.52 19.17
N LEU C 136 21.86 46.64 17.87
CA LEU C 136 20.79 46.40 16.91
C LEU C 136 20.28 44.96 17.00
N THR C 137 21.19 44.00 17.10
CA THR C 137 20.84 42.59 17.16
C THR C 137 20.99 42.00 18.56
N ALA C 138 21.22 42.83 19.58
CA ALA C 138 21.49 42.30 20.91
C ALA C 138 20.27 41.59 21.49
N SER C 139 19.08 41.91 21.01
CA SER C 139 17.87 41.30 21.55
C SER C 139 17.81 39.81 21.24
N GLY C 140 18.24 39.42 20.04
CA GLY C 140 18.17 38.03 19.65
C GLY C 140 19.11 37.15 20.45
N ALA C 141 20.33 37.63 20.71
CA ALA C 141 21.32 36.80 21.38
C ALA C 141 20.95 36.54 22.83
N GLN C 142 20.56 37.59 23.56
CA GLN C 142 20.29 37.45 24.98
C GLN C 142 18.95 36.78 25.21
N SER C 143 18.86 36.02 26.29
CA SER C 143 17.65 35.27 26.62
C SER C 143 16.55 36.20 27.10
N VAL C 144 15.34 35.65 27.20
CA VAL C 144 14.18 36.45 27.62
C VAL C 144 14.37 36.96 29.05
N ASP C 145 14.80 36.08 29.95
CA ASP C 145 15.03 36.49 31.33
C ASP C 145 16.27 37.36 31.45
N GLY C 146 17.14 37.35 30.44
CA GLY C 146 18.33 38.17 30.46
C GLY C 146 19.50 37.58 31.22
N LYS C 147 19.43 36.31 31.59
CA LYS C 147 20.48 35.68 32.39
C LYS C 147 21.40 34.79 31.58
N ALA C 148 21.32 34.83 30.25
CA ALA C 148 22.20 34.03 29.42
C ALA C 148 22.40 34.72 28.07
N ALA C 149 23.47 34.34 27.38
CA ALA C 149 23.78 34.89 26.07
C ALA C 149 24.70 33.91 25.34
N TYR C 150 24.50 33.81 24.02
CA TYR C 150 25.24 32.85 23.21
C TYR C 150 25.81 33.54 21.98
N VAL C 151 26.96 33.03 21.53
CA VAL C 151 27.66 33.55 20.36
C VAL C 151 28.11 32.36 19.52
N GLN C 152 27.90 32.47 18.21
CA GLN C 152 28.22 31.39 17.28
C GLN C 152 29.63 31.60 16.72
N VAL C 153 30.45 30.56 16.78
CA VAL C 153 31.86 30.64 16.40
C VAL C 153 32.13 29.54 15.38
N TYR C 154 32.82 29.91 14.29
CA TYR C 154 33.21 28.95 13.28
C TYR C 154 34.62 28.45 13.55
N ILE C 155 34.80 27.14 13.51
CA ILE C 155 36.07 26.50 13.84
C ILE C 155 36.67 25.90 12.58
N ALA C 156 37.99 25.83 12.55
CA ALA C 156 38.68 25.24 11.41
C ALA C 156 38.42 23.74 11.33
N GLY C 157 38.22 23.25 10.12
CA GLY C 157 38.01 21.84 9.88
C GLY C 157 36.54 21.46 9.94
N ASP C 158 36.19 20.44 9.16
CA ASP C 158 34.82 19.98 9.05
C ASP C 158 34.49 19.01 10.19
N GLN C 159 33.19 18.81 10.41
CA GLN C 159 32.70 18.05 11.54
C GLN C 159 33.24 16.62 11.52
N GLY C 160 33.60 16.12 12.70
CA GLY C 160 34.11 14.77 12.83
C GLY C 160 35.61 14.68 12.64
N GLU C 161 36.12 15.40 11.63
CA GLU C 161 37.54 15.41 11.34
C GLU C 161 38.33 15.86 12.56
N SER C 162 39.48 15.22 12.79
CA SER C 162 40.27 15.44 13.99
C SER C 162 40.64 16.90 14.19
N LEU C 163 40.81 17.63 13.08
CA LEU C 163 41.09 19.05 13.17
C LEU C 163 39.95 19.78 13.89
N ALA C 164 38.71 19.42 13.58
CA ALA C 164 37.57 20.04 14.25
C ALA C 164 37.56 19.71 15.75
N ASN C 165 37.90 18.48 16.11
CA ASN C 165 37.95 18.12 17.52
C ASN C 165 39.03 18.93 18.25
N GLU C 166 40.20 19.08 17.63
CA GLU C 166 41.25 19.89 18.23
C GLU C 166 40.80 21.34 18.38
N SER C 167 40.10 21.87 17.36
CA SER C 167 39.62 23.24 17.43
C SER C 167 38.60 23.40 18.54
N VAL C 168 37.72 22.41 18.71
CA VAL C 168 36.73 22.47 19.80
C VAL C 168 37.45 22.48 21.14
N GLU C 169 38.48 21.65 21.29
CA GLU C 169 39.24 21.64 22.52
C GLU C 169 39.89 23.00 22.79
N ALA C 170 40.46 23.61 21.74
CA ALA C 170 41.07 24.93 21.91
C ALA C 170 40.04 25.97 22.31
N VAL C 171 38.85 25.91 21.70
CA VAL C 171 37.78 26.85 22.02
C VAL C 171 37.36 26.68 23.48
N ARG C 172 37.22 25.44 23.92
CA ARG C 172 36.88 25.18 25.33
C ARG C 172 37.94 25.74 26.25
N LYS C 173 39.21 25.53 25.90
CA LYS C 173 40.31 26.07 26.71
C LYS C 173 40.22 27.58 26.81
N ILE C 174 39.99 28.25 25.68
CA ILE C 174 39.91 29.71 25.67
C ILE C 174 38.73 30.18 26.52
N ALA C 175 37.58 29.51 26.38
CA ALA C 175 36.38 29.97 27.06
C ALA C 175 36.41 29.63 28.55
N THR C 176 37.25 28.70 28.97
CA THR C 176 37.25 28.29 30.37
C THR C 176 38.41 28.87 31.17
N GLU C 177 39.59 29.04 30.56
CA GLU C 177 40.76 29.44 31.32
C GLU C 177 40.64 30.86 31.84
N ARG C 178 39.99 31.74 31.09
CA ARG C 178 39.92 33.15 31.47
C ARG C 178 39.11 33.32 32.74
N GLU C 179 39.56 34.23 33.60
CA GLU C 179 38.82 34.53 34.83
C GLU C 179 37.49 35.18 34.50
N THR C 180 36.45 34.73 35.16
CA THR C 180 35.10 35.18 34.85
C THR C 180 34.49 35.93 36.02
N PRO C 181 33.54 36.82 35.76
CA PRO C 181 32.80 37.45 36.86
C PRO C 181 32.11 36.40 37.70
N SER C 182 32.08 36.62 39.01
CA SER C 182 31.49 35.67 39.93
C SER C 182 30.02 35.45 39.59
N GLY C 183 29.66 34.21 39.31
CA GLY C 183 28.33 33.84 38.89
C GLY C 183 28.19 33.60 37.40
N VAL C 184 29.22 33.89 36.62
CA VAL C 184 29.19 33.68 35.17
C VAL C 184 30.01 32.45 34.85
N LYS C 185 29.42 31.53 34.09
CA LYS C 185 30.09 30.30 33.68
C LYS C 185 29.97 30.17 32.17
N ALA C 186 30.99 29.58 31.55
CA ALA C 186 31.04 29.38 30.11
C ALA C 186 30.85 27.91 29.77
N TYR C 187 30.10 27.64 28.70
CA TYR C 187 29.86 26.29 28.24
C TYR C 187 29.92 26.29 26.71
N VAL C 188 30.69 25.36 26.15
CA VAL C 188 30.81 25.23 24.70
C VAL C 188 29.91 24.07 24.27
N THR C 189 28.93 24.38 23.44
CA THR C 189 27.99 23.38 22.94
C THR C 189 27.81 23.56 21.43
N GLY C 190 27.09 22.63 20.82
CA GLY C 190 26.87 22.66 19.39
C GLY C 190 27.00 21.30 18.76
N ALA C 191 26.69 21.20 17.47
CA ALA C 191 26.75 19.91 16.78
C ALA C 191 28.19 19.38 16.73
N ALA C 192 29.14 20.24 16.39
CA ALA C 192 30.53 19.79 16.27
C ALA C 192 31.08 19.35 17.62
N ALA C 193 30.73 20.08 18.69
CA ALA C 193 31.15 19.68 20.03
C ALA C 193 30.55 18.32 20.39
N THR C 194 29.29 18.10 20.02
CA THR C 194 28.66 16.81 20.28
C THR C 194 29.38 15.70 19.54
N SER C 195 29.75 15.93 18.29
CA SER C 195 30.49 14.92 17.53
C SER C 195 31.83 14.61 18.18
N ALA C 196 32.55 15.64 18.61
CA ALA C 196 33.84 15.43 19.25
C ALA C 196 33.69 14.63 20.54
N ASP C 197 32.68 14.97 21.35
CA ASP C 197 32.44 14.21 22.57
C ASP C 197 32.08 12.76 22.25
N GLN C 198 31.28 12.55 21.19
CA GLN C 198 30.93 11.20 20.79
C GLN C 198 32.17 10.37 20.49
N ARG C 199 33.07 10.92 19.68
CA ARG C 199 34.29 10.19 19.34
C ARG C 199 35.14 9.93 20.58
N ALA C 200 35.29 10.95 21.43
CA ALA C 200 36.11 10.79 22.61
C ALA C 200 35.57 9.70 23.54
N GLU C 201 34.25 9.69 23.73
CA GLU C 201 33.65 8.71 24.63
C GLU C 201 33.75 7.30 24.06
N GLY C 202 33.56 7.16 22.74
CA GLY C 202 33.74 5.85 22.14
C GLY C 202 35.14 5.32 22.34
N ASP C 203 36.14 6.16 22.09
CA ASP C 203 37.53 5.75 22.27
C ASP C 203 37.82 5.43 23.74
N ALA C 204 37.17 6.15 24.65
CA ALA C 204 37.36 5.87 26.07
C ALA C 204 36.77 4.52 26.46
N SER C 205 35.59 4.19 25.94
CA SER C 205 34.87 3.02 26.41
C SER C 205 35.37 1.74 25.74
N MET C 206 36.12 1.87 24.65
CA MET C 206 36.64 0.70 23.96
C MET C 206 37.37 -0.30 24.86
N LYS C 207 38.24 0.20 25.73
CA LYS C 207 39.04 -0.68 26.57
C LYS C 207 38.16 -1.50 27.52
N LEU C 208 37.19 -0.84 28.16
CA LEU C 208 36.28 -1.54 29.05
C LEU C 208 35.47 -2.58 28.28
N ILE C 209 35.06 -2.24 27.06
CA ILE C 209 34.37 -3.22 26.21
C ILE C 209 35.23 -4.45 26.04
N GLU C 210 36.51 -4.25 25.73
CA GLU C 210 37.43 -5.36 25.51
C GLU C 210 37.53 -6.24 26.75
N GLY C 211 37.71 -5.61 27.91
CA GLY C 211 37.83 -6.37 29.14
C GLY C 211 36.59 -7.20 29.45
N VAL C 212 35.42 -6.59 29.30
CA VAL C 212 34.17 -7.30 29.57
C VAL C 212 34.00 -8.47 28.61
N THR C 213 34.30 -8.25 27.32
CA THR C 213 34.18 -9.33 26.34
C THR C 213 35.09 -10.49 26.71
N PHE C 214 36.33 -10.19 27.10
CA PHE C 214 37.26 -11.25 27.46
C PHE C 214 36.76 -12.05 28.66
N ALA C 215 36.25 -11.34 29.68
CA ALA C 215 35.73 -12.04 30.85
C ALA C 215 34.58 -12.96 30.48
N VAL C 216 33.65 -12.46 29.66
CA VAL C 216 32.49 -13.26 29.27
C VAL C 216 32.93 -14.49 28.49
N ILE C 217 33.88 -14.29 27.57
CA ILE C 217 34.37 -15.41 26.75
C ILE C 217 35.01 -16.47 27.63
N THR C 218 35.82 -16.05 28.59
CA THR C 218 36.47 -17.01 29.49
C THR C 218 35.43 -17.81 30.27
N VAL C 219 34.41 -17.12 30.79
CA VAL C 219 33.37 -17.82 31.56
C VAL C 219 32.64 -18.83 30.69
N MET C 220 32.29 -18.43 29.47
CA MET C 220 31.54 -19.33 28.59
C MET C 220 32.38 -20.54 28.18
N LEU C 221 33.66 -20.31 27.89
CA LEU C 221 34.54 -21.43 27.54
C LEU C 221 34.68 -22.41 28.70
N LEU C 222 34.85 -21.87 29.91
CA LEU C 222 34.91 -22.75 31.08
C LEU C 222 33.62 -23.54 31.24
N ALA C 223 32.48 -22.90 31.00
CA ALA C 223 31.20 -23.60 31.12
C ALA C 223 31.09 -24.72 30.09
N VAL C 224 31.51 -24.45 28.86
CA VAL C 224 31.31 -25.42 27.77
C VAL C 224 32.31 -26.56 27.88
N TYR C 225 33.60 -26.24 27.78
CA TYR C 225 34.61 -27.30 27.70
C TYR C 225 34.85 -27.99 29.02
N ARG C 226 34.35 -27.43 30.13
CA ARG C 226 34.47 -28.06 31.45
C ARG C 226 35.92 -28.30 31.83
N SER C 227 36.84 -27.49 31.30
CA SER C 227 38.24 -27.61 31.65
C SER C 227 38.89 -26.24 31.59
N VAL C 228 40.02 -26.11 32.29
CA VAL C 228 40.71 -24.84 32.37
C VAL C 228 41.78 -24.73 31.28
N ILE C 229 42.52 -25.82 31.05
CA ILE C 229 43.65 -25.77 30.12
C ILE C 229 43.17 -25.55 28.69
N THR C 230 42.08 -26.23 28.31
CA THR C 230 41.53 -26.02 26.98
C THR C 230 41.05 -24.58 26.80
N THR C 231 40.42 -24.03 27.84
CA THR C 231 40.02 -22.63 27.80
C THR C 231 41.22 -21.71 27.63
N LEU C 232 42.32 -22.00 28.34
CA LEU C 232 43.52 -21.20 28.18
C LEU C 232 44.05 -21.25 26.76
N ILE C 233 44.04 -22.44 26.15
CA ILE C 233 44.53 -22.57 24.78
C ILE C 233 43.67 -21.77 23.82
N VAL C 234 42.34 -21.85 23.98
CA VAL C 234 41.46 -21.10 23.09
C VAL C 234 41.65 -19.60 23.30
N LEU C 235 41.85 -19.19 24.55
CA LEU C 235 42.10 -17.78 24.84
C LEU C 235 43.41 -17.32 24.21
N ALA C 236 44.42 -18.17 24.20
CA ALA C 236 45.68 -17.83 23.54
C ALA C 236 45.48 -17.62 22.05
N MET C 237 44.69 -18.50 21.42
CA MET C 237 44.38 -18.31 20.01
C MET C 237 43.64 -17.00 19.78
N VAL C 238 42.69 -16.68 20.66
CA VAL C 238 41.91 -15.45 20.53
C VAL C 238 42.82 -14.24 20.65
N VAL C 239 43.72 -14.26 21.63
CA VAL C 239 44.65 -13.15 21.83
C VAL C 239 45.52 -12.97 20.61
N LEU C 240 46.04 -14.07 20.06
CA LEU C 240 46.90 -13.96 18.90
C LEU C 240 46.16 -13.34 17.72
N GLY C 241 44.94 -13.83 17.44
CA GLY C 241 44.16 -13.28 16.33
C GLY C 241 43.80 -11.82 16.51
N LEU C 242 43.32 -11.47 17.70
CA LEU C 242 42.93 -10.09 17.98
C LEU C 242 44.12 -9.15 17.87
N SER C 243 45.26 -9.54 18.44
CA SER C 243 46.45 -8.71 18.38
C SER C 243 46.92 -8.54 16.94
N GLY C 244 46.88 -9.61 16.15
CA GLY C 244 47.25 -9.49 14.76
C GLY C 244 46.39 -8.51 14.00
N ALA C 245 45.07 -8.63 14.15
CA ALA C 245 44.16 -7.75 13.43
C ALA C 245 44.33 -6.30 13.87
N ARG C 246 44.38 -6.07 15.18
CA ARG C 246 44.54 -4.71 15.69
C ARG C 246 45.85 -4.11 15.22
N GLY C 247 46.94 -4.88 15.27
CA GLY C 247 48.21 -4.36 14.84
C GLY C 247 48.23 -3.99 13.37
N ILE C 248 47.71 -4.87 12.51
CA ILE C 248 47.75 -4.57 11.08
C ILE C 248 46.89 -3.36 10.76
N VAL C 249 45.71 -3.27 11.38
CA VAL C 249 44.83 -2.13 11.10
C VAL C 249 45.49 -0.83 11.54
N ALA C 250 46.06 -0.82 12.75
CA ALA C 250 46.70 0.39 13.25
C ALA C 250 47.89 0.78 12.39
N PHE C 251 48.70 -0.21 12.00
CA PHE C 251 49.89 0.06 11.20
C PHE C 251 49.51 0.65 9.85
N LEU C 252 48.50 0.08 9.19
CA LEU C 252 48.10 0.60 7.89
C LEU C 252 47.48 1.99 8.01
N GLY C 253 46.61 2.18 9.00
CA GLY C 253 45.99 3.48 9.16
C GLY C 253 46.99 4.57 9.52
N PHE C 254 48.06 4.20 10.22
CA PHE C 254 49.06 5.19 10.62
C PHE C 254 49.70 5.85 9.41
N TYR C 255 49.99 5.06 8.38
CA TYR C 255 50.66 5.60 7.19
C TYR C 255 49.68 6.13 6.16
N ASN C 256 48.50 6.55 6.59
CA ASN C 256 47.53 7.25 5.75
C ASN C 256 47.11 6.43 4.54
N VAL C 257 47.07 5.11 4.68
CA VAL C 257 46.49 4.29 3.62
C VAL C 257 44.98 4.51 3.57
N PHE C 258 44.36 4.69 4.72
CA PHE C 258 42.92 4.93 4.80
C PHE C 258 42.61 5.62 6.11
N GLY C 259 41.40 6.19 6.19
CA GLY C 259 40.95 6.84 7.40
C GLY C 259 40.25 5.89 8.36
N LEU C 260 40.16 6.31 9.62
CA LEU C 260 39.58 5.49 10.68
C LEU C 260 38.61 6.31 11.50
N THR C 261 37.59 5.64 12.02
CA THR C 261 36.63 6.23 12.96
C THR C 261 36.55 5.36 14.20
N THR C 262 35.80 5.84 15.19
CA THR C 262 35.57 5.05 16.39
C THR C 262 34.81 3.77 16.07
N PHE C 263 33.79 3.88 15.22
CA PHE C 263 32.97 2.72 14.86
C PHE C 263 33.83 1.64 14.22
N ALA C 264 34.69 2.03 13.28
CA ALA C 264 35.53 1.06 12.58
C ALA C 264 36.42 0.31 13.56
N THR C 265 37.05 1.03 14.48
CA THR C 265 37.97 0.39 15.41
C THR C 265 37.24 -0.54 16.37
N ASN C 266 36.11 -0.09 16.91
CA ASN C 266 35.35 -0.94 17.83
C ASN C 266 34.87 -2.21 17.13
N MET C 267 34.34 -2.06 15.91
CA MET C 267 33.89 -3.23 15.16
C MET C 267 35.06 -4.16 14.86
N VAL C 268 36.21 -3.60 14.51
CA VAL C 268 37.39 -4.42 14.25
C VAL C 268 37.71 -5.28 15.46
N VAL C 269 37.80 -4.65 16.63
CA VAL C 269 38.20 -5.38 17.84
C VAL C 269 37.20 -6.49 18.15
N THR C 270 35.91 -6.13 18.20
CA THR C 270 34.91 -7.09 18.64
C THR C 270 34.77 -8.23 17.64
N LEU C 271 34.70 -7.91 16.35
CA LEU C 271 34.53 -8.93 15.33
C LEU C 271 35.75 -9.84 15.26
N ALA C 272 36.95 -9.28 15.39
CA ALA C 272 38.15 -10.11 15.37
C ALA C 272 38.13 -11.10 16.53
N ILE C 273 37.79 -10.62 17.72
CA ILE C 273 37.76 -11.52 18.89
C ILE C 273 36.73 -12.63 18.67
N ALA C 274 35.53 -12.24 18.22
CA ALA C 274 34.46 -13.22 18.06
C ALA C 274 34.82 -14.26 16.99
N ALA C 275 35.37 -13.81 15.86
CA ALA C 275 35.72 -14.73 14.79
C ALA C 275 36.81 -15.69 15.22
N ALA C 276 37.82 -15.19 15.93
CA ALA C 276 38.89 -16.07 16.40
C ALA C 276 38.34 -17.13 17.35
N THR C 277 37.47 -16.71 18.28
CA THR C 277 36.88 -17.67 19.21
C THR C 277 36.07 -18.72 18.47
N ASP C 278 35.26 -18.30 17.49
CA ASP C 278 34.42 -19.24 16.76
C ASP C 278 35.26 -20.24 15.98
N TYR C 279 36.32 -19.78 15.33
CA TYR C 279 37.17 -20.70 14.57
C TYR C 279 37.84 -21.70 15.49
N ALA C 280 38.35 -21.23 16.64
CA ALA C 280 38.96 -22.15 17.59
C ALA C 280 37.95 -23.18 18.08
N ILE C 281 36.73 -22.74 18.35
CA ILE C 281 35.69 -23.66 18.81
C ILE C 281 35.39 -24.71 17.74
N PHE C 282 35.27 -24.28 16.48
CA PHE C 282 35.01 -25.22 15.40
C PHE C 282 36.10 -26.29 15.33
N LEU C 283 37.36 -25.84 15.29
CA LEU C 283 38.45 -26.79 15.15
C LEU C 283 38.49 -27.77 16.32
N ILE C 284 38.42 -27.25 17.54
CA ILE C 284 38.54 -28.12 18.71
C ILE C 284 37.35 -29.05 18.82
N GLY C 285 36.16 -28.57 18.45
CA GLY C 285 34.98 -29.41 18.49
C GLY C 285 35.06 -30.56 17.52
N ARG C 286 35.47 -30.31 16.28
CA ARG C 286 35.61 -31.41 15.33
C ARG C 286 36.70 -32.38 15.77
N TYR C 287 37.82 -31.85 16.27
CA TYR C 287 38.90 -32.71 16.74
C TYR C 287 38.44 -33.60 17.88
N GLN C 288 37.68 -33.04 18.82
CA GLN C 288 37.18 -33.82 19.94
C GLN C 288 36.15 -34.85 19.49
N GLU C 289 35.32 -34.50 18.50
CA GLU C 289 34.38 -35.47 17.96
C GLU C 289 35.13 -36.68 17.39
N ALA C 290 36.15 -36.40 16.57
CA ALA C 290 36.93 -37.49 15.99
C ALA C 290 37.64 -38.29 17.08
N ARG C 291 38.18 -37.61 18.09
CA ARG C 291 38.90 -38.30 19.16
C ARG C 291 37.98 -39.20 19.97
N ARG C 292 36.77 -38.71 20.28
CA ARG C 292 35.82 -39.52 21.05
C ARG C 292 35.30 -40.67 20.22
N ALA C 293 35.22 -40.50 18.90
CA ALA C 293 34.77 -41.58 18.03
C ALA C 293 35.65 -42.82 18.19
N GLY C 294 36.94 -42.62 18.44
CA GLY C 294 37.84 -43.72 18.69
C GLY C 294 39.19 -43.56 18.04
N GLU C 295 39.32 -42.59 17.14
CA GLU C 295 40.56 -42.38 16.43
C GLU C 295 41.67 -41.93 17.37
N ASP C 296 42.90 -42.32 17.05
CA ASP C 296 44.05 -41.81 17.78
C ASP C 296 44.30 -40.36 17.40
N ARG C 297 45.25 -39.73 18.10
CA ARG C 297 45.44 -38.29 17.98
C ARG C 297 45.85 -37.88 16.58
N GLU C 298 46.74 -38.65 15.94
CA GLU C 298 47.18 -38.32 14.59
C GLU C 298 46.01 -38.37 13.60
N SER C 299 45.29 -39.48 13.58
CA SER C 299 44.17 -39.63 12.65
C SER C 299 43.06 -38.66 12.98
N ALA C 300 42.80 -38.42 14.27
CA ALA C 300 41.78 -37.45 14.65
C ALA C 300 42.14 -36.06 14.17
N TYR C 301 43.41 -35.67 14.30
CA TYR C 301 43.85 -34.37 13.83
C TYR C 301 43.68 -34.24 12.33
N TYR C 302 44.10 -35.25 11.58
CA TYR C 302 43.95 -35.17 10.13
C TYR C 302 42.50 -35.14 9.71
N THR C 303 41.65 -35.91 10.39
CA THR C 303 40.21 -35.88 10.11
C THR C 303 39.64 -34.50 10.39
N MET C 304 40.04 -33.89 11.52
CA MET C 304 39.60 -32.55 11.84
C MET C 304 39.95 -31.56 10.74
N PHE C 305 41.21 -31.58 10.30
CA PHE C 305 41.62 -30.66 9.26
C PHE C 305 40.86 -30.91 7.97
N HIS C 306 40.71 -32.18 7.59
CA HIS C 306 40.02 -32.50 6.35
C HIS C 306 38.58 -32.03 6.38
N GLY C 307 37.90 -32.20 7.50
CA GLY C 307 36.50 -31.86 7.61
C GLY C 307 36.18 -30.42 7.95
N THR C 308 37.15 -29.63 8.40
CA THR C 308 36.85 -28.26 8.80
C THR C 308 37.70 -27.21 8.10
N ALA C 309 38.72 -27.60 7.34
CA ALA C 309 39.57 -26.60 6.70
C ALA C 309 38.78 -25.74 5.73
N HIS C 310 37.96 -26.38 4.89
CA HIS C 310 37.22 -25.62 3.88
C HIS C 310 36.11 -24.79 4.51
N VAL C 311 35.47 -25.31 5.55
CA VAL C 311 34.36 -24.58 6.17
C VAL C 311 34.85 -23.28 6.79
N VAL C 312 35.95 -23.35 7.54
CA VAL C 312 36.48 -22.16 8.21
C VAL C 312 36.92 -21.12 7.18
N LEU C 313 37.62 -21.58 6.14
CA LEU C 313 38.09 -20.66 5.10
C LEU C 313 36.92 -19.99 4.40
N ALA C 314 35.87 -20.77 4.10
CA ALA C 314 34.69 -20.20 3.42
C ALA C 314 33.99 -19.20 4.31
N SER C 315 33.84 -19.52 5.60
CA SER C 315 33.20 -18.58 6.52
C SER C 315 34.00 -17.28 6.61
N GLY C 316 35.33 -17.40 6.70
CA GLY C 316 36.16 -16.21 6.77
C GLY C 316 36.08 -15.37 5.52
N LEU C 317 36.07 -16.03 4.35
CA LEU C 317 35.95 -15.29 3.10
C LEU C 317 34.61 -14.60 3.00
N THR C 318 33.54 -15.26 3.45
CA THR C 318 32.23 -14.62 3.45
C THR C 318 32.22 -13.38 4.33
N ILE C 319 32.78 -13.50 5.53
CA ILE C 319 32.79 -12.37 6.46
C ILE C 319 33.63 -11.22 5.90
N ALA C 320 34.79 -11.54 5.32
CA ALA C 320 35.65 -10.51 4.77
C ALA C 320 34.98 -9.82 3.57
N GLY C 321 34.41 -10.60 2.66
CA GLY C 321 33.77 -10.01 1.49
C GLY C 321 32.55 -9.19 1.84
N ALA C 322 31.81 -9.61 2.87
CA ALA C 322 30.61 -8.89 3.27
C ALA C 322 30.94 -7.45 3.68
N THR C 323 31.99 -7.28 4.48
CA THR C 323 32.38 -5.94 4.92
C THR C 323 32.93 -5.12 3.76
N LEU C 324 33.47 -5.80 2.74
CA LEU C 324 34.03 -5.07 1.60
C LEU C 324 32.94 -4.40 0.78
N CYS C 325 31.68 -4.80 0.98
CA CYS C 325 30.57 -4.13 0.28
C CYS C 325 30.37 -2.72 0.79
N LEU C 326 30.89 -2.41 1.97
CA LEU C 326 30.77 -1.05 2.49
C LEU C 326 31.61 -0.06 1.69
N HIS C 327 32.63 -0.53 0.99
CA HIS C 327 33.52 0.35 0.25
C HIS C 327 32.82 0.95 -0.96
N PHE C 328 31.63 0.44 -1.29
CA PHE C 328 30.85 0.95 -2.40
C PHE C 328 29.70 1.84 -1.94
N THR C 329 29.76 2.37 -0.73
CA THR C 329 28.72 3.22 -0.19
C THR C 329 29.04 4.69 -0.50
N ARG C 330 28.25 5.59 0.10
CA ARG C 330 28.40 7.03 -0.11
C ARG C 330 28.83 7.75 1.16
N LEU C 331 28.15 7.49 2.28
CA LEU C 331 28.46 8.19 3.51
C LEU C 331 29.87 7.86 3.98
N PRO C 332 30.67 8.84 4.41
CA PRO C 332 32.08 8.56 4.73
C PRO C 332 32.30 7.51 5.80
N TYR C 333 31.43 7.43 6.80
CA TYR C 333 31.59 6.40 7.83
C TYR C 333 31.51 5.01 7.24
N PHE C 334 30.46 4.74 6.45
CA PHE C 334 30.31 3.43 5.84
C PHE C 334 31.46 3.14 4.88
N GLN C 335 31.82 4.11 4.06
CA GLN C 335 32.88 3.90 3.08
C GLN C 335 34.24 3.66 3.74
N THR C 336 34.50 4.26 4.89
CA THR C 336 35.75 4.04 5.60
C THR C 336 35.73 2.76 6.43
N MET C 337 34.56 2.27 6.82
CA MET C 337 34.49 1.02 7.56
C MET C 337 34.76 -0.23 6.73
N GLY C 338 34.86 -0.10 5.41
CA GLY C 338 34.94 -1.28 4.57
C GLY C 338 36.28 -1.99 4.66
N VAL C 339 37.33 -1.32 4.18
CA VAL C 339 38.64 -1.96 4.02
C VAL C 339 39.25 -2.45 5.34
N PRO C 340 39.28 -1.65 6.41
CA PRO C 340 39.93 -2.15 7.64
C PRO C 340 39.30 -3.43 8.19
N LEU C 341 37.97 -3.51 8.14
CA LEU C 341 37.30 -4.71 8.63
C LEU C 341 37.69 -5.93 7.80
N ALA C 342 37.74 -5.77 6.48
CA ALA C 342 38.11 -6.88 5.62
C ALA C 342 39.54 -7.33 5.88
N ILE C 343 40.47 -6.38 6.05
CA ILE C 343 41.86 -6.74 6.29
C ILE C 343 41.98 -7.46 7.64
N GLY C 344 41.30 -6.94 8.66
CA GLY C 344 41.34 -7.59 9.96
C GLY C 344 40.78 -8.99 9.93
N MET C 345 39.66 -9.17 9.21
CA MET C 345 39.07 -10.51 9.10
C MET C 345 40.02 -11.46 8.37
N LEU C 346 40.67 -10.98 7.31
CA LEU C 346 41.61 -11.84 6.59
C LEU C 346 42.78 -12.24 7.47
N ILE C 347 43.29 -11.31 8.26
CA ILE C 347 44.39 -11.63 9.19
C ILE C 347 43.93 -12.67 10.20
N VAL C 348 42.72 -12.49 10.73
CA VAL C 348 42.20 -13.44 11.72
C VAL C 348 42.05 -14.82 11.11
N VAL C 349 41.56 -14.89 9.87
CA VAL C 349 41.36 -16.17 9.21
C VAL C 349 42.70 -16.86 8.97
N ALA C 350 43.69 -16.11 8.50
CA ALA C 350 45.01 -16.69 8.29
C ALA C 350 45.58 -17.22 9.60
N ALA C 351 45.46 -16.45 10.67
CA ALA C 351 45.99 -16.88 11.96
C ALA C 351 45.27 -18.13 12.46
N ALA C 352 43.94 -18.18 12.30
CA ALA C 352 43.19 -19.34 12.77
C ALA C 352 43.53 -20.58 11.97
N LEU C 353 43.68 -20.44 10.65
CA LEU C 353 43.94 -21.59 9.80
C LEU C 353 45.38 -22.09 9.88
N THR C 354 46.35 -21.24 10.23
CA THR C 354 47.73 -21.70 10.35
C THR C 354 48.07 -22.02 11.80
N ALA C 355 47.94 -21.07 12.72
CA ALA C 355 48.32 -21.31 14.11
C ALA C 355 47.44 -22.39 14.75
N GLY C 356 46.13 -22.35 14.49
CA GLY C 356 45.19 -23.27 15.08
C GLY C 356 45.61 -24.72 14.94
N PRO C 357 45.73 -25.20 13.71
CA PRO C 357 46.25 -26.57 13.51
C PRO C 357 47.63 -26.78 14.10
N ALA C 358 48.52 -25.79 14.03
CA ALA C 358 49.86 -25.96 14.58
C ALA C 358 49.81 -26.12 16.10
N VAL C 359 49.05 -25.24 16.77
CA VAL C 359 48.94 -25.32 18.23
C VAL C 359 48.29 -26.64 18.64
N ILE C 360 47.25 -27.04 17.91
CA ILE C 360 46.60 -28.32 18.19
C ILE C 360 47.60 -29.45 18.05
N SER C 361 48.45 -29.38 17.02
CA SER C 361 49.46 -30.41 16.81
C SER C 361 50.42 -30.46 18.00
N VAL C 362 50.90 -29.31 18.46
CA VAL C 362 51.88 -29.29 19.54
C VAL C 362 51.23 -29.69 20.86
N VAL C 363 50.06 -29.12 21.16
CA VAL C 363 49.46 -29.28 22.48
C VAL C 363 49.07 -30.73 22.73
N SER C 364 48.43 -31.37 21.75
CA SER C 364 47.93 -32.73 21.96
C SER C 364 49.08 -33.71 22.19
N ARG C 365 50.27 -33.39 21.69
CA ARG C 365 51.42 -34.26 21.91
C ARG C 365 51.75 -34.37 23.39
N PHE C 366 51.67 -33.26 24.12
CA PHE C 366 52.08 -33.21 25.52
C PHE C 366 50.89 -33.50 26.42
N GLY C 367 50.90 -34.64 27.09
CA GLY C 367 49.90 -34.95 28.08
C GLY C 367 48.52 -35.21 27.50
N LYS C 368 47.55 -35.32 28.39
CA LYS C 368 46.14 -35.47 28.02
C LYS C 368 45.48 -34.11 28.12
N THR C 369 45.77 -33.25 27.14
CA THR C 369 45.34 -31.86 27.17
C THR C 369 44.02 -31.63 26.44
N LEU C 370 43.96 -31.95 25.16
CA LEU C 370 42.79 -31.66 24.34
C LEU C 370 41.82 -32.82 24.27
N GLU C 371 42.02 -33.88 25.04
CA GLU C 371 41.12 -35.02 25.00
C GLU C 371 39.75 -34.59 25.55
N PRO C 372 38.67 -35.22 25.10
CA PRO C 372 37.34 -34.85 25.59
C PRO C 372 37.22 -35.07 27.10
N LYS C 373 36.44 -34.23 27.75
CA LYS C 373 36.24 -34.32 29.18
C LYS C 373 34.85 -34.85 29.54
N ARG C 374 33.84 -34.48 28.76
CA ARG C 374 32.46 -34.90 29.01
C ARG C 374 32.07 -35.89 27.91
N PHE C 375 32.35 -37.16 28.15
CA PHE C 375 32.01 -38.23 27.20
C PHE C 375 30.52 -38.49 27.31
N SER C 376 29.74 -37.84 26.45
CA SER C 376 28.29 -37.98 26.49
C SER C 376 27.72 -37.84 25.09
N ARG C 377 26.53 -38.40 24.90
CA ARG C 377 25.79 -38.26 23.66
C ARG C 377 25.07 -36.91 23.63
N SER C 378 24.17 -36.75 22.67
CA SER C 378 23.35 -35.55 22.55
C SER C 378 21.88 -35.97 22.40
N PRO C 379 21.30 -36.53 23.46
CA PRO C 379 19.91 -37.02 23.35
C PRO C 379 18.91 -35.96 22.92
N GLY C 380 19.07 -34.74 23.40
CA GLY C 380 18.21 -33.65 22.98
C GLY C 380 18.32 -33.41 21.49
N TRP C 381 19.55 -33.44 20.97
CA TRP C 381 19.74 -33.24 19.54
C TRP C 381 19.16 -34.40 18.74
N HIS C 382 19.28 -35.62 19.27
CA HIS C 382 18.62 -36.75 18.62
C HIS C 382 17.12 -36.53 18.51
N ARG C 383 16.50 -36.10 19.62
CA ARG C 383 15.06 -35.88 19.61
C ARG C 383 14.67 -34.78 18.64
N VAL C 384 15.43 -33.68 18.63
CA VAL C 384 15.11 -32.56 17.74
C VAL C 384 15.26 -32.98 16.28
N GLY C 385 16.32 -33.73 15.96
CA GLY C 385 16.51 -34.19 14.60
C GLY C 385 15.40 -35.12 14.16
N THR C 386 14.98 -36.03 15.06
CA THR C 386 13.88 -36.93 14.72
C THR C 386 12.59 -36.16 14.48
N ALA C 387 12.31 -35.18 15.33
CA ALA C 387 11.11 -34.37 15.15
C ALA C 387 11.15 -33.63 13.82
N THR C 388 12.32 -33.06 13.47
CA THR C 388 12.44 -32.36 12.21
C THR C 388 12.26 -33.29 11.02
N VAL C 389 12.83 -34.48 11.08
CA VAL C 389 12.77 -35.41 9.95
C VAL C 389 11.36 -35.97 9.77
N ARG C 390 10.71 -36.36 10.86
CA ARG C 390 9.41 -37.01 10.74
C ARG C 390 8.34 -36.05 10.25
N TRP C 391 8.25 -34.86 10.84
CA TRP C 391 7.18 -33.91 10.57
C TRP C 391 7.77 -32.56 10.22
N PRO C 392 8.39 -32.45 9.04
CA PRO C 392 8.95 -31.14 8.65
C PRO C 392 7.91 -30.06 8.48
N GLY C 393 6.69 -30.42 8.08
CA GLY C 393 5.70 -29.39 7.76
C GLY C 393 5.31 -28.55 8.95
N ALA C 394 4.94 -29.20 10.05
CA ALA C 394 4.50 -28.46 11.24
C ALA C 394 5.62 -27.62 11.81
N ILE C 395 6.83 -28.18 11.86
CA ILE C 395 7.97 -27.45 12.42
C ILE C 395 8.29 -26.24 11.55
N LEU C 396 8.26 -26.43 10.22
CA LEU C 396 8.50 -25.32 9.32
C LEU C 396 7.45 -24.23 9.49
N VAL C 397 6.18 -24.63 9.66
CA VAL C 397 5.12 -23.64 9.87
C VAL C 397 5.36 -22.86 11.15
N CYS C 398 5.72 -23.57 12.23
CA CYS C 398 5.98 -22.89 13.49
C CYS C 398 7.15 -21.92 13.36
N ALA C 399 8.22 -22.34 12.68
CA ALA C 399 9.38 -21.48 12.51
C ALA C 399 9.03 -20.24 11.71
N VAL C 400 8.27 -20.42 10.61
CA VAL C 400 7.90 -19.28 9.78
C VAL C 400 7.03 -18.31 10.57
N VAL C 401 6.07 -18.84 11.33
CA VAL C 401 5.20 -17.99 12.14
C VAL C 401 6.03 -17.21 13.17
N ALA C 402 6.96 -17.90 13.82
CA ALA C 402 7.80 -17.24 14.82
C ALA C 402 8.63 -16.13 14.20
N ALA C 403 9.19 -16.38 13.01
CA ALA C 403 10.02 -15.37 12.36
C ALA C 403 9.21 -14.16 11.92
N LEU C 404 7.94 -14.36 11.59
CA LEU C 404 7.13 -13.25 11.09
C LEU C 404 6.67 -12.34 12.21
N ILE C 405 6.90 -12.73 13.46
CA ILE C 405 6.51 -11.93 14.61
C ILE C 405 7.24 -10.60 14.58
N GLY C 406 8.50 -10.62 14.15
CA GLY C 406 9.32 -9.42 14.14
C GLY C 406 8.81 -8.31 13.24
N LEU C 407 7.89 -8.59 12.34
CA LEU C 407 7.33 -7.59 11.45
C LEU C 407 6.34 -6.65 12.13
N LEU C 408 5.94 -6.97 13.37
CA LEU C 408 4.93 -6.14 14.04
C LEU C 408 5.49 -4.78 14.44
N ALA C 409 6.76 -4.71 14.82
CA ALA C 409 7.39 -3.48 15.26
C ALA C 409 7.82 -2.58 14.11
N LEU C 410 7.72 -3.06 12.87
CA LEU C 410 8.16 -2.26 11.72
C LEU C 410 7.41 -0.95 11.56
N PRO C 411 6.06 -0.92 11.58
CA PRO C 411 5.37 0.37 11.32
C PRO C 411 5.74 1.48 12.29
N GLY C 412 5.94 1.15 13.57
CA GLY C 412 6.24 2.17 14.56
C GLY C 412 7.70 2.62 14.58
N TYR C 413 8.54 2.05 13.73
CA TYR C 413 9.96 2.37 13.73
C TYR C 413 10.19 3.81 13.31
N TYR C 414 11.05 4.50 14.05
CA TYR C 414 11.46 5.86 13.71
C TYR C 414 12.86 6.09 14.22
N THR C 415 13.51 7.13 13.71
CA THR C 415 14.89 7.44 14.06
C THR C 415 15.02 8.90 14.41
N THR C 416 16.03 9.21 15.22
CA THR C 416 16.34 10.57 15.63
C THR C 416 17.81 10.87 15.33
N TYR C 417 18.12 12.17 15.20
CA TYR C 417 19.44 12.61 14.81
C TYR C 417 20.13 13.45 15.87
N ASP C 418 19.56 13.55 17.06
CA ASP C 418 20.14 14.35 18.14
C ASP C 418 21.07 13.47 18.96
N ASP C 419 22.38 13.68 18.81
CA ASP C 419 23.36 12.81 19.45
C ASP C 419 23.50 13.09 20.94
N ARG C 420 22.91 14.17 21.45
CA ARG C 420 22.96 14.42 22.88
C ARG C 420 22.14 13.40 23.65
N ARG C 421 21.21 12.72 22.98
CA ARG C 421 20.44 11.66 23.61
C ARG C 421 21.23 10.36 23.74
N TYR C 422 22.30 10.21 22.96
CA TYR C 422 23.09 8.98 22.96
C TYR C 422 24.40 9.12 23.72
N LEU C 423 24.49 10.07 24.65
CA LEU C 423 25.70 10.27 25.42
C LEU C 423 25.38 10.41 26.90
N PRO C 424 26.35 10.11 27.79
CA PRO C 424 26.12 10.37 29.21
C PRO C 424 26.00 11.86 29.47
N ASP C 425 25.29 12.19 30.56
CA ASP C 425 25.00 13.60 30.85
C ASP C 425 26.24 14.36 31.30
N ASP C 426 27.26 13.66 31.79
CA ASP C 426 28.41 14.36 32.36
C ASP C 426 29.31 14.99 31.31
N VAL C 427 29.12 14.63 30.04
CA VAL C 427 29.97 15.16 28.97
C VAL C 427 29.74 16.65 28.83
N PRO C 428 30.76 17.43 28.43
CA PRO C 428 30.58 18.89 28.36
C PRO C 428 29.47 19.33 27.41
N ALA C 429 29.30 18.63 26.30
CA ALA C 429 28.25 19.01 25.35
C ALA C 429 26.88 18.91 25.99
N ASN C 430 26.63 17.85 26.75
CA ASN C 430 25.34 17.71 27.43
C ASN C 430 25.14 18.80 28.47
N VAL C 431 26.21 19.19 29.18
CA VAL C 431 26.09 20.25 30.18
C VAL C 431 25.72 21.57 29.51
N GLY C 432 26.42 21.90 28.42
CA GLY C 432 26.09 23.12 27.69
C GLY C 432 24.67 23.10 27.15
N TYR C 433 24.25 21.95 26.62
CA TYR C 433 22.88 21.81 26.15
C TYR C 433 21.89 22.01 27.29
N ASP C 434 22.18 21.45 28.46
CA ASP C 434 21.28 21.60 29.59
C ASP C 434 21.14 23.05 29.99
N ALA C 435 22.26 23.78 30.06
CA ALA C 435 22.20 25.20 30.38
C ALA C 435 21.37 25.96 29.35
N ALA C 436 21.68 25.75 28.07
CA ALA C 436 20.99 26.47 27.01
C ALA C 436 19.49 26.19 27.03
N PHE C 437 19.11 24.93 27.28
CA PHE C 437 17.70 24.59 27.31
C PHE C 437 17.02 25.11 28.57
N ARG C 438 17.79 25.26 29.65
CA ARG C 438 17.25 25.92 30.82
C ARG C 438 16.90 27.37 30.53
N HIS C 439 17.75 28.06 29.77
CA HIS C 439 17.51 29.47 29.50
C HIS C 439 16.90 29.72 28.13
N PHE C 440 17.52 29.23 27.05
CA PHE C 440 16.97 29.41 25.72
C PHE C 440 16.08 28.23 25.35
N SER C 441 15.63 28.21 24.10
CA SER C 441 14.91 27.08 23.55
C SER C 441 15.87 26.22 22.73
N GLN C 442 15.46 24.97 22.48
CA GLN C 442 16.34 24.00 21.86
C GLN C 442 16.72 24.42 20.44
N ALA C 443 15.76 24.95 19.68
CA ALA C 443 15.99 25.22 18.26
C ALA C 443 17.08 26.28 18.06
N LYS C 444 17.28 27.14 19.06
CA LYS C 444 18.25 28.23 18.90
C LYS C 444 19.68 27.69 18.85
N MET C 445 19.95 26.58 19.55
CA MET C 445 21.30 26.03 19.53
C MET C 445 21.65 25.42 18.18
N ASN C 446 20.66 25.10 17.36
CA ASN C 446 20.88 24.49 16.04
C ASN C 446 20.07 25.26 15.01
N PRO C 447 20.49 26.46 14.64
CA PRO C 447 19.73 27.24 13.64
C PRO C 447 20.02 26.79 12.23
N ASP C 448 19.45 27.48 11.26
CA ASP C 448 19.70 27.24 9.85
C ASP C 448 20.20 28.52 9.20
N LEU C 449 20.79 28.37 8.02
CA LEU C 449 21.34 29.50 7.27
C LEU C 449 20.92 29.37 5.82
N MET C 450 20.44 30.46 5.24
CA MET C 450 20.06 30.52 3.84
C MET C 450 20.67 31.77 3.21
N MET C 451 21.20 31.64 2.00
CA MET C 451 21.83 32.74 1.30
C MET C 451 21.19 32.89 -0.07
N VAL C 452 20.61 34.04 -0.34
CA VAL C 452 20.05 34.36 -1.65
C VAL C 452 21.05 35.29 -2.34
N GLU C 453 21.63 34.82 -3.44
CA GLU C 453 22.69 35.55 -4.12
C GLU C 453 22.20 36.06 -5.47
N THR C 454 22.49 37.33 -5.74
CA THR C 454 22.17 37.96 -7.02
C THR C 454 23.45 38.52 -7.63
N ASP C 455 23.31 39.14 -8.80
CA ASP C 455 24.44 39.69 -9.53
C ASP C 455 24.58 41.19 -9.38
N ARG C 456 23.66 41.86 -8.68
CA ARG C 456 23.67 43.30 -8.54
C ARG C 456 23.62 43.67 -7.06
N ASP C 457 24.00 44.91 -6.78
CA ASP C 457 23.95 45.41 -5.40
C ASP C 457 22.51 45.51 -4.95
N LEU C 458 22.25 45.06 -3.72
CA LEU C 458 20.91 45.05 -3.15
C LEU C 458 20.73 46.09 -2.07
N ARG C 459 21.67 47.02 -1.92
CA ARG C 459 21.63 48.01 -0.83
C ARG C 459 20.82 49.23 -1.28
N ASN C 460 19.52 49.00 -1.43
CA ASN C 460 18.57 50.04 -1.81
C ASN C 460 17.19 49.60 -1.37
N PRO C 461 16.25 50.53 -1.18
CA PRO C 461 14.91 50.14 -0.71
C PRO C 461 14.19 49.16 -1.63
N ALA C 462 14.36 49.31 -2.94
CA ALA C 462 13.62 48.47 -3.89
C ALA C 462 13.92 47.00 -3.67
N ASP C 463 15.19 46.66 -3.49
CA ASP C 463 15.55 45.27 -3.20
C ASP C 463 15.21 44.90 -1.76
N PHE C 464 15.17 45.88 -0.86
CA PHE C 464 14.77 45.59 0.51
C PHE C 464 13.33 45.12 0.58
N LEU C 465 12.47 45.63 -0.31
CA LEU C 465 11.10 45.14 -0.37
C LEU C 465 11.07 43.64 -0.66
N VAL C 466 11.84 43.22 -1.67
CA VAL C 466 11.88 41.81 -2.03
C VAL C 466 12.48 40.98 -0.90
N ILE C 467 13.50 41.51 -0.24
CA ILE C 467 14.12 40.79 0.87
C ILE C 467 13.11 40.56 1.99
N ASP C 468 12.34 41.59 2.33
CA ASP C 468 11.33 41.43 3.37
C ASP C 468 10.25 40.46 2.93
N LYS C 469 9.89 40.48 1.65
CA LYS C 469 8.91 39.52 1.15
C LYS C 469 9.42 38.09 1.33
N ILE C 470 10.70 37.87 1.01
CA ILE C 470 11.29 36.54 1.18
C ILE C 470 11.28 36.15 2.65
N ALA C 471 11.62 37.09 3.52
CA ALA C 471 11.63 36.79 4.96
C ALA C 471 10.24 36.40 5.45
N LYS C 472 9.21 37.13 5.00
CA LYS C 472 7.85 36.79 5.40
C LYS C 472 7.45 35.41 4.88
N ALA C 473 7.81 35.11 3.62
CA ALA C 473 7.47 33.81 3.05
C ALA C 473 8.15 32.69 3.83
N LEU C 474 9.40 32.90 4.23
CA LEU C 474 10.10 31.89 5.02
C LEU C 474 9.47 31.72 6.39
N LYS C 475 9.12 32.82 7.05
CA LYS C 475 8.55 32.70 8.39
C LYS C 475 7.18 32.03 8.37
N ASN C 476 6.39 32.27 7.31
CA ASN C 476 5.04 31.73 7.28
C ASN C 476 5.04 30.20 7.14
N VAL C 477 6.19 29.61 6.81
CA VAL C 477 6.27 28.17 6.66
C VAL C 477 6.00 27.50 8.01
N HIS C 478 5.28 26.39 7.97
CA HIS C 478 4.93 25.66 9.18
C HIS C 478 6.18 25.13 9.89
N GLY C 479 6.22 25.31 11.20
CA GLY C 479 7.31 24.81 12.01
C GLY C 479 8.48 25.76 12.18
N ILE C 480 8.46 26.92 11.55
CA ILE C 480 9.54 27.91 11.66
C ILE C 480 9.13 28.95 12.70
N ALA C 481 9.95 29.10 13.73
CA ALA C 481 9.62 30.01 14.82
C ALA C 481 9.85 31.46 14.43
N GLN C 482 11.09 31.81 14.10
CA GLN C 482 11.42 33.19 13.76
C GLN C 482 12.57 33.21 12.77
N VAL C 483 12.54 34.20 11.89
CA VAL C 483 13.58 34.41 10.89
C VAL C 483 14.14 35.80 11.11
N GLN C 484 15.45 35.91 11.23
CA GLN C 484 16.10 37.21 11.36
C GLN C 484 17.01 37.46 10.17
N THR C 485 17.09 38.73 9.76
CA THR C 485 17.88 39.15 8.61
C THR C 485 18.10 40.65 8.73
N ILE C 486 18.58 41.26 7.64
CA ILE C 486 18.83 42.69 7.66
C ILE C 486 17.55 43.49 7.86
N THR C 487 16.42 42.96 7.39
CA THR C 487 15.13 43.62 7.60
C THR C 487 14.46 43.21 8.90
N ARG C 488 15.05 42.24 9.63
CA ARG C 488 14.53 41.83 10.94
C ARG C 488 15.71 41.48 11.83
N PRO C 489 16.46 42.49 12.29
CA PRO C 489 17.72 42.21 12.98
C PRO C 489 17.58 41.35 14.23
N ASP C 490 16.48 41.48 14.96
CA ASP C 490 16.26 40.73 16.18
C ASP C 490 15.11 39.74 16.07
N GLY C 491 14.70 39.39 14.85
CA GLY C 491 13.59 38.48 14.65
C GLY C 491 12.24 39.13 14.59
N ASP C 492 12.14 40.41 14.95
CA ASP C 492 10.92 41.19 14.90
C ASP C 492 11.00 42.22 13.77
N PRO C 493 9.87 42.65 13.23
CA PRO C 493 9.91 43.70 12.20
C PRO C 493 10.51 44.98 12.75
N ILE C 494 11.24 45.70 11.89
CA ILE C 494 11.84 46.96 12.29
C ILE C 494 10.74 47.95 12.61
N GLU C 495 10.90 48.66 13.74
CA GLU C 495 9.89 49.63 14.14
C GLU C 495 9.82 50.78 13.15
N HIS C 496 8.62 51.34 13.01
CA HIS C 496 8.37 52.48 12.12
C HIS C 496 8.63 52.11 10.67
N SER C 497 8.24 50.89 10.28
CA SER C 497 8.40 50.44 8.90
C SER C 497 7.09 50.17 8.19
N THR C 498 5.98 50.06 8.92
CA THR C 498 4.69 49.81 8.29
C THR C 498 4.23 51.03 7.50
N ILE C 499 3.54 50.78 6.39
CA ILE C 499 2.96 51.88 5.61
C ILE C 499 2.03 52.76 6.43
N PRO C 500 1.12 52.21 7.27
CA PRO C 500 0.25 53.09 8.07
C PRO C 500 1.02 54.05 8.97
N TYR C 501 2.22 53.66 9.40
CA TYR C 501 3.07 54.58 10.15
C TYR C 501 3.40 55.81 9.32
N THR C 502 3.75 55.59 8.05
CA THR C 502 4.04 56.71 7.16
C THR C 502 2.82 57.59 6.95
N ILE C 503 1.64 56.97 6.85
CA ILE C 503 0.39 57.69 6.66
C ILE C 503 0.13 58.64 7.82
N ASN C 656 -11.66 87.75 14.57
CA ASN C 656 -12.62 86.73 14.14
C ASN C 656 -11.96 85.73 13.21
N GLN C 657 -11.35 86.23 12.14
CA GLN C 657 -10.68 85.36 11.19
C GLN C 657 -9.57 84.55 11.86
N TYR C 658 -8.86 85.18 12.79
CA TYR C 658 -7.80 84.47 13.52
C TYR C 658 -8.36 83.30 14.31
N GLN C 659 -9.50 83.48 14.96
CA GLN C 659 -10.10 82.41 15.75
C GLN C 659 -10.49 81.22 14.87
N VAL C 660 -11.04 81.49 13.68
CA VAL C 660 -11.40 80.42 12.76
C VAL C 660 -10.16 79.64 12.34
N GLN C 661 -9.07 80.35 12.05
CA GLN C 661 -7.84 79.70 11.64
C GLN C 661 -7.28 78.80 12.74
N LYS C 662 -7.34 79.27 13.99
CA LYS C 662 -6.80 78.50 15.09
C LYS C 662 -7.58 77.19 15.29
N ALA C 663 -8.89 77.23 15.08
CA ALA C 663 -9.69 76.01 15.18
C ALA C 663 -9.24 74.99 14.15
N GLN C 664 -8.92 75.44 12.94
CA GLN C 664 -8.33 74.54 11.94
C GLN C 664 -7.00 74.00 12.42
N GLN C 665 -6.19 74.84 13.08
CA GLN C 665 -4.94 74.37 13.65
C GLN C 665 -5.18 73.30 14.70
N ASP C 666 -6.18 73.50 15.56
CA ASP C 666 -6.51 72.50 16.57
C ASP C 666 -6.99 71.21 15.93
N GLN C 667 -7.77 71.31 14.85
CA GLN C 667 -8.18 70.12 14.12
C GLN C 667 -6.97 69.37 13.58
N ASN C 668 -5.97 70.09 13.09
CA ASN C 668 -4.77 69.44 12.57
C ASN C 668 -4.04 68.67 13.68
N MET C 669 -3.93 69.26 14.86
CA MET C 669 -3.27 68.58 15.97
C MET C 669 -4.03 67.33 16.38
N ALA C 670 -5.37 67.41 16.42
CA ALA C 670 -6.17 66.23 16.73
C ALA C 670 -5.97 65.14 15.70
N MET C 671 -5.92 65.52 14.41
CA MET C 671 -5.61 64.55 13.37
C MET C 671 -4.20 63.99 13.54
N GLN C 672 -3.26 64.85 13.96
CA GLN C 672 -1.90 64.38 14.25
C GLN C 672 -1.91 63.37 15.38
N GLU C 673 -2.73 63.60 16.41
CA GLU C 673 -2.87 62.63 17.49
C GLU C 673 -3.43 61.32 16.97
N ASN C 674 -4.41 61.39 16.07
CA ASN C 674 -5.02 60.17 15.53
C ASN C 674 -3.99 59.32 14.80
N ALA C 675 -3.12 59.96 14.01
CA ALA C 675 -2.11 59.21 13.27
C ALA C 675 -1.14 58.52 14.22
N THR C 676 -0.81 59.16 15.34
CA THR C 676 0.09 58.56 16.31
C THR C 676 -0.51 57.29 16.90
N ALA C 677 -1.81 57.32 17.19
CA ALA C 677 -2.47 56.16 17.79
C ALA C 677 -2.39 54.94 16.86
N MET C 678 -2.61 55.16 15.57
CA MET C 678 -2.53 54.06 14.61
C MET C 678 -1.11 53.48 14.56
N SER C 679 -0.11 54.36 14.56
CA SER C 679 1.28 53.89 14.55
C SER C 679 1.59 53.08 15.79
N GLN C 680 1.14 53.57 16.96
CA GLN C 680 1.38 52.84 18.20
C GLN C 680 0.68 51.49 18.20
N ALA C 681 -0.54 51.43 17.69
CA ALA C 681 -1.26 50.15 17.62
C ALA C 681 -0.54 49.18 16.70
N PHE C 682 -0.09 49.64 15.53
CA PHE C 682 0.59 48.77 14.60
C PHE C 682 1.93 48.31 15.15
N ASP C 683 2.60 49.16 15.93
CA ASP C 683 3.86 48.74 16.54
C ASP C 683 3.63 47.72 17.65
N ALA C 684 2.64 47.97 18.51
CA ALA C 684 2.38 47.06 19.62
C ALA C 684 1.93 45.70 19.12
N ALA C 685 1.09 45.67 18.09
CA ALA C 685 0.59 44.41 17.55
C ALA C 685 1.63 43.67 16.72
N LYS C 686 2.79 44.28 16.47
CA LYS C 686 3.84 43.68 15.65
C LYS C 686 3.33 43.30 14.26
N ASN C 687 2.50 44.17 13.69
CA ASN C 687 2.00 43.94 12.35
C ASN C 687 3.14 44.06 11.34
N ASP C 688 3.09 43.20 10.31
CA ASP C 688 4.15 43.16 9.30
C ASP C 688 3.58 43.00 7.89
N ASP C 689 2.34 43.41 7.67
CA ASP C 689 1.71 43.21 6.36
C ASP C 689 2.36 44.09 5.30
N SER C 690 2.63 45.35 5.65
CA SER C 690 3.27 46.28 4.73
C SER C 690 4.63 46.68 5.27
N PHE C 691 5.52 47.07 4.36
CA PHE C 691 6.90 47.37 4.74
C PHE C 691 7.50 48.36 3.77
N TYR C 692 8.25 49.32 4.31
CA TYR C 692 9.03 50.24 3.49
C TYR C 692 10.09 50.90 4.36
N LEU C 693 11.34 50.90 3.88
CA LEU C 693 12.44 51.53 4.58
C LEU C 693 12.88 52.77 3.79
N PRO C 694 12.74 53.97 4.34
CA PRO C 694 13.07 55.16 3.57
C PRO C 694 14.55 55.21 3.27
N PRO C 695 14.94 55.86 2.17
CA PRO C 695 16.37 55.92 1.81
C PRO C 695 17.23 56.59 2.87
N GLU C 696 16.67 57.54 3.61
CA GLU C 696 17.46 58.24 4.63
C GLU C 696 17.92 57.28 5.71
N ALA C 697 17.05 56.35 6.13
CA ALA C 697 17.40 55.43 7.19
C ALA C 697 18.57 54.54 6.80
N PHE C 698 18.78 54.34 5.49
CA PHE C 698 19.93 53.57 5.04
C PHE C 698 21.24 54.24 5.42
N GLU C 699 21.22 55.56 5.60
CA GLU C 699 22.45 56.28 5.90
C GLU C 699 22.82 56.20 7.38
N THR C 700 21.86 55.83 8.23
CA THR C 700 22.13 55.74 9.67
C THR C 700 23.15 54.64 9.95
N ASP C 701 24.00 54.89 10.95
CA ASP C 701 25.08 53.94 11.25
C ASP C 701 24.52 52.62 11.76
N ASP C 702 23.32 52.63 12.32
CA ASP C 702 22.72 51.39 12.80
C ASP C 702 22.52 50.40 11.65
N PHE C 703 22.04 50.88 10.50
CA PHE C 703 21.89 50.00 9.36
C PHE C 703 23.22 49.77 8.65
N GLN C 704 24.17 50.71 8.79
CA GLN C 704 25.51 50.47 8.24
C GLN C 704 26.17 49.29 8.91
N ARG C 705 26.06 49.20 10.23
CA ARG C 705 26.59 48.05 10.95
C ARG C 705 25.85 46.78 10.56
N GLY C 706 24.53 46.85 10.45
CA GLY C 706 23.76 45.67 10.08
C GLY C 706 24.07 45.17 8.69
N MET C 707 24.15 46.08 7.72
CA MET C 707 24.38 45.66 6.33
C MET C 707 25.76 45.07 6.14
N LYS C 708 26.68 45.29 7.08
CA LYS C 708 27.99 44.64 7.02
C LYS C 708 27.98 43.26 7.65
N LEU C 709 26.89 42.89 8.34
CA LEU C 709 26.76 41.57 8.95
C LEU C 709 25.91 40.63 8.11
N PHE C 710 24.72 41.07 7.72
CA PHE C 710 23.80 40.21 6.99
C PHE C 710 23.92 40.32 5.47
N MET C 711 24.81 41.18 4.96
CA MET C 711 24.98 41.32 3.53
C MET C 711 26.47 41.31 3.17
N SER C 712 26.75 40.78 1.98
CA SER C 712 28.11 40.68 1.50
C SER C 712 28.71 42.07 1.26
N PRO C 713 30.04 42.18 1.27
CA PRO C 713 30.65 43.49 1.03
C PRO C 713 30.23 44.16 -0.26
N ASP C 714 30.07 43.39 -1.33
CA ASP C 714 29.60 43.95 -2.59
C ASP C 714 28.08 44.10 -2.61
N GLY C 715 27.38 43.57 -1.61
CA GLY C 715 25.94 43.67 -1.60
C GLY C 715 25.23 42.78 -2.60
N HIS C 716 25.88 41.69 -3.03
CA HIS C 716 25.28 40.79 -4.01
C HIS C 716 24.49 39.66 -3.36
N ALA C 717 24.68 39.41 -2.07
CA ALA C 717 24.01 38.30 -1.40
C ALA C 717 23.62 38.71 0.01
N VAL C 718 22.58 38.07 0.53
CA VAL C 718 22.08 38.32 1.87
C VAL C 718 21.81 36.98 2.53
N ARG C 719 22.20 36.86 3.80
CA ARG C 719 22.02 35.62 4.55
C ARG C 719 20.80 35.71 5.45
N PHE C 720 20.14 34.57 5.66
CA PHE C 720 18.99 34.47 6.54
C PHE C 720 19.31 33.46 7.63
N THR C 721 18.98 33.80 8.87
CA THR C 721 19.07 32.84 9.96
C THR C 721 17.66 32.35 10.29
N ILE C 722 17.45 31.04 10.20
CA ILE C 722 16.14 30.43 10.37
C ILE C 722 16.17 29.56 11.61
N ILE C 723 15.17 29.72 12.46
CA ILE C 723 15.09 29.00 13.74
C ILE C 723 13.79 28.21 13.76
N HIS C 724 13.90 26.92 14.06
CA HIS C 724 12.75 26.02 14.01
C HIS C 724 11.88 26.17 15.25
N GLN C 725 10.80 25.40 15.29
CA GLN C 725 9.95 25.25 16.46
C GLN C 725 10.25 23.90 17.09
N GLY C 726 10.56 23.90 18.38
CA GLY C 726 10.92 22.68 19.06
C GLY C 726 12.27 22.15 18.63
N ASP C 727 12.45 20.86 18.84
CA ASP C 727 13.70 20.21 18.48
C ASP C 727 13.84 20.15 16.96
N PRO C 728 14.89 20.73 16.38
CA PRO C 728 15.04 20.73 14.93
C PRO C 728 15.75 19.52 14.37
N LEU C 729 16.17 18.56 15.19
CA LEU C 729 16.90 17.38 14.73
C LEU C 729 16.04 16.13 14.75
N THR C 730 14.76 16.26 14.45
CA THR C 730 13.84 15.14 14.37
C THR C 730 13.57 14.80 12.91
N GLU C 731 12.70 13.81 12.70
CA GLU C 731 12.28 13.48 11.35
C GLU C 731 11.49 14.63 10.74
N GLU C 732 10.66 15.31 11.54
CA GLU C 732 9.98 16.50 11.08
C GLU C 732 10.97 17.62 10.82
N GLY C 733 12.00 17.72 11.67
CA GLY C 733 12.98 18.79 11.52
C GLY C 733 13.68 18.76 10.18
N THR C 734 14.04 17.57 9.70
CA THR C 734 14.70 17.45 8.41
C THR C 734 13.70 17.52 7.25
N ALA C 735 12.40 17.36 7.52
CA ALA C 735 11.40 17.42 6.46
C ALA C 735 11.01 18.83 6.08
N ARG C 736 11.39 19.83 6.89
CA ARG C 736 11.07 21.21 6.57
C ARG C 736 12.03 21.84 5.58
N MET C 737 13.11 21.15 5.21
CA MET C 737 14.11 21.74 4.33
C MET C 737 13.53 22.01 2.95
N ASP C 738 12.78 21.05 2.40
CA ASP C 738 12.23 21.23 1.05
C ASP C 738 11.22 22.37 1.03
N GLU C 739 10.41 22.49 2.09
CA GLU C 739 9.39 23.53 2.13
C GLU C 739 10.00 24.92 2.10
N LEU C 740 11.12 25.11 2.79
CA LEU C 740 11.76 26.41 2.81
C LEU C 740 12.28 26.79 1.42
N LYS C 741 12.91 25.84 0.73
CA LYS C 741 13.41 26.13 -0.61
C LYS C 741 12.26 26.42 -1.57
N VAL C 742 11.17 25.65 -1.47
CA VAL C 742 10.00 25.90 -2.31
C VAL C 742 9.42 27.29 -2.04
N ALA C 743 9.34 27.65 -0.76
CA ALA C 743 8.79 28.95 -0.39
C ALA C 743 9.67 30.08 -0.94
N ALA C 744 10.99 29.93 -0.83
CA ALA C 744 11.88 30.95 -1.36
C ALA C 744 11.73 31.08 -2.87
N ALA C 745 11.66 29.94 -3.56
CA ALA C 745 11.52 29.97 -5.01
C ALA C 745 10.20 30.62 -5.43
N ASP C 746 9.13 30.36 -4.69
CA ASP C 746 7.84 30.97 -5.00
C ASP C 746 7.85 32.46 -4.71
N ALA C 747 8.50 32.87 -3.62
CA ALA C 747 8.56 34.28 -3.26
C ALA C 747 9.35 35.07 -4.28
N ILE C 748 10.45 34.50 -4.78
CA ILE C 748 11.27 35.20 -5.77
C ILE C 748 10.49 35.40 -7.06
N LYS C 749 9.63 34.44 -7.41
CA LYS C 749 8.90 34.47 -8.67
C LYS C 749 8.16 35.77 -8.88
N GLY C 750 8.33 36.36 -10.06
CA GLY C 750 7.65 37.59 -10.42
C GLY C 750 8.37 38.86 -10.04
N THR C 751 9.47 38.77 -9.32
CA THR C 751 10.23 39.92 -8.85
C THR C 751 11.51 40.08 -9.67
N PRO C 752 12.18 41.23 -9.55
CA PRO C 752 13.50 41.37 -10.20
C PRO C 752 14.53 40.37 -9.71
N PHE C 753 14.28 39.72 -8.57
CA PHE C 753 15.21 38.72 -8.06
C PHE C 753 15.24 37.46 -8.90
N GLU C 754 14.31 37.32 -9.85
CA GLU C 754 14.26 36.15 -10.71
C GLU C 754 15.61 35.89 -11.37
N GLY C 755 16.06 34.64 -11.30
CA GLY C 755 17.38 34.28 -11.77
C GLY C 755 18.43 34.19 -10.68
N ALA C 756 18.05 34.32 -9.42
CA ALA C 756 19.00 34.23 -8.33
C ALA C 756 19.30 32.78 -7.98
N ARG C 757 20.26 32.59 -7.09
CA ARG C 757 20.67 31.28 -6.63
C ARG C 757 20.45 31.19 -5.12
N ILE C 758 19.85 30.08 -4.69
CA ILE C 758 19.45 29.88 -3.30
C ILE C 758 20.25 28.74 -2.71
N TYR C 759 20.89 28.99 -1.58
CA TYR C 759 21.64 27.98 -0.84
C TYR C 759 20.99 27.80 0.53
N LEU C 760 20.75 26.56 0.91
CA LEU C 760 20.21 26.24 2.22
C LEU C 760 21.20 25.35 2.96
N GLY C 761 21.50 25.71 4.21
CA GLY C 761 22.48 24.98 5.00
C GLY C 761 22.07 24.96 6.46
N GLY C 762 22.87 24.24 7.25
CA GLY C 762 22.60 24.08 8.66
C GLY C 762 22.62 22.63 9.09
N SER C 763 22.34 22.38 10.37
CA SER C 763 22.38 21.00 10.88
C SER C 763 21.28 20.15 10.25
N ALA C 764 20.08 20.72 10.11
CA ALA C 764 18.94 19.94 9.63
C ALA C 764 19.17 19.45 8.21
N ALA C 765 19.68 20.31 7.33
CA ALA C 765 19.95 19.90 5.96
C ALA C 765 21.04 18.81 5.93
N THR C 766 22.04 18.96 6.79
CA THR C 766 23.10 17.96 6.87
C THR C 766 22.52 16.61 7.24
N TYR C 767 21.65 16.57 8.25
CA TYR C 767 21.10 15.29 8.68
C TYR C 767 20.12 14.73 7.66
N ASN C 768 19.42 15.60 6.93
CA ASN C 768 18.58 15.13 5.83
C ASN C 768 19.42 14.42 4.77
N ASP C 769 20.54 15.04 4.39
CA ASP C 769 21.44 14.40 3.43
C ASP C 769 21.98 13.10 3.98
N MET C 770 22.31 13.08 5.27
CA MET C 770 22.80 11.84 5.89
C MET C 770 21.76 10.74 5.82
N GLN C 771 20.49 11.08 6.07
CA GLN C 771 19.43 10.08 6.01
C GLN C 771 19.27 9.53 4.60
N ILE C 772 19.28 10.41 3.60
CA ILE C 772 19.14 9.95 2.22
C ILE C 772 20.30 9.02 1.86
N GLY C 773 21.52 9.42 2.21
CA GLY C 773 22.67 8.58 1.94
C GLY C 773 22.59 7.25 2.67
N ALA C 774 22.05 7.27 3.89
CA ALA C 774 21.90 6.04 4.66
C ALA C 774 20.95 5.07 3.98
N ASP C 775 19.82 5.57 3.48
CA ASP C 775 18.89 4.70 2.77
C ASP C 775 19.53 4.10 1.52
N TYR C 776 20.18 4.96 0.72
CA TYR C 776 20.83 4.49 -0.50
C TYR C 776 21.87 3.42 -0.20
N ASP C 777 22.75 3.70 0.78
CA ASP C 777 23.81 2.77 1.12
C ASP C 777 23.26 1.49 1.72
N LEU C 778 22.16 1.57 2.48
CA LEU C 778 21.56 0.37 3.03
C LEU C 778 21.09 -0.56 1.92
N ILE C 779 20.39 0.01 0.93
CA ILE C 779 19.93 -0.82 -0.19
C ILE C 779 21.12 -1.44 -0.93
N ILE C 780 22.14 -0.62 -1.19
CA ILE C 780 23.30 -1.12 -1.94
C ILE C 780 23.99 -2.25 -1.18
N VAL C 781 24.20 -2.05 0.12
CA VAL C 781 24.89 -3.04 0.93
C VAL C 781 24.11 -4.34 0.97
N ALA C 782 22.80 -4.24 1.18
CA ALA C 782 21.98 -5.45 1.22
C ALA C 782 22.08 -6.23 -0.08
N ALA C 783 21.93 -5.55 -1.22
CA ALA C 783 21.98 -6.24 -2.50
C ALA C 783 23.34 -6.88 -2.74
N SER C 784 24.42 -6.13 -2.53
CA SER C 784 25.75 -6.63 -2.81
C SER C 784 26.09 -7.81 -1.89
N ALA C 785 25.75 -7.69 -0.61
CA ALA C 785 26.01 -8.78 0.34
C ALA C 785 25.26 -10.04 -0.07
N LEU C 786 23.97 -9.90 -0.42
CA LEU C 786 23.21 -11.07 -0.84
C LEU C 786 23.85 -11.74 -2.05
N ILE C 787 24.22 -10.94 -3.06
CA ILE C 787 24.79 -11.53 -4.26
C ILE C 787 26.09 -12.25 -3.95
N LEU C 788 26.99 -11.60 -3.21
CA LEU C 788 28.30 -12.18 -2.95
C LEU C 788 28.18 -13.45 -2.11
N ILE C 789 27.33 -13.42 -1.08
CA ILE C 789 27.16 -14.59 -0.22
C ILE C 789 26.56 -15.74 -1.00
N PHE C 790 25.57 -15.44 -1.85
CA PHE C 790 24.97 -16.48 -2.67
C PHE C 790 26.01 -17.12 -3.58
N ILE C 791 26.86 -16.29 -4.19
CA ILE C 791 27.89 -16.81 -5.09
C ILE C 791 28.85 -17.72 -4.34
N ILE C 792 29.28 -17.28 -3.16
CA ILE C 792 30.24 -18.08 -2.38
C ILE C 792 29.64 -19.41 -1.99
N MET C 793 28.39 -19.37 -1.49
CA MET C 793 27.74 -20.60 -1.05
C MET C 793 27.52 -21.56 -2.22
N MET C 794 27.09 -21.04 -3.37
CA MET C 794 26.89 -21.88 -4.53
C MET C 794 28.20 -22.51 -4.99
N VAL C 795 29.30 -21.74 -4.94
CA VAL C 795 30.60 -22.27 -5.32
C VAL C 795 31.02 -23.40 -4.37
N LEU C 796 30.85 -23.17 -3.07
CA LEU C 796 31.37 -24.13 -2.10
C LEU C 796 30.54 -25.40 -2.07
N THR C 797 29.20 -25.27 -2.07
CA THR C 797 28.36 -26.45 -1.98
C THR C 797 28.03 -27.04 -3.35
N ARG C 798 28.42 -26.37 -4.43
CA ARG C 798 28.22 -26.87 -5.80
C ARG C 798 26.74 -27.08 -6.12
N ALA C 799 25.86 -26.44 -5.36
CA ALA C 799 24.42 -26.58 -5.54
C ALA C 799 23.76 -25.21 -5.48
N VAL C 800 22.79 -24.98 -6.35
CA VAL C 800 22.11 -23.69 -6.39
C VAL C 800 21.04 -23.61 -5.30
N VAL C 801 20.22 -24.65 -5.21
CA VAL C 801 19.06 -24.61 -4.32
C VAL C 801 19.50 -24.47 -2.87
N ALA C 802 20.62 -25.12 -2.52
CA ALA C 802 21.12 -25.00 -1.15
C ALA C 802 21.46 -23.55 -0.81
N ALA C 803 22.17 -22.87 -1.71
CA ALA C 803 22.53 -21.48 -1.48
C ALA C 803 21.29 -20.61 -1.40
N ALA C 804 20.31 -20.84 -2.28
CA ALA C 804 19.08 -20.05 -2.24
C ALA C 804 18.35 -20.25 -0.91
N VAL C 805 18.28 -21.49 -0.44
CA VAL C 805 17.62 -21.77 0.84
C VAL C 805 18.34 -21.07 1.98
N ILE C 806 19.68 -21.14 1.98
CA ILE C 806 20.45 -20.50 3.04
C ILE C 806 20.17 -19.00 3.07
N VAL C 807 20.22 -18.36 1.90
CA VAL C 807 20.01 -16.92 1.82
C VAL C 807 18.61 -16.55 2.29
N GLY C 808 17.60 -17.31 1.85
CA GLY C 808 16.24 -17.00 2.24
C GLY C 808 16.02 -17.13 3.73
N THR C 809 16.54 -18.21 4.32
CA THR C 809 16.40 -18.39 5.76
C THR C 809 17.09 -17.28 6.53
N VAL C 810 18.27 -16.87 6.07
CA VAL C 810 19.00 -15.81 6.76
C VAL C 810 18.22 -14.50 6.70
N VAL C 811 17.63 -14.18 5.54
CA VAL C 811 16.86 -12.95 5.41
C VAL C 811 15.64 -12.99 6.34
N LEU C 812 14.94 -14.13 6.36
CA LEU C 812 13.76 -14.25 7.20
C LEU C 812 14.12 -14.09 8.67
N SER C 813 15.25 -14.66 9.09
CA SER C 813 15.72 -14.45 10.46
C SER C 813 16.07 -12.99 10.70
N LEU C 814 16.65 -12.33 9.69
CA LEU C 814 17.06 -10.94 9.83
C LEU C 814 15.87 -10.03 10.12
N ALA C 815 14.73 -10.31 9.47
CA ALA C 815 13.54 -9.50 9.73
C ALA C 815 13.13 -9.58 11.20
N SER C 816 13.11 -10.80 11.76
CA SER C 816 12.73 -10.96 13.16
C SER C 816 13.76 -10.35 14.09
N ALA C 817 15.03 -10.42 13.71
CA ALA C 817 16.07 -9.78 14.51
C ALA C 817 15.85 -8.28 14.59
N PHE C 818 15.54 -7.67 13.44
CA PHE C 818 15.22 -6.25 13.40
C PHE C 818 14.04 -5.94 14.32
N GLY C 819 12.99 -6.75 14.24
CA GLY C 819 11.83 -6.53 15.08
C GLY C 819 12.16 -6.60 16.57
N LEU C 820 12.93 -7.61 16.96
CA LEU C 820 13.29 -7.77 18.37
C LEU C 820 14.12 -6.60 18.86
N SER C 821 15.10 -6.17 18.07
CA SER C 821 15.93 -5.03 18.48
C SER C 821 15.09 -3.76 18.61
N VAL C 822 14.20 -3.54 17.64
CA VAL C 822 13.36 -2.35 17.66
C VAL C 822 12.50 -2.34 18.92
N LEU C 823 11.86 -3.47 19.22
CA LEU C 823 11.09 -3.55 20.46
C LEU C 823 11.97 -3.23 21.66
N LEU C 824 13.03 -4.01 21.86
CA LEU C 824 13.83 -3.93 23.07
C LEU C 824 14.33 -2.52 23.33
N TRP C 825 14.77 -1.83 22.28
CA TRP C 825 15.25 -0.47 22.51
C TRP C 825 14.09 0.53 22.58
N GLN C 826 13.35 0.68 21.48
CA GLN C 826 12.41 1.79 21.36
C GLN C 826 11.32 1.74 22.44
N HIS C 827 10.76 0.56 22.70
CA HIS C 827 9.62 0.52 23.61
C HIS C 827 10.07 0.37 25.06
N ILE C 828 11.01 -0.54 25.31
CA ILE C 828 11.46 -0.79 26.68
C ILE C 828 12.37 0.35 27.16
N VAL C 829 13.51 0.53 26.48
CA VAL C 829 14.46 1.54 26.93
C VAL C 829 13.93 2.94 26.67
N GLY C 830 13.27 3.14 25.52
CA GLY C 830 12.71 4.42 25.15
C GLY C 830 13.54 5.20 24.17
N ILE C 831 14.81 4.87 24.01
CA ILE C 831 15.70 5.55 23.07
C ILE C 831 15.56 4.92 21.70
N PRO C 832 15.13 5.66 20.68
CA PRO C 832 15.03 5.08 19.34
C PRO C 832 16.41 4.78 18.76
N LEU C 833 16.43 3.86 17.82
CA LEU C 833 17.68 3.42 17.21
C LEU C 833 18.34 4.55 16.45
N HIS C 834 19.66 4.64 16.54
CA HIS C 834 20.40 5.61 15.76
C HIS C 834 20.36 5.23 14.28
N TRP C 835 20.39 6.24 13.43
CA TRP C 835 20.12 6.03 12.01
C TRP C 835 21.19 5.19 11.32
N MET C 836 22.36 5.03 11.93
CA MET C 836 23.45 4.29 11.31
C MET C 836 23.57 2.85 11.80
N VAL C 837 22.69 2.42 12.70
CA VAL C 837 22.79 1.08 13.26
C VAL C 837 22.44 0.02 12.21
N LEU C 838 21.44 0.33 11.37
CA LEU C 838 20.78 -0.71 10.57
C LEU C 838 21.73 -1.44 9.61
N PRO C 839 22.47 -0.75 8.74
CA PRO C 839 23.34 -1.51 7.80
C PRO C 839 24.45 -2.27 8.51
N MET C 840 25.01 -1.68 9.56
CA MET C 840 26.07 -2.34 10.31
C MET C 840 25.57 -3.64 10.93
N SER C 841 24.36 -3.63 11.49
CA SER C 841 23.80 -4.86 12.01
C SER C 841 23.49 -5.85 10.89
N VAL C 842 22.93 -5.35 9.79
CA VAL C 842 22.44 -6.22 8.73
C VAL C 842 23.59 -7.03 8.13
N ILE C 843 24.71 -6.36 7.83
CA ILE C 843 25.79 -7.03 7.13
C ILE C 843 26.35 -8.18 7.96
N VAL C 844 26.58 -7.93 9.24
CA VAL C 844 27.17 -8.94 10.12
C VAL C 844 26.18 -10.09 10.33
N LEU C 845 24.90 -9.76 10.52
CA LEU C 845 23.91 -10.81 10.71
C LEU C 845 23.85 -11.73 9.49
N LEU C 846 23.81 -11.15 8.29
CA LEU C 846 23.80 -11.95 7.09
C LEU C 846 25.01 -12.86 7.02
N ALA C 847 26.20 -12.30 7.23
CA ALA C 847 27.43 -13.08 7.11
C ALA C 847 27.44 -14.26 8.08
N VAL C 848 27.13 -14.00 9.35
CA VAL C 848 27.26 -15.05 10.36
C VAL C 848 26.19 -16.12 10.16
N GLY C 849 24.95 -15.72 9.88
CA GLY C 849 23.91 -16.71 9.64
C GLY C 849 24.23 -17.59 8.45
N ALA C 850 24.73 -16.97 7.38
CA ALA C 850 25.14 -17.75 6.21
C ALA C 850 26.25 -18.73 6.56
N ASP C 851 27.22 -18.30 7.38
CA ASP C 851 28.30 -19.21 7.75
C ASP C 851 27.79 -20.41 8.54
N TYR C 852 26.88 -20.18 9.51
CA TYR C 852 26.37 -21.29 10.29
C TYR C 852 25.58 -22.27 9.43
N ASN C 853 24.71 -21.74 8.57
CA ASN C 853 23.95 -22.62 7.69
C ASN C 853 24.88 -23.37 6.74
N LEU C 854 25.96 -22.72 6.30
CA LEU C 854 26.93 -23.38 5.44
C LEU C 854 27.59 -24.55 6.15
N LEU C 855 27.95 -24.36 7.42
CA LEU C 855 28.53 -25.46 8.18
C LEU C 855 27.57 -26.63 8.27
N LEU C 856 26.31 -26.34 8.60
CA LEU C 856 25.33 -27.43 8.72
C LEU C 856 25.15 -28.16 7.39
N VAL C 857 25.04 -27.40 6.29
CA VAL C 857 24.80 -28.01 4.99
C VAL C 857 26.01 -28.84 4.55
N SER C 858 27.21 -28.36 4.85
CA SER C 858 28.40 -29.11 4.50
C SER C 858 28.45 -30.44 5.24
N ARG C 859 28.12 -30.44 6.53
CA ARG C 859 28.07 -31.71 7.25
C ARG C 859 26.99 -32.62 6.68
N MET C 860 25.83 -32.05 6.32
CA MET C 860 24.77 -32.84 5.71
C MET C 860 25.25 -33.52 4.43
N LYS C 861 25.90 -32.75 3.56
CA LYS C 861 26.41 -33.33 2.32
C LYS C 861 27.45 -34.40 2.60
N GLU C 862 28.26 -34.22 3.64
CA GLU C 862 29.24 -35.23 3.98
C GLU C 862 28.58 -36.54 4.42
N GLU C 863 27.47 -36.45 5.15
CA GLU C 863 26.86 -37.64 5.75
C GLU C 863 25.67 -38.17 4.97
N ILE C 864 25.42 -37.67 3.75
CA ILE C 864 24.18 -38.02 3.05
C ILE C 864 24.25 -39.33 2.29
N HIS C 865 25.43 -39.95 2.18
CA HIS C 865 25.53 -41.16 1.37
C HIS C 865 24.74 -42.32 1.97
N ALA C 866 24.35 -42.21 3.23
CA ALA C 866 23.56 -43.23 3.91
C ALA C 866 22.07 -42.89 3.97
N GLY C 867 21.55 -42.20 2.97
CA GLY C 867 20.17 -41.78 2.99
C GLY C 867 20.03 -40.33 3.43
N ILE C 868 18.97 -39.68 2.94
CA ILE C 868 18.78 -38.26 3.25
C ILE C 868 18.48 -38.06 4.73
N ARG C 869 17.54 -38.83 5.27
CA ARG C 869 17.05 -38.59 6.61
C ARG C 869 18.07 -38.99 7.67
N THR C 870 18.69 -40.16 7.49
CA THR C 870 19.75 -40.58 8.40
C THR C 870 20.91 -39.60 8.35
N GLY C 871 21.26 -39.15 7.14
CA GLY C 871 22.32 -38.16 7.01
C GLY C 871 22.01 -36.87 7.74
N ILE C 872 20.78 -36.40 7.61
CA ILE C 872 20.36 -35.18 8.30
C ILE C 872 20.46 -35.36 9.81
N ILE C 873 19.96 -36.49 10.30
CA ILE C 873 19.96 -36.72 11.75
C ILE C 873 21.39 -36.78 12.27
N ARG C 874 22.27 -37.51 11.57
CA ARG C 874 23.65 -37.62 12.01
C ARG C 874 24.36 -36.28 11.95
N ALA C 875 24.13 -35.50 10.89
CA ALA C 875 24.76 -34.20 10.77
C ALA C 875 24.32 -33.28 11.90
N MET C 876 23.03 -33.29 12.24
CA MET C 876 22.56 -32.49 13.36
C MET C 876 23.21 -32.95 14.66
N VAL C 877 23.15 -34.25 14.95
CA VAL C 877 23.70 -34.75 16.20
C VAL C 877 25.19 -34.41 16.32
N GLY C 878 25.90 -34.38 15.19
CA GLY C 878 27.29 -33.99 15.22
C GLY C 878 27.52 -32.52 15.45
N THR C 879 26.98 -31.67 14.57
CA THR C 879 27.35 -30.27 14.57
C THR C 879 26.67 -29.48 15.69
N GLY C 880 25.43 -29.85 16.04
CA GLY C 880 24.60 -29.07 16.93
C GLY C 880 25.26 -28.42 18.12
N ALA C 881 25.96 -29.20 18.94
CA ALA C 881 26.58 -28.65 20.15
C ALA C 881 27.63 -27.60 19.80
N VAL C 882 28.49 -27.89 18.83
CA VAL C 882 29.56 -26.96 18.47
C VAL C 882 28.97 -25.68 17.89
N VAL C 883 28.00 -25.81 17.00
CA VAL C 883 27.41 -24.63 16.38
C VAL C 883 26.68 -23.80 17.42
N THR C 884 25.99 -24.45 18.35
CA THR C 884 25.30 -23.74 19.42
C THR C 884 26.28 -22.98 20.29
N ALA C 885 27.38 -23.62 20.67
CA ALA C 885 28.38 -22.95 21.49
C ALA C 885 28.97 -21.74 20.77
N ALA C 886 29.31 -21.91 19.49
CA ALA C 886 29.88 -20.80 18.73
C ALA C 886 28.88 -19.66 18.59
N GLY C 887 27.61 -19.99 18.32
CA GLY C 887 26.61 -18.94 18.19
C GLY C 887 26.39 -18.18 19.48
N LEU C 888 26.32 -18.90 20.60
CA LEU C 888 26.15 -18.24 21.88
C LEU C 888 27.33 -17.34 22.20
N VAL C 889 28.56 -17.83 21.92
CA VAL C 889 29.75 -17.04 22.19
C VAL C 889 29.73 -15.76 21.36
N PHE C 890 29.41 -15.89 20.07
CA PHE C 890 29.36 -14.71 19.21
C PHE C 890 28.28 -13.73 19.67
N ALA C 891 27.11 -14.25 20.02
CA ALA C 891 26.01 -13.38 20.43
C ALA C 891 26.35 -12.63 21.71
N PHE C 892 26.96 -13.33 22.67
CA PHE C 892 27.29 -12.68 23.94
C PHE C 892 28.47 -11.73 23.79
N THR C 893 29.36 -12.01 22.85
CA THR C 893 30.43 -11.06 22.53
C THR C 893 29.85 -9.77 21.95
N MET C 894 28.89 -9.91 21.03
CA MET C 894 28.26 -8.72 20.45
C MET C 894 27.44 -7.97 21.49
N ALA C 895 26.68 -8.69 22.31
CA ALA C 895 25.82 -8.03 23.29
C ALA C 895 26.62 -7.34 24.38
N SER C 896 27.88 -7.74 24.58
CA SER C 896 28.72 -7.13 25.59
C SER C 896 29.17 -5.72 25.24
N MET C 897 28.94 -5.26 24.01
CA MET C 897 29.30 -3.90 23.63
C MET C 897 28.39 -2.85 24.25
N ALA C 898 27.30 -3.27 24.89
CA ALA C 898 26.38 -2.31 25.52
C ALA C 898 27.02 -1.58 26.68
N VAL C 899 28.18 -2.02 27.17
CA VAL C 899 28.84 -1.32 28.27
C VAL C 899 29.48 -0.04 27.79
N SER C 900 29.49 0.22 26.48
CA SER C 900 30.05 1.45 25.96
C SER C 900 29.22 2.65 26.40
N SER C 901 29.90 3.73 26.74
CA SER C 901 29.19 4.97 27.07
C SER C 901 28.39 5.47 25.86
N LEU C 902 28.98 5.39 24.68
CA LEU C 902 28.23 5.70 23.45
C LEU C 902 27.17 4.64 23.22
N ILE C 903 25.93 5.07 23.01
CA ILE C 903 24.82 4.13 23.02
C ILE C 903 24.57 3.57 21.62
N THR C 904 25.04 4.25 20.57
CA THR C 904 24.89 3.70 19.22
C THR C 904 25.64 2.37 19.09
N ILE C 905 26.85 2.31 19.65
CA ILE C 905 27.63 1.08 19.60
C ILE C 905 26.92 -0.03 20.37
N GLY C 906 26.37 0.30 21.54
CA GLY C 906 25.61 -0.68 22.29
C GLY C 906 24.41 -1.18 21.52
N GLN C 907 23.71 -0.29 20.82
CA GLN C 907 22.56 -0.69 20.01
C GLN C 907 22.98 -1.66 18.92
N VAL C 908 24.07 -1.35 18.23
CA VAL C 908 24.55 -2.23 17.16
C VAL C 908 24.90 -3.59 17.74
N GLY C 909 25.65 -3.61 18.83
CA GLY C 909 26.08 -4.87 19.42
C GLY C 909 24.92 -5.72 19.87
N THR C 910 23.94 -5.10 20.55
CA THR C 910 22.80 -5.85 21.04
C THR C 910 21.93 -6.35 19.89
N THR C 911 21.79 -5.55 18.83
CA THR C 911 21.03 -6.00 17.67
C THR C 911 21.67 -7.23 17.04
N ILE C 912 22.99 -7.19 16.86
CA ILE C 912 23.69 -8.33 16.27
C ILE C 912 23.56 -9.54 17.20
N GLY C 913 23.68 -9.33 18.51
CA GLY C 913 23.55 -10.44 19.44
C GLY C 913 22.19 -11.09 19.39
N LEU C 914 21.13 -10.28 19.36
CA LEU C 914 19.78 -10.82 19.25
C LEU C 914 19.59 -11.57 17.95
N GLY C 915 20.11 -11.02 16.86
CA GLY C 915 20.01 -11.71 15.58
C GLY C 915 20.69 -13.06 15.62
N LEU C 916 21.89 -13.12 16.18
CA LEU C 916 22.61 -14.39 16.25
C LEU C 916 21.89 -15.38 17.15
N LEU C 917 21.36 -14.92 18.27
CA LEU C 917 20.61 -15.81 19.16
C LEU C 917 19.42 -16.42 18.43
N PHE C 918 18.61 -15.58 17.80
CA PHE C 918 17.44 -16.09 17.08
C PHE C 918 17.84 -17.04 15.98
N ASP C 919 18.87 -16.67 15.20
CA ASP C 919 19.31 -17.53 14.11
C ASP C 919 19.74 -18.90 14.63
N THR C 920 20.64 -18.91 15.63
CA THR C 920 21.16 -20.17 16.14
C THR C 920 20.05 -21.03 16.75
N LEU C 921 19.09 -20.41 17.43
CA LEU C 921 18.07 -21.20 18.10
C LEU C 921 16.90 -21.60 17.20
N VAL C 922 16.75 -20.99 16.03
CA VAL C 922 15.60 -21.33 15.20
C VAL C 922 16.02 -21.79 13.80
N VAL C 923 16.76 -20.94 13.08
CA VAL C 923 16.99 -21.20 11.66
C VAL C 923 17.83 -22.45 11.49
N ARG C 924 18.94 -22.54 12.23
CA ARG C 924 19.78 -23.73 12.16
C ARG C 924 19.07 -24.96 12.68
N SER C 925 18.37 -24.82 13.82
CA SER C 925 17.79 -25.98 14.49
C SER C 925 16.66 -26.60 13.67
N LEU C 926 15.76 -25.76 13.16
CA LEU C 926 14.52 -26.24 12.57
C LEU C 926 14.38 -25.92 11.09
N MET C 927 14.54 -24.66 10.70
CA MET C 927 14.13 -24.22 9.38
C MET C 927 14.93 -24.91 8.29
N THR C 928 16.26 -24.85 8.38
CA THR C 928 17.09 -25.46 7.34
C THR C 928 16.90 -26.97 7.23
N PRO C 929 16.96 -27.75 8.31
CA PRO C 929 16.71 -29.20 8.17
C PRO C 929 15.30 -29.51 7.68
N SER C 930 14.30 -28.74 8.10
CA SER C 930 12.94 -28.99 7.62
C SER C 930 12.83 -28.75 6.13
N ILE C 931 13.41 -27.65 5.65
CA ILE C 931 13.38 -27.36 4.22
C ILE C 931 14.16 -28.45 3.46
N ALA C 932 15.27 -28.91 4.02
CA ALA C 932 16.02 -29.98 3.38
C ALA C 932 15.20 -31.24 3.27
N THR C 933 14.47 -31.59 4.33
CA THR C 933 13.62 -32.77 4.30
C THR C 933 12.52 -32.62 3.26
N LEU C 934 11.91 -31.44 3.19
CA LEU C 934 10.82 -31.21 2.24
C LEU C 934 11.31 -31.30 0.80
N LEU C 935 12.39 -30.58 0.48
CA LEU C 935 12.88 -30.55 -0.89
C LEU C 935 13.42 -31.89 -1.35
N GLY C 936 13.97 -32.68 -0.43
CA GLY C 936 14.48 -33.98 -0.80
C GLY C 936 15.64 -33.88 -1.76
N ARG C 937 15.55 -34.60 -2.88
CA ARG C 937 16.63 -34.59 -3.85
C ARG C 937 16.83 -33.23 -4.49
N TRP C 938 15.77 -32.42 -4.55
CA TRP C 938 15.88 -31.10 -5.16
C TRP C 938 16.80 -30.17 -4.38
N PHE C 939 17.04 -30.46 -3.09
CA PHE C 939 17.86 -29.58 -2.28
C PHE C 939 19.29 -29.53 -2.77
N TRP C 940 19.73 -30.54 -3.52
CA TRP C 940 21.10 -30.62 -4.00
C TRP C 940 21.22 -30.45 -5.50
N TRP C 941 20.21 -29.87 -6.15
CA TRP C 941 20.27 -29.66 -7.59
C TRP C 941 21.45 -28.75 -7.92
N PRO C 942 22.18 -28.99 -9.02
CA PRO C 942 21.97 -30.02 -10.03
C PRO C 942 22.64 -31.36 -9.70
N GLN C 943 23.30 -31.48 -8.55
CA GLN C 943 23.89 -32.76 -8.18
C GLN C 943 22.80 -33.81 -8.01
N ARG C 944 23.06 -35.02 -8.51
CA ARG C 944 22.09 -36.10 -8.40
C ARG C 944 22.26 -36.82 -7.07
N VAL C 945 21.18 -36.90 -6.30
CA VAL C 945 21.20 -37.49 -4.97
C VAL C 945 20.05 -38.48 -4.85
N ARG C 946 20.34 -39.67 -4.35
CA ARG C 946 19.31 -40.67 -4.09
C ARG C 946 18.60 -40.33 -2.79
N GLU C 947 17.27 -40.35 -2.82
CA GLU C 947 16.49 -40.09 -1.62
C GLU C 947 16.76 -41.14 -0.55
N ARG C 948 16.81 -42.41 -0.96
CA ARG C 948 17.19 -43.50 -0.08
C ARG C 948 18.08 -44.48 -0.84
N PRO C 949 19.03 -45.11 -0.16
CA PRO C 949 19.91 -46.06 -0.86
C PRO C 949 19.15 -47.33 -1.24
N VAL C 950 19.88 -48.22 -1.92
CA VAL C 950 19.34 -49.52 -2.31
C VAL C 950 19.00 -50.29 -1.04
N PRO C 951 17.78 -50.78 -0.88
CA PRO C 951 17.41 -51.46 0.38
C PRO C 951 18.23 -52.72 0.60
N SER C 952 19.10 -52.69 1.60
CA SER C 952 19.98 -53.81 1.88
C SER C 952 19.23 -54.94 2.54
N LYS C 953 19.75 -56.16 2.38
CA LYS C 953 19.22 -57.31 3.08
C LYS C 953 19.63 -57.27 4.55
N TRP C 954 18.85 -57.98 5.37
CA TRP C 954 19.14 -58.00 6.80
C TRP C 954 20.49 -58.67 7.04
N PRO C 955 21.28 -58.17 7.99
CA PRO C 955 22.63 -58.71 8.18
C PRO C 955 22.61 -60.15 8.66
N THR C 956 23.61 -60.92 8.26
CA THR C 956 23.73 -62.30 8.69
C THR C 956 24.53 -62.37 9.99
N PRO C 957 23.94 -62.85 11.09
CA PRO C 957 24.63 -62.96 12.39
C PRO C 957 25.63 -64.11 12.42
N PRO D 22 -17.72 -41.33 -46.82
CA PRO D 22 -18.29 -40.59 -45.69
C PRO D 22 -17.60 -39.25 -45.48
N ARG D 23 -17.20 -38.61 -46.57
CA ARG D 23 -16.52 -37.34 -46.48
C ARG D 23 -17.45 -36.27 -45.94
N PRO D 24 -16.99 -35.38 -45.05
CA PRO D 24 -17.84 -34.29 -44.59
C PRO D 24 -18.22 -33.36 -45.74
N ARG D 25 -19.41 -32.77 -45.63
CA ARG D 25 -19.98 -32.02 -46.73
C ARG D 25 -19.19 -30.75 -47.04
N LEU D 26 -18.86 -29.97 -46.01
CA LEU D 26 -18.22 -28.67 -46.23
C LEU D 26 -16.84 -28.79 -46.87
N PRO D 27 -15.91 -29.60 -46.34
CA PRO D 27 -14.61 -29.72 -47.04
C PRO D 27 -14.73 -30.31 -48.43
N TRP D 28 -15.68 -31.22 -48.65
CA TRP D 28 -15.90 -31.74 -49.99
C TRP D 28 -16.36 -30.64 -50.93
N PHE D 29 -17.28 -29.79 -50.47
CA PHE D 29 -17.75 -28.68 -51.28
C PHE D 29 -16.60 -27.73 -51.59
N LEU D 30 -15.75 -27.45 -50.61
CA LEU D 30 -14.59 -26.59 -50.85
C LEU D 30 -13.65 -27.21 -51.88
N ARG D 31 -13.41 -28.52 -51.76
CA ARG D 31 -12.47 -29.19 -52.64
C ARG D 31 -12.99 -29.27 -54.07
N THR D 32 -14.30 -29.48 -54.23
CA THR D 32 -14.86 -29.64 -55.57
C THR D 32 -14.87 -28.32 -56.34
N PHE D 33 -15.56 -27.33 -55.81
CA PHE D 33 -15.68 -26.02 -56.47
C PHE D 33 -14.60 -25.04 -56.01
N ALA D 34 -13.33 -25.44 -56.10
CA ALA D 34 -12.25 -24.56 -55.63
C ALA D 34 -12.07 -23.37 -56.56
N VAL D 35 -12.02 -23.62 -57.86
CA VAL D 35 -11.77 -22.59 -58.86
C VAL D 35 -12.87 -21.52 -58.80
N PRO D 36 -14.16 -21.87 -58.79
CA PRO D 36 -15.18 -20.81 -58.65
C PRO D 36 -15.03 -19.98 -57.39
N ILE D 37 -14.68 -20.61 -56.27
CA ILE D 37 -14.52 -19.87 -55.02
C ILE D 37 -13.36 -18.90 -55.11
N ILE D 38 -12.24 -19.36 -55.66
CA ILE D 38 -11.06 -18.50 -55.80
C ILE D 38 -11.40 -17.31 -56.71
N LEU D 39 -12.07 -17.58 -57.82
CA LEU D 39 -12.42 -16.51 -58.75
C LEU D 39 -13.40 -15.53 -58.10
N ALA D 40 -14.36 -16.03 -57.33
CA ALA D 40 -15.30 -15.16 -56.65
C ALA D 40 -14.59 -14.24 -55.66
N TRP D 41 -13.67 -14.80 -54.87
CA TRP D 41 -12.91 -13.99 -53.94
C TRP D 41 -12.09 -12.94 -54.66
N VAL D 42 -11.42 -13.33 -55.75
CA VAL D 42 -10.60 -12.40 -56.51
C VAL D 42 -11.47 -11.25 -57.05
N ALA D 43 -12.63 -11.59 -57.62
CA ALA D 43 -13.50 -10.58 -58.19
C ALA D 43 -14.00 -9.63 -57.11
N VAL D 44 -14.43 -10.16 -55.97
CA VAL D 44 -14.96 -9.31 -54.91
C VAL D 44 -13.88 -8.36 -54.39
N VAL D 45 -12.68 -8.89 -54.15
CA VAL D 45 -11.60 -8.06 -53.63
C VAL D 45 -11.21 -6.99 -54.66
N ALA D 46 -11.14 -7.37 -55.93
CA ALA D 46 -10.80 -6.41 -56.97
C ALA D 46 -11.83 -5.29 -57.06
N ILE D 47 -13.11 -5.64 -56.96
CA ILE D 47 -14.16 -4.63 -56.98
C ILE D 47 -14.00 -3.69 -55.79
N LEU D 48 -13.83 -4.25 -54.59
CA LEU D 48 -13.74 -3.42 -53.40
C LEU D 48 -12.51 -2.54 -53.39
N ASN D 49 -11.41 -2.95 -54.03
CA ASN D 49 -10.20 -2.16 -54.06
C ASN D 49 -10.06 -1.33 -55.32
N THR D 50 -11.00 -1.42 -56.24
CA THR D 50 -10.97 -0.56 -57.40
C THR D 50 -12.03 0.52 -57.37
N VAL D 51 -13.22 0.23 -56.84
CA VAL D 51 -14.32 1.19 -56.90
C VAL D 51 -14.01 2.42 -56.05
N VAL D 52 -13.57 2.20 -54.81
CA VAL D 52 -13.36 3.31 -53.88
C VAL D 52 -11.89 3.69 -53.83
N PRO D 53 -11.54 4.90 -53.36
CA PRO D 53 -10.12 5.28 -53.28
C PRO D 53 -9.32 4.44 -52.30
N THR D 54 -8.02 4.71 -52.19
CA THR D 54 -7.18 3.96 -51.27
C THR D 54 -7.58 4.24 -49.83
N LEU D 55 -7.13 3.35 -48.94
CA LEU D 55 -7.45 3.49 -47.52
C LEU D 55 -6.88 4.78 -46.95
N ASP D 56 -5.71 5.20 -47.44
CA ASP D 56 -5.06 6.39 -46.90
C ASP D 56 -5.92 7.64 -47.13
N GLU D 57 -6.41 7.82 -48.35
CA GLU D 57 -7.21 9.00 -48.66
C GLU D 57 -8.52 9.00 -47.86
N VAL D 58 -9.17 7.84 -47.77
CA VAL D 58 -10.43 7.75 -47.04
C VAL D 58 -10.21 8.06 -45.56
N GLY D 59 -9.14 7.51 -44.99
CA GLY D 59 -8.82 7.83 -43.60
C GLY D 59 -8.52 9.30 -43.40
N GLU D 60 -7.83 9.91 -44.37
CA GLU D 60 -7.50 11.33 -44.26
C GLU D 60 -8.76 12.19 -44.30
N MET D 61 -9.72 11.83 -45.15
CA MET D 61 -10.93 12.63 -45.29
C MET D 61 -12.01 12.28 -44.28
N ARG D 62 -11.77 11.32 -43.39
CA ARG D 62 -12.74 10.89 -42.39
C ARG D 62 -12.14 10.90 -40.99
N ALA D 63 -11.29 11.88 -40.70
CA ALA D 63 -10.64 11.95 -39.40
C ALA D 63 -11.66 12.19 -38.29
N VAL D 64 -11.26 11.87 -37.06
CA VAL D 64 -12.12 11.98 -35.89
C VAL D 64 -11.44 12.87 -34.86
N SER D 65 -12.21 13.81 -34.31
CA SER D 65 -11.67 14.74 -33.32
C SER D 65 -11.10 14.00 -32.12
N MET D 66 -9.93 14.44 -31.67
CA MET D 66 -9.27 13.76 -30.55
C MET D 66 -10.05 13.94 -29.26
N ALA D 67 -10.65 15.11 -29.06
CA ALA D 67 -11.27 15.22 -27.74
C ALA D 67 -12.78 14.99 -27.84
N PRO D 68 -13.36 14.29 -26.87
CA PRO D 68 -14.82 14.14 -26.85
C PRO D 68 -15.51 15.45 -26.55
N ASN D 69 -16.77 15.55 -26.98
CA ASN D 69 -17.54 16.76 -26.74
C ASN D 69 -17.76 16.98 -25.24
N ASP D 70 -17.96 15.89 -24.48
CA ASP D 70 -18.26 16.01 -23.07
C ASP D 70 -17.06 16.48 -22.25
N ALA D 71 -15.87 16.53 -22.86
CA ALA D 71 -14.67 16.92 -22.15
C ALA D 71 -14.81 18.35 -21.60
N PRO D 72 -14.53 18.57 -20.32
CA PRO D 72 -14.67 19.93 -19.77
C PRO D 72 -13.82 20.98 -20.45
N SER D 73 -12.63 20.62 -20.93
CA SER D 73 -11.75 21.62 -21.55
C SER D 73 -12.35 22.15 -22.84
N THR D 74 -12.83 21.25 -23.71
CA THR D 74 -13.43 21.67 -24.96
C THR D 74 -14.68 22.51 -24.70
N LEU D 75 -15.48 22.09 -23.73
CA LEU D 75 -16.68 22.85 -23.37
C LEU D 75 -16.31 24.25 -22.88
N ALA D 76 -15.25 24.34 -22.07
CA ALA D 76 -14.82 25.64 -21.57
C ALA D 76 -14.35 26.54 -22.70
N ILE D 77 -13.57 25.99 -23.65
CA ILE D 77 -13.08 26.81 -24.75
C ILE D 77 -14.23 27.28 -25.62
N LYS D 78 -15.19 26.39 -25.90
CA LYS D 78 -16.34 26.78 -26.71
C LYS D 78 -17.19 27.81 -25.99
N ARG D 79 -17.32 27.67 -24.67
CA ARG D 79 -18.06 28.64 -23.87
C ARG D 79 -17.40 30.01 -23.93
N VAL D 80 -16.08 30.05 -23.82
CA VAL D 80 -15.36 31.32 -23.93
C VAL D 80 -15.57 31.92 -25.30
N GLY D 81 -15.51 31.09 -26.34
CA GLY D 81 -15.69 31.60 -27.69
C GLY D 81 -17.07 32.17 -27.92
N GLN D 82 -18.11 31.48 -27.43
CA GLN D 82 -19.46 31.93 -27.69
C GLN D 82 -19.85 33.11 -26.81
N VAL D 83 -19.34 33.17 -25.58
CA VAL D 83 -19.67 34.27 -24.68
C VAL D 83 -19.05 35.56 -25.18
N PHE D 84 -17.78 35.52 -25.53
CA PHE D 84 -17.09 36.71 -26.03
C PHE D 84 -17.42 37.01 -27.48
N GLU D 85 -18.17 36.14 -28.16
CA GLU D 85 -18.64 36.38 -29.52
C GLU D 85 -17.49 36.62 -30.48
N GLU D 86 -16.50 35.73 -30.41
CA GLU D 86 -15.34 35.82 -31.29
C GLU D 86 -15.26 34.60 -32.21
N TYR D 87 -15.35 33.42 -31.63
CA TYR D 87 -15.21 32.17 -32.36
C TYR D 87 -16.16 31.12 -31.78
N ASP D 88 -16.15 29.94 -32.40
CA ASP D 88 -16.90 28.80 -31.89
C ASP D 88 -16.12 27.51 -31.99
N THR D 89 -14.83 27.57 -32.26
CA THR D 89 -14.01 26.37 -32.32
C THR D 89 -13.38 26.09 -30.95
N SER D 90 -12.45 25.13 -30.93
CA SER D 90 -11.75 24.78 -29.70
C SER D 90 -10.26 24.52 -29.93
N SER D 91 -9.76 24.78 -31.13
CA SER D 91 -8.37 24.51 -31.48
C SER D 91 -7.72 25.80 -31.97
N SER D 92 -6.49 26.03 -31.54
CA SER D 92 -5.77 27.24 -31.88
C SER D 92 -4.31 26.90 -32.18
N VAL D 93 -3.68 27.76 -32.97
CA VAL D 93 -2.27 27.64 -33.30
C VAL D 93 -1.60 28.97 -33.04
N MET D 94 -0.28 28.93 -32.86
CA MET D 94 0.51 30.11 -32.54
C MET D 94 1.55 30.32 -33.63
N ILE D 95 1.34 31.36 -34.46
CA ILE D 95 2.30 31.71 -35.50
C ILE D 95 3.46 32.45 -34.85
N VAL D 96 4.68 32.04 -35.20
CA VAL D 96 5.88 32.59 -34.58
C VAL D 96 6.73 33.26 -35.65
N LEU D 97 6.92 34.57 -35.50
CA LEU D 97 7.77 35.36 -36.41
C LEU D 97 9.14 35.49 -35.74
N GLU D 98 10.14 34.83 -36.33
CA GLU D 98 11.49 34.91 -35.81
C GLU D 98 12.33 35.81 -36.71
N GLY D 99 13.16 36.63 -36.09
CA GLY D 99 14.02 37.55 -36.82
C GLY D 99 15.45 37.43 -36.37
N GLU D 100 16.35 37.88 -37.24
CA GLU D 100 17.78 37.85 -36.93
C GLU D 100 18.16 39.00 -36.00
N GLU D 101 17.83 40.21 -36.39
CA GLU D 101 18.00 41.41 -35.59
C GLU D 101 16.71 41.73 -34.85
N PRO D 102 16.77 42.55 -33.80
CA PRO D 102 15.54 42.91 -33.08
C PRO D 102 14.51 43.51 -34.02
N LEU D 103 13.26 43.07 -33.85
CA LEU D 103 12.18 43.45 -34.77
C LEU D 103 11.88 44.93 -34.67
N GLY D 104 11.75 45.58 -35.84
CA GLY D 104 11.52 47.00 -35.93
C GLY D 104 10.11 47.34 -36.39
N ILE D 105 9.97 48.59 -36.85
CA ILE D 105 8.66 49.07 -37.28
C ILE D 105 8.22 48.34 -38.55
N GLU D 106 9.17 48.06 -39.44
CA GLU D 106 8.84 47.29 -40.65
C GLU D 106 8.31 45.90 -40.28
N ALA D 107 8.87 45.30 -39.23
CA ALA D 107 8.35 44.03 -38.75
C ALA D 107 6.91 44.18 -38.26
N HIS D 108 6.63 45.28 -37.57
CA HIS D 108 5.25 45.54 -37.13
C HIS D 108 4.32 45.70 -38.33
N ALA D 109 4.76 46.38 -39.37
CA ALA D 109 3.93 46.55 -40.56
C ALA D 109 3.66 45.22 -41.24
N PHE D 110 4.69 44.39 -41.36
CA PHE D 110 4.52 43.05 -41.94
C PHE D 110 3.56 42.22 -41.10
N TYR D 111 3.71 42.30 -39.78
CA TYR D 111 2.83 41.57 -38.88
C TYR D 111 1.39 42.02 -39.03
N ASP D 112 1.17 43.34 -39.14
CA ASP D 112 -0.19 43.86 -39.29
C ASP D 112 -0.79 43.42 -40.62
N LYS D 113 0.01 43.43 -41.69
CA LYS D 113 -0.48 42.99 -42.98
C LYS D 113 -0.85 41.51 -42.94
N MET D 114 -0.02 40.69 -42.29
CA MET D 114 -0.32 39.27 -42.18
C MET D 114 -1.58 39.04 -41.36
N VAL D 115 -1.76 39.82 -40.29
CA VAL D 115 -2.97 39.72 -39.48
C VAL D 115 -4.19 40.08 -40.31
N ALA D 116 -4.07 41.12 -41.15
CA ALA D 116 -5.17 41.49 -42.03
C ALA D 116 -5.50 40.36 -43.00
N ASP D 117 -4.47 39.73 -43.56
CA ASP D 117 -4.71 38.61 -44.47
C ASP D 117 -5.40 37.45 -43.76
N LEU D 118 -4.95 37.14 -42.54
CA LEU D 118 -5.57 36.06 -41.78
C LEU D 118 -7.03 36.35 -41.49
N ARG D 119 -7.31 37.56 -40.98
CA ARG D 119 -8.68 37.90 -40.64
C ARG D 119 -9.57 37.98 -41.87
N ALA D 120 -8.97 38.26 -43.04
CA ALA D 120 -9.74 38.30 -44.27
C ALA D 120 -10.35 36.93 -44.60
N ASP D 121 -9.57 35.87 -44.42
CA ASP D 121 -10.03 34.52 -44.75
C ASP D 121 -10.92 34.00 -43.63
N THR D 122 -12.23 34.21 -43.81
CA THR D 122 -13.18 33.78 -42.78
C THR D 122 -13.46 32.28 -42.85
N GLU D 123 -13.00 31.61 -43.90
CA GLU D 123 -13.29 30.18 -44.06
C GLU D 123 -12.62 29.36 -42.96
N HIS D 124 -11.32 29.57 -42.76
CA HIS D 124 -10.58 28.79 -41.78
C HIS D 124 -10.38 29.56 -40.49
N VAL D 125 -9.79 30.75 -40.59
CA VAL D 125 -9.47 31.54 -39.40
C VAL D 125 -10.75 32.17 -38.87
N GLN D 126 -10.99 32.01 -37.57
CA GLN D 126 -12.17 32.56 -36.93
C GLN D 126 -11.88 33.78 -36.09
N HIS D 127 -10.75 33.81 -35.39
CA HIS D 127 -10.43 34.93 -34.52
C HIS D 127 -8.92 34.99 -34.32
N VAL D 128 -8.37 36.19 -34.41
CA VAL D 128 -6.95 36.45 -34.17
C VAL D 128 -6.84 37.51 -33.09
N GLN D 129 -6.08 37.22 -32.04
CA GLN D 129 -5.81 38.19 -30.98
C GLN D 129 -4.40 38.73 -31.20
N ASP D 130 -4.33 40.02 -31.56
CA ASP D 130 -3.06 40.66 -31.89
C ASP D 130 -2.54 41.40 -30.66
N PHE D 131 -2.04 40.61 -29.71
CA PHE D 131 -1.50 41.22 -28.48
C PHE D 131 -0.25 42.02 -28.77
N TRP D 132 0.54 41.61 -29.78
CA TRP D 132 1.71 42.40 -30.15
C TRP D 132 1.30 43.72 -30.79
N GLY D 133 0.16 43.74 -31.48
CA GLY D 133 -0.29 44.93 -32.17
C GLY D 133 -0.53 46.11 -31.25
N ASP D 134 -1.22 45.88 -30.14
CA ASP D 134 -1.54 46.97 -29.23
C ASP D 134 -0.39 47.22 -28.27
N THR D 135 -0.14 48.49 -27.96
CA THR D 135 1.00 48.85 -27.12
C THR D 135 0.82 48.34 -25.69
N LEU D 136 -0.43 48.31 -25.20
CA LEU D 136 -0.67 47.95 -23.82
C LEU D 136 -0.21 46.54 -23.51
N THR D 137 -0.48 45.60 -24.40
CA THR D 137 -0.08 44.21 -24.23
C THR D 137 1.11 43.80 -25.07
N ALA D 138 1.79 44.75 -25.71
CA ALA D 138 2.86 44.40 -26.63
C ALA D 138 4.04 43.75 -25.92
N SER D 139 4.20 44.02 -24.62
CA SER D 139 5.35 43.48 -23.90
C SER D 139 5.27 41.97 -23.76
N GLY D 140 4.05 41.44 -23.56
CA GLY D 140 3.91 40.01 -23.38
C GLY D 140 4.22 39.21 -24.63
N ALA D 141 3.77 39.72 -25.79
CA ALA D 141 3.95 38.95 -27.03
C ALA D 141 5.40 38.88 -27.44
N GLN D 142 6.10 40.01 -27.46
CA GLN D 142 7.47 40.05 -27.94
C GLN D 142 8.42 39.41 -26.92
N SER D 143 9.46 38.78 -27.44
CA SER D 143 10.43 38.08 -26.59
C SER D 143 11.28 39.07 -25.80
N VAL D 144 12.05 38.52 -24.86
CA VAL D 144 12.89 39.37 -24.01
C VAL D 144 13.97 40.05 -24.84
N ASP D 145 14.63 39.30 -25.72
CA ASP D 145 15.66 39.88 -26.57
C ASP D 145 15.05 40.78 -27.65
N GLY D 146 13.76 40.64 -27.91
CA GLY D 146 13.10 41.45 -28.91
C GLY D 146 13.24 40.94 -30.33
N LYS D 147 13.73 39.73 -30.52
CA LYS D 147 13.97 39.19 -31.85
C LYS D 147 12.90 38.20 -32.30
N ALA D 148 11.78 38.10 -31.59
CA ALA D 148 10.71 37.19 -31.98
C ALA D 148 9.39 37.70 -31.44
N ALA D 149 8.30 37.21 -32.04
CA ALA D 149 6.95 37.59 -31.61
C ALA D 149 5.99 36.51 -32.07
N TYR D 150 4.96 36.26 -31.26
CA TYR D 150 3.99 35.20 -31.53
C TYR D 150 2.57 35.73 -31.38
N VAL D 151 1.69 35.20 -32.21
CA VAL D 151 0.27 35.57 -32.21
C VAL D 151 -0.56 34.30 -32.24
N GLN D 152 -1.59 34.24 -31.40
CA GLN D 152 -2.45 33.07 -31.27
C GLN D 152 -3.63 33.22 -32.22
N VAL D 153 -3.87 32.18 -33.01
CA VAL D 153 -4.88 32.20 -34.06
C VAL D 153 -5.81 31.02 -33.86
N TYR D 154 -7.12 31.26 -33.92
CA TYR D 154 -8.11 30.20 -33.80
C TYR D 154 -8.51 29.71 -35.18
N ILE D 155 -8.52 28.40 -35.37
CA ILE D 155 -8.80 27.78 -36.66
C ILE D 155 -10.11 27.03 -36.57
N ALA D 156 -10.80 26.93 -37.72
CA ALA D 156 -12.06 26.21 -37.78
C ALA D 156 -11.85 24.72 -37.56
N GLY D 157 -12.77 24.09 -36.84
CA GLY D 157 -12.73 22.68 -36.61
C GLY D 157 -11.89 22.32 -35.39
N ASP D 158 -12.27 21.22 -34.74
CA ASP D 158 -11.60 20.76 -33.53
C ASP D 158 -10.38 19.95 -33.87
N GLN D 159 -9.51 19.78 -32.87
CA GLN D 159 -8.20 19.17 -33.07
C GLN D 159 -8.33 17.75 -33.61
N GLY D 160 -7.45 17.40 -34.54
CA GLY D 160 -7.45 16.07 -35.11
C GLY D 160 -8.35 15.94 -36.31
N GLU D 161 -9.55 16.53 -36.21
CA GLU D 161 -10.52 16.50 -37.30
C GLU D 161 -9.92 17.09 -38.57
N SER D 162 -10.23 16.46 -39.71
CA SER D 162 -9.62 16.82 -40.98
C SER D 162 -9.80 18.28 -41.33
N LEU D 163 -10.91 18.87 -40.87
CA LEU D 163 -11.14 20.30 -41.09
C LEU D 163 -10.04 21.12 -40.43
N ALA D 164 -9.64 20.73 -39.22
CA ALA D 164 -8.56 21.43 -38.53
C ALA D 164 -7.24 21.29 -39.28
N ASN D 165 -6.96 20.10 -39.81
CA ASN D 165 -5.73 19.92 -40.57
C ASN D 165 -5.72 20.79 -41.81
N GLU D 166 -6.85 20.86 -42.52
CA GLU D 166 -6.95 21.74 -43.69
C GLU D 166 -6.75 23.20 -43.29
N SER D 167 -7.33 23.59 -42.15
CA SER D 167 -7.17 24.95 -41.67
C SER D 167 -5.72 25.27 -41.34
N VAL D 168 -5.02 24.30 -40.73
CA VAL D 168 -3.60 24.50 -40.42
C VAL D 168 -2.81 24.66 -41.71
N GLU D 169 -3.12 23.85 -42.72
CA GLU D 169 -2.44 23.98 -44.00
C GLU D 169 -2.68 25.35 -44.62
N ALA D 170 -3.93 25.84 -44.55
CA ALA D 170 -4.23 27.17 -45.09
C ALA D 170 -3.48 28.25 -44.33
N VAL D 171 -3.40 28.12 -43.00
CA VAL D 171 -2.68 29.09 -42.19
C VAL D 171 -1.21 29.10 -42.56
N ARG D 172 -0.62 27.92 -42.75
CA ARG D 172 0.78 27.85 -43.18
C ARG D 172 0.97 28.50 -44.53
N LYS D 173 0.05 28.25 -45.45
CA LYS D 173 0.12 28.88 -46.77
C LYS D 173 0.10 30.40 -46.66
N ILE D 174 -0.82 30.93 -45.85
CA ILE D 174 -0.93 32.38 -45.70
C ILE D 174 0.34 32.94 -45.07
N ALA D 175 0.86 32.26 -44.06
CA ALA D 175 2.00 32.80 -43.33
C ALA D 175 3.31 32.64 -44.10
N THR D 176 3.33 31.78 -45.11
CA THR D 176 4.58 31.54 -45.83
C THR D 176 4.61 32.19 -47.21
N GLU D 177 3.47 32.29 -47.90
CA GLU D 177 3.47 32.78 -49.27
C GLU D 177 3.85 34.25 -49.35
N ARG D 178 3.46 35.04 -48.35
CA ARG D 178 3.67 36.48 -48.39
C ARG D 178 5.16 36.81 -48.34
N GLU D 179 5.56 37.84 -49.08
CA GLU D 179 6.94 38.29 -49.05
C GLU D 179 7.27 38.88 -47.70
N THR D 180 8.38 38.45 -47.12
CA THR D 180 8.75 38.83 -45.78
C THR D 180 9.97 39.75 -45.79
N PRO D 181 10.11 40.60 -44.77
CA PRO D 181 11.34 41.38 -44.65
C PRO D 181 12.55 40.45 -44.52
N SER D 182 13.65 40.85 -45.14
CA SER D 182 14.85 40.03 -45.14
C SER D 182 15.33 39.78 -43.72
N GLY D 183 15.38 38.51 -43.34
CA GLY D 183 15.73 38.10 -42.00
C GLY D 183 14.55 37.68 -41.14
N VAL D 184 13.33 37.85 -41.63
CA VAL D 184 12.14 37.46 -40.89
C VAL D 184 11.58 36.18 -41.51
N LYS D 185 11.34 35.18 -40.66
CA LYS D 185 10.81 33.90 -41.09
C LYS D 185 9.58 33.57 -40.26
N ALA D 186 8.59 32.94 -40.88
CA ALA D 186 7.36 32.55 -40.22
C ALA D 186 7.33 31.06 -39.95
N TYR D 187 6.79 30.69 -38.80
CA TYR D 187 6.66 29.28 -38.40
C TYR D 187 5.32 29.10 -37.71
N VAL D 188 4.55 28.11 -38.16
CA VAL D 188 3.26 27.79 -37.55
C VAL D 188 3.49 26.61 -36.61
N THR D 189 3.19 26.80 -35.33
CA THR D 189 3.37 25.76 -34.33
C THR D 189 2.17 25.77 -33.39
N GLY D 190 2.13 24.78 -32.50
CA GLY D 190 1.02 24.64 -31.57
C GLY D 190 0.54 23.21 -31.46
N ALA D 191 -0.43 22.96 -30.57
CA ALA D 191 -0.92 21.61 -30.38
C ALA D 191 -1.61 21.09 -31.64
N ALA D 192 -2.47 21.90 -32.25
CA ALA D 192 -3.21 21.46 -33.42
C ALA D 192 -2.27 21.16 -34.59
N ALA D 193 -1.27 22.01 -34.79
CA ALA D 193 -0.29 21.76 -35.83
C ALA D 193 0.46 20.46 -35.58
N THR D 194 0.78 20.19 -34.30
CA THR D 194 1.46 18.94 -33.96
C THR D 194 0.58 17.75 -34.29
N SER D 195 -0.71 17.83 -33.97
CA SER D 195 -1.63 16.75 -34.28
C SER D 195 -1.71 16.50 -35.78
N ALA D 196 -1.81 17.58 -36.56
CA ALA D 196 -1.89 17.44 -38.02
C ALA D 196 -0.63 16.80 -38.56
N ASP D 197 0.54 17.23 -38.09
CA ASP D 197 1.79 16.63 -38.53
C ASP D 197 1.86 15.17 -38.13
N GLN D 198 1.37 14.83 -36.95
CA GLN D 198 1.35 13.44 -36.51
C GLN D 198 0.56 12.58 -37.48
N ARG D 199 -0.66 13.02 -37.82
CA ARG D 199 -1.48 12.25 -38.75
C ARG D 199 -0.81 12.13 -40.11
N ALA D 200 -0.25 13.24 -40.60
CA ALA D 200 0.37 13.23 -41.92
C ALA D 200 1.56 12.26 -41.96
N GLU D 201 2.39 12.28 -40.92
CA GLU D 201 3.56 11.42 -40.90
C GLU D 201 3.17 9.95 -40.77
N GLY D 202 2.15 9.65 -39.96
CA GLY D 202 1.67 8.28 -39.89
C GLY D 202 1.20 7.76 -41.24
N ASP D 203 0.39 8.56 -41.93
CA ASP D 203 -0.09 8.16 -43.24
C ASP D 203 1.05 8.01 -44.24
N ALA D 204 2.08 8.84 -44.10
CA ALA D 204 3.25 8.72 -44.97
C ALA D 204 4.00 7.43 -44.72
N SER D 205 4.17 7.07 -43.45
CA SER D 205 5.05 5.95 -43.11
C SER D 205 4.37 4.60 -43.31
N MET D 206 3.04 4.59 -43.41
CA MET D 206 2.31 3.34 -43.58
C MET D 206 2.83 2.46 -44.71
N LYS D 207 3.08 3.05 -45.89
CA LYS D 207 3.49 2.28 -47.05
C LYS D 207 4.83 1.59 -46.82
N LEU D 208 5.79 2.31 -46.26
CA LEU D 208 7.09 1.72 -45.95
C LEU D 208 6.96 0.61 -44.93
N ILE D 209 6.08 0.81 -43.94
CA ILE D 209 5.80 -0.25 -42.98
C ILE D 209 5.35 -1.51 -43.70
N GLU D 210 4.42 -1.35 -44.64
CA GLU D 210 3.89 -2.49 -45.37
C GLU D 210 4.98 -3.21 -46.14
N GLY D 211 5.82 -2.45 -46.83
CA GLY D 211 6.90 -3.07 -47.60
C GLY D 211 7.86 -3.85 -46.72
N VAL D 212 8.26 -3.26 -45.59
CA VAL D 212 9.20 -3.93 -44.69
C VAL D 212 8.58 -5.21 -44.13
N THR D 213 7.30 -5.13 -43.73
CA THR D 213 6.64 -6.31 -43.20
C THR D 213 6.60 -7.44 -44.23
N PHE D 214 6.29 -7.09 -45.49
CA PHE D 214 6.25 -8.11 -46.53
C PHE D 214 7.61 -8.75 -46.74
N ALA D 215 8.67 -7.94 -46.75
CA ALA D 215 10.01 -8.49 -46.93
C ALA D 215 10.37 -9.45 -45.80
N VAL D 216 10.07 -9.04 -44.56
CA VAL D 216 10.40 -9.86 -43.40
C VAL D 216 9.63 -11.18 -43.45
N ILE D 217 8.35 -11.11 -43.81
CA ILE D 217 7.53 -12.30 -43.88
C ILE D 217 8.07 -13.27 -44.93
N THR D 218 8.45 -12.74 -46.09
CA THR D 218 8.99 -13.59 -47.14
C THR D 218 10.27 -14.28 -46.68
N VAL D 219 11.16 -13.53 -46.03
CA VAL D 219 12.40 -14.12 -45.56
C VAL D 219 12.13 -15.23 -44.55
N MET D 220 11.22 -14.96 -43.60
CA MET D 220 10.93 -15.96 -42.57
C MET D 220 10.29 -17.21 -43.16
N LEU D 221 9.38 -17.05 -44.11
CA LEU D 221 8.76 -18.20 -44.75
C LEU D 221 9.78 -19.03 -45.51
N LEU D 222 10.69 -18.36 -46.23
CA LEU D 222 11.75 -19.07 -46.92
C LEU D 222 12.62 -19.84 -45.94
N ALA D 223 12.91 -19.24 -44.79
CA ALA D 223 13.72 -19.92 -43.78
C ALA D 223 13.01 -21.15 -43.24
N VAL D 224 11.71 -21.03 -42.98
CA VAL D 224 10.98 -22.11 -42.32
C VAL D 224 10.69 -23.24 -43.29
N TYR D 225 9.95 -22.95 -44.35
CA TYR D 225 9.48 -24.01 -45.24
C TYR D 225 10.58 -24.54 -46.15
N ARG D 226 11.72 -23.87 -46.22
CA ARG D 226 12.86 -24.32 -47.03
C ARG D 226 12.49 -24.52 -48.49
N SER D 227 11.47 -23.80 -48.95
CA SER D 227 11.05 -23.88 -50.35
C SER D 227 10.55 -22.53 -50.81
N VAL D 228 10.54 -22.35 -52.12
CA VAL D 228 10.14 -21.07 -52.69
C VAL D 228 8.67 -21.09 -53.09
N ILE D 229 8.21 -22.19 -53.66
CA ILE D 229 6.84 -22.24 -54.18
C ILE D 229 5.83 -22.19 -53.05
N THR D 230 6.10 -22.92 -51.96
CA THR D 230 5.21 -22.85 -50.80
C THR D 230 5.15 -21.44 -50.23
N THR D 231 6.31 -20.78 -50.17
CA THR D 231 6.34 -19.39 -49.73
C THR D 231 5.50 -18.49 -50.63
N LEU D 232 5.59 -18.71 -51.95
CA LEU D 232 4.78 -17.92 -52.88
C LEU D 232 3.30 -18.14 -52.64
N ILE D 233 2.90 -19.39 -52.39
CA ILE D 233 1.49 -19.67 -52.15
C ILE D 233 1.00 -18.99 -50.88
N VAL D 234 1.80 -19.07 -49.81
CA VAL D 234 1.41 -18.43 -48.56
C VAL D 234 1.34 -16.92 -48.74
N LEU D 235 2.28 -16.35 -49.50
CA LEU D 235 2.25 -14.92 -49.78
C LEU D 235 1.01 -14.53 -50.58
N ALA D 236 0.59 -15.38 -51.51
CA ALA D 236 -0.62 -15.12 -52.25
C ALA D 236 -1.84 -15.09 -51.33
N MET D 237 -1.90 -16.03 -50.39
CA MET D 237 -2.98 -16.01 -49.41
C MET D 237 -2.94 -14.73 -48.58
N VAL D 238 -1.74 -14.31 -48.17
CA VAL D 238 -1.59 -13.11 -47.36
C VAL D 238 -2.06 -11.89 -48.13
N VAL D 239 -1.67 -11.79 -49.41
CA VAL D 239 -2.08 -10.67 -50.24
C VAL D 239 -3.59 -10.64 -50.38
N LEU D 240 -4.19 -11.80 -50.62
CA LEU D 240 -5.64 -11.85 -50.78
C LEU D 240 -6.34 -11.35 -49.51
N GLY D 241 -5.92 -11.85 -48.35
CA GLY D 241 -6.53 -11.44 -47.10
C GLY D 241 -6.36 -9.97 -46.79
N LEU D 242 -5.13 -9.47 -46.94
CA LEU D 242 -4.83 -8.07 -46.67
C LEU D 242 -5.63 -7.16 -47.60
N SER D 243 -5.66 -7.49 -48.89
CA SER D 243 -6.40 -6.67 -49.85
C SER D 243 -7.89 -6.68 -49.53
N GLY D 244 -8.44 -7.83 -49.16
CA GLY D 244 -9.83 -7.87 -48.79
C GLY D 244 -10.16 -6.98 -47.60
N ALA D 245 -9.34 -7.09 -46.54
CA ALA D 245 -9.60 -6.29 -45.35
C ALA D 245 -9.46 -4.80 -45.64
N ARG D 246 -8.38 -4.41 -46.33
CA ARG D 246 -8.17 -3.01 -46.65
C ARG D 246 -9.29 -2.46 -47.51
N GLY D 247 -9.71 -3.23 -48.53
CA GLY D 247 -10.77 -2.78 -49.39
C GLY D 247 -12.09 -2.58 -48.65
N ILE D 248 -12.47 -3.55 -47.82
CA ILE D 248 -13.75 -3.42 -47.12
C ILE D 248 -13.71 -2.26 -46.14
N VAL D 249 -12.61 -2.08 -45.43
CA VAL D 249 -12.52 -0.98 -44.47
C VAL D 249 -12.61 0.35 -45.19
N ALA D 250 -11.85 0.50 -46.29
CA ALA D 250 -11.86 1.77 -47.02
C ALA D 250 -13.24 2.04 -47.61
N PHE D 251 -13.88 1.01 -48.17
CA PHE D 251 -15.19 1.18 -48.78
C PHE D 251 -16.24 1.61 -47.75
N LEU D 252 -16.25 0.97 -46.59
CA LEU D 252 -17.22 1.32 -45.57
C LEU D 252 -16.95 2.71 -45.01
N GLY D 253 -15.68 3.02 -44.73
CA GLY D 253 -15.36 4.34 -44.19
C GLY D 253 -15.67 5.46 -45.17
N PHE D 254 -15.57 5.17 -46.47
CA PHE D 254 -15.81 6.20 -47.47
C PHE D 254 -17.25 6.71 -47.41
N TYR D 255 -18.21 5.81 -47.20
CA TYR D 255 -19.61 6.17 -47.16
C TYR D 255 -20.08 6.60 -45.78
N ASN D 256 -19.16 7.05 -44.93
CA ASN D 256 -19.48 7.66 -43.64
C ASN D 256 -20.23 6.71 -42.71
N VAL D 257 -19.96 5.41 -42.83
CA VAL D 257 -20.48 4.47 -41.84
C VAL D 257 -19.79 4.70 -40.49
N PHE D 258 -18.50 5.02 -40.51
CA PHE D 258 -17.76 5.27 -39.29
C PHE D 258 -16.53 6.12 -39.63
N GLY D 259 -15.93 6.70 -38.60
CA GLY D 259 -14.73 7.50 -38.77
C GLY D 259 -13.47 6.68 -38.69
N LEU D 260 -12.38 7.24 -39.22
CA LEU D 260 -11.10 6.55 -39.29
C LEU D 260 -9.99 7.47 -38.82
N THR D 261 -8.96 6.88 -38.21
CA THR D 261 -7.75 7.57 -37.83
C THR D 261 -6.54 6.86 -38.42
N THR D 262 -5.37 7.45 -38.23
CA THR D 262 -4.14 6.80 -38.68
C THR D 262 -3.89 5.50 -37.93
N PHE D 263 -4.12 5.51 -36.61
CA PHE D 263 -3.90 4.31 -35.80
C PHE D 263 -4.76 3.16 -36.27
N ALA D 264 -6.04 3.44 -36.52
CA ALA D 264 -6.96 2.39 -36.94
C ALA D 264 -6.50 1.75 -38.24
N THR D 265 -6.10 2.57 -39.22
CA THR D 265 -5.68 2.04 -40.51
C THR D 265 -4.40 1.22 -40.40
N ASN D 266 -3.42 1.75 -39.66
CA ASN D 266 -2.16 1.02 -39.50
C ASN D 266 -2.38 -0.32 -38.82
N MET D 267 -3.18 -0.32 -37.74
CA MET D 267 -3.48 -1.56 -37.04
C MET D 267 -4.22 -2.53 -37.96
N VAL D 268 -5.16 -2.02 -38.76
CA VAL D 268 -5.89 -2.88 -39.68
C VAL D 268 -4.92 -3.58 -40.62
N VAL D 269 -4.03 -2.82 -41.24
CA VAL D 269 -3.13 -3.41 -42.23
C VAL D 269 -2.24 -4.46 -41.58
N THR D 270 -1.58 -4.08 -40.48
CA THR D 270 -0.60 -5.00 -39.88
C THR D 270 -1.28 -6.24 -39.33
N LEU D 271 -2.39 -6.07 -38.61
CA LEU D 271 -3.08 -7.21 -38.03
C LEU D 271 -3.64 -8.14 -39.10
N ALA D 272 -4.19 -7.56 -40.18
CA ALA D 272 -4.71 -8.40 -41.26
C ALA D 272 -3.60 -9.24 -41.86
N ILE D 273 -2.44 -8.62 -42.13
CA ILE D 273 -1.34 -9.37 -42.72
C ILE D 273 -0.90 -10.50 -41.78
N ALA D 274 -0.73 -10.17 -40.50
CA ALA D 274 -0.25 -11.16 -39.54
C ALA D 274 -1.23 -12.31 -39.39
N ALA D 275 -2.53 -11.99 -39.29
CA ALA D 275 -3.54 -13.03 -39.12
C ALA D 275 -3.59 -13.95 -40.33
N ALA D 276 -3.54 -13.36 -41.54
CA ALA D 276 -3.57 -14.19 -42.74
C ALA D 276 -2.37 -15.14 -42.78
N THR D 277 -1.18 -14.61 -42.46
CA THR D 277 0.01 -15.45 -42.46
C THR D 277 -0.12 -16.57 -41.45
N ASP D 278 -0.60 -16.26 -40.25
CA ASP D 278 -0.71 -17.27 -39.20
C ASP D 278 -1.70 -18.37 -39.59
N TYR D 279 -2.83 -17.99 -40.17
CA TYR D 279 -3.81 -18.99 -40.58
C TYR D 279 -3.25 -19.89 -41.68
N ALA D 280 -2.55 -19.30 -42.65
CA ALA D 280 -1.94 -20.10 -43.70
C ALA D 280 -0.92 -21.06 -43.12
N ILE D 281 -0.12 -20.58 -42.16
CA ILE D 281 0.89 -21.43 -41.54
C ILE D 281 0.21 -22.60 -40.82
N PHE D 282 -0.85 -22.32 -40.08
CA PHE D 282 -1.55 -23.38 -39.35
C PHE D 282 -2.06 -24.46 -40.32
N LEU D 283 -2.77 -24.03 -41.36
CA LEU D 283 -3.35 -24.99 -42.29
C LEU D 283 -2.26 -25.83 -42.96
N ILE D 284 -1.23 -25.16 -43.48
CA ILE D 284 -0.20 -25.88 -44.22
C ILE D 284 0.60 -26.79 -43.29
N GLY D 285 0.82 -26.36 -42.05
CA GLY D 285 1.54 -27.17 -41.09
C GLY D 285 0.79 -28.45 -40.75
N ARG D 286 -0.51 -28.34 -40.48
CA ARG D 286 -1.29 -29.55 -40.20
C ARG D 286 -1.35 -30.46 -41.41
N TYR D 287 -1.54 -29.88 -42.60
CA TYR D 287 -1.59 -30.68 -43.82
C TYR D 287 -0.28 -31.43 -44.03
N GLN D 288 0.84 -30.75 -43.81
CA GLN D 288 2.14 -31.39 -43.99
C GLN D 288 2.39 -32.46 -42.93
N GLU D 289 1.92 -32.22 -41.71
CA GLU D 289 2.05 -33.25 -40.68
C GLU D 289 1.30 -34.52 -41.09
N ALA D 290 0.05 -34.35 -41.55
CA ALA D 290 -0.72 -35.51 -42.01
C ALA D 290 -0.05 -36.19 -43.20
N ARG D 291 0.47 -35.39 -44.14
CA ARG D 291 1.10 -35.95 -45.32
C ARG D 291 2.36 -36.73 -44.96
N ARG D 292 3.17 -36.20 -44.04
CA ARG D 292 4.40 -36.88 -43.64
C ARG D 292 4.08 -38.13 -42.84
N ALA D 293 2.96 -38.13 -42.11
CA ALA D 293 2.58 -39.31 -41.34
C ALA D 293 2.41 -40.52 -42.24
N GLY D 294 1.94 -40.32 -43.46
CA GLY D 294 1.81 -41.40 -44.41
C GLY D 294 0.56 -41.34 -45.25
N GLU D 295 -0.37 -40.46 -44.87
CA GLU D 295 -1.62 -40.34 -45.60
C GLU D 295 -1.39 -39.77 -47.00
N ASP D 296 -2.22 -40.19 -47.94
CA ASP D 296 -2.21 -39.59 -49.26
C ASP D 296 -2.80 -38.19 -49.20
N ARG D 297 -2.75 -37.50 -50.34
CA ARG D 297 -3.10 -36.07 -50.37
C ARG D 297 -4.56 -35.85 -50.00
N GLU D 298 -5.46 -36.69 -50.50
CA GLU D 298 -6.88 -36.52 -50.20
C GLU D 298 -7.16 -36.68 -48.70
N SER D 299 -6.70 -37.79 -48.13
CA SER D 299 -6.94 -38.04 -46.71
C SER D 299 -6.21 -37.03 -45.85
N ALA D 300 -5.00 -36.63 -46.25
CA ALA D 300 -4.27 -35.62 -45.49
C ALA D 300 -5.02 -34.30 -45.50
N TYR D 301 -5.57 -33.91 -46.65
CA TYR D 301 -6.34 -32.67 -46.73
C TYR D 301 -7.56 -32.73 -45.83
N TYR D 302 -8.31 -33.83 -45.88
CA TYR D 302 -9.50 -33.92 -45.04
C TYR D 302 -9.14 -33.93 -43.55
N THR D 303 -8.05 -34.61 -43.19
CA THR D 303 -7.58 -34.60 -41.82
C THR D 303 -7.21 -33.20 -41.38
N MET D 304 -6.50 -32.46 -42.24
CA MET D 304 -6.13 -31.08 -41.94
C MET D 304 -7.36 -30.25 -41.66
N PHE D 305 -8.36 -30.32 -42.54
CA PHE D 305 -9.57 -29.52 -42.33
C PHE D 305 -10.27 -29.93 -41.05
N HIS D 306 -10.38 -31.23 -40.80
CA HIS D 306 -11.08 -31.69 -39.61
C HIS D 306 -10.39 -31.21 -38.34
N GLY D 307 -9.06 -31.25 -38.32
CA GLY D 307 -8.31 -30.89 -37.14
C GLY D 307 -8.02 -29.41 -36.95
N THR D 308 -8.19 -28.59 -37.97
CA THR D 308 -7.84 -27.18 -37.83
C THR D 308 -8.98 -26.21 -38.16
N ALA D 309 -10.09 -26.69 -38.71
CA ALA D 309 -11.17 -25.77 -39.08
C ALA D 309 -11.71 -25.03 -37.87
N HIS D 310 -11.94 -25.76 -36.77
CA HIS D 310 -12.52 -25.14 -35.58
C HIS D 310 -11.51 -24.22 -34.90
N VAL D 311 -10.24 -24.62 -34.88
CA VAL D 311 -9.23 -23.83 -34.17
C VAL D 311 -9.06 -22.46 -34.83
N VAL D 312 -8.95 -22.45 -36.16
CA VAL D 312 -8.75 -21.19 -36.88
C VAL D 312 -9.96 -20.28 -36.70
N LEU D 313 -11.16 -20.85 -36.83
CA LEU D 313 -12.37 -20.06 -36.67
C LEU D 313 -12.47 -19.48 -35.27
N ALA D 314 -12.14 -20.28 -34.26
CA ALA D 314 -12.19 -19.80 -32.88
C ALA D 314 -11.17 -18.70 -32.65
N SER D 315 -9.96 -18.85 -33.17
CA SER D 315 -8.94 -17.82 -33.03
C SER D 315 -9.40 -16.52 -33.69
N GLY D 316 -9.97 -16.63 -34.88
CA GLY D 316 -10.45 -15.45 -35.57
C GLY D 316 -11.58 -14.77 -34.84
N LEU D 317 -12.51 -15.55 -34.29
CA LEU D 317 -13.61 -14.96 -33.54
C LEU D 317 -13.10 -14.29 -32.27
N THR D 318 -12.12 -14.88 -31.60
CA THR D 318 -11.54 -14.24 -30.42
C THR D 318 -10.90 -12.91 -30.79
N ILE D 319 -10.13 -12.89 -31.88
CA ILE D 319 -9.46 -11.65 -32.29
C ILE D 319 -10.48 -10.59 -32.66
N ALA D 320 -11.52 -10.98 -33.40
CA ALA D 320 -12.54 -10.02 -33.81
C ALA D 320 -13.31 -9.47 -32.62
N GLY D 321 -13.75 -10.35 -31.71
CA GLY D 321 -14.50 -9.91 -30.57
C GLY D 321 -13.68 -9.07 -29.61
N ALA D 322 -12.38 -9.36 -29.50
CA ALA D 322 -11.53 -8.60 -28.61
C ALA D 322 -11.47 -7.13 -29.01
N THR D 323 -11.30 -6.87 -30.31
CA THR D 323 -11.25 -5.48 -30.77
C THR D 323 -12.60 -4.80 -30.64
N LEU D 324 -13.68 -5.58 -30.64
CA LEU D 324 -15.02 -4.99 -30.52
C LEU D 324 -15.25 -4.41 -29.14
N CYS D 325 -14.41 -4.77 -28.16
CA CYS D 325 -14.54 -4.19 -26.84
C CYS D 325 -14.15 -2.72 -26.83
N LEU D 326 -13.42 -2.26 -27.86
CA LEU D 326 -13.06 -0.85 -27.96
C LEU D 326 -14.26 0.03 -28.21
N HIS D 327 -15.33 -0.53 -28.79
CA HIS D 327 -16.50 0.26 -29.14
C HIS D 327 -17.25 0.72 -27.90
N PHE D 328 -16.89 0.17 -26.74
CA PHE D 328 -17.51 0.55 -25.48
C PHE D 328 -16.64 1.49 -24.67
N THR D 329 -15.66 2.13 -25.30
CA THR D 329 -14.77 3.05 -24.61
C THR D 329 -15.35 4.47 -24.64
N ARG D 330 -14.54 5.44 -24.21
CA ARG D 330 -14.94 6.83 -24.16
C ARG D 330 -14.15 7.72 -25.12
N LEU D 331 -12.83 7.59 -25.12
CA LEU D 331 -11.99 8.44 -25.96
C LEU D 331 -12.26 8.16 -27.43
N PRO D 332 -12.37 9.18 -28.28
CA PRO D 332 -12.77 8.95 -29.67
C PRO D 332 -11.86 8.01 -30.46
N TYR D 333 -10.56 8.05 -30.21
CA TYR D 333 -9.64 7.15 -30.91
C TYR D 333 -9.98 5.70 -30.62
N PHE D 334 -10.10 5.35 -29.33
CA PHE D 334 -10.42 3.98 -28.97
C PHE D 334 -11.78 3.57 -29.49
N GLN D 335 -12.78 4.45 -29.37
CA GLN D 335 -14.12 4.12 -29.82
C GLN D 335 -14.20 3.94 -31.33
N THR D 336 -13.40 4.68 -32.10
CA THR D 336 -13.37 4.54 -33.54
C THR D 336 -12.55 3.36 -34.01
N MET D 337 -11.57 2.92 -33.22
CA MET D 337 -10.77 1.76 -33.61
C MET D 337 -11.51 0.43 -33.49
N GLY D 338 -12.69 0.41 -32.88
CA GLY D 338 -13.34 -0.87 -32.61
C GLY D 338 -13.85 -1.55 -33.86
N VAL D 339 -14.86 -0.97 -34.50
CA VAL D 339 -15.58 -1.64 -35.58
C VAL D 339 -14.70 -1.97 -36.79
N PRO D 340 -13.88 -1.05 -37.31
CA PRO D 340 -13.09 -1.39 -38.50
C PRO D 340 -12.17 -2.58 -38.30
N LEU D 341 -11.53 -2.68 -37.13
CA LEU D 341 -10.65 -3.81 -36.87
C LEU D 341 -11.43 -5.11 -36.86
N ALA D 342 -12.61 -5.11 -36.24
CA ALA D 342 -13.43 -6.32 -36.19
C ALA D 342 -13.85 -6.74 -37.59
N ILE D 343 -14.28 -5.79 -38.42
CA ILE D 343 -14.72 -6.13 -39.77
C ILE D 343 -13.56 -6.67 -40.59
N GLY D 344 -12.38 -6.03 -40.48
CA GLY D 344 -11.21 -6.52 -41.19
C GLY D 344 -10.82 -7.92 -40.76
N MET D 345 -10.86 -8.18 -39.45
CA MET D 345 -10.52 -9.51 -38.96
C MET D 345 -11.51 -10.55 -39.46
N LEU D 346 -12.80 -10.21 -39.47
CA LEU D 346 -13.80 -11.15 -39.97
C LEU D 346 -13.58 -11.45 -41.45
N ILE D 347 -13.26 -10.43 -42.24
CA ILE D 347 -12.98 -10.64 -43.65
C ILE D 347 -11.77 -11.55 -43.82
N VAL D 348 -10.72 -11.31 -43.02
CA VAL D 348 -9.51 -12.13 -43.11
C VAL D 348 -9.83 -13.58 -42.76
N VAL D 349 -10.65 -13.79 -41.72
CA VAL D 349 -10.98 -15.15 -41.29
C VAL D 349 -11.77 -15.86 -42.38
N ALA D 350 -12.75 -15.17 -42.97
CA ALA D 350 -13.53 -15.78 -44.04
C ALA D 350 -12.63 -16.16 -45.21
N ALA D 351 -11.72 -15.26 -45.59
CA ALA D 351 -10.82 -15.54 -46.70
C ALA D 351 -9.91 -16.72 -46.39
N ALA D 352 -9.38 -16.78 -45.16
CA ALA D 352 -8.50 -17.88 -44.80
C ALA D 352 -9.23 -19.21 -44.77
N LEU D 353 -10.45 -19.23 -44.25
CA LEU D 353 -11.19 -20.47 -44.12
C LEU D 353 -11.80 -20.96 -45.43
N THR D 354 -12.02 -20.08 -46.41
CA THR D 354 -12.54 -20.53 -47.70
C THR D 354 -11.43 -20.67 -48.73
N ALA D 355 -10.67 -19.61 -49.02
CA ALA D 355 -9.63 -19.70 -50.04
C ALA D 355 -8.53 -20.68 -49.64
N GLY D 356 -8.13 -20.66 -48.37
CA GLY D 356 -7.08 -21.52 -47.87
C GLY D 356 -7.24 -22.97 -48.26
N PRO D 357 -8.33 -23.60 -47.78
CA PRO D 357 -8.61 -24.98 -48.20
C PRO D 357 -8.76 -25.13 -49.71
N ALA D 358 -9.37 -24.14 -50.39
CA ALA D 358 -9.54 -24.24 -51.83
C ALA D 358 -8.20 -24.23 -52.55
N VAL D 359 -7.33 -23.28 -52.19
CA VAL D 359 -6.01 -23.20 -52.81
C VAL D 359 -5.20 -24.46 -52.52
N ILE D 360 -5.28 -24.93 -51.27
CA ILE D 360 -4.59 -26.17 -50.91
C ILE D 360 -5.09 -27.32 -51.78
N SER D 361 -6.40 -27.37 -52.01
CA SER D 361 -6.98 -28.41 -52.85
C SER D 361 -6.43 -28.34 -54.27
N VAL D 362 -6.39 -27.14 -54.85
CA VAL D 362 -5.96 -27.01 -56.24
C VAL D 362 -4.45 -27.25 -56.35
N VAL D 363 -3.68 -26.64 -55.45
CA VAL D 363 -2.22 -26.64 -55.60
C VAL D 363 -1.66 -28.05 -55.46
N SER D 364 -2.14 -28.80 -54.46
CA SER D 364 -1.60 -30.13 -54.20
C SER D 364 -1.83 -31.07 -55.38
N ARG D 365 -2.89 -30.82 -56.15
CA ARG D 365 -3.17 -31.67 -57.30
C ARG D 365 -2.04 -31.60 -58.32
N PHE D 366 -1.49 -30.41 -58.55
CA PHE D 366 -0.49 -30.19 -59.59
C PHE D 366 0.90 -30.36 -59.01
N GLY D 367 1.58 -31.44 -59.39
CA GLY D 367 2.97 -31.63 -59.03
C GLY D 367 3.19 -31.93 -57.56
N LYS D 368 4.46 -31.94 -57.19
CA LYS D 368 4.87 -32.13 -55.79
C LYS D 368 5.12 -30.76 -55.17
N THR D 369 4.03 -30.04 -54.92
CA THR D 369 4.12 -28.65 -54.48
C THR D 369 4.12 -28.50 -52.97
N LEU D 370 3.09 -28.99 -52.30
CA LEU D 370 2.94 -28.78 -50.86
C LEU D 370 3.47 -29.96 -50.04
N GLU D 371 4.15 -30.91 -50.66
CA GLU D 371 4.71 -32.01 -49.90
C GLU D 371 5.79 -31.52 -48.96
N PRO D 372 6.02 -32.19 -47.84
CA PRO D 372 7.08 -31.75 -46.92
C PRO D 372 8.44 -31.78 -47.58
N LYS D 373 9.31 -30.85 -47.19
CA LYS D 373 10.65 -30.76 -47.76
C LYS D 373 11.72 -31.21 -46.77
N ARG D 374 11.52 -30.93 -45.48
CA ARG D 374 12.47 -31.31 -44.44
C ARG D 374 11.85 -32.42 -43.61
N PHE D 375 12.06 -33.66 -44.05
CA PHE D 375 11.55 -34.83 -43.35
C PHE D 375 12.41 -35.06 -42.11
N SER D 376 11.98 -34.52 -40.98
CA SER D 376 12.74 -34.66 -39.75
C SER D 376 11.80 -34.70 -38.55
N ARG D 377 12.29 -35.27 -37.47
CA ARG D 377 11.55 -35.31 -36.21
C ARG D 377 11.74 -33.98 -35.48
N SER D 378 11.33 -33.94 -34.20
CA SER D 378 11.50 -32.77 -33.35
C SER D 378 12.15 -33.22 -32.04
N PRO D 379 13.41 -33.63 -32.08
CA PRO D 379 14.06 -34.14 -30.86
C PRO D 379 14.08 -33.13 -29.72
N GLY D 380 14.27 -31.85 -30.03
CA GLY D 380 14.23 -30.82 -29.02
C GLY D 380 12.87 -30.74 -28.36
N TRP D 381 11.81 -30.84 -29.17
CA TRP D 381 10.47 -30.81 -28.62
C TRP D 381 10.18 -32.05 -27.79
N HIS D 382 10.70 -33.21 -28.20
CA HIS D 382 10.59 -34.40 -27.39
C HIS D 382 11.23 -34.17 -26.02
N ARG D 383 12.44 -33.62 -26.01
CA ARG D 383 13.14 -33.39 -24.74
C ARG D 383 12.36 -32.41 -23.86
N VAL D 384 11.86 -31.32 -24.46
CA VAL D 384 11.14 -30.32 -23.68
C VAL D 384 9.86 -30.91 -23.10
N GLY D 385 9.13 -31.68 -23.92
CA GLY D 385 7.92 -32.32 -23.42
C GLY D 385 8.19 -33.28 -22.29
N THR D 386 9.26 -34.08 -22.42
CA THR D 386 9.62 -35.00 -21.35
C THR D 386 9.97 -34.26 -20.08
N ALA D 387 10.74 -33.18 -20.20
CA ALA D 387 11.09 -32.40 -19.03
C ALA D 387 9.85 -31.82 -18.36
N THR D 388 8.92 -31.30 -19.16
CA THR D 388 7.69 -30.75 -18.61
C THR D 388 6.85 -31.81 -17.92
N VAL D 389 6.74 -33.00 -18.51
CA VAL D 389 5.91 -34.06 -17.94
C VAL D 389 6.51 -34.63 -16.67
N ARG D 390 7.82 -34.89 -16.66
CA ARG D 390 8.42 -35.55 -15.51
C ARG D 390 8.44 -34.64 -14.29
N TRP D 391 8.88 -33.40 -14.45
CA TRP D 391 9.08 -32.47 -13.33
C TRP D 391 8.35 -31.17 -13.59
N PRO D 392 7.01 -31.19 -13.53
CA PRO D 392 6.27 -29.94 -13.74
C PRO D 392 6.54 -28.89 -12.70
N GLY D 393 6.85 -29.28 -11.46
CA GLY D 393 6.97 -28.31 -10.39
C GLY D 393 8.11 -27.32 -10.59
N ALA D 394 9.30 -27.84 -10.86
CA ALA D 394 10.47 -26.96 -11.02
C ALA D 394 10.30 -26.07 -12.25
N ILE D 395 9.81 -26.62 -13.34
CA ILE D 395 9.64 -25.85 -14.56
C ILE D 395 8.60 -24.75 -14.36
N LEU D 396 7.50 -25.08 -13.68
CA LEU D 396 6.49 -24.08 -13.38
C LEU D 396 7.05 -22.98 -12.50
N VAL D 397 7.86 -23.35 -11.50
CA VAL D 397 8.47 -22.35 -10.63
C VAL D 397 9.36 -21.42 -11.43
N CYS D 398 10.19 -21.99 -12.31
CA CYS D 398 11.08 -21.18 -13.13
C CYS D 398 10.29 -20.24 -14.03
N ALA D 399 9.21 -20.75 -14.65
CA ALA D 399 8.40 -19.91 -15.53
C ALA D 399 7.75 -18.77 -14.76
N VAL D 400 7.21 -19.07 -13.57
CA VAL D 400 6.56 -18.03 -12.78
C VAL D 400 7.58 -16.98 -12.36
N VAL D 401 8.77 -17.41 -11.94
CA VAL D 401 9.81 -16.46 -11.55
C VAL D 401 10.20 -15.58 -12.73
N ALA D 402 10.36 -16.19 -13.91
CA ALA D 402 10.73 -15.43 -15.09
C ALA D 402 9.66 -14.40 -15.44
N ALA D 403 8.39 -14.78 -15.32
CA ALA D 403 7.31 -13.86 -15.66
C ALA D 403 7.23 -12.70 -14.69
N LEU D 404 7.60 -12.94 -13.42
CA LEU D 404 7.47 -11.89 -12.41
C LEU D 404 8.56 -10.83 -12.54
N ILE D 405 9.55 -11.07 -13.40
CA ILE D 405 10.64 -10.12 -13.60
C ILE D 405 10.09 -8.82 -14.14
N GLY D 406 9.06 -8.91 -14.98
CA GLY D 406 8.50 -7.72 -15.61
C GLY D 406 7.88 -6.72 -14.66
N LEU D 407 7.63 -7.11 -13.41
CA LEU D 407 7.04 -6.21 -12.42
C LEU D 407 8.04 -5.21 -11.85
N LEU D 408 9.32 -5.35 -12.17
CA LEU D 408 10.32 -4.45 -11.60
C LEU D 408 10.25 -3.06 -12.20
N ALA D 409 9.90 -2.96 -13.48
CA ALA D 409 9.84 -1.68 -14.17
C ALA D 409 8.53 -0.93 -13.93
N LEU D 410 7.58 -1.54 -13.23
CA LEU D 410 6.29 -0.89 -12.98
C LEU D 410 6.41 0.41 -12.18
N PRO D 411 7.10 0.45 -11.04
CA PRO D 411 7.10 1.70 -10.24
C PRO D 411 7.64 2.91 -10.98
N GLY D 412 8.67 2.74 -11.82
CA GLY D 412 9.26 3.86 -12.51
C GLY D 412 8.52 4.29 -13.76
N TYR D 413 7.42 3.62 -14.10
CA TYR D 413 6.69 3.94 -15.31
C TYR D 413 6.04 5.32 -15.23
N TYR D 414 6.20 6.10 -16.29
CA TYR D 414 5.57 7.41 -16.39
C TYR D 414 5.28 7.68 -17.86
N THR D 415 4.37 8.63 -18.11
CA THR D 415 3.96 8.97 -19.45
C THR D 415 4.05 10.47 -19.66
N THR D 416 4.20 10.86 -20.92
CA THR D 416 4.26 12.26 -21.32
C THR D 416 3.25 12.51 -22.42
N TYR D 417 2.83 13.78 -22.54
CA TYR D 417 1.77 14.15 -23.47
C TYR D 417 2.24 15.11 -24.55
N ASP D 418 3.55 15.36 -24.65
CA ASP D 418 4.08 16.27 -25.64
C ASP D 418 4.41 15.49 -26.90
N ASP D 419 3.60 15.66 -27.94
CA ASP D 419 3.75 14.87 -29.15
C ASP D 419 4.93 15.32 -30.01
N ARG D 420 5.55 16.47 -29.68
CA ARG D 420 6.71 16.90 -30.44
C ARG D 420 7.91 15.99 -30.18
N ARG D 421 7.89 15.24 -29.08
CA ARG D 421 8.94 14.28 -28.81
C ARG D 421 8.81 13.01 -29.63
N TYR D 422 7.62 12.73 -30.16
CA TYR D 422 7.36 11.51 -30.90
C TYR D 422 7.34 11.74 -32.41
N LEU D 423 8.02 12.76 -32.90
CA LEU D 423 8.05 13.05 -34.33
C LEU D 423 9.47 13.37 -34.79
N PRO D 424 9.78 13.17 -36.06
CA PRO D 424 11.08 13.60 -36.58
C PRO D 424 11.19 15.12 -36.54
N ASP D 425 12.43 15.61 -36.46
CA ASP D 425 12.65 17.04 -36.29
C ASP D 425 12.30 17.83 -37.54
N ASP D 426 12.35 17.20 -38.72
CA ASP D 426 12.18 17.96 -39.96
C ASP D 426 10.74 18.41 -40.16
N VAL D 427 9.79 17.87 -39.39
CA VAL D 427 8.39 18.22 -39.57
C VAL D 427 8.19 19.69 -39.22
N PRO D 428 7.23 20.37 -39.86
CA PRO D 428 7.05 21.81 -39.58
C PRO D 428 6.75 22.14 -38.13
N ALA D 429 6.00 21.29 -37.42
CA ALA D 429 5.68 21.56 -36.03
C ALA D 429 6.94 21.58 -35.16
N ASN D 430 7.83 20.61 -35.38
CA ASN D 430 9.07 20.57 -34.60
C ASN D 430 9.96 21.77 -34.94
N VAL D 431 10.01 22.16 -36.20
CA VAL D 431 10.80 23.33 -36.58
C VAL D 431 10.26 24.58 -35.90
N GLY D 432 8.94 24.74 -35.92
CA GLY D 432 8.34 25.90 -35.26
C GLY D 432 8.62 25.89 -33.76
N TYR D 433 8.53 24.72 -33.13
CA TYR D 433 8.84 24.61 -31.71
C TYR D 433 10.28 25.00 -31.44
N ASP D 434 11.20 24.52 -32.27
CA ASP D 434 12.62 24.84 -32.09
C ASP D 434 12.85 26.33 -32.23
N ALA D 435 12.18 26.96 -33.19
CA ALA D 435 12.31 28.41 -33.36
C ALA D 435 11.86 29.15 -32.12
N ALA D 436 10.71 28.77 -31.56
CA ALA D 436 10.16 29.49 -30.42
C ALA D 436 10.96 29.25 -29.16
N PHE D 437 11.50 28.04 -28.99
CA PHE D 437 12.16 27.70 -27.73
C PHE D 437 13.51 28.40 -27.59
N ARG D 438 14.09 28.82 -28.71
CA ARG D 438 15.35 29.57 -28.63
C ARG D 438 15.16 30.91 -27.95
N HIS D 439 14.04 31.58 -28.20
CA HIS D 439 13.78 32.90 -27.67
C HIS D 439 12.78 32.88 -26.53
N PHE D 440 11.60 32.27 -26.74
CA PHE D 440 10.61 32.16 -25.68
C PHE D 440 10.87 30.92 -24.83
N SER D 441 10.03 30.74 -23.82
CA SER D 441 10.02 29.53 -23.03
C SER D 441 8.94 28.59 -23.54
N GLN D 442 9.05 27.32 -23.18
CA GLN D 442 8.14 26.31 -23.71
C GLN D 442 6.70 26.57 -23.29
N ALA D 443 6.50 27.00 -22.05
CA ALA D 443 5.15 27.13 -21.52
C ALA D 443 4.33 28.15 -22.30
N LYS D 444 5.00 29.12 -22.93
CA LYS D 444 4.27 30.17 -23.64
C LYS D 444 3.57 29.62 -24.87
N MET D 445 4.16 28.62 -25.51
CA MET D 445 3.54 28.05 -26.71
C MET D 445 2.26 27.29 -26.38
N ASN D 446 2.09 26.88 -25.11
CA ASN D 446 0.90 26.13 -24.68
C ASN D 446 0.36 26.77 -23.41
N PRO D 447 -0.29 27.92 -23.53
CA PRO D 447 -0.85 28.57 -22.34
C PRO D 447 -2.18 27.96 -21.92
N ASP D 448 -2.80 28.53 -20.90
CA ASP D 448 -4.14 28.12 -20.47
C ASP D 448 -5.07 29.33 -20.53
N LEU D 449 -6.36 29.05 -20.38
CA LEU D 449 -7.38 30.08 -20.43
C LEU D 449 -8.44 29.78 -19.37
N MET D 450 -8.81 30.81 -18.60
CA MET D 450 -9.85 30.69 -17.59
C MET D 450 -10.82 31.86 -17.74
N MET D 451 -12.11 31.56 -17.63
CA MET D 451 -13.15 32.59 -17.75
C MET D 451 -14.01 32.56 -16.50
N VAL D 452 -14.14 33.72 -15.87
CA VAL D 452 -15.02 33.87 -14.71
C VAL D 452 -16.21 34.70 -15.17
N GLU D 453 -17.40 34.11 -15.14
CA GLU D 453 -18.59 34.74 -15.67
C GLU D 453 -19.55 35.10 -14.55
N THR D 454 -20.05 36.34 -14.57
CA THR D 454 -21.04 36.82 -13.62
C THR D 454 -22.25 37.34 -14.40
N ASP D 455 -23.30 37.68 -13.64
CA ASP D 455 -24.54 38.15 -14.23
C ASP D 455 -24.63 39.67 -14.35
N ARG D 456 -23.61 40.40 -13.89
CA ARG D 456 -23.64 41.85 -13.88
C ARG D 456 -22.38 42.40 -14.55
N ASP D 457 -22.46 43.66 -14.95
CA ASP D 457 -21.31 44.32 -15.57
C ASP D 457 -20.19 44.48 -14.55
N LEU D 458 -18.97 44.21 -14.97
CA LEU D 458 -17.80 44.27 -14.09
C LEU D 458 -16.87 45.42 -14.43
N ARG D 459 -17.32 46.37 -15.26
CA ARG D 459 -16.45 47.47 -15.71
C ARG D 459 -16.54 48.63 -14.73
N ASN D 460 -16.06 48.38 -13.51
CA ASN D 460 -16.02 49.37 -12.46
C ASN D 460 -14.90 48.99 -11.50
N PRO D 461 -14.35 49.95 -10.74
CA PRO D 461 -13.23 49.63 -9.83
C PRO D 461 -13.55 48.58 -8.79
N ALA D 462 -14.79 48.56 -8.28
CA ALA D 462 -15.15 47.64 -7.21
C ALA D 462 -14.96 46.20 -7.65
N ASP D 463 -15.40 45.86 -8.86
CA ASP D 463 -15.18 44.52 -9.38
C ASP D 463 -13.73 44.32 -9.82
N PHE D 464 -13.04 45.41 -10.17
CA PHE D 464 -11.63 45.30 -10.54
C PHE D 464 -10.80 44.84 -9.34
N LEU D 465 -11.18 45.25 -8.14
CA LEU D 465 -10.49 44.76 -6.94
C LEU D 465 -10.58 43.24 -6.85
N VAL D 466 -11.79 42.69 -7.04
CA VAL D 466 -11.96 41.25 -6.95
C VAL D 466 -11.22 40.55 -8.08
N ILE D 467 -11.21 41.16 -9.27
CA ILE D 467 -10.51 40.56 -10.40
C ILE D 467 -9.02 40.46 -10.10
N ASP D 468 -8.44 41.53 -9.55
CA ASP D 468 -7.02 41.51 -9.21
C ASP D 468 -6.75 40.50 -8.09
N LYS D 469 -7.67 40.37 -7.14
CA LYS D 469 -7.52 39.36 -6.10
C LYS D 469 -7.47 37.96 -6.70
N ILE D 470 -8.36 37.69 -7.66
CA ILE D 470 -8.39 36.40 -8.33
C ILE D 470 -7.09 36.16 -9.09
N ALA D 471 -6.59 37.19 -9.77
CA ALA D 471 -5.34 37.06 -10.50
C ALA D 471 -4.18 36.75 -9.57
N LYS D 472 -4.12 37.41 -8.42
CA LYS D 472 -3.06 37.14 -7.45
C LYS D 472 -3.17 35.71 -6.93
N ALA D 473 -4.39 35.27 -6.62
CA ALA D 473 -4.60 33.91 -6.13
C ALA D 473 -4.14 32.88 -7.16
N LEU D 474 -4.46 33.12 -8.44
CA LEU D 474 -4.03 32.22 -9.49
C LEU D 474 -2.52 32.20 -9.63
N LYS D 475 -1.87 33.36 -9.59
CA LYS D 475 -0.42 33.40 -9.77
C LYS D 475 0.31 32.74 -8.62
N ASN D 476 -0.23 32.86 -7.39
CA ASN D 476 0.47 32.34 -6.23
C ASN D 476 0.52 30.82 -6.23
N VAL D 477 -0.26 30.18 -7.10
CA VAL D 477 -0.27 28.72 -7.16
C VAL D 477 1.10 28.22 -7.64
N HIS D 478 1.54 27.11 -7.08
CA HIS D 478 2.83 26.54 -7.42
C HIS D 478 2.86 26.10 -8.89
N GLY D 479 3.95 26.42 -9.57
CA GLY D 479 4.15 26.03 -10.95
C GLY D 479 3.60 26.97 -12.00
N ILE D 480 2.99 28.08 -11.59
CA ILE D 480 2.42 29.05 -12.51
C ILE D 480 3.40 30.22 -12.63
N ALA D 481 3.87 30.47 -13.84
CA ALA D 481 4.89 31.50 -14.05
C ALA D 481 4.28 32.90 -13.99
N GLN D 482 3.34 33.21 -14.88
CA GLN D 482 2.74 34.52 -14.92
C GLN D 482 1.31 34.43 -15.42
N VAL D 483 0.47 35.33 -14.92
CA VAL D 483 -0.94 35.42 -15.32
C VAL D 483 -1.17 36.83 -15.82
N GLN D 484 -1.74 36.96 -17.02
CA GLN D 484 -2.10 38.26 -17.56
C GLN D 484 -3.60 38.37 -17.73
N THR D 485 -4.12 39.57 -17.52
CA THR D 485 -5.55 39.84 -17.61
C THR D 485 -5.73 41.34 -17.76
N ILE D 486 -6.96 41.81 -17.60
CA ILE D 486 -7.24 43.23 -17.75
C ILE D 486 -6.52 44.05 -16.68
N THR D 487 -6.29 43.48 -15.51
CA THR D 487 -5.55 44.14 -14.46
C THR D 487 -4.05 43.89 -14.54
N ARG D 488 -3.60 43.05 -15.48
CA ARG D 488 -2.18 42.78 -15.70
C ARG D 488 -1.96 42.55 -17.19
N PRO D 489 -2.03 43.60 -17.99
CA PRO D 489 -2.03 43.39 -19.46
C PRO D 489 -0.79 42.69 -19.99
N ASP D 490 0.37 42.89 -19.39
CA ASP D 490 1.61 42.28 -19.84
C ASP D 490 2.18 41.29 -18.84
N GLY D 491 1.36 40.81 -17.90
CA GLY D 491 1.82 39.89 -16.88
C GLY D 491 2.39 40.54 -15.64
N ASP D 492 2.65 41.84 -15.69
CA ASP D 492 3.15 42.64 -14.58
C ASP D 492 2.03 43.53 -14.04
N PRO D 493 2.08 43.90 -12.76
CA PRO D 493 1.05 44.80 -12.23
C PRO D 493 1.09 46.14 -12.95
N ILE D 494 -0.09 46.74 -13.10
CA ILE D 494 -0.18 48.03 -13.77
C ILE D 494 0.53 49.08 -12.94
N GLU D 495 1.32 49.91 -13.60
CA GLU D 495 2.06 50.94 -12.88
C GLU D 495 1.13 51.94 -12.24
N HIS D 496 1.57 52.48 -11.10
CA HIS D 496 0.82 53.50 -10.35
C HIS D 496 -0.52 52.94 -9.86
N SER D 497 -0.52 51.68 -9.43
CA SER D 497 -1.72 51.06 -8.91
C SER D 497 -1.66 50.73 -7.42
N THR D 498 -0.47 50.73 -6.83
CA THR D 498 -0.36 50.43 -5.41
C THR D 498 -0.95 51.54 -4.56
N ILE D 499 -1.54 51.16 -3.43
CA ILE D 499 -2.05 52.15 -2.48
C ILE D 499 -0.98 53.15 -2.04
N PRO D 500 0.26 52.73 -1.69
CA PRO D 500 1.27 53.72 -1.29
C PRO D 500 1.54 54.77 -2.35
N TYR D 501 1.37 54.42 -3.62
CA TYR D 501 1.49 55.42 -4.68
C TYR D 501 0.46 56.53 -4.50
N THR D 502 -0.78 56.15 -4.18
CA THR D 502 -1.82 57.15 -3.93
C THR D 502 -1.48 58.00 -2.72
N ILE D 503 -0.91 57.38 -1.69
CA ILE D 503 -0.52 58.08 -0.47
C ILE D 503 0.53 59.14 -0.78
N ASN D 656 8.96 88.96 7.61
CA ASN D 656 9.19 87.94 8.63
C ASN D 656 8.20 86.79 8.47
N GLN D 657 6.90 87.12 8.59
CA GLN D 657 5.87 86.10 8.44
C GLN D 657 5.96 85.40 7.10
N TYR D 658 6.32 86.15 6.05
CA TYR D 658 6.50 85.56 4.73
C TYR D 658 7.59 84.49 4.74
N GLN D 659 8.70 84.77 5.42
CA GLN D 659 9.79 83.81 5.48
C GLN D 659 9.37 82.53 6.19
N VAL D 660 8.60 82.65 7.26
CA VAL D 660 8.11 81.47 7.98
C VAL D 660 7.22 80.64 7.08
N GLN D 661 6.32 81.31 6.34
CA GLN D 661 5.41 80.60 5.44
C GLN D 661 6.18 79.86 4.35
N LYS D 662 7.22 80.48 3.80
CA LYS D 662 7.98 79.83 2.73
C LYS D 662 8.67 78.58 3.22
N ALA D 663 9.16 78.58 4.47
CA ALA D 663 9.78 77.39 5.03
C ALA D 663 8.77 76.24 5.09
N GLN D 664 7.52 76.53 5.44
CA GLN D 664 6.48 75.52 5.39
C GLN D 664 6.29 75.00 3.96
N GLN D 665 6.37 75.90 2.98
CA GLN D 665 6.29 75.48 1.58
C GLN D 665 7.44 74.55 1.23
N ASP D 666 8.65 74.88 1.68
CA ASP D 666 9.81 74.02 1.41
C ASP D 666 9.64 72.65 2.08
N GLN D 667 9.08 72.63 3.29
CA GLN D 667 8.78 71.36 3.94
C GLN D 667 7.80 70.54 3.12
N ASN D 668 6.79 71.19 2.55
CA ASN D 668 5.80 70.48 1.74
C ASN D 668 6.45 69.86 0.50
N MET D 669 7.35 70.60 -0.15
CA MET D 669 8.04 70.06 -1.32
C MET D 669 8.91 68.87 -0.95
N ALA D 670 9.60 68.95 0.19
CA ALA D 670 10.40 67.81 0.64
C ALA D 670 9.52 66.60 0.91
N MET D 671 8.36 66.80 1.55
CA MET D 671 7.42 65.72 1.75
C MET D 671 6.90 65.18 0.42
N GLN D 672 6.71 66.08 -0.56
CA GLN D 672 6.33 65.65 -1.89
C GLN D 672 7.42 64.79 -2.53
N GLU D 673 8.68 65.15 -2.30
CA GLU D 673 9.79 64.33 -2.79
C GLU D 673 9.78 62.96 -2.13
N ASN D 674 9.50 62.91 -0.83
CA ASN D 674 9.52 61.65 -0.09
C ASN D 674 8.49 60.68 -0.65
N ALA D 675 7.30 61.20 -0.98
CA ALA D 675 6.24 60.34 -1.51
C ALA D 675 6.65 59.74 -2.85
N THR D 676 7.38 60.51 -3.66
CA THR D 676 7.85 60.00 -4.94
C THR D 676 8.82 58.83 -4.75
N ALA D 677 9.71 58.95 -3.78
CA ALA D 677 10.70 57.90 -3.54
C ALA D 677 10.01 56.59 -3.18
N MET D 678 8.98 56.65 -2.33
CA MET D 678 8.22 55.45 -2.00
C MET D 678 7.54 54.87 -3.24
N SER D 679 6.98 55.74 -4.08
CA SER D 679 6.33 55.28 -5.30
C SER D 679 7.32 54.58 -6.22
N GLN D 680 8.50 55.19 -6.41
CA GLN D 680 9.51 54.58 -7.26
C GLN D 680 10.01 53.26 -6.69
N ALA D 681 10.16 53.19 -5.37
CA ALA D 681 10.59 51.95 -4.73
C ALA D 681 9.56 50.85 -4.94
N PHE D 682 8.27 51.18 -4.79
CA PHE D 682 7.24 50.17 -4.96
C PHE D 682 7.08 49.77 -6.41
N ASP D 683 7.35 50.69 -7.34
CA ASP D 683 7.26 50.36 -8.75
C ASP D 683 8.42 49.48 -9.21
N ALA D 684 9.64 49.80 -8.74
CA ALA D 684 10.81 49.07 -9.19
C ALA D 684 10.77 47.62 -8.74
N ALA D 685 10.29 47.37 -7.53
CA ALA D 685 10.24 46.02 -6.98
C ALA D 685 9.03 45.22 -7.45
N LYS D 686 8.16 45.82 -8.25
CA LYS D 686 6.96 45.16 -8.76
C LYS D 686 6.09 44.63 -7.63
N ASN D 687 5.96 45.43 -6.57
CA ASN D 687 5.08 45.05 -5.47
C ASN D 687 3.64 45.04 -5.92
N ASP D 688 2.87 44.09 -5.40
CA ASP D 688 1.48 43.91 -5.79
C ASP D 688 0.57 43.59 -4.61
N ASP D 689 0.96 44.01 -3.40
CA ASP D 689 0.17 43.69 -2.21
C ASP D 689 -1.15 44.43 -2.20
N SER D 690 -1.13 45.71 -2.58
CA SER D 690 -2.33 46.54 -2.63
C SER D 690 -2.57 46.98 -4.06
N PHE D 691 -3.84 47.27 -4.37
CA PHE D 691 -4.22 47.59 -5.73
C PHE D 691 -5.47 48.48 -5.73
N TYR D 692 -5.46 49.50 -6.58
CA TYR D 692 -6.65 50.31 -6.79
C TYR D 692 -6.50 51.06 -8.11
N LEU D 693 -7.54 50.99 -8.94
CA LEU D 693 -7.57 51.71 -10.21
C LEU D 693 -8.59 52.83 -10.12
N PRO D 694 -8.18 54.09 -10.21
CA PRO D 694 -9.14 55.18 -10.05
C PRO D 694 -10.15 55.18 -11.18
N PRO D 695 -11.36 55.68 -10.94
CA PRO D 695 -12.39 55.68 -11.99
C PRO D 695 -11.99 56.46 -13.22
N GLU D 696 -11.17 57.50 -13.07
CA GLU D 696 -10.77 58.30 -14.22
C GLU D 696 -9.98 57.48 -15.23
N ALA D 697 -9.10 56.60 -14.75
CA ALA D 697 -8.26 55.81 -15.65
C ALA D 697 -9.10 54.89 -16.52
N PHE D 698 -10.29 54.53 -16.04
CA PHE D 698 -11.18 53.69 -16.85
C PHE D 698 -11.60 54.40 -18.12
N GLU D 699 -11.62 55.73 -18.11
CA GLU D 699 -12.05 56.48 -19.28
C GLU D 699 -10.94 56.58 -20.33
N THR D 700 -9.69 56.31 -19.95
CA THR D 700 -8.59 56.39 -20.89
C THR D 700 -8.72 55.34 -21.97
N ASP D 701 -8.30 55.70 -23.18
CA ASP D 701 -8.46 54.80 -24.33
C ASP D 701 -7.61 53.54 -24.18
N ASP D 702 -6.53 53.62 -23.40
CA ASP D 702 -5.68 52.46 -23.19
C ASP D 702 -6.46 51.34 -22.51
N PHE D 703 -7.24 51.68 -21.49
CA PHE D 703 -8.06 50.67 -20.85
C PHE D 703 -9.32 50.37 -21.64
N GLN D 704 -9.75 51.29 -22.49
CA GLN D 704 -10.87 51.00 -23.38
C GLN D 704 -10.52 49.89 -24.36
N ARG D 705 -9.32 49.95 -24.93
CA ARG D 705 -8.85 48.88 -25.80
C ARG D 705 -8.68 47.58 -25.03
N GLY D 706 -8.10 47.66 -23.83
CA GLY D 706 -7.89 46.46 -23.05
C GLY D 706 -9.19 45.78 -22.64
N MET D 707 -10.16 46.57 -22.18
CA MET D 707 -11.42 45.99 -21.73
C MET D 707 -12.22 45.37 -22.87
N LYS D 708 -11.89 45.70 -24.12
CA LYS D 708 -12.53 45.04 -25.25
C LYS D 708 -11.82 43.75 -25.66
N LEU D 709 -10.66 43.47 -25.09
CA LEU D 709 -9.93 42.24 -25.37
C LEU D 709 -10.08 41.21 -24.27
N PHE D 710 -9.91 41.61 -23.02
CA PHE D 710 -9.98 40.69 -21.90
C PHE D 710 -11.35 40.61 -21.25
N MET D 711 -12.33 41.38 -21.71
CA MET D 711 -13.67 41.36 -21.13
C MET D 711 -14.72 41.30 -22.23
N SER D 712 -15.82 40.64 -21.91
CA SER D 712 -16.92 40.46 -22.85
C SER D 712 -17.56 41.81 -23.17
N PRO D 713 -18.25 41.91 -24.32
CA PRO D 713 -18.90 43.18 -24.67
C PRO D 713 -19.88 43.69 -23.61
N ASP D 714 -20.63 42.78 -22.99
CA ASP D 714 -21.53 43.19 -21.92
C ASP D 714 -20.81 43.35 -20.59
N GLY D 715 -19.54 42.97 -20.52
CA GLY D 715 -18.81 43.08 -19.27
C GLY D 715 -19.21 42.07 -18.22
N HIS D 716 -19.82 40.96 -18.62
CA HIS D 716 -20.28 39.95 -17.68
C HIS D 716 -19.22 38.89 -17.37
N ALA D 717 -18.14 38.84 -18.16
CA ALA D 717 -17.13 37.81 -17.98
C ALA D 717 -15.76 38.38 -18.31
N VAL D 718 -14.73 37.80 -17.69
CA VAL D 718 -13.34 38.20 -17.91
C VAL D 718 -12.51 36.95 -18.09
N ARG D 719 -11.59 36.98 -19.05
CA ARG D 719 -10.74 35.83 -19.35
C ARG D 719 -9.36 36.05 -18.73
N PHE D 720 -8.73 34.94 -18.35
CA PHE D 720 -7.38 34.95 -17.80
C PHE D 720 -6.50 34.06 -18.67
N THR D 721 -5.29 34.53 -18.97
CA THR D 721 -4.29 33.71 -19.63
C THR D 721 -3.27 33.26 -18.60
N ILE D 722 -3.12 31.95 -18.44
CA ILE D 722 -2.26 31.37 -17.41
C ILE D 722 -1.12 30.64 -18.11
N ILE D 723 0.11 30.92 -17.68
CA ILE D 723 1.30 30.35 -18.29
C ILE D 723 2.05 29.57 -17.22
N HIS D 724 2.39 28.33 -17.53
CA HIS D 724 3.01 27.43 -16.56
C HIS D 724 4.50 27.73 -16.42
N GLN D 725 5.16 26.95 -15.55
CA GLN D 725 6.60 26.95 -15.40
C GLN D 725 7.13 25.69 -16.06
N GLY D 726 8.11 25.84 -16.94
CA GLY D 726 8.66 24.70 -17.65
C GLY D 726 7.66 24.13 -18.64
N ASP D 727 7.88 22.86 -18.98
CA ASP D 727 7.02 22.17 -19.93
C ASP D 727 5.65 21.94 -19.29
N PRO D 728 4.57 22.46 -19.90
CA PRO D 728 3.24 22.28 -19.31
C PRO D 728 2.53 21.00 -19.72
N LEU D 729 3.14 20.16 -20.54
CA LEU D 729 2.51 18.93 -21.02
C LEU D 729 3.10 17.69 -20.35
N THR D 730 3.45 17.79 -19.08
CA THR D 730 3.96 16.67 -18.30
C THR D 730 2.87 16.16 -17.38
N GLU D 731 3.23 15.17 -16.55
CA GLU D 731 2.30 14.69 -15.55
C GLU D 731 2.03 15.75 -14.49
N GLU D 732 3.05 16.52 -14.12
CA GLU D 732 2.84 17.64 -13.22
C GLU D 732 2.02 18.73 -13.89
N GLY D 733 2.24 18.95 -15.18
CA GLY D 733 1.51 19.99 -15.90
C GLY D 733 0.01 19.79 -15.86
N THR D 734 -0.44 18.55 -16.05
CA THR D 734 -1.87 18.25 -15.98
C THR D 734 -2.38 18.17 -14.55
N ALA D 735 -1.50 18.08 -13.56
CA ALA D 735 -1.91 17.99 -12.17
C ALA D 735 -2.19 19.35 -11.55
N ARG D 736 -1.80 20.45 -12.20
CA ARG D 736 -2.05 21.77 -11.67
C ARG D 736 -3.44 22.28 -11.98
N MET D 737 -4.23 21.54 -12.78
CA MET D 737 -5.55 22.03 -13.18
C MET D 737 -6.48 22.14 -11.98
N ASP D 738 -6.48 21.13 -11.11
CA ASP D 738 -7.36 21.15 -9.95
C ASP D 738 -6.99 22.29 -9.01
N GLU D 739 -5.69 22.54 -8.84
CA GLU D 739 -5.24 23.58 -7.92
C GLU D 739 -5.73 24.95 -8.35
N LEU D 740 -5.71 25.21 -9.67
CA LEU D 740 -6.15 26.52 -10.16
C LEU D 740 -7.64 26.73 -9.89
N LYS D 741 -8.46 25.70 -10.15
CA LYS D 741 -9.89 25.83 -9.89
C LYS D 741 -10.16 26.01 -8.41
N VAL D 742 -9.45 25.27 -7.57
CA VAL D 742 -9.61 25.42 -6.12
C VAL D 742 -9.23 26.82 -5.69
N ALA D 743 -8.12 27.34 -6.21
CA ALA D 743 -7.67 28.68 -5.84
C ALA D 743 -8.69 29.73 -6.26
N ALA D 744 -9.23 29.60 -7.47
CA ALA D 744 -10.24 30.55 -7.93
C ALA D 744 -11.48 30.50 -7.06
N ALA D 745 -11.94 29.29 -6.71
CA ALA D 745 -13.12 29.15 -5.87
C ALA D 745 -12.89 29.74 -4.49
N ASP D 746 -11.68 29.57 -3.95
CA ASP D 746 -11.38 30.14 -2.64
C ASP D 746 -11.27 31.66 -2.71
N ALA D 747 -10.72 32.18 -3.80
CA ALA D 747 -10.59 33.64 -3.93
C ALA D 747 -11.96 34.30 -4.06
N ILE D 748 -12.87 33.66 -4.79
CA ILE D 748 -14.21 34.23 -4.95
C ILE D 748 -14.94 34.29 -3.61
N LYS D 749 -14.69 33.29 -2.74
CA LYS D 749 -15.41 33.17 -1.49
C LYS D 749 -15.36 34.45 -0.67
N GLY D 750 -16.53 34.90 -0.21
CA GLY D 750 -16.64 36.08 0.62
C GLY D 750 -16.81 37.38 -0.12
N THR D 751 -16.73 37.37 -1.44
CA THR D 751 -16.83 38.55 -2.27
C THR D 751 -18.19 38.61 -2.96
N PRO D 752 -18.54 39.77 -3.55
CA PRO D 752 -19.78 39.82 -4.35
C PRO D 752 -19.76 38.88 -5.54
N PHE D 753 -18.59 38.36 -5.93
CA PHE D 753 -18.52 37.42 -7.05
C PHE D 753 -19.13 36.07 -6.72
N GLU D 754 -19.49 35.83 -5.45
CA GLU D 754 -20.06 34.56 -5.04
C GLU D 754 -21.27 34.21 -5.89
N GLY D 755 -21.30 32.98 -6.38
CA GLY D 755 -22.32 32.53 -7.30
C GLY D 755 -21.92 32.59 -8.76
N ALA D 756 -20.66 32.89 -9.06
CA ALA D 756 -20.19 32.95 -10.44
C ALA D 756 -19.89 31.55 -10.96
N ARG D 757 -19.56 31.47 -12.24
CA ARG D 757 -19.21 30.22 -12.90
C ARG D 757 -17.80 30.31 -13.45
N ILE D 758 -17.01 29.26 -13.23
CA ILE D 758 -15.61 29.23 -13.60
C ILE D 758 -15.40 28.16 -14.67
N TYR D 759 -14.78 28.55 -15.78
CA TYR D 759 -14.42 27.63 -16.85
C TYR D 759 -12.91 27.62 -17.01
N LEU D 760 -12.33 26.43 -17.05
CA LEU D 760 -10.89 26.26 -17.25
C LEU D 760 -10.64 25.45 -18.50
N GLY D 761 -9.78 25.96 -19.38
CA GLY D 761 -9.49 25.32 -20.63
C GLY D 761 -8.02 25.45 -20.99
N GLY D 762 -7.66 24.84 -22.12
CA GLY D 762 -6.29 24.84 -22.58
C GLY D 762 -5.77 23.45 -22.87
N SER D 763 -4.51 23.35 -23.27
CA SER D 763 -3.94 22.05 -23.62
C SER D 763 -3.86 21.14 -22.40
N ALA D 764 -3.43 21.69 -21.27
CA ALA D 764 -3.20 20.86 -20.09
C ALA D 764 -4.48 20.20 -19.61
N ALA D 765 -5.58 20.96 -19.56
CA ALA D 765 -6.86 20.38 -19.15
C ALA D 765 -7.31 19.30 -20.12
N THR D 766 -7.09 19.54 -21.41
CA THR D 766 -7.44 18.56 -22.43
C THR D 766 -6.70 17.26 -22.19
N TYR D 767 -5.38 17.34 -21.93
CA TYR D 767 -4.60 16.13 -21.73
C TYR D 767 -4.94 15.45 -20.41
N ASN D 768 -5.31 16.23 -19.39
CA ASN D 768 -5.79 15.64 -18.15
C ASN D 768 -7.05 14.81 -18.39
N ASP D 769 -7.99 15.37 -19.14
CA ASP D 769 -9.20 14.63 -19.49
C ASP D 769 -8.85 13.38 -20.30
N MET D 770 -7.90 13.51 -21.23
CA MET D 770 -7.48 12.37 -22.03
C MET D 770 -6.91 11.26 -21.14
N GLN D 771 -6.12 11.64 -20.14
CA GLN D 771 -5.53 10.63 -19.25
C GLN D 771 -6.59 9.93 -18.44
N ILE D 772 -7.56 10.69 -17.91
CA ILE D 772 -8.63 10.06 -17.13
C ILE D 772 -9.43 9.10 -18.00
N GLY D 773 -9.78 9.54 -19.21
CA GLY D 773 -10.50 8.66 -20.12
C GLY D 773 -9.69 7.44 -20.49
N ALA D 774 -8.38 7.59 -20.63
CA ALA D 774 -7.52 6.47 -20.97
C ALA D 774 -7.53 5.44 -19.85
N ASP D 775 -7.45 5.87 -18.60
CA ASP D 775 -7.49 4.92 -17.48
C ASP D 775 -8.83 4.18 -17.46
N TYR D 776 -9.93 4.93 -17.58
CA TYR D 776 -11.25 4.32 -17.55
C TYR D 776 -11.40 3.30 -18.68
N ASP D 777 -11.01 3.68 -19.89
CA ASP D 777 -11.16 2.79 -21.03
C ASP D 777 -10.23 1.58 -20.93
N LEU D 778 -9.04 1.77 -20.35
CA LEU D 778 -8.14 0.64 -20.15
C LEU D 778 -8.77 -0.41 -19.25
N ILE D 779 -9.34 0.04 -18.13
CA ILE D 779 -9.98 -0.92 -17.21
C ILE D 779 -11.14 -1.62 -17.92
N ILE D 780 -11.97 -0.85 -18.63
CA ILE D 780 -13.14 -1.43 -19.29
C ILE D 780 -12.71 -2.47 -20.33
N VAL D 781 -11.71 -2.12 -21.15
CA VAL D 781 -11.25 -3.01 -22.21
C VAL D 781 -10.70 -4.29 -21.60
N ALA D 782 -9.87 -4.16 -20.56
CA ALA D 782 -9.31 -5.35 -19.94
C ALA D 782 -10.39 -6.29 -19.43
N ALA D 783 -11.37 -5.73 -18.70
CA ALA D 783 -12.43 -6.57 -18.14
C ALA D 783 -13.24 -7.25 -19.23
N SER D 784 -13.68 -6.48 -20.23
CA SER D 784 -14.54 -7.03 -21.28
C SER D 784 -13.80 -8.08 -22.10
N ALA D 785 -12.54 -7.80 -22.44
CA ALA D 785 -11.75 -8.77 -23.20
C ALA D 785 -11.58 -10.07 -22.42
N LEU D 786 -11.25 -9.96 -21.12
CA LEU D 786 -11.09 -11.16 -20.32
C LEU D 786 -12.37 -11.98 -20.32
N ILE D 787 -13.51 -11.33 -20.08
CA ILE D 787 -14.77 -12.05 -20.00
C ILE D 787 -15.08 -12.74 -21.32
N LEU D 788 -14.96 -12.00 -22.43
CA LEU D 788 -15.33 -12.56 -23.73
C LEU D 788 -14.42 -13.72 -24.11
N ILE D 789 -13.11 -13.56 -23.90
CA ILE D 789 -12.17 -14.61 -24.24
C ILE D 789 -12.42 -15.85 -23.39
N PHE D 790 -12.68 -15.65 -22.10
CA PHE D 790 -12.98 -16.77 -21.23
C PHE D 790 -14.21 -17.52 -21.71
N ILE D 791 -15.25 -16.77 -22.10
CA ILE D 791 -16.48 -17.41 -22.58
C ILE D 791 -16.21 -18.23 -23.83
N ILE D 792 -15.46 -17.65 -24.77
CA ILE D 792 -15.20 -18.36 -26.02
C ILE D 792 -14.41 -19.63 -25.77
N MET D 793 -13.37 -19.53 -24.94
CA MET D 793 -12.53 -20.69 -24.65
C MET D 793 -13.32 -21.77 -23.94
N MET D 794 -14.15 -21.38 -22.97
CA MET D 794 -14.96 -22.36 -22.26
C MET D 794 -15.94 -23.05 -23.21
N VAL D 795 -16.53 -22.29 -24.13
CA VAL D 795 -17.46 -22.88 -25.10
C VAL D 795 -16.73 -23.88 -25.98
N LEU D 796 -15.56 -23.50 -26.49
CA LEU D 796 -14.88 -24.34 -27.47
C LEU D 796 -14.31 -25.59 -26.82
N THR D 797 -13.64 -25.44 -25.68
CA THR D 797 -13.01 -26.60 -25.05
C THR D 797 -13.94 -27.33 -24.09
N ARG D 798 -15.14 -26.81 -23.85
CA ARG D 798 -16.16 -27.47 -23.04
C ARG D 798 -15.67 -27.70 -21.61
N ALA D 799 -14.65 -26.98 -21.18
CA ALA D 799 -14.08 -27.13 -19.85
C ALA D 799 -13.82 -25.76 -19.24
N VAL D 800 -14.22 -25.60 -17.98
CA VAL D 800 -14.04 -24.32 -17.30
C VAL D 800 -12.58 -24.12 -16.90
N VAL D 801 -11.98 -25.15 -16.31
CA VAL D 801 -10.64 -25.02 -15.74
C VAL D 801 -9.62 -24.72 -16.83
N ALA D 802 -9.80 -25.30 -18.02
CA ALA D 802 -8.89 -25.03 -19.12
C ALA D 802 -8.91 -23.55 -19.50
N ALA D 803 -10.12 -22.99 -19.61
CA ALA D 803 -10.24 -21.57 -19.96
C ALA D 803 -9.62 -20.70 -18.86
N ALA D 804 -9.87 -21.04 -17.60
CA ALA D 804 -9.29 -20.26 -16.51
C ALA D 804 -7.76 -20.29 -16.55
N VAL D 805 -7.19 -21.48 -16.81
CA VAL D 805 -5.74 -21.60 -16.88
C VAL D 805 -5.20 -20.78 -18.03
N ILE D 806 -5.85 -20.84 -19.19
CA ILE D 806 -5.39 -20.09 -20.36
C ILE D 806 -5.38 -18.60 -20.04
N VAL D 807 -6.47 -18.10 -19.46
CA VAL D 807 -6.57 -16.68 -19.17
C VAL D 807 -5.50 -16.26 -18.16
N GLY D 808 -5.31 -17.06 -17.12
CA GLY D 808 -4.31 -16.71 -16.12
C GLY D 808 -2.91 -16.66 -16.69
N THR D 809 -2.56 -17.67 -17.50
CA THR D 809 -1.24 -17.68 -18.12
C THR D 809 -1.04 -16.48 -19.03
N VAL D 810 -2.08 -16.13 -19.80
CA VAL D 810 -1.96 -14.99 -20.70
C VAL D 810 -1.75 -13.70 -19.92
N VAL D 811 -2.47 -13.52 -18.82
CA VAL D 811 -2.32 -12.32 -18.01
C VAL D 811 -0.91 -12.25 -17.42
N LEU D 812 -0.43 -13.37 -16.91
CA LEU D 812 0.90 -13.40 -16.31
C LEU D 812 1.96 -13.06 -17.35
N SER D 813 1.81 -13.57 -18.57
CA SER D 813 2.72 -13.19 -19.65
C SER D 813 2.59 -11.71 -19.99
N LEU D 814 1.37 -11.18 -19.93
CA LEU D 814 1.13 -9.78 -20.25
C LEU D 814 1.89 -8.85 -19.32
N ALA D 815 1.93 -9.20 -18.04
CA ALA D 815 2.68 -8.37 -17.08
C ALA D 815 4.16 -8.28 -17.48
N SER D 816 4.77 -9.41 -17.80
CA SER D 816 6.18 -9.42 -18.18
C SER D 816 6.39 -8.68 -19.50
N ALA D 817 5.43 -8.79 -20.42
CA ALA D 817 5.54 -8.06 -21.68
C ALA D 817 5.55 -6.56 -21.43
N PHE D 818 4.66 -6.10 -20.55
CA PHE D 818 4.64 -4.69 -20.16
C PHE D 818 5.98 -4.27 -19.58
N GLY D 819 6.52 -5.10 -18.68
CA GLY D 819 7.82 -4.77 -18.09
C GLY D 819 8.93 -4.66 -19.11
N LEU D 820 8.98 -5.61 -20.05
CA LEU D 820 10.01 -5.61 -21.08
C LEU D 820 9.91 -4.38 -21.96
N SER D 821 8.69 -4.03 -22.39
CA SER D 821 8.52 -2.86 -23.23
C SER D 821 8.92 -1.60 -22.48
N VAL D 822 8.51 -1.48 -21.21
CA VAL D 822 8.83 -0.30 -20.42
C VAL D 822 10.34 -0.15 -20.31
N LEU D 823 11.04 -1.23 -19.98
CA LEU D 823 12.49 -1.16 -19.95
C LEU D 823 13.05 -0.70 -21.29
N LEU D 824 12.78 -1.47 -22.35
CA LEU D 824 13.42 -1.24 -23.64
C LEU D 824 13.23 0.19 -24.12
N TRP D 825 12.03 0.75 -23.93
CA TRP D 825 11.85 2.13 -24.38
C TRP D 825 12.37 3.13 -23.37
N GLN D 826 11.79 3.15 -22.17
CA GLN D 826 12.04 4.24 -21.23
C GLN D 826 13.51 4.32 -20.83
N HIS D 827 14.14 3.18 -20.53
CA HIS D 827 15.50 3.26 -20.01
C HIS D 827 16.53 3.29 -21.13
N ILE D 828 16.37 2.41 -22.13
CA ILE D 828 17.36 2.35 -23.21
C ILE D 828 17.17 3.52 -24.17
N VAL D 829 16.00 3.60 -24.81
CA VAL D 829 15.79 4.64 -25.81
C VAL D 829 15.68 6.01 -25.13
N GLY D 830 15.03 6.08 -23.98
CA GLY D 830 14.85 7.30 -23.24
C GLY D 830 13.50 7.96 -23.43
N ILE D 831 12.77 7.59 -24.47
CA ILE D 831 11.46 8.17 -24.72
C ILE D 831 10.41 7.36 -23.96
N PRO D 832 9.67 7.99 -23.04
CA PRO D 832 8.63 7.25 -22.31
C PRO D 832 7.48 6.88 -23.24
N LEU D 833 6.75 5.84 -22.83
CA LEU D 833 5.66 5.33 -23.63
C LEU D 833 4.56 6.37 -23.76
N HIS D 834 3.97 6.45 -24.95
CA HIS D 834 2.82 7.33 -25.16
C HIS D 834 1.62 6.79 -24.42
N TRP D 835 0.74 7.70 -23.97
CA TRP D 835 -0.32 7.32 -23.05
C TRP D 835 -1.36 6.41 -23.68
N MET D 836 -1.38 6.28 -25.01
CA MET D 836 -2.38 5.46 -25.69
C MET D 836 -1.85 4.10 -26.11
N VAL D 837 -0.60 3.79 -25.83
CA VAL D 837 -0.01 2.52 -26.26
C VAL D 837 -0.61 1.35 -25.49
N LEU D 838 -0.86 1.56 -24.19
CA LEU D 838 -1.11 0.45 -23.28
C LEU D 838 -2.33 -0.39 -23.66
N PRO D 839 -3.54 0.19 -23.82
CA PRO D 839 -4.70 -0.67 -24.15
C PRO D 839 -4.57 -1.34 -25.50
N MET D 840 -4.02 -0.63 -26.48
CA MET D 840 -3.85 -1.21 -27.82
C MET D 840 -2.94 -2.43 -27.77
N SER D 841 -1.85 -2.34 -27.00
CA SER D 841 -0.99 -3.51 -26.84
C SER D 841 -1.70 -4.61 -26.08
N VAL D 842 -2.41 -4.26 -25.00
CA VAL D 842 -2.98 -5.25 -24.10
C VAL D 842 -3.99 -6.12 -24.84
N ILE D 843 -4.87 -5.49 -25.62
CA ILE D 843 -5.96 -6.24 -26.24
C ILE D 843 -5.41 -7.29 -27.21
N VAL D 844 -4.44 -6.88 -28.05
CA VAL D 844 -3.89 -7.79 -29.05
C VAL D 844 -3.10 -8.89 -28.37
N LEU D 845 -2.32 -8.54 -27.34
CA LEU D 845 -1.56 -9.57 -26.63
C LEU D 845 -2.47 -10.63 -26.04
N LEU D 846 -3.54 -10.18 -25.36
CA LEU D 846 -4.49 -11.14 -24.78
C LEU D 846 -5.06 -12.04 -25.87
N ALA D 847 -5.52 -11.45 -26.97
CA ALA D 847 -6.16 -12.25 -28.01
C ALA D 847 -5.22 -13.31 -28.57
N VAL D 848 -4.00 -12.90 -28.93
CA VAL D 848 -3.09 -13.82 -29.60
C VAL D 848 -2.62 -14.91 -28.64
N GLY D 849 -2.28 -14.54 -27.40
CA GLY D 849 -1.87 -15.55 -26.44
C GLY D 849 -2.97 -16.56 -26.18
N ALA D 850 -4.21 -16.08 -26.06
CA ALA D 850 -5.32 -16.99 -25.88
C ALA D 850 -5.47 -17.93 -27.06
N ASP D 851 -5.28 -17.42 -28.28
CA ASP D 851 -5.41 -18.28 -29.46
C ASP D 851 -4.34 -19.38 -29.46
N TYR D 852 -3.10 -19.02 -29.14
CA TYR D 852 -2.03 -20.04 -29.14
C TYR D 852 -2.28 -21.10 -28.08
N ASN D 853 -2.65 -20.67 -26.87
CA ASN D 853 -2.94 -21.64 -25.83
C ASN D 853 -4.13 -22.50 -26.20
N LEU D 854 -5.12 -21.92 -26.88
CA LEU D 854 -6.28 -22.69 -27.33
C LEU D 854 -5.87 -23.78 -28.31
N LEU D 855 -4.99 -23.44 -29.24
CA LEU D 855 -4.51 -24.44 -30.19
C LEU D 855 -3.82 -25.59 -29.46
N LEU D 856 -2.93 -25.25 -28.53
CA LEU D 856 -2.23 -26.30 -27.79
C LEU D 856 -3.19 -27.18 -27.01
N VAL D 857 -4.17 -26.57 -26.33
CA VAL D 857 -5.10 -27.32 -25.50
C VAL D 857 -5.98 -28.20 -26.37
N SER D 858 -6.39 -27.70 -27.54
CA SER D 858 -7.22 -28.50 -28.43
C SER D 858 -6.46 -29.74 -28.90
N ARG D 859 -5.19 -29.58 -29.27
CA ARG D 859 -4.42 -30.76 -29.64
C ARG D 859 -4.27 -31.72 -28.47
N MET D 860 -4.05 -31.18 -27.27
CA MET D 860 -3.95 -32.02 -26.08
C MET D 860 -5.21 -32.84 -25.89
N LYS D 861 -6.39 -32.21 -26.01
CA LYS D 861 -7.64 -32.93 -25.86
C LYS D 861 -7.79 -33.99 -26.95
N GLU D 862 -7.34 -33.68 -28.17
CA GLU D 862 -7.43 -34.66 -29.24
C GLU D 862 -6.59 -35.89 -28.95
N GLU D 863 -5.40 -35.71 -28.37
CA GLU D 863 -4.46 -36.81 -28.20
C GLU D 863 -4.50 -37.45 -26.82
N ILE D 864 -5.47 -37.12 -25.98
CA ILE D 864 -5.43 -37.53 -24.58
C ILE D 864 -5.98 -38.92 -24.34
N HIS D 865 -6.59 -39.56 -25.34
CA HIS D 865 -7.21 -40.87 -25.11
C HIS D 865 -6.16 -41.93 -24.77
N ALA D 866 -4.89 -41.66 -25.04
CA ALA D 866 -3.81 -42.57 -24.72
C ALA D 866 -3.07 -42.21 -23.44
N GLY D 867 -3.77 -41.64 -22.47
CA GLY D 867 -3.14 -41.21 -21.24
C GLY D 867 -2.82 -39.72 -21.27
N ILE D 868 -2.78 -39.11 -20.08
CA ILE D 868 -2.56 -37.68 -19.99
C ILE D 868 -1.15 -37.31 -20.45
N ARG D 869 -0.15 -38.02 -19.94
CA ARG D 869 1.23 -37.61 -20.17
C ARG D 869 1.67 -37.90 -21.59
N THR D 870 1.33 -39.08 -22.12
CA THR D 870 1.63 -39.38 -23.51
C THR D 870 0.90 -38.42 -24.43
N GLY D 871 -0.36 -38.11 -24.10
CA GLY D 871 -1.11 -37.14 -24.89
C GLY D 871 -0.44 -35.79 -24.92
N ILE D 872 0.02 -35.31 -23.76
CA ILE D 872 0.69 -34.02 -23.70
C ILE D 872 1.96 -34.04 -24.53
N ILE D 873 2.76 -35.11 -24.41
CA ILE D 873 4.02 -35.18 -25.14
C ILE D 873 3.76 -35.19 -26.64
N ARG D 874 2.78 -35.99 -27.10
CA ARG D 874 2.49 -36.05 -28.52
C ARG D 874 1.94 -34.72 -29.04
N ALA D 875 1.08 -34.08 -28.26
CA ALA D 875 0.53 -32.79 -28.68
C ALA D 875 1.62 -31.75 -28.81
N MET D 876 2.56 -31.73 -27.86
CA MET D 876 3.68 -30.80 -27.97
C MET D 876 4.52 -31.11 -29.20
N VAL D 877 4.93 -32.37 -29.37
CA VAL D 877 5.78 -32.73 -30.51
C VAL D 877 5.10 -32.39 -31.82
N GLY D 878 3.78 -32.48 -31.88
CA GLY D 878 3.06 -32.10 -33.07
C GLY D 878 3.00 -30.59 -33.30
N THR D 879 2.43 -29.86 -32.34
CA THR D 879 2.10 -28.46 -32.58
C THR D 879 3.32 -27.55 -32.50
N GLY D 880 4.29 -27.87 -31.65
CA GLY D 880 5.39 -26.99 -31.33
C GLY D 880 6.01 -26.21 -32.47
N ALA D 881 6.43 -26.89 -33.53
CA ALA D 881 7.09 -26.20 -34.64
C ALA D 881 6.15 -25.20 -35.30
N VAL D 882 4.92 -25.61 -35.57
CA VAL D 882 3.97 -24.75 -36.25
C VAL D 882 3.65 -23.52 -35.39
N VAL D 883 3.37 -23.76 -34.11
CA VAL D 883 3.02 -22.65 -33.23
C VAL D 883 4.21 -21.70 -33.06
N THR D 884 5.42 -22.25 -32.98
CA THR D 884 6.60 -21.41 -32.87
C THR D 884 6.79 -20.55 -34.11
N ALA D 885 6.62 -21.15 -35.29
CA ALA D 885 6.75 -20.38 -36.53
C ALA D 885 5.72 -19.27 -36.61
N ALA D 886 4.47 -19.59 -36.26
CA ALA D 886 3.42 -18.58 -36.30
C ALA D 886 3.69 -17.45 -35.31
N GLY D 887 4.13 -17.81 -34.10
CA GLY D 887 4.42 -16.79 -33.11
C GLY D 887 5.56 -15.89 -33.51
N LEU D 888 6.63 -16.47 -34.06
CA LEU D 888 7.75 -15.66 -34.52
C LEU D 888 7.33 -14.75 -35.65
N VAL D 889 6.53 -15.25 -36.59
CA VAL D 889 6.07 -14.43 -37.71
C VAL D 889 5.24 -13.26 -37.20
N PHE D 890 4.31 -13.53 -36.28
CA PHE D 890 3.48 -12.46 -35.73
C PHE D 890 4.33 -11.43 -34.98
N ALA D 891 5.28 -11.91 -34.18
CA ALA D 891 6.10 -11.01 -33.39
C ALA D 891 6.95 -10.12 -34.29
N PHE D 892 7.53 -10.69 -35.34
CA PHE D 892 8.38 -9.90 -36.22
C PHE D 892 7.55 -8.98 -37.12
N THR D 893 6.31 -9.36 -37.41
CA THR D 893 5.41 -8.46 -38.12
C THR D 893 5.08 -7.25 -37.26
N MET D 894 4.77 -7.48 -35.98
CA MET D 894 4.48 -6.37 -35.08
C MET D 894 5.71 -5.51 -34.84
N ALA D 895 6.87 -6.13 -34.66
CA ALA D 895 8.08 -5.36 -34.38
C ALA D 895 8.53 -4.55 -35.57
N SER D 896 8.11 -4.92 -36.78
CA SER D 896 8.50 -4.20 -37.98
C SER D 896 7.81 -2.84 -38.12
N MET D 897 6.82 -2.53 -37.27
CA MET D 897 6.17 -1.23 -37.33
C MET D 897 7.05 -0.11 -36.78
N ALA D 898 8.20 -0.43 -36.19
CA ALA D 898 9.08 0.59 -35.66
C ALA D 898 9.69 1.46 -36.75
N VAL D 899 9.57 1.06 -38.02
CA VAL D 899 10.11 1.89 -39.10
C VAL D 899 9.25 3.11 -39.36
N SER D 900 8.09 3.21 -38.70
CA SER D 900 7.25 4.38 -38.86
C SER D 900 7.92 5.62 -38.29
N SER D 901 7.76 6.74 -38.99
CA SER D 901 8.27 8.01 -38.48
C SER D 901 7.60 8.35 -37.15
N LEU D 902 6.30 8.16 -37.06
CA LEU D 902 5.60 8.30 -35.80
C LEU D 902 6.06 7.22 -34.83
N ILE D 903 6.38 7.62 -33.61
CA ILE D 903 7.03 6.70 -32.68
C ILE D 903 6.02 5.98 -31.80
N THR D 904 4.81 6.53 -31.65
CA THR D 904 3.78 5.83 -30.89
C THR D 904 3.44 4.49 -31.53
N ILE D 905 3.31 4.48 -32.86
CA ILE D 905 3.01 3.25 -33.59
C ILE D 905 4.14 2.25 -33.42
N GLY D 906 5.39 2.72 -33.51
CA GLY D 906 6.52 1.84 -33.27
C GLY D 906 6.51 1.25 -31.87
N GLN D 907 6.16 2.07 -30.87
CA GLN D 907 6.08 1.57 -29.50
C GLN D 907 5.02 0.48 -29.38
N VAL D 908 3.84 0.71 -29.96
CA VAL D 908 2.78 -0.30 -29.90
C VAL D 908 3.24 -1.59 -30.56
N GLY D 909 3.81 -1.49 -31.76
CA GLY D 909 4.23 -2.67 -32.49
C GLY D 909 5.30 -3.45 -31.76
N THR D 910 6.30 -2.75 -31.23
CA THR D 910 7.38 -3.43 -30.51
C THR D 910 6.88 -4.06 -29.22
N THR D 911 5.95 -3.39 -28.53
CA THR D 911 5.40 -3.97 -27.32
C THR D 911 4.65 -5.26 -27.62
N ILE D 912 3.83 -5.25 -28.67
CA ILE D 912 3.09 -6.46 -29.03
C ILE D 912 4.07 -7.55 -29.46
N GLY D 913 5.11 -7.18 -30.20
CA GLY D 913 6.09 -8.17 -30.63
C GLY D 913 6.81 -8.82 -29.46
N LEU D 914 7.23 -8.01 -28.49
CA LEU D 914 7.88 -8.55 -27.29
C LEU D 914 6.94 -9.46 -26.53
N GLY D 915 5.67 -9.04 -26.39
CA GLY D 915 4.70 -9.88 -25.71
C GLY D 915 4.53 -11.22 -26.38
N LEU D 916 4.43 -11.22 -27.71
CA LEU D 916 4.25 -12.48 -28.43
C LEU D 916 5.48 -13.35 -28.33
N LEU D 917 6.67 -12.75 -28.41
CA LEU D 917 7.90 -13.52 -28.25
C LEU D 917 7.94 -14.22 -26.89
N PHE D 918 7.71 -13.45 -25.82
CA PHE D 918 7.74 -14.04 -24.49
C PHE D 918 6.68 -15.11 -24.34
N ASP D 919 5.47 -14.84 -24.83
CA ASP D 919 4.40 -15.82 -24.72
C ASP D 919 4.78 -17.12 -25.41
N THR D 920 5.18 -17.03 -26.68
CA THR D 920 5.50 -18.22 -27.45
C THR D 920 6.65 -19.00 -26.83
N LEU D 921 7.66 -18.30 -26.33
CA LEU D 921 8.84 -18.99 -25.81
C LEU D 921 8.68 -19.49 -24.38
N VAL D 922 7.69 -19.02 -23.63
CA VAL D 922 7.59 -19.46 -22.24
C VAL D 922 6.22 -20.07 -21.94
N VAL D 923 5.15 -19.33 -22.18
CA VAL D 923 3.84 -19.76 -21.69
C VAL D 923 3.40 -21.03 -22.39
N ARG D 924 3.49 -21.05 -23.73
CA ARG D 924 3.15 -22.24 -24.48
C ARG D 924 4.09 -23.39 -24.19
N SER D 925 5.40 -23.10 -24.14
CA SER D 925 6.39 -24.18 -24.02
C SER D 925 6.31 -24.87 -22.66
N LEU D 926 6.22 -24.09 -21.58
CA LEU D 926 6.38 -24.64 -20.24
C LEU D 926 5.13 -24.50 -19.37
N MET D 927 4.58 -23.29 -19.25
CA MET D 927 3.62 -23.02 -18.20
C MET D 927 2.34 -23.82 -18.40
N THR D 928 1.75 -23.76 -19.59
CA THR D 928 0.49 -24.47 -19.84
C THR D 928 0.64 -25.98 -19.71
N PRO D 929 1.61 -26.63 -20.34
CA PRO D 929 1.75 -28.08 -20.13
C PRO D 929 2.05 -28.46 -18.69
N SER D 930 2.84 -27.65 -17.98
CA SER D 930 3.14 -27.95 -16.59
C SER D 930 1.88 -27.88 -15.73
N ILE D 931 1.07 -26.85 -15.95
CA ILE D 931 -0.19 -26.74 -15.20
C ILE D 931 -1.12 -27.90 -15.55
N ALA D 932 -1.12 -28.30 -16.82
CA ALA D 932 -1.95 -29.44 -17.22
C ALA D 932 -1.50 -30.71 -16.53
N THR D 933 -0.18 -30.92 -16.44
CA THR D 933 0.34 -32.11 -15.75
C THR D 933 -0.01 -32.07 -14.27
N LEU D 934 0.10 -30.90 -13.64
CA LEU D 934 -0.19 -30.79 -12.22
C LEU D 934 -1.67 -31.04 -11.92
N LEU D 935 -2.56 -30.38 -12.66
CA LEU D 935 -3.99 -30.51 -12.40
C LEU D 935 -4.51 -31.90 -12.73
N GLY D 936 -3.93 -32.54 -13.74
CA GLY D 936 -4.37 -33.88 -14.09
C GLY D 936 -5.79 -33.88 -14.61
N ARG D 937 -6.63 -34.72 -13.99
CA ARG D 937 -8.02 -34.84 -14.44
C ARG D 937 -8.79 -33.55 -14.21
N TRP D 938 -8.41 -32.75 -13.22
CA TRP D 938 -9.13 -31.51 -12.95
C TRP D 938 -9.00 -30.51 -14.09
N PHE D 939 -7.97 -30.64 -14.94
CA PHE D 939 -7.77 -29.68 -16.01
C PHE D 939 -8.91 -29.71 -17.01
N TRP D 940 -9.62 -30.82 -17.11
CA TRP D 940 -10.71 -30.96 -18.07
C TRP D 940 -12.08 -30.98 -17.42
N TRP D 941 -12.19 -30.51 -16.18
CA TRP D 941 -13.48 -30.48 -15.52
C TRP D 941 -14.43 -29.57 -16.30
N PRO D 942 -15.72 -29.93 -16.41
CA PRO D 942 -16.41 -31.08 -15.80
C PRO D 942 -16.31 -32.37 -16.61
N GLN D 943 -15.62 -32.38 -17.75
CA GLN D 943 -15.45 -33.61 -18.49
C GLN D 943 -14.63 -34.60 -17.67
N ARG D 944 -15.03 -35.87 -17.71
CA ARG D 944 -14.33 -36.91 -16.95
C ARG D 944 -13.22 -37.51 -17.80
N VAL D 945 -12.00 -37.48 -17.26
CA VAL D 945 -10.82 -37.95 -17.97
C VAL D 945 -10.04 -38.89 -17.07
N ARG D 946 -9.62 -40.03 -17.62
CA ARG D 946 -8.77 -40.95 -16.90
C ARG D 946 -7.33 -40.44 -16.90
N GLU D 947 -6.70 -40.47 -15.73
CA GLU D 947 -5.30 -40.06 -15.65
C GLU D 947 -4.42 -41.00 -16.46
N ARG D 948 -4.68 -42.30 -16.37
CA ARG D 948 -4.02 -43.30 -17.19
C ARG D 948 -5.04 -44.35 -17.62
N PRO D 949 -4.90 -44.90 -18.82
CA PRO D 949 -5.85 -45.91 -19.28
C PRO D 949 -5.67 -47.22 -18.53
N VAL D 950 -6.50 -48.21 -18.89
CA VAL D 950 -6.41 -49.54 -18.31
C VAL D 950 -5.08 -50.15 -18.72
N PRO D 951 -4.27 -50.63 -17.78
CA PRO D 951 -2.95 -51.16 -18.14
C PRO D 951 -3.04 -52.39 -19.02
N SER D 952 -2.63 -52.25 -20.27
CA SER D 952 -2.73 -53.34 -21.22
C SER D 952 -1.66 -54.39 -20.96
N LYS D 953 -1.94 -55.62 -21.40
CA LYS D 953 -0.95 -56.68 -21.36
C LYS D 953 0.10 -56.47 -22.44
N TRP D 954 1.27 -57.03 -22.22
CA TRP D 954 2.35 -56.87 -23.18
C TRP D 954 1.97 -57.52 -24.51
N PRO D 955 2.32 -56.90 -25.64
CA PRO D 955 1.90 -57.44 -26.94
C PRO D 955 2.50 -58.80 -27.23
N THR D 956 1.76 -59.62 -27.95
CA THR D 956 2.24 -60.94 -28.34
C THR D 956 2.98 -60.85 -29.67
N PRO D 957 4.27 -61.17 -29.73
CA PRO D 957 5.05 -61.12 -30.97
C PRO D 957 4.67 -62.24 -31.94
N ALA E 3 12.52 -63.15 5.96
CA ALA E 3 13.80 -63.09 6.64
C ALA E 3 13.74 -63.80 8.00
N THR E 4 14.86 -64.38 8.40
CA THR E 4 14.92 -65.09 9.67
C THR E 4 14.88 -64.10 10.82
N GLN E 5 14.44 -64.60 11.99
CA GLN E 5 14.35 -63.73 13.17
C GLN E 5 15.72 -63.22 13.59
N GLU E 6 16.75 -64.06 13.48
CA GLU E 6 18.08 -63.69 13.93
C GLU E 6 18.61 -62.46 13.17
N GLU E 7 18.44 -62.46 11.85
CA GLU E 7 18.91 -61.34 11.04
C GLU E 7 18.21 -60.05 11.42
N ILE E 8 16.88 -60.12 11.58
CA ILE E 8 16.11 -58.94 11.94
C ILE E 8 16.53 -58.41 13.30
N ILE E 9 16.74 -59.33 14.26
CA ILE E 9 17.16 -58.91 15.59
C ILE E 9 18.54 -58.29 15.55
N ALA E 10 19.44 -58.82 14.73
CA ALA E 10 20.77 -58.24 14.61
C ALA E 10 20.69 -56.82 14.04
N GLY E 11 19.91 -56.63 12.99
CA GLY E 11 19.76 -55.30 12.42
C GLY E 11 19.15 -54.32 13.40
N LEU E 12 18.11 -54.74 14.12
CA LEU E 12 17.50 -53.88 15.11
C LEU E 12 18.46 -53.57 16.25
N ALA E 13 19.30 -54.54 16.61
CA ALA E 13 20.30 -54.32 17.65
C ALA E 13 21.30 -53.26 17.22
N GLU E 14 21.76 -53.34 15.99
CA GLU E 14 22.68 -52.32 15.49
C GLU E 14 22.02 -50.95 15.49
N ILE E 15 20.77 -50.87 15.02
CA ILE E 15 20.08 -49.58 14.96
C ILE E 15 19.89 -49.02 16.36
N ILE E 16 19.46 -49.86 17.31
CA ILE E 16 19.23 -49.40 18.67
C ILE E 16 20.54 -48.93 19.30
N GLU E 17 21.62 -49.67 19.08
CA GLU E 17 22.91 -49.28 19.61
C GLU E 17 23.32 -47.91 19.08
N GLU E 18 23.10 -47.68 17.78
CA GLU E 18 23.40 -46.37 17.22
C GLU E 18 22.52 -45.29 17.85
N VAL E 19 21.24 -45.59 18.06
CA VAL E 19 20.30 -44.57 18.50
C VAL E 19 20.47 -44.27 19.98
N THR E 20 20.35 -45.30 20.83
CA THR E 20 20.33 -45.10 22.27
C THR E 20 21.66 -45.44 22.92
N GLY E 21 22.23 -46.61 22.62
CA GLY E 21 23.48 -47.01 23.22
C GLY E 21 23.41 -48.37 23.87
N ILE E 22 22.26 -49.02 23.73
CA ILE E 22 22.09 -50.36 24.30
C ILE E 22 22.87 -51.36 23.49
N GLU E 23 23.70 -52.15 24.17
CA GLU E 23 24.56 -53.10 23.47
C GLU E 23 23.71 -54.18 22.81
N PRO E 24 24.17 -54.76 21.71
CA PRO E 24 23.36 -55.79 21.02
C PRO E 24 23.05 -57.00 21.88
N SER E 25 23.95 -57.40 22.77
CA SER E 25 23.73 -58.59 23.59
C SER E 25 22.51 -58.41 24.49
N GLU E 26 22.33 -57.21 25.05
CA GLU E 26 21.19 -56.97 25.92
C GLU E 26 19.87 -57.02 25.14
N VAL E 27 19.93 -56.79 23.84
CA VAL E 27 18.73 -56.77 23.02
C VAL E 27 18.32 -58.21 22.70
N THR E 28 17.21 -58.66 23.25
CA THR E 28 16.64 -59.97 23.00
C THR E 28 15.17 -59.79 22.66
N PRO E 29 14.58 -60.73 21.90
CA PRO E 29 13.23 -60.50 21.38
C PRO E 29 12.15 -60.32 22.43
N GLU E 30 12.37 -60.82 23.65
CA GLU E 30 11.36 -60.66 24.69
C GLU E 30 11.48 -59.35 25.45
N LYS E 31 12.54 -58.58 25.22
CA LYS E 31 12.73 -57.32 25.91
C LYS E 31 11.66 -56.31 25.52
N SER E 32 11.29 -55.45 26.46
CA SER E 32 10.33 -54.39 26.21
C SER E 32 11.07 -53.07 26.07
N PHE E 33 10.69 -52.28 25.06
CA PHE E 33 11.34 -50.98 24.85
C PHE E 33 11.11 -50.05 26.03
N VAL E 34 9.89 -50.02 26.56
CA VAL E 34 9.53 -49.01 27.55
C VAL E 34 10.23 -49.27 28.88
N ASP E 35 10.32 -50.53 29.28
CA ASP E 35 10.80 -50.84 30.63
C ASP E 35 12.14 -51.53 30.60
N ASP E 36 12.22 -52.65 29.87
CA ASP E 36 13.44 -53.45 29.82
C ASP E 36 14.57 -52.68 29.16
N LEU E 37 14.26 -51.95 28.10
CA LEU E 37 15.25 -51.16 27.37
C LEU E 37 15.12 -49.66 27.64
N ASP E 38 14.02 -49.22 28.23
CA ASP E 38 13.81 -47.82 28.61
C ASP E 38 13.99 -46.89 27.41
N ILE E 39 13.23 -47.17 26.36
CA ILE E 39 13.29 -46.41 25.12
C ILE E 39 11.98 -45.64 24.94
N ASP E 40 12.09 -44.32 24.84
CA ASP E 40 10.93 -43.46 24.69
C ASP E 40 10.38 -43.55 23.26
N SER E 41 9.27 -42.84 23.03
CA SER E 41 8.62 -42.88 21.74
C SER E 41 9.48 -42.23 20.66
N LEU E 42 10.15 -41.13 21.00
CA LEU E 42 10.98 -40.44 20.01
C LEU E 42 12.13 -41.32 19.54
N SER E 43 12.78 -42.02 20.46
CA SER E 43 13.81 -42.97 20.05
C SER E 43 13.22 -44.06 19.18
N MET E 44 11.96 -44.45 19.44
CA MET E 44 11.32 -45.47 18.64
C MET E 44 11.09 -44.99 17.21
N VAL E 45 10.65 -43.73 17.05
CA VAL E 45 10.46 -43.23 15.69
C VAL E 45 11.82 -43.03 15.00
N GLU E 46 12.87 -42.75 15.77
CA GLU E 46 14.20 -42.72 15.20
C GLU E 46 14.59 -44.10 14.66
N ILE E 47 14.29 -45.14 15.42
CA ILE E 47 14.54 -46.50 14.97
C ILE E 47 13.75 -46.79 13.70
N ALA E 48 12.49 -46.35 13.67
CA ALA E 48 11.66 -46.57 12.48
C ALA E 48 12.23 -45.87 11.26
N VAL E 49 12.72 -44.64 11.43
CA VAL E 49 13.30 -43.89 10.32
C VAL E 49 14.55 -44.59 9.81
N GLN E 50 15.40 -45.04 10.74
CA GLN E 50 16.61 -45.76 10.34
C GLN E 50 16.25 -47.03 9.58
N THR E 51 15.26 -47.78 10.08
CA THR E 51 14.86 -49.02 9.42
C THR E 51 14.32 -48.76 8.03
N GLU E 52 13.51 -47.70 7.87
CA GLU E 52 12.99 -47.37 6.55
C GLU E 52 14.13 -46.99 5.61
N ASP E 53 15.07 -46.18 6.08
CA ASP E 53 16.12 -45.68 5.20
C ASP E 53 17.17 -46.74 4.90
N LYS E 54 17.21 -47.82 5.68
CA LYS E 54 18.26 -48.81 5.47
C LYS E 54 17.73 -50.06 4.80
N TYR E 55 16.56 -50.54 5.21
CA TYR E 55 16.02 -51.79 4.70
C TYR E 55 14.71 -51.65 3.96
N GLY E 56 14.08 -50.47 4.01
CA GLY E 56 12.85 -50.22 3.29
C GLY E 56 11.59 -50.58 4.05
N VAL E 57 11.72 -51.18 5.24
CA VAL E 57 10.54 -51.50 6.03
C VAL E 57 9.97 -50.23 6.62
N LYS E 58 8.68 -49.99 6.38
CA LYS E 58 8.02 -48.75 6.78
C LYS E 58 7.07 -49.02 7.94
N ILE E 59 7.22 -48.24 9.01
CA ILE E 59 6.38 -48.37 10.19
C ILE E 59 5.72 -47.04 10.51
N PRO E 60 4.39 -46.93 10.37
CA PRO E 60 3.72 -45.67 10.72
C PRO E 60 3.72 -45.44 12.24
N ASP E 61 3.42 -44.20 12.62
CA ASP E 61 3.42 -43.83 14.03
C ASP E 61 2.38 -44.62 14.81
N GLU E 62 1.21 -44.83 14.22
CA GLU E 62 0.15 -45.59 14.91
C GLU E 62 0.62 -47.00 15.21
N ASP E 63 1.32 -47.62 14.27
CA ASP E 63 1.89 -48.94 14.53
C ASP E 63 2.96 -48.88 15.61
N LEU E 64 3.79 -47.82 15.58
CA LEU E 64 4.82 -47.66 16.60
C LEU E 64 4.21 -47.55 17.99
N ALA E 65 3.00 -47.00 18.08
CA ALA E 65 2.31 -46.94 19.36
C ALA E 65 2.03 -48.34 19.90
N GLY E 66 1.55 -49.23 19.03
CA GLY E 66 1.16 -50.55 19.48
C GLY E 66 2.34 -51.41 19.92
N LEU E 67 3.44 -51.36 19.19
CA LEU E 67 4.57 -52.25 19.44
C LEU E 67 5.12 -52.04 20.85
N ARG E 68 5.31 -53.14 21.57
CA ARG E 68 5.75 -53.10 22.95
C ARG E 68 7.08 -53.82 23.16
N THR E 69 7.24 -55.03 22.62
CA THR E 69 8.45 -55.80 22.79
C THR E 69 9.22 -55.88 21.48
N VAL E 70 10.49 -56.30 21.59
CA VAL E 70 11.34 -56.44 20.41
C VAL E 70 10.78 -57.50 19.48
N GLY E 71 10.38 -58.65 20.03
CA GLY E 71 9.78 -59.68 19.21
C GLY E 71 8.51 -59.22 18.53
N ASP E 72 7.77 -58.31 19.17
CA ASP E 72 6.57 -57.76 18.57
C ASP E 72 6.91 -57.00 17.28
N VAL E 73 8.02 -56.25 17.30
CA VAL E 73 8.44 -55.53 16.10
C VAL E 73 8.82 -56.52 15.01
N VAL E 74 9.55 -57.58 15.37
CA VAL E 74 10.02 -58.57 14.41
C VAL E 74 8.81 -59.22 13.74
N ALA E 75 7.79 -59.55 14.54
CA ALA E 75 6.59 -60.15 13.99
C ALA E 75 5.93 -59.21 12.98
N TYR E 76 5.90 -57.91 13.28
CA TYR E 76 5.32 -56.94 12.35
C TYR E 76 6.08 -56.93 11.03
N ILE E 77 7.41 -56.98 11.08
CA ILE E 77 8.21 -56.98 9.86
C ILE E 77 7.96 -58.26 9.07
N GLN E 78 7.89 -59.40 9.75
CA GLN E 78 7.59 -60.65 9.08
C GLN E 78 6.20 -60.61 8.45
N LYS E 79 5.25 -59.94 9.11
CA LYS E 79 3.90 -59.81 8.56
C LYS E 79 3.94 -59.06 7.24
N LEU E 80 4.75 -58.02 7.13
CA LEU E 80 4.87 -57.29 5.88
C LEU E 80 5.41 -58.19 4.77
N GLU E 81 6.36 -59.06 5.10
CA GLU E 81 6.93 -59.98 4.13
C GLU E 81 5.91 -61.03 3.69
N ALA F 3 5.31 -62.15 -17.30
CA ALA F 3 5.33 -61.90 -18.74
C ALA F 3 6.61 -62.46 -19.36
N THR F 4 6.48 -63.01 -20.58
CA THR F 4 7.63 -63.56 -21.26
C THR F 4 8.55 -62.45 -21.74
N GLN F 5 9.82 -62.80 -21.98
CA GLN F 5 10.79 -61.82 -22.42
C GLN F 5 10.43 -61.25 -23.79
N GLU F 6 9.91 -62.10 -24.67
CA GLU F 6 9.61 -61.68 -26.04
C GLU F 6 8.56 -60.57 -26.06
N GLU F 7 7.51 -60.72 -25.27
CA GLU F 7 6.44 -59.72 -25.24
C GLU F 7 6.98 -58.38 -24.73
N ILE F 8 7.77 -58.43 -23.66
CA ILE F 8 8.34 -57.21 -23.10
C ILE F 8 9.24 -56.53 -24.11
N ILE F 9 10.06 -57.32 -24.80
CA ILE F 9 10.98 -56.76 -25.79
C ILE F 9 10.19 -56.14 -26.95
N ALA F 10 9.09 -56.78 -27.35
CA ALA F 10 8.27 -56.21 -28.43
C ALA F 10 7.67 -54.88 -28.01
N GLY F 11 7.12 -54.81 -26.79
CA GLY F 11 6.56 -53.56 -26.32
C GLY F 11 7.61 -52.46 -26.22
N LEU F 12 8.78 -52.79 -25.69
CA LEU F 12 9.85 -51.82 -25.59
C LEU F 12 10.32 -51.39 -26.98
N ALA F 13 10.32 -52.32 -27.94
CA ALA F 13 10.70 -51.97 -29.30
C ALA F 13 9.72 -50.96 -29.90
N GLU F 14 8.42 -51.19 -29.70
CA GLU F 14 7.43 -50.24 -30.19
C GLU F 14 7.62 -48.87 -29.54
N ILE F 15 7.83 -48.85 -28.22
CA ILE F 15 8.00 -47.58 -27.52
C ILE F 15 9.23 -46.85 -28.01
N ILE F 16 10.35 -47.57 -28.16
CA ILE F 16 11.60 -46.96 -28.61
C ILE F 16 11.44 -46.43 -30.03
N GLU F 17 10.78 -47.19 -30.90
CA GLU F 17 10.56 -46.75 -32.26
C GLU F 17 9.76 -45.45 -32.29
N GLU F 18 8.73 -45.37 -31.44
CA GLU F 18 7.96 -44.13 -31.36
C GLU F 18 8.83 -42.98 -30.83
N VAL F 19 9.67 -43.25 -29.84
CA VAL F 19 10.40 -42.19 -29.18
C VAL F 19 11.57 -41.72 -30.03
N THR F 20 12.46 -42.64 -30.42
CA THR F 20 13.69 -42.28 -31.10
C THR F 20 13.63 -42.54 -32.60
N GLY F 21 13.19 -43.73 -33.02
CA GLY F 21 13.14 -44.04 -34.42
C GLY F 21 13.87 -45.32 -34.76
N ILE F 22 14.38 -46.00 -33.73
CA ILE F 22 15.10 -47.24 -33.94
C ILE F 22 14.10 -48.34 -34.28
N GLU F 23 14.35 -49.04 -35.38
CA GLU F 23 13.43 -50.07 -35.84
C GLU F 23 13.39 -51.22 -34.84
N PRO F 24 12.27 -51.93 -34.72
CA PRO F 24 12.17 -53.01 -33.74
C PRO F 24 13.20 -54.13 -33.94
N SER F 25 13.56 -54.42 -35.20
CA SER F 25 14.49 -55.51 -35.46
C SER F 25 15.85 -55.23 -34.84
N GLU F 26 16.30 -53.98 -34.89
CA GLU F 26 17.60 -53.64 -34.31
C GLU F 26 17.61 -53.78 -32.80
N VAL F 27 16.43 -53.70 -32.17
CA VAL F 27 16.34 -53.77 -30.72
C VAL F 27 16.41 -55.23 -30.30
N THR F 28 17.50 -55.60 -29.63
CA THR F 28 17.70 -56.94 -29.09
C THR F 28 18.11 -56.81 -27.63
N PRO F 29 17.86 -57.83 -26.81
CA PRO F 29 18.05 -57.67 -25.36
C PRO F 29 19.48 -57.36 -24.94
N GLU F 30 20.48 -57.69 -25.76
CA GLU F 30 21.85 -57.42 -25.37
C GLU F 30 22.31 -56.02 -25.79
N LYS F 31 21.50 -55.29 -26.54
CA LYS F 31 21.89 -53.95 -26.99
C LYS F 31 21.97 -52.99 -25.81
N SER F 32 22.88 -52.03 -25.92
CA SER F 32 23.05 -51.00 -24.91
C SER F 32 22.41 -49.71 -25.41
N PHE F 33 21.65 -49.03 -24.53
CA PHE F 33 21.01 -47.78 -24.92
C PHE F 33 22.04 -46.71 -25.25
N VAL F 34 23.10 -46.62 -24.47
CA VAL F 34 24.04 -45.50 -24.60
C VAL F 34 24.84 -45.59 -25.88
N ASP F 35 25.28 -46.80 -26.23
CA ASP F 35 26.22 -46.96 -27.33
C ASP F 35 25.59 -47.65 -28.54
N ASP F 36 25.04 -48.85 -28.31
CA ASP F 36 24.47 -49.65 -29.37
C ASP F 36 23.26 -48.95 -29.99
N LEU F 37 22.42 -48.37 -29.13
CA LEU F 37 21.22 -47.67 -29.57
C LEU F 37 21.38 -46.15 -29.52
N ASP F 38 22.39 -45.63 -28.82
CA ASP F 38 22.68 -44.20 -28.75
C ASP F 38 21.46 -43.42 -28.26
N ILE F 39 20.97 -43.82 -27.08
CA ILE F 39 19.79 -43.20 -26.49
C ILE F 39 20.21 -42.45 -25.23
N ASP F 40 19.92 -41.15 -25.21
CA ASP F 40 20.27 -40.31 -24.07
C ASP F 40 19.33 -40.56 -22.90
N SER F 41 19.62 -39.88 -21.79
CA SER F 41 18.82 -40.08 -20.58
C SER F 41 17.40 -39.56 -20.76
N LEU F 42 17.23 -38.43 -21.44
CA LEU F 42 15.90 -37.87 -21.64
C LEU F 42 15.02 -38.80 -22.45
N SER F 43 15.57 -39.40 -23.51
CA SER F 43 14.81 -40.39 -24.25
C SER F 43 14.46 -41.58 -23.35
N MET F 44 15.36 -41.92 -22.43
CA MET F 44 15.09 -43.03 -21.53
C MET F 44 13.92 -42.72 -20.59
N VAL F 45 13.87 -41.49 -20.06
CA VAL F 45 12.74 -41.15 -19.21
C VAL F 45 11.46 -41.03 -20.03
N GLU F 46 11.57 -40.67 -21.31
CA GLU F 46 10.40 -40.72 -22.18
C GLU F 46 9.90 -42.14 -22.31
N ILE F 47 10.81 -43.09 -22.49
CA ILE F 47 10.45 -44.50 -22.54
C ILE F 47 9.77 -44.92 -21.25
N ALA F 48 10.32 -44.48 -20.12
CA ALA F 48 9.72 -44.83 -18.82
C ALA F 48 8.31 -44.28 -18.68
N VAL F 49 8.10 -43.04 -19.13
CA VAL F 49 6.78 -42.43 -19.05
C VAL F 49 5.79 -43.20 -19.93
N GLN F 50 6.21 -43.54 -21.15
CA GLN F 50 5.35 -44.31 -22.03
C GLN F 50 5.00 -45.66 -21.42
N THR F 51 6.00 -46.33 -20.85
CA THR F 51 5.77 -47.65 -20.25
C THR F 51 4.79 -47.54 -19.08
N GLU F 52 4.97 -46.52 -18.23
CA GLU F 52 4.05 -46.34 -17.12
C GLU F 52 2.64 -46.07 -17.60
N ASP F 53 2.48 -45.23 -18.60
CA ASP F 53 1.14 -44.84 -19.04
C ASP F 53 0.48 -45.92 -19.88
N LYS F 54 1.25 -46.89 -20.36
CA LYS F 54 0.64 -47.91 -21.21
C LYS F 54 0.48 -49.24 -20.49
N TYR F 55 1.48 -49.64 -19.71
CA TYR F 55 1.46 -50.95 -19.06
C TYR F 55 1.46 -50.88 -17.55
N GLY F 56 1.66 -49.70 -16.96
CA GLY F 56 1.63 -49.53 -15.53
C GLY F 56 2.94 -49.80 -14.81
N VAL F 57 3.97 -50.24 -15.54
CA VAL F 57 5.27 -50.47 -14.92
C VAL F 57 5.92 -49.13 -14.64
N LYS F 58 6.33 -48.92 -13.39
CA LYS F 58 6.87 -47.64 -12.95
C LYS F 58 8.36 -47.76 -12.71
N ILE F 59 9.14 -46.86 -13.32
CA ILE F 59 10.59 -46.86 -13.18
C ILE F 59 11.05 -45.49 -12.69
N PRO F 60 11.58 -45.37 -11.47
CA PRO F 60 12.10 -44.09 -11.01
C PRO F 60 13.38 -43.70 -11.74
N ASP F 61 13.75 -42.42 -11.63
CA ASP F 61 14.93 -41.90 -12.32
C ASP F 61 16.19 -42.61 -11.84
N GLU F 62 16.29 -42.88 -10.54
CA GLU F 62 17.47 -43.54 -10.00
C GLU F 62 17.65 -44.92 -10.63
N ASP F 63 16.55 -45.65 -10.81
CA ASP F 63 16.61 -46.93 -11.50
C ASP F 63 17.02 -46.73 -12.96
N LEU F 64 16.49 -45.70 -13.61
CA LEU F 64 16.85 -45.43 -15.00
C LEU F 64 18.33 -45.16 -15.14
N ALA F 65 18.96 -44.60 -14.11
CA ALA F 65 20.39 -44.39 -14.14
C ALA F 65 21.14 -45.71 -14.23
N GLY F 66 20.72 -46.71 -13.44
CA GLY F 66 21.43 -47.97 -13.41
C GLY F 66 21.31 -48.76 -14.70
N LEU F 67 20.11 -48.79 -15.29
CA LEU F 67 19.86 -49.65 -16.44
C LEU F 67 20.76 -49.28 -17.61
N ARG F 68 21.41 -50.30 -18.19
CA ARG F 68 22.36 -50.09 -19.26
C ARG F 68 21.96 -50.80 -20.56
N THR F 69 21.54 -52.06 -20.47
CA THR F 69 21.15 -52.81 -21.66
C THR F 69 19.65 -53.06 -21.67
N VAL F 70 19.14 -53.45 -22.85
CA VAL F 70 17.73 -53.73 -22.99
C VAL F 70 17.32 -54.90 -22.11
N GLY F 71 18.11 -55.96 -22.09
CA GLY F 71 17.81 -57.09 -21.23
C GLY F 71 17.82 -56.70 -19.76
N ASP F 72 18.64 -55.72 -19.40
CA ASP F 72 18.66 -55.24 -18.03
C ASP F 72 17.32 -54.62 -17.65
N VAL F 73 16.71 -53.88 -18.57
CA VAL F 73 15.39 -53.31 -18.31
C VAL F 73 14.36 -54.41 -18.16
N VAL F 74 14.42 -55.42 -19.03
CA VAL F 74 13.47 -56.52 -19.02
C VAL F 74 13.56 -57.25 -17.68
N ALA F 75 14.78 -57.48 -17.21
CA ALA F 75 14.96 -58.13 -15.93
C ALA F 75 14.33 -57.32 -14.81
N TYR F 76 14.46 -56.00 -14.86
CA TYR F 76 13.85 -55.15 -13.85
C TYR F 76 12.34 -55.28 -13.86
N ILE F 77 11.74 -55.32 -15.04
CA ILE F 77 10.28 -55.47 -15.13
C ILE F 77 9.85 -56.82 -14.60
N GLN F 78 10.59 -57.88 -14.94
CA GLN F 78 10.28 -59.20 -14.40
C GLN F 78 10.44 -59.22 -12.89
N LYS F 79 11.42 -58.50 -12.36
CA LYS F 79 11.60 -58.43 -10.91
C LYS F 79 10.39 -57.84 -10.23
N LEU F 80 9.78 -56.81 -10.83
CA LEU F 80 8.57 -56.23 -10.27
C LEU F 80 7.43 -57.25 -10.23
N GLU F 81 7.33 -58.07 -11.27
CA GLU F 81 6.30 -59.10 -11.32
C GLU F 81 6.53 -60.18 -10.28
O23 PNS G . -23.87 -37.85 -12.04
P24 PNS G . -23.59 -39.17 -11.36
O25 PNS G . -24.13 -39.34 -9.96
O26 PNS G . -23.59 -40.42 -12.23
O27 PNS G . -21.78 -39.03 -11.02
C28 PNS G . -21.33 -38.18 -10.08
C29 PNS G . -19.73 -38.21 -10.09
C30 PNS G . -19.26 -37.24 -9.02
C31 PNS G . -19.29 -39.62 -9.75
C32 PNS G . -19.19 -37.75 -11.45
O33 PNS G . -19.77 -36.56 -11.92
C34 PNS G . -17.69 -37.38 -11.42
O35 PNS G . -16.78 -38.15 -11.27
N36 PNS G . -17.40 -36.00 -11.58
C37 PNS G . -16.01 -35.55 -11.58
C38 PNS G . -15.54 -35.06 -10.19
C39 PNS G . -16.61 -34.22 -9.54
O40 PNS G . -17.61 -33.83 -10.10
N41 PNS G . -16.41 -33.89 -8.19
C42 PNS G . -17.42 -33.07 -7.49
C43 PNS G . -17.27 -31.58 -7.81
S44 PNS G . -17.49 -30.69 -6.23
O23 PNS H . 5.05 -38.96 24.67
P24 PNS H . 5.75 -40.13 24.03
O25 PNS H . 7.25 -40.04 23.90
O26 PNS H . 5.20 -41.51 24.31
O27 PNS H . 5.25 -39.95 22.26
C28 PNS H . 5.77 -38.97 21.51
C29 PNS H . 5.07 -38.99 20.08
C30 PNS H . 5.67 -37.86 19.25
C31 PNS H . 5.37 -40.34 19.45
C32 PNS H . 3.56 -38.76 20.22
O33 PNS H . 3.23 -37.65 21.01
C34 PNS H . 2.87 -38.39 18.89
O35 PNS H . 2.70 -39.15 17.95
N36 PNS H . 2.40 -37.06 18.78
C37 PNS H . 1.73 -36.62 17.56
C38 PNS H . 2.70 -35.99 16.54
C39 PNS H . 3.64 -35.03 17.23
O40 PNS H . 3.53 -34.67 18.40
N41 PNS H . 4.71 -34.53 16.48
C42 PNS H . 5.65 -33.59 17.08
C43 PNS H . 5.10 -32.17 17.13
S44 PNS H . 6.50 -31.06 16.74
O23 PNS I . 22.64 -35.84 -18.90
P24 PNS I . 21.88 -37.12 -19.17
O25 PNS I . 20.96 -37.14 -20.37
O26 PNS I . 22.58 -38.42 -18.86
O27 PNS I . 20.63 -37.11 -17.81
C28 PNS I . 19.60 -36.25 -17.83
C29 PNS I . 18.76 -36.41 -16.49
C30 PNS I . 17.65 -35.37 -16.53
C31 PNS I . 18.19 -37.81 -16.45
C32 PNS I . 19.66 -36.12 -15.27
O33 PNS I . 20.38 -34.92 -15.35
C34 PNS I . 18.87 -35.91 -13.97
O35 PNS I . 18.27 -36.78 -13.35
N36 PNS I . 18.87 -34.59 -13.45
C37 PNS I . 18.14 -34.29 -12.23
C38 PNS I . 16.70 -33.79 -12.47
C39 PNS I . 16.66 -32.82 -13.63
O40 PNS I . 17.66 -32.37 -14.18
N41 PNS I . 15.40 -32.42 -14.07
C42 PNS I . 15.30 -31.47 -15.19
C43 PNS I . 15.52 -30.03 -14.74
S44 PNS I . 14.23 -29.03 -15.55
#